data_7OY8
#
_entry.id   7OY8
#
_cell.length_a   1.00
_cell.length_b   1.00
_cell.length_c   1.00
_cell.angle_alpha   90.00
_cell.angle_beta   90.00
_cell.angle_gamma   90.00
#
_symmetry.space_group_name_H-M   'P 1'
#
loop_
_entity.id
_entity.type
_entity.pdbx_description
1 polymer 'Light-harvesting protein B-870 beta chain'
2 polymer 'Antenna complex, alpha/beta subunit'
3 polymer 'Photosynthetic reaction center, H-chain'
4 polymer 'Photosynthetic reaction center L subunit'
5 polymer 'Reaction center protein M chain'
6 polymer 'Antenna complex, alpha/beta subunit'
7 non-polymer 'Trans-Geranyl BACTERIOCHLOROPHYLL A'
8 non-polymer SPIRILLOXANTHIN
9 non-polymer '(1R)-2-{[(S)-{[(2S)-2,3-dihydroxypropyl]oxy}(hydroxy)phosphoryl]oxy}-1-[(hexadecanoyloxy)methyl]ethyl (9Z)-octadec-9-enoate'
10 non-polymer '(2R,5R,11R,14R)-5,8,11-trihydroxy-5,11-dioxido-17-oxo-2,14-bis(tetradecanoyloxy)-4,6,10,12,16-pentaoxa-5,11-diphosphatriacont-1-yl tetradecanoate'
11 non-polymer 'BACTERIOPHEOPHYTIN A'
12 non-polymer 2-azanyl-5-[(2~{E},6~{E},8~{E},10~{E},12~{E},14~{E},18~{E},22~{E},26~{E},30~{E},34~{E})-3,7,11,15,19,23,27,31,35,39-decamethyltetraconta-2,6,8,10,12,14,18,22,26,30,34,38-dodecaenyl]-3-methoxy-6-methyl-cyclohexa-2,5-diene-1,4-dione
13 non-polymer UBIQUINONE-10
14 non-polymer 'FE (III) ION'
15 non-polymer 'CHLORIDE ION'
16 non-polymer 'PHOSPHATE ION'
17 non-polymer DODECYL-BETA-D-MALTOSIDE
18 water water
#
loop_
_entity_poly.entity_id
_entity_poly.type
_entity_poly.pdbx_seq_one_letter_code
_entity_poly.pdbx_strand_id
1 'polypeptide(L)' EVKQESLSGITEGEAKEFHKIFTSSILVFFGVAAFAHLLVWIWRPWVPGPNGYS 1,3,5,7,9,I,K,O,Q,S,U,W,Y,d,m,n
2 'polypeptide(L)' (FME)WRIWQLFDPRQALVGLATFLFVLALLIHFILLSTERFNWLEGASTKPVQ 2,4,6,8,A,D,E,F,G,J,N,T,V,X,Z
3 'polypeptide(L)'
;MNKGDITGYMDVAQVVLYAFWIFFAGLIIYLRREDRREGYPLEDAISGKINSLQGLGSVFSIARPKIFKLKTGATYAAPN
FKRDAVAIKATRTAPTAGAPFEPTGNPMTDAVGPAAYALRDELPDLTLGGQPAIVPLRVAPTFSVAAEDTDPRGLPVVDR
KGAVAGKVTDLWIDRASIAIRYLEVELAATPGRKVLLPFAATRINAKTKSKTVTVQSILARHFANVPTIAKTDSITRREE
DKVMAYYSSGYLYSDRV
;
H
4 'polypeptide(L)'
;MALLSFERKYRVRGGTLIGGDLFDFWVGPFYVGFFGVTTLLFTVLGTALIVWGAALGPSWTFWQISINPPDVSYGLAMAP
MAKGGLWQIITFSAIGAFVSWALREVEICRKLGIGYHIPFAFGFAILAYVSLVVIRPVMMGAWGYGFPYGFMTHLDWVSN
TGYQYANFHYNPAHMLGITLFFTTCLALALHGSLILSAANPGKGEVVKGPEHENTYFQDTIGYSVGTLGIHRVGLILALS
AVVWSIICMILSGPIYTGSWPDWWLWWQKLPFWNHG
;
L
5 'polypeptide(L)'
;MSEYQNILTGVQVRTAPHSAPIAKGIFPRLGKPGFSYWLGKIGDAQIGPIYLGTTGVLSLVFGFFAIEIIGFNLLASVNW
SPMEFGRQFFWLGLEPPAAEYGLGFAPLAEGGWWQIAGFFLTTSILLWWVRMYRRARALKMGTHTAWAFASAIFLFLSLG
FIRPLLMGNFSESVPFGIFPHLEWTNSFSLNYGNFFYNPFHMLSIAFLYGSALLFAMHGATILAVSRLGGDREVEQITDR
GTAAERAALFWRWTMGFNATMESIHRWAWWFAVLCTFTGAIGILLTGTVVDNWFEWGVKHGLAPAP
;
M
6 'polypeptide(L)' MWRIWQLFDPRQALVGLATFLFVLALLIHFILLSTERFNWLEGASTKPVQTSMVMPSSDLAV R
#
loop_
_chem_comp.id
_chem_comp.type
_chem_comp.name
_chem_comp.formula
07D non-polymer 'Trans-Geranyl BACTERIOCHLOROPHYLL A' 'C55 H64 Mg N4 O6 2'
BPH non-polymer 'BACTERIOPHEOPHYTIN A' 'C55 H76 N4 O6'
CD4 non-polymer '(2R,5R,11R,14R)-5,8,11-trihydroxy-5,11-dioxido-17-oxo-2,14-bis(tetradecanoyloxy)-4,6,10,12,16-pentaoxa-5,11-diphosphatriacont-1-yl tetradecanoate' 'C65 H126 O17 P2'
CL non-polymer 'CHLORIDE ION' 'Cl -1'
CRT non-polymer SPIRILLOXANTHIN 'C42 H60 O2'
FE non-polymer 'FE (III) ION' 'Fe 3'
LMT D-saccharide DODECYL-BETA-D-MALTOSIDE 'C24 H46 O11'
PGW non-polymer '(1R)-2-{[(S)-{[(2S)-2,3-dihydroxypropyl]oxy}(hydroxy)phosphoryl]oxy}-1-[(hexadecanoyloxy)methyl]ethyl (9Z)-octadec-9-enoate' 'C40 H77 O10 P'
PO4 non-polymer 'PHOSPHATE ION' 'O4 P -3'
RQ0 non-polymer 2-azanyl-5-[(2~{E},6~{E},8~{E},10~{E},12~{E},14~{E},18~{E},22~{E},26~{E},30~{E},34~{E})-3,7,11,15,19,23,27,31,35,39-decamethyltetraconta-2,6,8,10,12,14,18,22,26,30,34,38-dodecaenyl]-3-methoxy-6-methyl-cyclohexa-2,5-diene-1,4-dione 'C58 H85 N O3'
U10 non-polymer UBIQUINONE-10 'C59 H90 O4'
#
# COMPACT_ATOMS: atom_id res chain seq x y z
N ILE A 10 33.25 38.64 8.90
CA ILE A 10 34.22 39.26 8.00
C ILE A 10 34.23 40.78 8.22
N THR A 11 35.41 41.34 8.48
CA THR A 11 35.58 42.79 8.52
C THR A 11 35.68 43.38 7.11
N GLU A 12 35.57 44.70 7.03
CA GLU A 12 35.80 45.39 5.76
C GLU A 12 37.17 45.06 5.19
N GLY A 13 38.21 45.12 6.01
CA GLY A 13 39.56 44.81 5.53
C GLY A 13 39.75 43.35 5.20
N GLU A 14 39.12 42.47 5.98
CA GLU A 14 39.14 41.04 5.70
C GLU A 14 38.42 40.70 4.39
N ALA A 15 37.31 41.38 4.12
CA ALA A 15 36.64 41.25 2.82
C ALA A 15 37.53 41.75 1.68
N LYS A 16 38.12 42.94 1.83
CA LYS A 16 39.01 43.48 0.81
C LYS A 16 40.23 42.61 0.57
N GLU A 17 40.78 42.00 1.62
CA GLU A 17 41.89 41.06 1.43
C GLU A 17 41.47 39.81 0.66
N PHE A 18 40.36 39.19 1.06
CA PHE A 18 39.84 38.05 0.29
C PHE A 18 39.56 38.43 -1.16
N HIS A 19 38.95 39.59 -1.38
CA HIS A 19 38.67 40.04 -2.74
C HIS A 19 39.92 40.15 -3.60
N LYS A 20 41.06 40.53 -3.01
CA LYS A 20 42.32 40.53 -3.75
C LYS A 20 42.70 39.13 -4.23
N ILE A 21 42.73 38.16 -3.33
CA ILE A 21 43.11 36.80 -3.69
C ILE A 21 42.10 36.17 -4.64
N PHE A 22 40.81 36.40 -4.40
CA PHE A 22 39.78 35.97 -5.34
C PHE A 22 39.98 36.57 -6.73
N THR A 23 40.24 37.87 -6.80
CA THR A 23 40.41 38.54 -8.09
C THR A 23 41.57 37.99 -8.91
N SER A 24 42.72 37.73 -8.28
CA SER A 24 43.81 37.10 -9.01
C SER A 24 43.49 35.67 -9.40
N SER A 25 42.86 34.91 -8.51
CA SER A 25 42.52 33.52 -8.80
C SER A 25 41.54 33.39 -9.97
N ILE A 26 40.49 34.20 -9.98
CA ILE A 26 39.52 34.16 -11.07
C ILE A 26 40.14 34.59 -12.40
N LEU A 27 40.99 35.61 -12.38
CA LEU A 27 41.66 36.04 -13.61
C LEU A 27 42.63 34.98 -14.13
N VAL A 28 43.33 34.26 -13.24
CA VAL A 28 44.15 33.14 -13.66
C VAL A 28 43.31 32.02 -14.24
N PHE A 29 42.20 31.68 -13.57
CA PHE A 29 41.29 30.65 -14.08
C PHE A 29 40.76 31.01 -15.47
N PHE A 30 40.28 32.25 -15.64
CA PHE A 30 39.84 32.70 -16.96
C PHE A 30 40.96 32.76 -17.98
N GLY A 31 42.18 33.10 -17.55
CA GLY A 31 43.31 33.13 -18.46
C GLY A 31 43.70 31.76 -19.02
N VAL A 32 43.75 30.75 -18.16
CA VAL A 32 43.97 29.39 -18.63
C VAL A 32 42.84 28.92 -19.53
N ALA A 33 41.60 29.15 -19.11
CA ALA A 33 40.43 28.77 -19.92
C ALA A 33 40.43 29.43 -21.29
N ALA A 34 40.75 30.72 -21.36
CA ALA A 34 40.82 31.42 -22.64
C ALA A 34 41.88 30.81 -23.56
N PHE A 35 43.04 30.43 -22.99
CA PHE A 35 44.06 29.76 -23.79
C PHE A 35 43.62 28.37 -24.25
N ALA A 36 42.95 27.62 -23.38
CA ALA A 36 42.37 26.33 -23.79
C ALA A 36 41.36 26.48 -24.93
N HIS A 37 40.46 27.46 -24.84
CA HIS A 37 39.50 27.70 -25.92
C HIS A 37 40.22 28.09 -27.23
N LEU A 38 41.27 28.91 -27.14
CA LEU A 38 42.04 29.25 -28.34
C LEU A 38 42.66 28.03 -29.00
N LEU A 39 43.31 27.17 -28.21
CA LEU A 39 43.89 25.94 -28.76
C LEU A 39 42.84 25.03 -29.38
N VAL A 40 41.68 24.89 -28.74
CA VAL A 40 40.60 24.09 -29.31
C VAL A 40 40.06 24.72 -30.60
N TRP A 41 39.92 26.04 -30.64
CA TRP A 41 39.47 26.70 -31.86
C TRP A 41 40.44 26.47 -33.02
N ILE A 42 41.74 26.58 -32.76
CA ILE A 42 42.75 26.29 -33.79
C ILE A 42 42.63 24.85 -34.28
N TRP A 43 42.37 23.91 -33.38
CA TRP A 43 42.15 22.53 -33.78
C TRP A 43 40.87 22.36 -34.61
N ARG A 44 39.72 22.68 -34.02
CA ARG A 44 38.44 22.60 -34.72
C ARG A 44 37.51 23.72 -34.26
N PRO A 45 37.25 24.73 -35.09
CA PRO A 45 36.28 25.77 -34.71
C PRO A 45 34.87 25.23 -34.60
N TRP A 46 34.07 25.93 -33.80
CA TRP A 46 32.73 25.48 -33.43
C TRP A 46 31.61 26.41 -33.86
N VAL A 47 31.87 27.37 -34.75
CA VAL A 47 30.82 28.15 -35.38
C VAL A 47 30.75 27.73 -36.85
N PRO A 48 29.68 27.07 -37.28
CA PRO A 48 29.58 26.62 -38.68
C PRO A 48 29.20 27.74 -39.64
N GLY A 49 29.75 27.67 -40.85
CA GLY A 49 29.34 28.54 -41.92
C GLY A 49 27.99 28.16 -42.48
N PRO A 50 27.57 28.89 -43.53
CA PRO A 50 26.28 28.56 -44.17
C PRO A 50 26.21 27.14 -44.71
N ASN A 51 27.28 26.64 -45.30
CA ASN A 51 27.37 25.27 -45.80
C ASN A 51 27.57 24.25 -44.68
N GLY A 52 27.42 24.65 -43.43
CA GLY A 52 27.77 23.80 -42.30
C GLY A 52 29.27 23.69 -42.12
N TYR A 53 29.70 22.53 -41.61
CA TYR A 53 31.12 22.23 -41.52
C TYR A 53 31.63 21.53 -42.79
N FME B 1 48.21 32.42 -0.62
CN FME B 1 48.17 33.31 0.42
O1 FME B 1 47.30 33.31 1.30
CA FME B 1 47.23 31.38 -0.83
CB FME B 1 47.52 30.62 -2.14
CG FME B 1 46.42 29.65 -2.55
SD FME B 1 44.90 30.54 -2.68
CE FME B 1 45.11 31.47 -4.16
C FME B 1 47.16 30.38 0.33
O FME B 1 46.18 29.67 0.54
N TRP B 2 48.24 30.34 1.11
CA TRP B 2 48.30 29.54 2.33
C TRP B 2 47.19 29.80 3.35
N ARG B 3 46.58 30.99 3.30
CA ARG B 3 45.44 31.31 4.15
C ARG B 3 44.23 30.43 3.90
N ILE B 4 44.19 29.69 2.78
CA ILE B 4 43.12 28.73 2.54
C ILE B 4 43.06 27.66 3.63
N TRP B 5 44.18 27.35 4.27
CA TRP B 5 44.17 26.40 5.37
C TRP B 5 43.73 27.00 6.69
N GLN B 6 43.65 28.33 6.78
CA GLN B 6 42.87 28.96 7.84
C GLN B 6 41.37 28.94 7.50
N LEU B 7 41.05 29.00 6.22
CA LEU B 7 39.65 28.95 5.77
C LEU B 7 39.05 27.56 5.88
N PHE B 8 39.82 26.50 5.55
CA PHE B 8 39.33 25.13 5.55
C PHE B 8 40.20 24.20 6.40
N ASP B 9 39.53 23.24 7.06
CA ASP B 9 40.18 22.19 7.83
C ASP B 9 40.97 21.25 6.91
N PRO B 10 42.28 21.10 7.11
CA PRO B 10 43.06 20.13 6.31
C PRO B 10 42.55 18.70 6.35
N ARG B 11 41.95 18.26 7.46
CA ARG B 11 41.45 16.89 7.54
C ARG B 11 40.28 16.67 6.58
N GLN B 12 39.31 17.60 6.59
CA GLN B 12 38.21 17.53 5.63
C GLN B 12 38.71 17.71 4.20
N ALA B 13 39.65 18.63 4.00
CA ALA B 13 40.20 18.88 2.67
C ALA B 13 40.82 17.63 2.04
N LEU B 14 41.72 16.96 2.77
CA LEU B 14 42.39 15.79 2.22
C LEU B 14 41.44 14.62 1.97
N VAL B 15 40.45 14.42 2.83
CA VAL B 15 39.48 13.34 2.57
C VAL B 15 38.63 13.66 1.34
N GLY B 16 38.16 14.90 1.22
CA GLY B 16 37.42 15.29 0.03
C GLY B 16 38.25 15.22 -1.24
N LEU B 17 39.47 15.73 -1.17
CA LEU B 17 40.36 15.73 -2.33
C LEU B 17 40.76 14.33 -2.75
N ALA B 18 41.13 13.46 -1.80
CA ALA B 18 41.43 12.08 -2.13
C ALA B 18 40.25 11.37 -2.77
N THR B 19 39.05 11.56 -2.23
CA THR B 19 37.85 10.97 -2.82
C THR B 19 37.61 11.50 -4.23
N PHE B 20 37.65 12.82 -4.39
CA PHE B 20 37.47 13.45 -5.69
C PHE B 20 38.46 12.94 -6.73
N LEU B 21 39.75 12.95 -6.40
CA LEU B 21 40.77 12.52 -7.35
C LEU B 21 40.64 11.06 -7.74
N PHE B 22 40.31 10.17 -6.79
CA PHE B 22 40.10 8.77 -7.14
C PHE B 22 38.94 8.58 -8.12
N VAL B 23 37.79 9.17 -7.80
CA VAL B 23 36.60 9.02 -8.64
C VAL B 23 36.83 9.61 -10.03
N LEU B 24 37.50 10.77 -10.10
CA LEU B 24 37.87 11.34 -11.39
C LEU B 24 38.82 10.43 -12.16
N ALA B 25 39.86 9.91 -11.50
CA ALA B 25 40.80 9.01 -12.17
C ALA B 25 40.10 7.75 -12.68
N LEU B 26 39.26 7.15 -11.83
CA LEU B 26 38.54 5.93 -12.23
C LEU B 26 37.62 6.19 -13.41
N LEU B 27 36.93 7.33 -13.40
CA LEU B 27 36.09 7.73 -14.53
C LEU B 27 36.89 7.80 -15.83
N ILE B 28 38.06 8.45 -15.81
CA ILE B 28 38.86 8.59 -17.03
C ILE B 28 39.37 7.23 -17.53
N HIS B 29 39.87 6.37 -16.64
CA HIS B 29 40.30 5.04 -17.08
C HIS B 29 39.14 4.23 -17.68
N PHE B 30 37.94 4.28 -17.07
CA PHE B 30 36.76 3.63 -17.67
C PHE B 30 36.39 4.20 -19.04
N ILE B 31 36.42 5.52 -19.20
CA ILE B 31 36.19 6.13 -20.50
C ILE B 31 37.16 5.59 -21.55
N LEU B 32 38.46 5.58 -21.25
CA LEU B 32 39.45 5.08 -22.20
C LEU B 32 39.25 3.60 -22.53
N LEU B 33 38.97 2.77 -21.53
CA LEU B 33 38.65 1.36 -21.79
C LEU B 33 37.49 1.18 -22.76
N SER B 34 36.55 2.11 -22.78
CA SER B 34 35.43 2.00 -23.70
C SER B 34 35.76 2.41 -25.13
N THR B 35 36.88 3.10 -25.35
CA THR B 35 37.27 3.48 -26.70
C THR B 35 37.89 2.32 -27.47
N GLU B 36 37.90 2.47 -28.79
CA GLU B 36 38.68 1.60 -29.67
C GLU B 36 40.17 1.90 -29.56
N ARG B 37 40.53 3.18 -29.70
CA ARG B 37 41.93 3.59 -29.81
C ARG B 37 42.72 3.40 -28.51
N PHE B 38 42.10 3.62 -27.36
CA PHE B 38 42.83 3.67 -26.09
C PHE B 38 42.53 2.52 -25.13
N ASN B 39 41.76 1.53 -25.53
CA ASN B 39 41.61 0.32 -24.71
C ASN B 39 42.91 -0.49 -24.81
N TRP B 40 43.80 -0.31 -23.83
CA TRP B 40 45.07 -1.01 -23.79
C TRP B 40 44.93 -2.52 -23.59
N LEU B 41 43.83 -2.97 -22.98
CA LEU B 41 43.66 -4.40 -22.75
C LEU B 41 43.21 -5.15 -24.00
N GLU B 42 42.38 -4.52 -24.83
CA GLU B 42 41.96 -5.14 -26.09
C GLU B 42 42.99 -4.92 -27.20
N GLY B 43 43.62 -3.75 -27.25
CA GLY B 43 44.67 -3.46 -28.20
C GLY B 43 44.32 -3.56 -29.67
N ALA B 44 43.29 -2.82 -30.08
CA ALA B 44 43.01 -2.61 -31.49
C ALA B 44 44.18 -1.92 -32.19
N SER B 45 44.29 -2.16 -33.49
CA SER B 45 45.35 -1.57 -34.30
C SER B 45 45.03 -0.14 -34.70
N THR B 46 46.08 0.64 -34.96
CA THR B 46 45.96 1.95 -35.60
C THR B 46 46.10 1.85 -37.11
N ILE C 10 42.50 26.88 12.05
CA ILE C 10 43.91 26.55 12.16
C ILE C 10 44.73 27.83 12.41
N THR C 11 45.80 27.71 13.19
CA THR C 11 46.70 28.82 13.41
C THR C 11 47.41 29.22 12.12
N GLU C 12 47.90 30.47 12.10
CA GLU C 12 48.76 30.91 10.99
C GLU C 12 49.98 30.00 10.83
N GLY C 13 50.63 29.64 11.94
CA GLY C 13 51.83 28.83 11.86
C GLY C 13 51.60 27.42 11.32
N GLU C 14 50.50 26.79 11.72
CA GLU C 14 50.16 25.48 11.16
C GLU C 14 49.65 25.58 9.72
N ALA C 15 48.89 26.63 9.40
CA ALA C 15 48.48 26.85 8.01
C ALA C 15 49.68 27.04 7.09
N LYS C 16 50.64 27.87 7.51
CA LYS C 16 51.89 28.01 6.78
C LYS C 16 52.64 26.68 6.67
N GLU C 17 52.69 25.91 7.76
CA GLU C 17 53.40 24.64 7.75
C GLU C 17 52.75 23.62 6.81
N PHE C 18 51.43 23.42 6.94
CA PHE C 18 50.71 22.53 6.03
C PHE C 18 50.90 22.92 4.57
N HIS C 19 50.89 24.23 4.27
CA HIS C 19 51.10 24.68 2.90
C HIS C 19 52.43 24.22 2.32
N LYS C 20 53.48 24.11 3.13
CA LYS C 20 54.77 23.65 2.62
C LYS C 20 54.70 22.19 2.15
N ILE C 21 54.26 21.28 3.02
CA ILE C 21 54.15 19.87 2.66
C ILE C 21 53.10 19.64 1.58
N PHE C 22 51.98 20.36 1.64
CA PHE C 22 50.99 20.32 0.56
C PHE C 22 51.59 20.74 -0.78
N THR C 23 52.36 21.83 -0.80
CA THR C 23 53.02 22.27 -2.03
C THR C 23 53.97 21.22 -2.58
N SER C 24 54.78 20.60 -1.73
CA SER C 24 55.70 19.56 -2.20
C SER C 24 54.96 18.38 -2.79
N SER C 25 53.92 17.90 -2.10
CA SER C 25 53.21 16.69 -2.54
C SER C 25 52.35 16.91 -3.78
N ILE C 26 51.66 18.06 -3.88
CA ILE C 26 50.91 18.36 -5.09
C ILE C 26 51.83 18.50 -6.32
N LEU C 27 52.99 19.11 -6.14
CA LEU C 27 53.95 19.19 -7.25
C LEU C 27 54.47 17.81 -7.67
N VAL C 28 54.69 16.92 -6.70
CA VAL C 28 55.04 15.54 -7.03
C VAL C 28 53.92 14.84 -7.78
N PHE C 29 52.68 15.00 -7.32
CA PHE C 29 51.53 14.40 -7.99
C PHE C 29 51.39 14.88 -9.43
N PHE C 30 51.44 16.20 -9.66
CA PHE C 30 51.38 16.73 -11.01
C PHE C 30 52.60 16.34 -11.85
N GLY C 31 53.77 16.25 -11.23
CA GLY C 31 54.96 15.82 -11.96
C GLY C 31 54.87 14.39 -12.49
N VAL C 32 54.42 13.46 -11.64
CA VAL C 32 54.19 12.09 -12.08
C VAL C 32 53.10 12.01 -13.15
N ALA C 33 52.00 12.73 -12.95
CA ALA C 33 50.95 12.77 -13.97
C ALA C 33 51.45 13.30 -15.31
N ALA C 34 52.25 14.36 -15.29
CA ALA C 34 52.81 14.89 -16.55
C ALA C 34 53.70 13.87 -17.25
N PHE C 35 54.49 13.12 -16.48
CA PHE C 35 55.27 12.02 -17.05
C PHE C 35 54.38 10.93 -17.63
N ALA C 36 53.33 10.53 -16.90
CA ALA C 36 52.36 9.57 -17.43
C ALA C 36 51.70 10.04 -18.73
N HIS C 37 51.28 11.30 -18.79
CA HIS C 37 50.67 11.84 -20.02
C HIS C 37 51.66 11.84 -21.19
N LEU C 38 52.91 12.21 -20.95
CA LEU C 38 53.93 12.17 -22.00
C LEU C 38 54.12 10.77 -22.56
N LEU C 39 54.24 9.76 -21.70
CA LEU C 39 54.39 8.39 -22.18
C LEU C 39 53.18 7.92 -22.99
N VAL C 40 51.97 8.24 -22.53
CA VAL C 40 50.76 7.88 -23.28
C VAL C 40 50.70 8.61 -24.61
N TRP C 41 51.11 9.88 -24.64
CA TRP C 41 51.17 10.61 -25.90
C TRP C 41 52.14 9.97 -26.89
N ILE C 42 53.32 9.58 -26.42
CA ILE C 42 54.30 8.89 -27.26
C ILE C 42 53.73 7.58 -27.78
N TRP C 43 52.99 6.85 -26.94
CA TRP C 43 52.32 5.63 -27.39
C TRP C 43 51.23 5.92 -28.41
N ARG C 44 50.19 6.68 -28.01
CA ARG C 44 49.11 7.07 -28.91
C ARG C 44 48.63 8.48 -28.58
N PRO C 45 48.92 9.46 -29.44
CA PRO C 45 48.41 10.82 -29.22
C PRO C 45 46.89 10.87 -29.36
N TRP C 46 46.30 11.86 -28.68
CA TRP C 46 44.85 11.94 -28.52
C TRP C 46 44.23 13.20 -29.10
N VAL C 47 44.95 13.97 -29.92
CA VAL C 47 44.35 15.03 -30.71
C VAL C 47 44.36 14.60 -32.18
N PRO C 48 43.19 14.34 -32.78
CA PRO C 48 43.15 13.88 -34.17
C PRO C 48 43.35 15.01 -35.18
N GLY C 49 43.87 14.63 -36.35
CA GLY C 49 43.98 15.55 -37.46
C GLY C 49 42.67 15.73 -38.21
N PRO C 50 42.73 16.50 -39.30
CA PRO C 50 41.52 16.70 -40.13
C PRO C 50 40.95 15.41 -40.71
N ASN C 51 41.79 14.47 -41.10
CA ASN C 51 41.35 13.17 -41.61
C ASN C 51 41.07 12.17 -40.50
N GLY C 52 41.04 12.63 -39.25
CA GLY C 52 41.02 11.74 -38.10
C GLY C 52 42.41 11.21 -37.75
N TYR C 53 42.42 10.04 -37.11
CA TYR C 53 43.68 9.38 -36.78
C TYR C 53 44.26 8.60 -37.96
N FME D 1 54.28 11.10 5.24
CN FME D 1 54.90 10.14 4.47
O1 FME D 1 56.11 9.88 4.53
CA FME D 1 54.93 11.91 6.25
CB FME D 1 55.03 13.40 5.84
CG FME D 1 56.19 13.71 4.93
SD FME D 1 55.97 13.00 3.32
CE FME D 1 54.65 13.93 2.63
C FME D 1 54.17 11.82 7.58
O FME D 1 52.95 11.86 7.66
N TRP D 2 54.94 11.71 8.67
CA TRP D 2 54.42 11.23 9.95
C TRP D 2 53.31 12.05 10.60
N ARG D 3 53.28 13.37 10.32
CA ARG D 3 52.22 14.21 10.86
C ARG D 3 50.82 13.78 10.44
N ILE D 4 50.69 13.01 9.36
CA ILE D 4 49.39 12.51 8.93
C ILE D 4 48.74 11.60 9.97
N TRP D 5 49.52 10.97 10.84
CA TRP D 5 48.98 10.16 11.92
C TRP D 5 48.56 10.98 13.14
N GLN D 6 48.98 12.24 13.22
CA GLN D 6 48.33 13.19 14.11
C GLN D 6 46.99 13.64 13.54
N LEU D 7 46.93 13.83 12.22
CA LEU D 7 45.73 14.31 11.56
C LEU D 7 44.63 13.25 11.51
N PHE D 8 44.99 11.98 11.30
CA PHE D 8 44.01 10.90 11.13
C PHE D 8 44.24 9.76 12.10
N ASP D 9 43.13 9.21 12.60
CA ASP D 9 43.16 8.03 13.48
C ASP D 9 43.56 6.77 12.71
N PRO D 10 44.69 6.14 13.04
CA PRO D 10 45.09 4.89 12.37
C PRO D 10 44.04 3.80 12.39
N ARG D 11 43.21 3.75 13.44
CA ARG D 11 42.15 2.75 13.55
C ARG D 11 41.08 2.93 12.47
N GLN D 12 40.86 4.16 12.01
CA GLN D 12 40.01 4.44 10.88
C GLN D 12 40.75 4.31 9.56
N ALA D 13 42.00 4.78 9.51
CA ALA D 13 42.79 4.78 8.29
C ALA D 13 43.00 3.38 7.73
N LEU D 14 43.56 2.47 8.54
CA LEU D 14 43.92 1.15 8.04
C LEU D 14 42.70 0.32 7.62
N VAL D 15 41.57 0.47 8.29
CA VAL D 15 40.37 -0.25 7.86
C VAL D 15 39.83 0.32 6.56
N GLY D 16 39.74 1.65 6.46
CA GLY D 16 39.34 2.27 5.21
C GLY D 16 40.26 1.94 4.06
N LEU D 17 41.57 1.99 4.31
CA LEU D 17 42.55 1.65 3.28
C LEU D 17 42.46 0.19 2.86
N ALA D 18 42.39 -0.73 3.83
CA ALA D 18 42.25 -2.16 3.51
C ALA D 18 41.01 -2.42 2.67
N THR D 19 39.88 -1.81 3.04
CA THR D 19 38.65 -1.96 2.26
C THR D 19 38.82 -1.39 0.86
N PHE D 20 39.36 -0.18 0.75
CA PHE D 20 39.60 0.46 -0.54
C PHE D 20 40.48 -0.39 -1.45
N LEU D 21 41.63 -0.84 -0.94
CA LEU D 21 42.54 -1.62 -1.77
C LEU D 21 41.95 -2.96 -2.22
N PHE D 22 41.18 -3.64 -1.36
CA PHE D 22 40.51 -4.86 -1.79
C PHE D 22 39.53 -4.62 -2.92
N VAL D 23 38.67 -3.61 -2.78
CA VAL D 23 37.67 -3.33 -3.80
C VAL D 23 38.33 -2.95 -5.13
N LEU D 24 39.41 -2.18 -5.08
CA LEU D 24 40.17 -1.88 -6.29
C LEU D 24 40.78 -3.14 -6.90
N ALA D 25 41.41 -3.99 -6.08
CA ALA D 25 41.99 -5.23 -6.58
C ALA D 25 40.93 -6.16 -7.18
N LEU D 26 39.80 -6.32 -6.50
CA LEU D 26 38.72 -7.13 -7.04
C LEU D 26 38.21 -6.60 -8.37
N LEU D 27 38.05 -5.28 -8.48
CA LEU D 27 37.68 -4.67 -9.74
C LEU D 27 38.68 -4.99 -10.86
N ILE D 28 39.98 -4.83 -10.59
CA ILE D 28 40.98 -5.09 -11.62
C ILE D 28 41.01 -6.56 -12.05
N HIS D 29 40.98 -7.51 -11.09
CA HIS D 29 40.92 -8.92 -11.48
C HIS D 29 39.66 -9.22 -12.31
N PHE D 30 38.50 -8.67 -11.91
CA PHE D 30 37.28 -8.84 -12.71
C PHE D 30 37.39 -8.26 -14.11
N ILE D 31 37.96 -7.07 -14.25
CA ILE D 31 38.17 -6.48 -15.57
C ILE D 31 39.00 -7.41 -16.46
N LEU D 32 40.10 -7.94 -15.92
CA LEU D 32 40.95 -8.85 -16.69
C LEU D 32 40.21 -10.12 -17.09
N LEU D 33 39.41 -10.70 -16.20
CA LEU D 33 38.58 -11.84 -16.59
C LEU D 33 37.61 -11.51 -17.71
N SER D 34 37.14 -10.27 -17.80
CA SER D 34 36.26 -9.89 -18.90
C SER D 34 36.98 -9.84 -20.25
N THR D 35 38.30 -9.69 -20.27
CA THR D 35 39.05 -9.63 -21.53
C THR D 35 39.32 -11.03 -22.08
N GLU D 36 39.58 -11.09 -23.38
CA GLU D 36 40.14 -12.30 -23.98
C GLU D 36 41.62 -12.48 -23.62
N ARG D 37 42.43 -11.45 -23.85
CA ARG D 37 43.88 -11.56 -23.71
C ARG D 37 44.33 -11.95 -22.30
N PHE D 38 43.64 -11.44 -21.28
CA PHE D 38 44.09 -11.62 -19.90
C PHE D 38 43.20 -12.51 -19.04
N ASN D 39 42.14 -13.10 -19.59
CA ASN D 39 41.37 -14.09 -18.83
C ASN D 39 42.20 -15.38 -18.72
N TRP D 40 42.94 -15.49 -17.62
CA TRP D 40 43.82 -16.63 -17.38
C TRP D 40 43.07 -17.94 -17.18
N LEU D 41 41.84 -17.90 -16.67
CA LEU D 41 41.08 -19.12 -16.46
C LEU D 41 40.53 -19.69 -17.77
N GLU D 42 40.11 -18.81 -18.68
CA GLU D 42 39.63 -19.21 -19.99
C GLU D 42 40.76 -19.59 -20.94
N GLY D 43 41.89 -18.89 -20.87
CA GLY D 43 43.10 -19.33 -21.55
C GLY D 43 43.10 -19.23 -23.07
N ALA D 44 42.53 -18.17 -23.63
CA ALA D 44 42.57 -17.93 -25.07
C ALA D 44 44.01 -17.77 -25.58
N SER D 45 44.20 -18.10 -26.85
CA SER D 45 45.46 -17.98 -27.56
C SER D 45 45.77 -16.53 -27.94
N THR D 46 47.03 -16.29 -28.32
CA THR D 46 47.49 -15.03 -28.89
C THR D 46 47.91 -15.26 -30.33
N LYS D 47 46.95 -15.59 -31.18
CA LYS D 47 47.25 -15.94 -32.57
C LYS D 47 47.69 -14.70 -33.37
N ILE E 10 47.11 11.62 19.87
CA ILE E 10 48.21 10.74 19.51
C ILE E 10 49.51 11.55 19.50
N THR E 11 50.51 11.07 20.23
CA THR E 11 51.77 11.81 20.37
C THR E 11 52.59 11.74 19.08
N GLU E 12 53.60 12.61 19.01
CA GLU E 12 54.62 12.50 17.97
C GLU E 12 55.36 11.18 18.03
N GLY E 13 55.62 10.67 19.23
CA GLY E 13 56.27 9.37 19.37
C GLY E 13 55.40 8.22 18.88
N GLU E 14 54.11 8.25 19.21
CA GLU E 14 53.18 7.27 18.66
C GLU E 14 53.03 7.41 17.16
N ALA E 15 52.89 8.64 16.66
CA ALA E 15 52.81 8.88 15.22
C ALA E 15 54.05 8.39 14.48
N LYS E 16 55.25 8.64 15.02
CA LYS E 16 56.47 8.17 14.37
C LYS E 16 56.67 6.66 14.51
N GLU E 17 56.26 6.09 15.65
CA GLU E 17 56.27 4.63 15.77
C GLU E 17 55.37 3.98 14.71
N PHE E 18 54.13 4.45 14.60
CA PHE E 18 53.24 3.97 13.54
C PHE E 18 53.82 4.24 12.16
N HIS E 19 54.35 5.44 11.93
CA HIS E 19 54.85 5.81 10.62
C HIS E 19 55.95 4.89 10.11
N LYS E 20 56.89 4.50 10.97
CA LYS E 20 57.99 3.64 10.50
C LYS E 20 57.50 2.22 10.21
N ILE E 21 56.57 1.71 11.01
CA ILE E 21 55.96 0.41 10.69
C ILE E 21 55.11 0.51 9.43
N PHE E 22 54.35 1.60 9.30
CA PHE E 22 53.56 1.84 8.09
C PHE E 22 54.46 1.95 6.86
N THR E 23 55.52 2.75 6.95
CA THR E 23 56.49 2.86 5.87
C THR E 23 57.07 1.50 5.48
N SER E 24 57.38 0.66 6.46
CA SER E 24 57.86 -0.70 6.16
C SER E 24 56.80 -1.52 5.44
N SER E 25 55.56 -1.50 5.93
CA SER E 25 54.50 -2.31 5.35
C SER E 25 54.13 -1.89 3.92
N ILE E 26 54.04 -0.58 3.67
CA ILE E 26 53.70 -0.11 2.32
C ILE E 26 54.82 -0.42 1.32
N LEU E 27 56.08 -0.28 1.72
CA LEU E 27 57.19 -0.65 0.83
C LEU E 27 57.25 -2.15 0.55
N VAL E 28 56.88 -2.98 1.52
CA VAL E 28 56.72 -4.41 1.25
C VAL E 28 55.60 -4.66 0.25
N PHE E 29 54.43 -4.06 0.49
CA PHE E 29 53.29 -4.21 -0.40
C PHE E 29 53.60 -3.77 -1.83
N PHE E 30 54.24 -2.60 -1.98
CA PHE E 30 54.64 -2.14 -3.30
C PHE E 30 55.72 -3.02 -3.93
N GLY E 31 56.63 -3.57 -3.13
CA GLY E 31 57.63 -4.48 -3.66
C GLY E 31 57.05 -5.76 -4.23
N VAL E 32 56.12 -6.37 -3.50
CA VAL E 32 55.44 -7.58 -3.99
C VAL E 32 54.57 -7.27 -5.20
N ALA E 33 53.84 -6.15 -5.19
CA ALA E 33 53.06 -5.74 -6.35
C ALA E 33 53.93 -5.51 -7.58
N ALA E 34 55.09 -4.87 -7.41
CA ALA E 34 56.00 -4.67 -8.54
C ALA E 34 56.51 -6.00 -9.09
N PHE E 35 56.84 -6.94 -8.21
CA PHE E 35 57.20 -8.29 -8.62
C PHE E 35 56.08 -8.97 -9.40
N ALA E 36 54.85 -8.89 -8.89
CA ALA E 36 53.69 -9.42 -9.61
C ALA E 36 53.50 -8.79 -10.99
N HIS E 37 53.57 -7.46 -11.08
CA HIS E 37 53.46 -6.79 -12.38
C HIS E 37 54.56 -7.22 -13.35
N LEU E 38 55.79 -7.38 -12.87
CA LEU E 38 56.88 -7.84 -13.73
C LEU E 38 56.60 -9.23 -14.31
N LEU E 39 56.20 -10.17 -13.47
CA LEU E 39 55.88 -11.53 -13.95
C LEU E 39 54.75 -11.53 -14.97
N VAL E 40 53.69 -10.75 -14.72
CA VAL E 40 52.59 -10.65 -15.67
C VAL E 40 53.05 -10.04 -17.00
N TRP E 41 53.87 -9.00 -16.94
CA TRP E 41 54.40 -8.42 -18.17
C TRP E 41 55.23 -9.42 -18.97
N ILE E 42 56.10 -10.17 -18.31
CA ILE E 42 56.87 -11.22 -18.96
C ILE E 42 55.96 -12.28 -19.60
N TRP E 43 54.84 -12.59 -18.96
CA TRP E 43 53.88 -13.51 -19.57
C TRP E 43 53.14 -12.88 -20.75
N ARG E 44 52.43 -11.77 -20.52
CA ARG E 44 51.72 -11.06 -21.58
C ARG E 44 51.78 -9.56 -21.32
N PRO E 45 52.55 -8.81 -22.10
CA PRO E 45 52.54 -7.35 -21.96
C PRO E 45 51.19 -6.75 -22.30
N TRP E 46 50.91 -5.60 -21.70
CA TRP E 46 49.62 -4.94 -21.79
C TRP E 46 49.65 -3.56 -22.45
N VAL E 47 50.73 -3.20 -23.14
CA VAL E 47 50.72 -2.03 -24.02
C VAL E 47 50.83 -2.51 -25.46
N PRO E 48 49.80 -2.34 -26.28
CA PRO E 48 49.84 -2.82 -27.67
C PRO E 48 50.65 -1.91 -28.58
N GLY E 49 51.25 -2.52 -29.61
CA GLY E 49 51.93 -1.78 -30.64
C GLY E 49 50.98 -1.15 -31.63
N PRO E 50 51.54 -0.52 -32.67
CA PRO E 50 50.71 0.10 -33.71
C PRO E 50 49.75 -0.86 -34.40
N ASN E 51 50.20 -2.10 -34.65
CA ASN E 51 49.37 -3.12 -35.28
C ASN E 51 48.61 -3.97 -34.27
N GLY E 52 48.43 -3.47 -33.05
CA GLY E 52 47.88 -4.23 -31.95
C GLY E 52 48.86 -5.26 -31.41
N TYR E 53 48.30 -6.28 -30.78
CA TYR E 53 49.11 -7.40 -30.28
C TYR E 53 49.48 -8.38 -31.38
N FME F 1 55.25 -5.79 15.28
CN FME F 1 55.79 -4.78 16.05
O1 FME F 1 55.16 -3.76 16.36
CA FME F 1 53.92 -5.76 14.75
CB FME F 1 53.68 -6.90 13.73
CG FME F 1 52.36 -6.77 13.01
SD FME F 1 52.27 -8.04 11.77
CE FME F 1 50.53 -8.29 11.62
C FME F 1 52.84 -5.86 15.82
O FME F 1 51.72 -5.37 15.69
N TRP F 2 53.21 -6.49 16.94
CA TRP F 2 52.27 -6.82 18.03
C TRP F 2 51.46 -5.64 18.56
N ARG F 3 51.99 -4.42 18.39
CA ARG F 3 51.29 -3.21 18.79
C ARG F 3 49.93 -3.06 18.10
N ILE F 4 49.74 -3.70 16.95
CA ILE F 4 48.45 -3.73 16.27
C ILE F 4 47.30 -4.22 17.15
N TRP F 5 47.59 -5.13 18.09
CA TRP F 5 46.54 -5.66 18.96
C TRP F 5 46.19 -4.74 20.12
N GLN F 6 46.96 -3.68 20.35
CA GLN F 6 46.51 -2.60 21.22
C GLN F 6 45.75 -1.53 20.45
N LEU F 7 46.01 -1.40 19.14
CA LEU F 7 45.22 -0.52 18.29
C LEU F 7 43.87 -1.12 17.92
N PHE F 8 43.80 -2.43 17.68
CA PHE F 8 42.58 -3.11 17.28
C PHE F 8 42.22 -4.21 18.28
N ASP F 9 40.93 -4.36 18.54
CA ASP F 9 40.43 -5.47 19.35
C ASP F 9 40.65 -6.80 18.63
N PRO F 10 41.39 -7.74 19.21
CA PRO F 10 41.63 -9.03 18.53
C PRO F 10 40.37 -9.80 18.14
N ARG F 11 39.27 -9.66 18.88
CA ARG F 11 38.03 -10.33 18.50
C ARG F 11 37.42 -9.71 17.24
N GLN F 12 37.38 -8.39 17.18
CA GLN F 12 36.86 -7.72 15.99
C GLN F 12 37.72 -8.02 14.76
N ALA F 13 39.04 -8.07 14.95
CA ALA F 13 39.94 -8.46 13.88
C ALA F 13 39.67 -9.87 13.37
N LEU F 14 39.65 -10.86 14.26
CA LEU F 14 39.40 -12.25 13.84
C LEU F 14 38.03 -12.45 13.21
N VAL F 15 36.98 -11.80 13.73
CA VAL F 15 35.67 -11.94 13.11
C VAL F 15 35.66 -11.33 11.70
N GLY F 16 36.20 -10.13 11.56
CA GLY F 16 36.30 -9.51 10.23
C GLY F 16 37.12 -10.35 9.27
N LEU F 17 38.28 -10.82 9.74
CA LEU F 17 39.19 -11.62 8.93
C LEU F 17 38.58 -12.96 8.53
N ALA F 18 38.02 -13.70 9.49
CA ALA F 18 37.36 -14.97 9.17
C ALA F 18 36.19 -14.78 8.20
N THR F 19 35.40 -13.72 8.38
CA THR F 19 34.32 -13.43 7.44
C THR F 19 34.87 -13.20 6.03
N PHE F 20 35.85 -12.30 5.91
CA PHE F 20 36.45 -11.99 4.63
C PHE F 20 37.02 -13.24 3.95
N LEU F 21 37.82 -14.02 4.68
CA LEU F 21 38.47 -15.19 4.08
C LEU F 21 37.49 -16.29 3.67
N PHE F 22 36.44 -16.53 4.44
CA PHE F 22 35.44 -17.51 4.00
C PHE F 22 34.73 -17.06 2.73
N VAL F 23 34.28 -15.81 2.69
CA VAL F 23 33.57 -15.31 1.51
C VAL F 23 34.47 -15.32 0.28
N LEU F 24 35.74 -14.93 0.45
CA LEU F 24 36.69 -14.99 -0.66
C LEU F 24 36.94 -16.43 -1.11
N ALA F 25 37.15 -17.36 -0.17
CA ALA F 25 37.36 -18.75 -0.52
C ALA F 25 36.16 -19.33 -1.27
N LEU F 26 34.96 -19.07 -0.76
CA LEU F 26 33.74 -19.53 -1.43
C LEU F 26 33.60 -18.95 -2.82
N LEU F 27 33.87 -17.65 -2.99
CA LEU F 27 33.88 -17.02 -4.30
C LEU F 27 34.82 -17.72 -5.28
N ILE F 28 36.06 -18.00 -4.84
CA ILE F 28 37.02 -18.63 -5.73
C ILE F 28 36.59 -20.04 -6.14
N HIS F 29 36.12 -20.85 -5.19
CA HIS F 29 35.63 -22.19 -5.58
C HIS F 29 34.45 -22.08 -6.56
N PHE F 30 33.50 -21.16 -6.34
CA PHE F 30 32.40 -21.00 -7.30
C PHE F 30 32.87 -20.53 -8.66
N ILE F 31 33.84 -19.61 -8.70
CA ILE F 31 34.41 -19.16 -9.97
C ILE F 31 35.01 -20.32 -10.76
N LEU F 32 35.82 -21.15 -10.09
CA LEU F 32 36.41 -22.31 -10.78
C LEU F 32 35.37 -23.31 -11.26
N LEU F 33 34.32 -23.55 -10.48
CA LEU F 33 33.21 -24.38 -10.96
C LEU F 33 32.49 -23.77 -12.16
N SER F 34 32.47 -22.45 -12.27
CA SER F 34 31.92 -21.76 -13.44
C SER F 34 32.84 -21.76 -14.65
N THR F 35 33.90 -22.57 -14.67
CA THR F 35 34.81 -22.65 -15.81
C THR F 35 34.87 -24.08 -16.34
N GLU F 36 35.25 -24.20 -17.60
CA GLU F 36 35.41 -25.51 -18.22
C GLU F 36 36.65 -26.23 -17.71
N ARG F 37 37.79 -25.55 -17.73
CA ARG F 37 39.07 -26.19 -17.39
C ARG F 37 39.15 -26.64 -15.95
N PHE F 38 38.68 -25.82 -15.01
CA PHE F 38 38.90 -26.05 -13.58
C PHE F 38 37.69 -26.60 -12.83
N ASN F 39 36.54 -26.79 -13.46
CA ASN F 39 35.43 -27.47 -12.79
C ASN F 39 35.79 -28.94 -12.64
N TRP F 40 36.27 -29.30 -11.45
CA TRP F 40 36.72 -30.66 -11.16
C TRP F 40 35.56 -31.66 -11.12
N LEU F 41 34.34 -31.20 -10.83
CA LEU F 41 33.21 -32.11 -10.77
C LEU F 41 32.70 -32.50 -12.16
N GLU F 42 32.69 -31.55 -13.10
CA GLU F 42 32.30 -31.86 -14.47
C GLU F 42 33.41 -32.54 -15.24
N GLY F 43 34.66 -32.16 -14.99
CA GLY F 43 35.83 -32.85 -15.51
C GLY F 43 35.98 -32.91 -17.02
N ALA F 44 35.86 -31.77 -17.69
CA ALA F 44 36.14 -31.64 -19.10
C ALA F 44 37.62 -31.97 -19.42
N SER F 45 37.85 -32.33 -20.68
CA SER F 45 39.18 -32.69 -21.17
C SER F 45 40.06 -31.46 -21.42
N THR F 46 41.38 -31.67 -21.29
CA THR F 46 42.41 -30.72 -21.70
C THR F 46 42.68 -30.87 -23.20
N LYS F 47 41.78 -30.29 -24.00
CA LYS F 47 41.79 -30.49 -25.45
C LYS F 47 42.94 -29.76 -26.13
N ILE G 10 43.59 -4.10 25.89
CA ILE G 10 44.53 -5.21 25.85
C ILE G 10 45.88 -4.77 26.42
N THR G 11 46.41 -5.52 27.38
CA THR G 11 47.74 -5.27 27.90
C THR G 11 48.81 -5.66 26.89
N GLU G 12 50.03 -5.15 27.11
CA GLU G 12 51.17 -5.56 26.29
C GLU G 12 51.48 -7.05 26.43
N GLY G 13 51.33 -7.59 27.64
CA GLY G 13 51.56 -9.00 27.85
C GLY G 13 50.64 -9.91 27.06
N GLU G 14 49.34 -9.62 27.09
CA GLU G 14 48.39 -10.42 26.33
C GLU G 14 48.33 -10.05 24.86
N ALA G 15 48.66 -8.81 24.49
CA ALA G 15 48.88 -8.48 23.08
C ALA G 15 49.98 -9.33 22.47
N LYS G 16 51.09 -9.49 23.19
CA LYS G 16 52.23 -10.23 22.69
C LYS G 16 51.95 -11.74 22.62
N GLU G 17 51.16 -12.27 23.53
CA GLU G 17 50.71 -13.66 23.42
C GLU G 17 49.75 -13.87 22.25
N PHE G 18 48.76 -12.98 22.09
CA PHE G 18 47.91 -13.06 20.91
C PHE G 18 48.72 -12.98 19.62
N HIS G 19 49.68 -12.05 19.56
CA HIS G 19 50.53 -11.93 18.38
C HIS G 19 51.32 -13.21 18.10
N LYS G 20 51.78 -13.90 19.13
CA LYS G 20 52.45 -15.18 18.91
C LYS G 20 51.53 -16.19 18.24
N ILE G 21 50.34 -16.40 18.81
CA ILE G 21 49.40 -17.37 18.27
C ILE G 21 48.92 -16.95 16.87
N PHE G 22 48.66 -15.66 16.68
CA PHE G 22 48.33 -15.13 15.36
C PHE G 22 49.44 -15.43 14.34
N THR G 23 50.69 -15.13 14.69
CA THR G 23 51.82 -15.39 13.80
C THR G 23 51.95 -16.87 13.44
N SER G 24 51.83 -17.76 14.42
CA SER G 24 51.86 -19.19 14.13
C SER G 24 50.72 -19.62 13.20
N SER G 25 49.50 -19.21 13.52
CA SER G 25 48.34 -19.69 12.77
C SER G 25 48.26 -19.13 11.36
N ILE G 26 48.64 -17.86 11.15
CA ILE G 26 48.68 -17.32 9.79
C ILE G 26 49.73 -18.03 8.94
N LEU G 27 50.91 -18.32 9.50
CA LEU G 27 51.93 -19.04 8.75
C LEU G 27 51.51 -20.46 8.41
N VAL G 28 50.86 -21.16 9.35
CA VAL G 28 50.33 -22.48 9.05
C VAL G 28 49.24 -22.43 7.99
N PHE G 29 48.34 -21.46 8.09
CA PHE G 29 47.31 -21.27 7.06
C PHE G 29 47.92 -21.03 5.68
N PHE G 30 48.90 -20.12 5.59
CA PHE G 30 49.60 -19.91 4.32
C PHE G 30 50.39 -21.15 3.88
N GLY G 31 50.92 -21.92 4.83
CA GLY G 31 51.63 -23.15 4.46
C GLY G 31 50.75 -24.22 3.84
N VAL G 32 49.60 -24.47 4.44
CA VAL G 32 48.63 -25.39 3.86
C VAL G 32 48.11 -24.88 2.51
N ALA G 33 47.79 -23.59 2.44
CA ALA G 33 47.33 -23.01 1.18
C ALA G 33 48.39 -23.10 0.08
N ALA G 34 49.65 -22.87 0.42
CA ALA G 34 50.72 -23.01 -0.57
C ALA G 34 50.83 -24.42 -1.12
N PHE G 35 50.72 -25.43 -0.26
CA PHE G 35 50.73 -26.81 -0.71
C PHE G 35 49.50 -27.15 -1.55
N ALA G 36 48.33 -26.64 -1.17
CA ALA G 36 47.13 -26.81 -2.01
C ALA G 36 47.31 -26.23 -3.40
N HIS G 37 47.88 -25.03 -3.52
CA HIS G 37 48.16 -24.45 -4.84
C HIS G 37 49.17 -25.28 -5.63
N LEU G 38 50.19 -25.82 -4.97
CA LEU G 38 51.15 -26.70 -5.64
C LEU G 38 50.49 -27.94 -6.25
N LEU G 39 49.64 -28.61 -5.47
CA LEU G 39 48.92 -29.77 -5.99
C LEU G 39 48.00 -29.43 -7.15
N VAL G 40 47.30 -28.30 -7.08
CA VAL G 40 46.44 -27.88 -8.18
C VAL G 40 47.27 -27.55 -9.43
N TRP G 41 48.42 -26.91 -9.26
CA TRP G 41 49.28 -26.63 -10.41
C TRP G 41 49.76 -27.90 -11.08
N ILE G 42 50.18 -28.89 -10.29
CA ILE G 42 50.60 -30.18 -10.84
C ILE G 42 49.45 -30.86 -11.59
N TRP G 43 48.21 -30.72 -11.09
CA TRP G 43 47.06 -31.24 -11.81
C TRP G 43 46.79 -30.45 -13.09
N ARG G 44 46.49 -29.16 -12.98
CA ARG G 44 46.24 -28.31 -14.13
C ARG G 44 46.76 -26.90 -13.86
N PRO G 45 47.86 -26.49 -14.50
CA PRO G 45 48.35 -25.12 -14.33
C PRO G 45 47.38 -24.10 -14.92
N TRP G 46 47.45 -22.88 -14.37
CA TRP G 46 46.49 -21.84 -14.67
C TRP G 46 47.08 -20.60 -15.32
N VAL G 47 48.33 -20.64 -15.79
CA VAL G 47 48.87 -19.62 -16.67
C VAL G 47 48.96 -20.21 -18.08
N PRO G 48 48.20 -19.71 -19.05
CA PRO G 48 48.25 -20.25 -20.41
C PRO G 48 49.49 -19.81 -21.17
N GLY G 49 49.94 -20.67 -22.08
CA GLY G 49 50.98 -20.31 -23.02
C GLY G 49 50.50 -19.41 -24.14
N PRO G 50 51.41 -19.10 -25.06
CA PRO G 50 51.04 -18.21 -26.18
C PRO G 50 49.90 -18.74 -27.03
N ASN G 51 49.86 -20.04 -27.29
CA ASN G 51 48.80 -20.67 -28.05
C ASN G 51 47.59 -21.07 -27.19
N GLY G 52 47.52 -20.55 -25.96
CA GLY G 52 46.51 -20.97 -25.01
C GLY G 52 46.87 -22.27 -24.31
N TYR G 53 45.84 -22.91 -23.75
CA TYR G 53 46.00 -24.25 -23.19
C TYR G 53 45.97 -25.32 -24.28
N FME H 1 45.53 -23.44 21.75
CN FME H 1 46.28 -23.02 22.83
O1 FME H 1 46.06 -21.95 23.42
CA FME H 1 44.45 -22.66 21.20
CB FME H 1 44.21 -22.98 19.71
CG FME H 1 45.26 -22.32 18.86
SD FME H 1 44.74 -22.37 17.17
CE FME H 1 43.37 -21.29 17.14
C FME H 1 43.13 -22.85 21.94
O FME H 1 42.05 -22.46 21.51
N TRP H 2 43.23 -23.45 23.13
CA TRP H 2 42.15 -23.44 24.10
C TRP H 2 41.76 -22.03 24.55
N ARG H 3 42.70 -21.09 24.41
CA ARG H 3 42.42 -19.67 24.66
C ARG H 3 41.44 -19.06 23.67
N ILE H 4 41.05 -19.77 22.61
CA ILE H 4 39.95 -19.30 21.77
C ILE H 4 38.64 -19.22 22.54
N TRP H 5 38.46 -20.07 23.55
CA TRP H 5 37.29 -19.98 24.42
C TRP H 5 37.43 -18.88 25.46
N GLN H 6 38.66 -18.44 25.73
CA GLN H 6 38.91 -17.20 26.45
C GLN H 6 38.68 -15.97 25.59
N LEU H 7 38.50 -16.17 24.29
CA LEU H 7 38.27 -15.10 23.33
C LEU H 7 36.81 -15.00 22.88
N PHE H 8 36.11 -16.13 22.73
CA PHE H 8 34.73 -16.16 22.24
C PHE H 8 33.83 -17.03 23.12
N ASP H 9 32.57 -16.60 23.23
CA ASP H 9 31.53 -17.28 24.03
C ASP H 9 31.19 -18.67 23.48
N PRO H 10 31.45 -19.74 24.24
CA PRO H 10 31.17 -21.10 23.75
C PRO H 10 29.74 -21.40 23.34
N ARG H 11 28.74 -20.77 23.96
CA ARG H 11 27.35 -21.04 23.57
C ARG H 11 27.04 -20.51 22.18
N GLN H 12 27.37 -19.24 21.92
CA GLN H 12 27.17 -18.66 20.60
C GLN H 12 28.09 -19.28 19.57
N ALA H 13 29.28 -19.71 19.98
CA ALA H 13 30.16 -20.47 19.09
C ALA H 13 29.51 -21.77 18.60
N LEU H 14 28.97 -22.58 19.52
CA LEU H 14 28.33 -23.83 19.12
C LEU H 14 27.09 -23.63 18.25
N VAL H 15 26.24 -22.66 18.60
CA VAL H 15 25.06 -22.38 17.77
C VAL H 15 25.47 -21.96 16.36
N GLY H 16 26.43 -21.05 16.26
CA GLY H 16 26.90 -20.61 14.96
C GLY H 16 27.58 -21.72 14.17
N LEU H 17 28.44 -22.48 14.82
CA LEU H 17 29.19 -23.55 14.15
C LEU H 17 28.28 -24.67 13.66
N ALA H 18 27.34 -25.12 14.50
CA ALA H 18 26.39 -26.13 14.06
C ALA H 18 25.57 -25.66 12.86
N THR H 19 25.16 -24.40 12.87
CA THR H 19 24.40 -23.85 11.74
C THR H 19 25.25 -23.75 10.48
N PHE H 20 26.47 -23.22 10.62
CA PHE H 20 27.41 -23.16 9.49
C PHE H 20 27.67 -24.53 8.88
N LEU H 21 27.97 -25.52 9.71
CA LEU H 21 28.28 -26.86 9.19
C LEU H 21 27.10 -27.51 8.47
N PHE H 22 25.88 -27.34 8.99
CA PHE H 22 24.71 -27.87 8.28
C PHE H 22 24.52 -27.18 6.93
N VAL H 23 24.57 -25.86 6.89
CA VAL H 23 24.40 -25.13 5.64
C VAL H 23 25.47 -25.50 4.63
N LEU H 24 26.73 -25.60 5.07
CA LEU H 24 27.81 -26.00 4.18
C LEU H 24 27.60 -27.42 3.64
N ALA H 25 27.26 -28.37 4.52
CA ALA H 25 26.99 -29.73 4.07
C ALA H 25 25.83 -29.79 3.07
N LEU H 26 24.74 -29.10 3.39
CA LEU H 26 23.58 -29.07 2.50
C LEU H 26 23.93 -28.50 1.13
N LEU H 27 24.72 -27.42 1.11
CA LEU H 27 25.23 -26.86 -0.14
C LEU H 27 26.03 -27.88 -0.95
N ILE H 28 26.99 -28.56 -0.32
CA ILE H 28 27.81 -29.52 -1.06
C ILE H 28 26.98 -30.68 -1.61
N HIS H 29 26.07 -31.24 -0.81
CA HIS H 29 25.20 -32.29 -1.34
C HIS H 29 24.36 -31.79 -2.52
N PHE H 30 23.80 -30.58 -2.41
CA PHE H 30 23.04 -30.01 -3.53
C PHE H 30 23.88 -29.78 -4.78
N ILE H 31 25.11 -29.29 -4.63
CA ILE H 31 26.02 -29.12 -5.76
C ILE H 31 26.29 -30.45 -6.46
N LEU H 32 26.56 -31.50 -5.69
CA LEU H 32 26.81 -32.82 -6.27
C LEU H 32 25.60 -33.37 -7.00
N LEU H 33 24.40 -33.25 -6.42
CA LEU H 33 23.19 -33.64 -7.13
C LEU H 33 23.01 -32.90 -8.46
N SER H 34 23.53 -31.68 -8.57
CA SER H 34 23.47 -30.91 -9.79
C SER H 34 24.47 -31.36 -10.86
N THR H 35 25.20 -32.45 -10.66
CA THR H 35 26.17 -32.95 -11.62
C THR H 35 25.77 -34.34 -12.11
N GLU H 36 26.16 -34.64 -13.35
CA GLU H 36 25.94 -35.98 -13.90
C GLU H 36 26.75 -37.04 -13.14
N ARG H 37 28.04 -36.80 -12.95
CA ARG H 37 28.93 -37.83 -12.38
C ARG H 37 28.57 -38.20 -10.95
N PHE H 38 28.21 -37.22 -10.13
CA PHE H 38 28.04 -37.47 -8.70
C PHE H 38 26.60 -37.50 -8.19
N ASN H 39 25.60 -37.22 -9.04
CA ASN H 39 24.21 -37.42 -8.62
C ASN H 39 23.95 -38.91 -8.43
N TRP H 40 23.96 -39.34 -7.18
CA TRP H 40 23.79 -40.74 -6.82
C TRP H 40 22.35 -41.23 -7.01
N LEU H 41 21.37 -40.32 -6.96
CA LEU H 41 19.97 -40.72 -7.09
C LEU H 41 19.58 -41.01 -8.53
N GLU H 42 20.08 -40.24 -9.49
CA GLU H 42 19.87 -40.56 -10.90
C GLU H 42 20.90 -41.54 -11.45
N GLY H 43 22.12 -41.51 -10.92
CA GLY H 43 23.12 -42.55 -11.16
C GLY H 43 23.49 -42.80 -12.60
N ALA H 44 23.91 -41.75 -13.30
CA ALA H 44 24.43 -41.87 -14.65
C ALA H 44 25.69 -42.74 -14.70
N SER H 45 25.93 -43.31 -15.88
CA SER H 45 27.14 -44.05 -16.18
C SER H 45 28.37 -43.13 -16.22
N THR H 46 29.52 -43.69 -15.85
CA THR H 46 30.79 -43.06 -16.20
C THR H 46 31.14 -43.20 -17.67
N LYS H 47 30.32 -43.93 -18.43
CA LYS H 47 30.47 -44.29 -19.84
C LYS H 47 31.78 -45.04 -20.11
N PRO H 48 32.02 -46.18 -19.46
CA PRO H 48 33.22 -46.98 -19.74
C PRO H 48 33.11 -47.77 -21.05
N SER I 8 37.05 -11.47 28.11
CA SER I 8 35.95 -11.50 27.15
C SER I 8 35.29 -12.88 27.11
N GLY I 9 36.10 -13.93 26.94
CA GLY I 9 35.64 -15.29 27.05
C GLY I 9 35.68 -15.84 28.45
N ILE I 10 35.64 -17.17 28.54
CA ILE I 10 35.45 -17.90 29.79
C ILE I 10 36.76 -17.97 30.57
N THR I 11 36.63 -18.02 31.90
CA THR I 11 37.76 -18.30 32.79
C THR I 11 38.39 -19.64 32.45
N GLU I 12 39.70 -19.75 32.74
CA GLU I 12 40.52 -20.84 32.20
C GLU I 12 39.97 -22.22 32.53
N GLY I 13 39.56 -22.45 33.78
CA GLY I 13 39.12 -23.78 34.17
C GLY I 13 37.98 -24.32 33.34
N GLU I 14 36.93 -23.51 33.14
CA GLU I 14 35.83 -23.95 32.28
C GLU I 14 36.14 -23.82 30.80
N ALA I 15 37.09 -22.96 30.41
CA ALA I 15 37.62 -23.02 29.06
C ALA I 15 38.33 -24.35 28.79
N LYS I 16 39.13 -24.83 29.74
CA LYS I 16 39.76 -26.14 29.63
C LYS I 16 38.74 -27.27 29.65
N GLU I 17 37.73 -27.15 30.51
CA GLU I 17 36.62 -28.10 30.54
C GLU I 17 35.91 -28.18 29.19
N PHE I 18 35.50 -27.03 28.66
CA PHE I 18 34.86 -26.99 27.34
C PHE I 18 35.77 -27.55 26.25
N HIS I 19 37.04 -27.16 26.26
CA HIS I 19 37.98 -27.57 25.22
C HIS I 19 38.15 -29.07 25.10
N LYS I 20 38.06 -29.82 26.21
CA LYS I 20 38.11 -31.28 26.12
C LYS I 20 36.89 -31.85 25.40
N ILE I 21 35.69 -31.41 25.77
CA ILE I 21 34.48 -31.90 25.10
C ILE I 21 34.42 -31.43 23.66
N PHE I 22 34.84 -30.19 23.40
CA PHE I 22 34.96 -29.70 22.02
C PHE I 22 35.94 -30.51 21.19
N THR I 23 37.17 -30.66 21.68
CA THR I 23 38.22 -31.36 20.93
C THR I 23 37.84 -32.80 20.61
N SER I 24 37.24 -33.52 21.57
CA SER I 24 36.79 -34.87 21.30
C SER I 24 35.66 -34.91 20.27
N SER I 25 34.74 -33.95 20.32
CA SER I 25 33.66 -33.89 19.35
C SER I 25 34.13 -33.57 17.93
N ILE I 26 34.99 -32.56 17.78
CA ILE I 26 35.50 -32.21 16.45
C ILE I 26 36.33 -33.34 15.84
N LEU I 27 37.11 -34.05 16.65
CA LEU I 27 37.87 -35.20 16.13
C LEU I 27 36.97 -36.34 15.68
N VAL I 28 35.89 -36.62 16.42
CA VAL I 28 34.91 -37.59 15.95
C VAL I 28 34.27 -37.14 14.63
N PHE I 29 33.85 -35.88 14.57
CA PHE I 29 33.25 -35.34 13.34
C PHE I 29 34.19 -35.47 12.14
N PHE I 30 35.44 -35.04 12.29
CA PHE I 30 36.42 -35.19 11.22
C PHE I 30 36.72 -36.65 10.90
N GLY I 31 36.76 -37.52 11.91
CA GLY I 31 36.98 -38.93 11.65
C GLY I 31 35.90 -39.59 10.82
N VAL I 32 34.63 -39.28 11.10
CA VAL I 32 33.53 -39.75 10.27
C VAL I 32 33.59 -39.14 8.87
N ALA I 33 33.86 -37.84 8.77
CA ALA I 33 33.98 -37.18 7.47
C ALA I 33 35.11 -37.77 6.62
N ALA I 34 36.25 -38.09 7.23
CA ALA I 34 37.35 -38.70 6.49
C ALA I 34 36.98 -40.07 5.95
N PHE I 35 36.31 -40.88 6.76
CA PHE I 35 35.81 -42.18 6.30
C PHE I 35 34.81 -42.01 5.15
N ALA I 36 33.89 -41.06 5.27
CA ALA I 36 32.97 -40.75 4.18
C ALA I 36 33.69 -40.34 2.88
N HIS I 37 34.65 -39.43 2.97
CA HIS I 37 35.41 -39.02 1.78
C HIS I 37 36.19 -40.19 1.17
N LEU I 38 36.81 -41.03 2.00
CA LEU I 38 37.52 -42.20 1.49
C LEU I 38 36.59 -43.13 0.70
N LEU I 39 35.42 -43.47 1.25
CA LEU I 39 34.49 -44.34 0.55
C LEU I 39 33.98 -43.71 -0.74
N VAL I 40 33.69 -42.41 -0.73
CA VAL I 40 33.27 -41.73 -1.96
C VAL I 40 34.38 -41.74 -3.01
N TRP I 41 35.63 -41.53 -2.59
CA TRP I 41 36.75 -41.61 -3.53
C TRP I 41 36.87 -42.99 -4.16
N ILE I 42 36.78 -44.04 -3.35
CA ILE I 42 36.82 -45.41 -3.87
C ILE I 42 35.69 -45.65 -4.86
N TRP I 43 34.50 -45.10 -4.59
CA TRP I 43 33.39 -45.22 -5.56
C TRP I 43 33.68 -44.43 -6.84
N ARG I 44 33.85 -43.11 -6.72
CA ARG I 44 34.14 -42.26 -7.87
C ARG I 44 35.09 -41.14 -7.46
N PRO I 45 36.35 -41.19 -7.86
CA PRO I 45 37.27 -40.10 -7.56
C PRO I 45 36.88 -38.81 -8.27
N TRP I 46 37.27 -37.69 -7.67
CA TRP I 46 36.81 -36.36 -8.10
C TRP I 46 37.94 -35.47 -8.61
N VAL I 47 39.10 -36.03 -8.95
CA VAL I 47 40.12 -35.30 -9.70
C VAL I 47 40.23 -35.93 -11.09
N PRO I 48 39.81 -35.25 -12.14
CA PRO I 48 39.88 -35.83 -13.49
C PRO I 48 41.29 -35.84 -14.06
N GLY I 49 41.53 -36.80 -14.95
CA GLY I 49 42.77 -36.84 -15.71
C GLY I 49 42.78 -35.84 -16.85
N PRO I 50 43.87 -35.88 -17.63
CA PRO I 50 43.98 -34.95 -18.77
C PRO I 50 42.86 -35.09 -19.78
N ASN I 51 42.44 -36.32 -20.06
CA ASN I 51 41.33 -36.60 -20.97
C ASN I 51 39.97 -36.48 -20.31
N GLY I 52 39.90 -35.86 -19.13
CA GLY I 52 38.71 -35.85 -18.31
C GLY I 52 38.49 -37.16 -17.58
N TYR I 53 37.23 -37.41 -17.25
CA TYR I 53 36.85 -38.69 -16.65
C TYR I 53 36.66 -39.77 -17.69
N FME J 1 -53.32 20.09 10.96
CN FME J 1 -53.30 20.24 12.33
O1 FME J 1 -52.34 19.89 13.03
CA FME J 1 -52.27 19.48 10.17
CB FME J 1 -52.61 19.52 8.67
CG FME J 1 -51.84 18.51 7.86
SD FME J 1 -52.46 16.89 8.19
CE FME J 1 -51.77 15.97 6.87
C FME J 1 -50.91 20.16 10.36
O FME J 1 -49.83 19.57 10.22
N TRP J 2 -50.97 21.44 10.70
CA TRP J 2 -49.80 22.26 11.01
C TRP J 2 -48.89 21.74 12.14
N ARG J 3 -49.40 20.87 13.00
CA ARG J 3 -48.57 20.27 14.05
C ARG J 3 -47.42 19.45 13.48
N ILE J 4 -47.55 18.95 12.24
CA ILE J 4 -46.45 18.27 11.56
C ILE J 4 -45.20 19.13 11.51
N TRP J 5 -45.36 20.44 11.33
CA TRP J 5 -44.23 21.35 11.24
C TRP J 5 -43.59 21.67 12.58
N GLN J 6 -44.18 21.24 13.69
CA GLN J 6 -43.47 21.20 14.96
C GLN J 6 -42.76 19.86 15.16
N LEU J 7 -43.29 18.80 14.55
CA LEU J 7 -42.70 17.47 14.64
C LEU J 7 -41.53 17.29 13.66
N PHE J 8 -41.62 17.87 12.47
CA PHE J 8 -40.52 17.93 11.50
C PHE J 8 -40.12 19.38 11.29
N ASP J 9 -38.83 19.68 11.48
CA ASP J 9 -38.32 21.04 11.37
C ASP J 9 -38.36 21.52 9.92
N PRO J 10 -39.06 22.64 9.63
CA PRO J 10 -39.08 23.18 8.26
C PRO J 10 -37.72 23.48 7.66
N ARG J 11 -36.71 23.81 8.47
CA ARG J 11 -35.37 23.98 7.94
C ARG J 11 -34.86 22.68 7.33
N GLN J 12 -35.00 21.58 8.06
CA GLN J 12 -34.51 20.29 7.61
C GLN J 12 -35.35 19.76 6.45
N ALA J 13 -36.68 19.88 6.57
CA ALA J 13 -37.58 19.32 5.56
C ALA J 13 -37.40 19.98 4.19
N LEU J 14 -37.44 21.32 4.14
CA LEU J 14 -37.34 21.99 2.84
C LEU J 14 -35.98 21.80 2.17
N VAL J 15 -34.90 21.69 2.93
CA VAL J 15 -33.60 21.38 2.33
C VAL J 15 -33.58 19.96 1.77
N GLY J 16 -34.05 18.99 2.55
CA GLY J 16 -34.10 17.62 2.07
C GLY J 16 -35.00 17.45 0.87
N LEU J 17 -36.19 18.04 0.93
CA LEU J 17 -37.15 17.96 -0.17
C LEU J 17 -36.65 18.63 -1.44
N ALA J 18 -36.08 19.83 -1.32
CA ALA J 18 -35.51 20.49 -2.50
C ALA J 18 -34.36 19.69 -3.11
N THR J 19 -33.49 19.12 -2.28
CA THR J 19 -32.41 18.28 -2.79
C THR J 19 -32.96 17.05 -3.51
N PHE J 20 -33.94 16.39 -2.90
CA PHE J 20 -34.59 15.22 -3.50
C PHE J 20 -35.24 15.56 -4.83
N LEU J 21 -36.05 16.62 -4.87
CA LEU J 21 -36.76 16.98 -6.09
C LEU J 21 -35.82 17.39 -7.22
N PHE J 22 -34.72 18.09 -6.91
CA PHE J 22 -33.75 18.42 -7.95
C PHE J 22 -33.09 17.18 -8.56
N VAL J 23 -32.61 16.27 -7.71
CA VAL J 23 -31.97 15.05 -8.20
C VAL J 23 -32.93 14.22 -9.04
N LEU J 24 -34.17 14.08 -8.59
CA LEU J 24 -35.18 13.37 -9.38
C LEU J 24 -35.46 14.06 -10.71
N ALA J 25 -35.65 15.39 -10.70
CA ALA J 25 -35.87 16.11 -11.95
C ALA J 25 -34.71 15.95 -12.91
N LEU J 26 -33.48 16.05 -12.40
CA LEU J 26 -32.30 15.91 -13.24
C LEU J 26 -32.21 14.51 -13.85
N LEU J 27 -32.46 13.48 -13.05
CA LEU J 27 -32.56 12.11 -13.55
C LEU J 27 -33.55 11.98 -14.71
N ILE J 28 -34.76 12.51 -14.55
CA ILE J 28 -35.78 12.36 -15.59
C ILE J 28 -35.40 13.08 -16.89
N HIS J 29 -34.86 14.30 -16.81
CA HIS J 29 -34.41 14.97 -18.04
C HIS J 29 -33.29 14.18 -18.75
N PHE J 30 -32.31 13.64 -18.01
CA PHE J 30 -31.29 12.79 -18.64
C PHE J 30 -31.84 11.50 -19.24
N ILE J 31 -32.82 10.87 -18.60
CA ILE J 31 -33.48 9.72 -19.21
C ILE J 31 -34.15 10.08 -20.53
N LEU J 32 -34.84 11.22 -20.58
CA LEU J 32 -35.49 11.63 -21.82
C LEU J 32 -34.48 11.93 -22.93
N LEU J 33 -33.37 12.60 -22.59
CA LEU J 33 -32.29 12.77 -23.54
C LEU J 33 -31.66 11.46 -23.99
N SER J 34 -31.78 10.38 -23.22
CA SER J 34 -31.31 9.08 -23.70
C SER J 34 -32.15 8.52 -24.84
N THR J 35 -33.39 8.97 -25.01
CA THR J 35 -34.32 8.38 -25.97
C THR J 35 -34.21 9.07 -27.32
N GLU J 36 -34.73 8.39 -28.35
CA GLU J 36 -34.93 9.03 -29.65
C GLU J 36 -36.12 9.99 -29.64
N ARG J 37 -37.29 9.49 -29.19
CA ARG J 37 -38.53 10.25 -29.32
C ARG J 37 -38.53 11.56 -28.51
N PHE J 38 -37.93 11.56 -27.33
CA PHE J 38 -38.05 12.70 -26.42
C PHE J 38 -36.76 13.50 -26.24
N ASN J 39 -35.71 13.21 -26.99
CA ASN J 39 -34.52 14.07 -26.99
C ASN J 39 -34.81 15.32 -27.80
N TRP J 40 -35.29 16.37 -27.11
CA TRP J 40 -35.68 17.61 -27.77
C TRP J 40 -34.52 18.33 -28.45
N LEU J 41 -33.29 18.09 -28.01
CA LEU J 41 -32.13 18.76 -28.59
C LEU J 41 -31.74 18.16 -29.93
N GLU J 42 -31.76 16.83 -30.03
CA GLU J 42 -31.48 16.14 -31.29
C GLU J 42 -32.68 16.19 -32.24
N GLY J 43 -33.89 16.03 -31.71
CA GLY J 43 -35.12 16.23 -32.46
C GLY J 43 -35.29 15.35 -33.68
N ALA J 44 -35.19 14.04 -33.48
CA ALA J 44 -35.55 13.06 -34.49
C ALA J 44 -37.03 13.14 -34.86
N SER J 45 -37.33 12.66 -36.07
CA SER J 45 -38.69 12.59 -36.59
C SER J 45 -39.51 11.50 -35.90
N THR J 46 -40.82 11.73 -35.78
CA THR J 46 -41.72 10.74 -35.20
C THR J 46 -42.02 9.62 -36.19
N FME K 1 29.57 -34.98 28.79
CN FME K 1 29.92 -34.22 29.89
O1 FME K 1 29.59 -33.04 30.04
CA FME K 1 28.76 -34.51 27.69
CB FME K 1 28.52 -35.64 26.67
CG FME K 1 27.77 -35.19 25.44
SD FME K 1 28.74 -33.97 24.60
CE FME K 1 29.87 -34.95 23.70
C FME K 1 27.41 -33.94 28.13
O FME K 1 26.83 -33.04 27.52
N TRP K 2 26.90 -34.50 29.22
CA TRP K 2 25.65 -34.03 29.84
C TRP K 2 25.61 -32.54 30.22
N ARG K 3 26.79 -31.92 30.38
CA ARG K 3 26.84 -30.49 30.62
C ARG K 3 26.30 -29.65 29.45
N ILE K 4 26.14 -30.24 28.27
CA ILE K 4 25.46 -29.54 27.17
C ILE K 4 24.04 -29.14 27.55
N TRP K 5 23.41 -29.87 28.47
CA TRP K 5 22.07 -29.52 28.95
C TRP K 5 22.09 -28.45 30.03
N GLN K 6 23.25 -28.17 30.63
CA GLN K 6 23.41 -26.93 31.39
C GLN K 6 23.60 -25.74 30.47
N LEU K 7 24.17 -25.97 29.28
CA LEU K 7 24.38 -24.92 28.30
C LEU K 7 23.13 -24.60 27.49
N PHE K 8 22.32 -25.61 27.16
CA PHE K 8 21.10 -25.43 26.37
C PHE K 8 19.89 -26.01 27.10
N ASP K 9 18.76 -25.30 27.01
CA ASP K 9 17.51 -25.73 27.62
C ASP K 9 16.98 -27.00 26.96
N PRO K 10 16.82 -28.10 27.72
CA PRO K 10 16.25 -29.33 27.14
C PRO K 10 14.93 -29.17 26.39
N ARG K 11 14.03 -28.31 26.86
CA ARG K 11 12.75 -28.11 26.16
C ARG K 11 12.95 -27.47 24.79
N GLN K 12 13.77 -26.42 24.73
CA GLN K 12 14.08 -25.78 23.45
C GLN K 12 14.82 -26.74 22.52
N ALA K 13 15.74 -27.54 23.06
CA ALA K 13 16.46 -28.52 22.27
C ALA K 13 15.54 -29.54 21.60
N LEU K 14 14.61 -30.11 22.38
CA LEU K 14 13.66 -31.08 21.82
C LEU K 14 12.74 -30.45 20.78
N VAL K 15 12.22 -29.25 21.05
CA VAL K 15 11.39 -28.55 20.06
C VAL K 15 12.19 -28.26 18.80
N GLY K 16 13.43 -27.82 18.96
CA GLY K 16 14.29 -27.56 17.80
C GLY K 16 14.60 -28.81 16.99
N LEU K 17 15.02 -29.87 17.66
CA LEU K 17 15.28 -31.13 16.99
C LEU K 17 14.06 -31.69 16.29
N ALA K 18 12.90 -31.70 16.96
CA ALA K 18 11.69 -32.23 16.33
C ALA K 18 11.33 -31.44 15.07
N THR K 19 11.41 -30.12 15.12
CA THR K 19 11.15 -29.30 13.94
C THR K 19 12.16 -29.58 12.83
N PHE K 20 13.44 -29.56 13.17
CA PHE K 20 14.51 -29.81 12.20
C PHE K 20 14.38 -31.19 11.55
N LEU K 21 14.24 -32.24 12.37
CA LEU K 21 14.19 -33.59 11.84
C LEU K 21 12.96 -33.84 10.98
N PHE K 22 11.80 -33.31 11.36
CA PHE K 22 10.61 -33.46 10.49
C PHE K 22 10.79 -32.76 9.15
N VAL K 23 11.24 -31.50 9.16
CA VAL K 23 11.44 -30.77 7.92
C VAL K 23 12.50 -31.43 7.04
N LEU K 24 13.59 -31.91 7.65
CA LEU K 24 14.58 -32.67 6.91
C LEU K 24 14.01 -33.96 6.32
N ALA K 25 13.29 -34.74 7.14
CA ALA K 25 12.70 -35.99 6.65
C ALA K 25 11.73 -35.74 5.50
N LEU K 26 10.85 -34.74 5.67
CA LEU K 26 9.90 -34.39 4.62
C LEU K 26 10.58 -33.98 3.33
N LEU K 27 11.63 -33.16 3.42
CA LEU K 27 12.45 -32.82 2.27
C LEU K 27 12.99 -34.06 1.55
N ILE K 28 13.59 -34.99 2.30
CA ILE K 28 14.17 -36.18 1.67
C ILE K 28 13.11 -37.04 0.98
N HIS K 29 11.94 -37.24 1.61
CA HIS K 29 10.89 -37.99 0.93
C HIS K 29 10.44 -37.29 -0.36
N PHE K 30 10.26 -35.97 -0.34
CA PHE K 30 9.93 -35.25 -1.58
C PHE K 30 11.05 -35.32 -2.63
N ILE K 31 12.31 -35.27 -2.21
CA ILE K 31 13.41 -35.47 -3.15
C ILE K 31 13.32 -36.83 -3.84
N LEU K 32 13.11 -37.90 -3.07
CA LEU K 32 12.99 -39.23 -3.65
C LEU K 32 11.80 -39.35 -4.59
N LEU K 33 10.65 -38.78 -4.24
CA LEU K 33 9.51 -38.77 -5.15
C LEU K 33 9.80 -38.06 -6.47
N SER K 34 10.67 -37.05 -6.46
CA SER K 34 11.05 -36.42 -7.73
C SER K 34 11.89 -37.36 -8.62
N THR K 35 12.63 -38.29 -8.03
CA THR K 35 13.46 -39.19 -8.82
C THR K 35 12.60 -40.25 -9.52
N GLU K 36 13.11 -40.75 -10.64
CA GLU K 36 12.47 -41.90 -11.30
C GLU K 36 12.70 -43.20 -10.51
N ARG K 37 13.95 -43.47 -10.14
CA ARG K 37 14.31 -44.74 -9.52
C ARG K 37 13.62 -44.97 -8.18
N PHE K 38 13.49 -43.94 -7.35
CA PHE K 38 13.01 -44.10 -5.99
C PHE K 38 11.58 -43.61 -5.74
N ASN K 39 10.89 -43.09 -6.75
CA ASN K 39 9.48 -42.75 -6.60
C ASN K 39 8.67 -44.03 -6.49
N TRP K 40 8.40 -44.44 -5.25
CA TRP K 40 7.70 -45.69 -4.96
C TRP K 40 6.23 -45.64 -5.35
N LEU K 41 5.62 -44.46 -5.38
CA LEU K 41 4.21 -44.36 -5.74
C LEU K 41 3.99 -44.55 -7.24
N GLU K 42 4.91 -44.04 -8.07
CA GLU K 42 4.84 -44.26 -9.50
C GLU K 42 5.50 -45.57 -9.94
N GLY K 43 6.56 -45.99 -9.25
CA GLY K 43 7.13 -47.32 -9.42
C GLY K 43 7.62 -47.67 -10.82
N ALA K 44 8.40 -46.79 -11.42
CA ALA K 44 9.05 -47.07 -12.69
C ALA K 44 9.94 -48.30 -12.63
N SER K 45 10.10 -48.95 -13.78
CA SER K 45 11.00 -50.08 -13.95
C SER K 45 12.47 -49.67 -13.87
N THR K 46 13.30 -50.57 -13.34
CA THR K 46 14.75 -50.53 -13.53
C THR K 46 15.09 -51.24 -14.84
N LYS K 47 14.87 -50.54 -15.95
CA LYS K 47 14.98 -51.13 -17.28
C LYS K 47 16.41 -51.54 -17.62
N FME L 1 10.38 -41.84 30.72
CN FME L 1 10.72 -41.53 32.02
O1 FME L 1 10.80 -40.35 32.43
CA FME L 1 10.09 -40.82 29.74
CB FME L 1 10.02 -41.40 28.31
CG FME L 1 10.20 -40.31 27.28
SD FME L 1 10.78 -40.98 25.76
CE FME L 1 10.00 -39.92 24.60
C FME L 1 8.77 -40.07 29.99
O FME L 1 8.48 -39.04 29.38
N TRP L 2 7.97 -40.58 30.92
CA TRP L 2 6.84 -39.82 31.46
C TRP L 2 7.20 -38.42 31.95
N ARG L 3 8.47 -38.22 32.30
CA ARG L 3 9.00 -36.90 32.60
C ARG L 3 8.87 -35.89 31.46
N ILE L 4 8.63 -36.35 30.22
CA ILE L 4 8.36 -35.43 29.12
C ILE L 4 7.13 -34.57 29.37
N TRP L 5 6.15 -35.07 30.13
CA TRP L 5 4.97 -34.29 30.47
C TRP L 5 5.24 -33.28 31.59
N GLN L 6 6.40 -33.31 32.20
CA GLN L 6 6.88 -32.18 33.00
C GLN L 6 7.58 -31.13 32.15
N LEU L 7 8.15 -31.52 31.01
CA LEU L 7 8.66 -30.55 30.05
C LEU L 7 7.54 -29.85 29.29
N PHE L 8 6.53 -30.60 28.85
CA PHE L 8 5.49 -30.09 27.97
C PHE L 8 4.11 -30.21 28.60
N ASP L 9 3.29 -29.18 28.39
CA ASP L 9 1.89 -29.20 28.85
C ASP L 9 1.08 -30.22 28.06
N PRO L 10 0.51 -31.24 28.71
CA PRO L 10 -0.31 -32.23 28.00
C PRO L 10 -1.43 -31.66 27.15
N ARG L 11 -2.08 -30.58 27.60
CA ARG L 11 -3.18 -29.99 26.85
C ARG L 11 -2.70 -29.41 25.52
N GLN L 12 -1.63 -28.62 25.55
CA GLN L 12 -1.06 -28.06 24.34
C GLN L 12 -0.47 -29.15 23.45
N ALA L 13 0.15 -30.16 24.05
CA ALA L 13 0.69 -31.29 23.29
C ALA L 13 -0.37 -32.00 22.47
N LEU L 14 -1.50 -32.37 23.10
CA LEU L 14 -2.56 -33.06 22.36
C LEU L 14 -3.16 -32.20 21.25
N VAL L 15 -3.36 -30.90 21.50
CA VAL L 15 -3.86 -30.01 20.43
C VAL L 15 -2.88 -29.96 19.27
N GLY L 16 -1.60 -29.73 19.56
CA GLY L 16 -0.61 -29.67 18.50
C GLY L 16 -0.46 -30.98 17.76
N LEU L 17 -0.40 -32.08 18.50
CA LEU L 17 -0.28 -33.41 17.91
C LEU L 17 -1.47 -33.76 17.02
N ALA L 18 -2.70 -33.52 17.50
CA ALA L 18 -3.87 -33.76 16.67
C ALA L 18 -3.90 -32.88 15.43
N THR L 19 -3.52 -31.62 15.56
CA THR L 19 -3.43 -30.73 14.39
C THR L 19 -2.40 -31.25 13.39
N PHE L 20 -1.20 -31.58 13.86
CA PHE L 20 -0.16 -32.16 13.02
C PHE L 20 -0.63 -33.45 12.34
N LEU L 21 -1.18 -34.38 13.12
CA LEU L 21 -1.58 -35.67 12.55
C LEU L 21 -2.70 -35.54 11.53
N PHE L 22 -3.69 -34.68 11.78
CA PHE L 22 -4.73 -34.47 10.77
C PHE L 22 -4.19 -33.90 9.47
N VAL L 23 -3.37 -32.84 9.55
CA VAL L 23 -2.81 -32.24 8.35
C VAL L 23 -1.92 -33.22 7.60
N LEU L 24 -1.10 -33.99 8.32
CA LEU L 24 -0.30 -35.03 7.70
C LEU L 24 -1.15 -36.08 7.00
N ALA L 25 -2.17 -36.61 7.69
CA ALA L 25 -3.07 -37.59 7.10
C ALA L 25 -3.77 -37.04 5.86
N LEU L 26 -4.29 -35.81 5.96
CA LEU L 26 -4.96 -35.19 4.82
C LEU L 26 -4.03 -35.00 3.63
N LEU L 27 -2.78 -34.59 3.89
CA LEU L 27 -1.77 -34.51 2.84
C LEU L 27 -1.54 -35.87 2.17
N ILE L 28 -1.35 -36.92 2.95
CA ILE L 28 -1.09 -38.24 2.38
C ILE L 28 -2.25 -38.74 1.52
N HIS L 29 -3.50 -38.58 1.98
CA HIS L 29 -4.63 -38.99 1.14
C HIS L 29 -4.67 -38.21 -0.19
N PHE L 30 -4.46 -36.89 -0.15
CA PHE L 30 -4.41 -36.12 -1.40
C PHE L 30 -3.23 -36.49 -2.31
N ILE L 31 -2.07 -36.81 -1.73
CA ILE L 31 -0.96 -37.34 -2.54
C ILE L 31 -1.37 -38.63 -3.26
N LEU L 32 -2.00 -39.56 -2.57
CA LEU L 32 -2.45 -40.80 -3.20
C LEU L 32 -3.48 -40.55 -4.30
N LEU L 33 -4.43 -39.65 -4.08
CA LEU L 33 -5.37 -39.27 -5.13
C LEU L 33 -4.67 -38.66 -6.35
N SER L 34 -3.53 -38.01 -6.18
CA SER L 34 -2.79 -37.50 -7.33
C SER L 34 -2.12 -38.62 -8.14
N THR L 35 -1.99 -39.83 -7.60
CA THR L 35 -1.38 -40.93 -8.33
C THR L 35 -2.40 -41.67 -9.18
N GLU L 36 -1.91 -42.35 -10.22
CA GLU L 36 -2.74 -43.27 -10.99
C GLU L 36 -3.01 -44.57 -10.23
N ARG L 37 -1.97 -45.16 -9.65
CA ARG L 37 -2.10 -46.47 -9.00
C ARG L 37 -3.01 -46.45 -7.78
N PHE L 38 -2.96 -45.39 -6.97
CA PHE L 38 -3.62 -45.39 -5.68
C PHE L 38 -4.85 -44.49 -5.58
N ASN L 39 -5.21 -43.76 -6.62
CA ASN L 39 -6.48 -43.03 -6.61
C ASN L 39 -7.62 -44.04 -6.66
N TRP L 40 -8.25 -44.27 -5.50
CA TRP L 40 -9.36 -45.20 -5.38
C TRP L 40 -10.67 -44.67 -5.96
N LEU L 41 -10.82 -43.35 -6.08
CA LEU L 41 -12.06 -42.77 -6.58
C LEU L 41 -12.15 -42.83 -8.11
N GLU L 42 -11.04 -42.61 -8.80
CA GLU L 42 -11.00 -42.75 -10.25
C GLU L 42 -10.71 -44.19 -10.68
N GLY L 43 -9.98 -44.94 -9.87
CA GLY L 43 -9.82 -46.37 -10.01
C GLY L 43 -9.34 -46.87 -11.36
N ALA L 44 -8.18 -46.39 -11.79
CA ALA L 44 -7.49 -46.91 -12.95
C ALA L 44 -7.10 -48.38 -12.75
N SER L 45 -6.94 -49.08 -13.87
CA SER L 45 -6.45 -50.46 -13.85
C SER L 45 -4.95 -50.53 -13.57
N THR L 46 -4.53 -51.60 -12.92
CA THR L 46 -3.12 -51.80 -12.59
C THR L 46 -2.30 -52.08 -13.83
N FME M 1 -10.65 -42.51 30.36
CN FME M 1 -10.12 -42.29 31.61
O1 FME M 1 -9.60 -41.20 31.93
CA FME M 1 -10.64 -41.53 29.31
CB FME M 1 -11.19 -42.10 27.99
CG FME M 1 -10.19 -43.01 27.32
SD FME M 1 -8.81 -42.04 26.80
CE FME M 1 -9.43 -41.26 25.36
C FME M 1 -11.44 -40.27 29.63
O FME M 1 -11.23 -39.20 29.07
N TRP M 2 -12.39 -40.41 30.56
CA TRP M 2 -13.21 -39.29 31.03
C TRP M 2 -12.41 -38.09 31.54
N ARG M 3 -11.16 -38.33 31.93
CA ARG M 3 -10.25 -37.27 32.33
C ARG M 3 -9.97 -36.25 31.22
N ILE M 4 -10.20 -36.61 29.96
CA ILE M 4 -10.06 -35.64 28.87
C ILE M 4 -10.98 -34.44 29.03
N TRP M 5 -12.16 -34.62 29.62
CA TRP M 5 -13.09 -33.54 29.87
C TRP M 5 -12.70 -32.64 31.03
N GLN M 6 -11.64 -32.99 31.76
CA GLN M 6 -11.01 -32.04 32.67
C GLN M 6 -9.89 -31.26 32.00
N LEU M 7 -9.23 -31.84 31.01
CA LEU M 7 -8.28 -31.07 30.19
C LEU M 7 -8.97 -30.07 29.27
N PHE M 8 -10.15 -30.41 28.74
CA PHE M 8 -10.85 -29.54 27.78
C PHE M 8 -12.28 -29.27 28.22
N ASP M 9 -12.68 -28.00 28.11
CA ASP M 9 -14.06 -27.58 28.32
C ASP M 9 -15.00 -28.29 27.34
N PRO M 10 -15.98 -29.06 27.82
CA PRO M 10 -16.90 -29.76 26.91
C PRO M 10 -17.65 -28.87 25.93
N ARG M 11 -17.93 -27.62 26.29
CA ARG M 11 -18.62 -26.72 25.36
C ARG M 11 -17.74 -26.41 24.15
N GLN M 12 -16.48 -26.04 24.39
CA GLN M 12 -15.55 -25.80 23.29
C GLN M 12 -15.29 -27.09 22.51
N ALA M 13 -15.15 -28.22 23.20
CA ALA M 13 -14.93 -29.49 22.54
C ALA M 13 -16.06 -29.86 21.58
N LEU M 14 -17.32 -29.75 22.03
CA LEU M 14 -18.45 -30.10 21.17
C LEU M 14 -18.61 -29.16 19.98
N VAL M 15 -18.49 -27.85 20.19
CA VAL M 15 -18.62 -26.93 19.06
C VAL M 15 -17.45 -27.08 18.09
N GLY M 16 -16.24 -27.27 18.62
CA GLY M 16 -15.09 -27.51 17.75
C GLY M 16 -15.23 -28.79 16.96
N LEU M 17 -15.61 -29.87 17.63
CA LEU M 17 -15.81 -31.15 16.96
C LEU M 17 -16.91 -31.09 15.91
N ALA M 18 -18.06 -30.48 16.26
CA ALA M 18 -19.14 -30.32 15.28
C ALA M 18 -18.71 -29.50 14.07
N THR M 19 -17.92 -28.45 14.30
CA THR M 19 -17.37 -27.67 13.19
C THR M 19 -16.43 -28.50 12.33
N PHE M 20 -15.50 -29.21 12.96
CA PHE M 20 -14.58 -30.09 12.24
C PHE M 20 -15.31 -31.13 11.41
N LEU M 21 -16.26 -31.84 12.02
CA LEU M 21 -16.97 -32.91 11.34
C LEU M 21 -17.85 -32.40 10.20
N PHE M 22 -18.49 -31.24 10.35
CA PHE M 22 -19.23 -30.67 9.23
C PHE M 22 -18.33 -30.33 8.05
N VAL M 23 -17.24 -29.62 8.30
CA VAL M 23 -16.33 -29.23 7.22
C VAL M 23 -15.73 -30.46 6.54
N LEU M 24 -15.36 -31.47 7.33
CA LEU M 24 -14.90 -32.73 6.75
C LEU M 24 -15.97 -33.40 5.90
N ALA M 25 -17.19 -33.54 6.43
CA ALA M 25 -18.28 -34.14 5.67
C ALA M 25 -18.56 -33.36 4.39
N LEU M 26 -18.59 -32.03 4.47
CA LEU M 26 -18.83 -31.20 3.30
C LEU M 26 -17.75 -31.38 2.24
N LEU M 27 -16.48 -31.43 2.66
CA LEU M 27 -15.38 -31.74 1.75
C LEU M 27 -15.56 -33.09 1.05
N ILE M 28 -15.91 -34.14 1.79
CA ILE M 28 -16.08 -35.45 1.17
C ILE M 28 -17.23 -35.47 0.16
N HIS M 29 -18.38 -34.86 0.48
CA HIS M 29 -19.46 -34.81 -0.50
C HIS M 29 -19.04 -34.04 -1.77
N PHE M 30 -18.36 -32.90 -1.62
CA PHE M 30 -17.83 -32.18 -2.78
C PHE M 30 -16.77 -32.96 -3.56
N ILE M 31 -15.91 -33.72 -2.88
CA ILE M 31 -14.96 -34.58 -3.58
C ILE M 31 -15.68 -35.61 -4.45
N LEU M 32 -16.69 -36.28 -3.89
CA LEU M 32 -17.47 -37.25 -4.66
C LEU M 32 -18.17 -36.61 -5.86
N LEU M 33 -18.75 -35.41 -5.68
CA LEU M 33 -19.33 -34.69 -6.81
C LEU M 33 -18.31 -34.35 -7.89
N SER M 34 -17.04 -34.19 -7.53
CA SER M 34 -16.01 -33.96 -8.53
C SER M 34 -15.61 -35.22 -9.31
N THR M 35 -16.05 -36.40 -8.90
CA THR M 35 -15.79 -37.62 -9.64
C THR M 35 -16.92 -37.93 -10.62
N GLU M 36 -16.59 -38.74 -11.62
CA GLU M 36 -17.60 -39.29 -12.52
C GLU M 36 -18.40 -40.41 -11.84
N ARG M 37 -17.70 -41.35 -11.23
CA ARG M 37 -18.34 -42.55 -10.67
C ARG M 37 -19.34 -42.24 -9.56
N PHE M 38 -19.03 -41.29 -8.69
CA PHE M 38 -19.81 -41.08 -7.46
C PHE M 38 -20.65 -39.81 -7.46
N ASN M 39 -20.66 -39.02 -8.52
CA ASN M 39 -21.56 -37.87 -8.60
C ASN M 39 -22.99 -38.37 -8.81
N TRP M 40 -23.75 -38.46 -7.71
CA TRP M 40 -25.12 -38.94 -7.76
C TRP M 40 -26.07 -37.99 -8.48
N LEU M 41 -25.74 -36.70 -8.55
CA LEU M 41 -26.64 -35.74 -9.19
C LEU M 41 -26.53 -35.79 -10.72
N GLU M 42 -25.36 -36.02 -11.26
CA GLU M 42 -25.20 -36.18 -12.70
C GLU M 42 -25.43 -37.62 -13.16
N GLY M 43 -24.95 -38.60 -12.39
CA GLY M 43 -25.34 -39.98 -12.57
C GLY M 43 -24.89 -40.65 -13.85
N ALA M 44 -23.59 -40.58 -14.13
CA ALA M 44 -22.97 -41.34 -15.21
C ALA M 44 -23.13 -42.85 -15.00
N SER M 45 -22.97 -43.59 -16.10
CA SER M 45 -22.97 -45.05 -16.08
C SER M 45 -21.68 -45.62 -15.52
N THR M 46 -21.80 -46.80 -14.89
CA THR M 46 -20.64 -47.65 -14.59
C THR M 46 -20.33 -48.54 -15.80
N LYS M 47 -19.58 -47.98 -16.75
CA LYS M 47 -19.35 -48.60 -18.05
C LYS M 47 -18.78 -50.01 -17.94
N FME N 1 -30.99 -36.27 27.31
CN FME N 1 -30.98 -36.56 28.65
O1 FME N 1 -30.17 -36.05 29.43
CA FME N 1 -30.04 -35.37 26.73
CB FME N 1 -29.69 -35.77 25.28
CG FME N 1 -28.84 -37.01 25.31
SD FME N 1 -28.24 -37.36 23.68
CE FME N 1 -27.05 -36.09 23.44
C FME N 1 -30.52 -33.91 26.75
O FME N 1 -29.99 -33.02 26.09
N TRP N 2 -31.55 -33.69 27.55
CA TRP N 2 -31.94 -32.34 28.00
C TRP N 2 -30.82 -31.60 28.73
N ARG N 3 -29.90 -32.36 29.29
CA ARG N 3 -28.67 -31.82 29.89
C ARG N 3 -27.81 -31.01 28.92
N ILE N 4 -28.02 -31.15 27.61
CA ILE N 4 -27.29 -30.30 26.67
C ILE N 4 -27.66 -28.83 26.81
N TRP N 5 -28.85 -28.52 27.30
CA TRP N 5 -29.24 -27.16 27.58
C TRP N 5 -28.69 -26.64 28.90
N GLN N 6 -28.15 -27.52 29.75
CA GLN N 6 -27.33 -27.10 30.87
C GLN N 6 -25.90 -26.77 30.44
N LEU N 7 -25.45 -27.29 29.30
CA LEU N 7 -24.19 -26.85 28.70
C LEU N 7 -24.36 -25.56 27.90
N PHE N 8 -25.35 -25.51 27.01
CA PHE N 8 -25.47 -24.46 26.01
C PHE N 8 -26.69 -23.58 26.28
N ASP N 9 -26.50 -22.28 26.11
CA ASP N 9 -27.60 -21.31 26.11
C ASP N 9 -28.58 -21.65 24.99
N PRO N 10 -29.83 -21.98 25.31
CA PRO N 10 -30.82 -22.30 24.25
C PRO N 10 -30.97 -21.23 23.19
N ARG N 11 -30.87 -19.96 23.57
CA ARG N 11 -30.96 -18.87 22.61
C ARG N 11 -29.83 -18.92 21.60
N GLN N 12 -28.61 -19.21 22.05
CA GLN N 12 -27.47 -19.33 21.14
C GLN N 12 -27.58 -20.56 20.24
N ALA N 13 -28.07 -21.67 20.78
CA ALA N 13 -28.34 -22.85 19.97
C ALA N 13 -29.34 -22.57 18.85
N LEU N 14 -30.44 -21.86 19.16
CA LEU N 14 -31.41 -21.52 18.13
C LEU N 14 -30.85 -20.56 17.09
N VAL N 15 -30.11 -19.52 17.51
CA VAL N 15 -29.45 -18.65 16.55
C VAL N 15 -28.49 -19.43 15.67
N GLY N 16 -27.72 -20.33 16.27
CA GLY N 16 -26.78 -21.12 15.51
C GLY N 16 -27.44 -22.06 14.53
N LEU N 17 -28.47 -22.77 14.97
CA LEU N 17 -29.24 -23.64 14.07
C LEU N 17 -29.89 -22.87 12.93
N ALA N 18 -30.61 -21.80 13.23
CA ALA N 18 -31.26 -21.02 12.17
C ALA N 18 -30.25 -20.53 11.13
N THR N 19 -29.12 -20.01 11.59
CA THR N 19 -28.06 -19.60 10.68
C THR N 19 -27.56 -20.77 9.84
N PHE N 20 -27.15 -21.85 10.50
CA PHE N 20 -26.60 -23.03 9.81
C PHE N 20 -27.60 -23.62 8.83
N LEU N 21 -28.83 -23.87 9.28
CA LEU N 21 -29.82 -24.53 8.43
C LEU N 21 -30.20 -23.71 7.22
N PHE N 22 -30.38 -22.39 7.37
CA PHE N 22 -30.65 -21.55 6.20
C PHE N 22 -29.54 -21.62 5.16
N VAL N 23 -28.29 -21.45 5.59
CA VAL N 23 -27.17 -21.47 4.65
C VAL N 23 -27.01 -22.85 4.01
N LEU N 24 -27.19 -23.91 4.79
CA LEU N 24 -27.15 -25.26 4.21
C LEU N 24 -28.25 -25.48 3.18
N ALA N 25 -29.48 -25.09 3.51
CA ALA N 25 -30.60 -25.21 2.57
C ALA N 25 -30.35 -24.40 1.30
N LEU N 26 -29.91 -23.16 1.46
CA LEU N 26 -29.64 -22.30 0.32
C LEU N 26 -28.53 -22.88 -0.56
N LEU N 27 -27.50 -23.45 0.05
CA LEU N 27 -26.46 -24.16 -0.69
C LEU N 27 -27.05 -25.32 -1.50
N ILE N 28 -27.86 -26.17 -0.88
CA ILE N 28 -28.42 -27.33 -1.58
C ILE N 28 -29.31 -26.91 -2.74
N HIS N 29 -30.20 -25.94 -2.52
CA HIS N 29 -31.03 -25.45 -3.64
C HIS N 29 -30.18 -24.89 -4.79
N PHE N 30 -29.12 -24.12 -4.48
CA PHE N 30 -28.22 -23.66 -5.54
C PHE N 30 -27.46 -24.78 -6.24
N ILE N 31 -27.02 -25.81 -5.51
CA ILE N 31 -26.39 -26.95 -6.15
C ILE N 31 -27.33 -27.65 -7.12
N LEU N 32 -28.59 -27.88 -6.71
CA LEU N 32 -29.56 -28.51 -7.59
C LEU N 32 -29.85 -27.67 -8.84
N LEU N 33 -29.97 -26.35 -8.68
CA LEU N 33 -30.14 -25.48 -9.85
C LEU N 33 -28.96 -25.54 -10.82
N SER N 34 -27.77 -25.91 -10.36
CA SER N 34 -26.64 -26.07 -11.29
C SER N 34 -26.73 -27.34 -12.13
N THR N 35 -27.45 -28.36 -11.67
CA THR N 35 -27.60 -29.61 -12.41
C THR N 35 -28.62 -29.43 -13.56
N GLU N 36 -28.51 -30.30 -14.57
CA GLU N 36 -29.60 -30.42 -15.53
C GLU N 36 -30.80 -31.18 -14.95
N ARG N 37 -30.55 -32.35 -14.35
CA ARG N 37 -31.64 -33.23 -13.93
C ARG N 37 -32.56 -32.59 -12.90
N PHE N 38 -32.02 -31.77 -12.00
CA PHE N 38 -32.81 -31.25 -10.88
C PHE N 38 -33.07 -29.75 -10.94
N ASN N 39 -32.64 -29.05 -11.98
CA ASN N 39 -33.03 -27.65 -12.15
C ASN N 39 -34.50 -27.61 -12.57
N TRP N 40 -35.38 -27.39 -11.59
CA TRP N 40 -36.82 -27.40 -11.80
C TRP N 40 -37.31 -26.18 -12.59
N LEU N 41 -36.57 -25.07 -12.57
CA LEU N 41 -36.98 -23.88 -13.29
C LEU N 41 -36.69 -23.97 -14.79
N GLU N 42 -35.55 -24.57 -15.16
CA GLU N 42 -35.23 -24.78 -16.57
C GLU N 42 -35.89 -26.04 -17.12
N GLY N 43 -36.07 -27.06 -16.29
CA GLY N 43 -36.87 -28.23 -16.61
C GLY N 43 -36.50 -29.02 -17.86
N ALA N 44 -35.21 -29.37 -17.98
CA ALA N 44 -34.75 -30.29 -19.01
C ALA N 44 -35.45 -31.64 -18.95
N SER N 45 -35.47 -32.32 -20.09
CA SER N 45 -35.98 -33.69 -20.21
C SER N 45 -35.06 -34.69 -19.51
N THR N 46 -35.65 -35.75 -18.96
CA THR N 46 -34.90 -36.86 -18.35
C THR N 46 -34.30 -37.78 -19.43
N LYS N 47 -33.52 -37.17 -20.31
CA LYS N 47 -32.94 -37.85 -21.46
C LYS N 47 -32.04 -39.03 -21.04
N MET O 1 -5.21 -31.62 -19.68
CA MET O 1 -4.09 -32.53 -19.45
C MET O 1 -4.00 -32.85 -17.95
N ASN O 2 -3.54 -34.07 -17.64
CA ASN O 2 -3.64 -34.67 -16.32
C ASN O 2 -2.78 -34.01 -15.25
N LYS O 3 -1.88 -33.08 -15.63
CA LYS O 3 -0.80 -32.61 -14.76
C LYS O 3 -1.18 -32.32 -13.31
N GLY O 4 -2.18 -31.46 -13.09
CA GLY O 4 -2.57 -31.04 -11.76
C GLY O 4 -3.66 -31.83 -11.06
N ASP O 5 -4.19 -32.88 -11.68
CA ASP O 5 -5.48 -33.43 -11.27
C ASP O 5 -5.43 -34.20 -9.95
N ILE O 6 -6.51 -34.05 -9.18
CA ILE O 6 -6.76 -34.83 -7.98
C ILE O 6 -7.91 -35.81 -8.19
N THR O 7 -8.91 -35.40 -8.97
CA THR O 7 -9.99 -36.23 -9.48
C THR O 7 -10.27 -35.78 -10.90
N GLY O 8 -11.35 -36.29 -11.49
CA GLY O 8 -11.79 -35.78 -12.77
C GLY O 8 -11.84 -34.26 -12.85
N TYR O 9 -12.56 -33.63 -11.94
CA TYR O 9 -12.62 -32.17 -11.88
C TYR O 9 -11.64 -31.54 -10.89
N MET O 10 -11.37 -32.16 -9.75
CA MET O 10 -10.58 -31.53 -8.70
C MET O 10 -9.09 -31.52 -9.07
N ASP O 11 -8.40 -30.46 -8.67
CA ASP O 11 -6.96 -30.35 -8.92
C ASP O 11 -6.26 -29.65 -7.75
N VAL O 12 -4.92 -29.76 -7.78
CA VAL O 12 -4.06 -29.32 -6.67
C VAL O 12 -4.26 -27.85 -6.34
N ALA O 13 -4.26 -26.98 -7.35
CA ALA O 13 -4.41 -25.55 -7.10
C ALA O 13 -5.74 -25.22 -6.42
N GLN O 14 -6.81 -25.88 -6.84
CA GLN O 14 -8.10 -25.75 -6.18
C GLN O 14 -8.06 -26.24 -4.73
N VAL O 15 -7.46 -27.40 -4.48
CA VAL O 15 -7.32 -27.93 -3.12
C VAL O 15 -6.50 -26.97 -2.24
N VAL O 16 -5.37 -26.49 -2.74
CA VAL O 16 -4.55 -25.53 -2.00
C VAL O 16 -5.31 -24.25 -1.70
N LEU O 17 -6.17 -23.81 -2.62
CA LEU O 17 -7.00 -22.63 -2.36
C LEU O 17 -8.02 -22.84 -1.25
N TYR O 18 -8.68 -23.99 -1.20
CA TYR O 18 -9.58 -24.28 -0.07
C TYR O 18 -8.83 -24.48 1.24
N ALA O 19 -7.63 -25.05 1.21
CA ALA O 19 -6.80 -25.07 2.41
C ALA O 19 -6.50 -23.67 2.94
N PHE O 20 -6.27 -22.71 2.03
CA PHE O 20 -6.14 -21.32 2.45
C PHE O 20 -7.41 -20.76 3.07
N TRP O 21 -8.57 -21.02 2.46
CA TRP O 21 -9.82 -20.53 3.03
C TRP O 21 -10.09 -21.09 4.42
N ILE O 22 -9.77 -22.36 4.65
CA ILE O 22 -9.90 -22.91 6.00
C ILE O 22 -8.97 -22.21 6.98
N PHE O 23 -7.70 -22.04 6.61
CA PHE O 23 -6.77 -21.27 7.43
C PHE O 23 -7.27 -19.85 7.70
N PHE O 24 -7.72 -19.14 6.65
CA PHE O 24 -8.11 -17.75 6.81
C PHE O 24 -9.32 -17.58 7.73
N ALA O 25 -10.31 -18.47 7.62
CA ALA O 25 -11.43 -18.45 8.57
C ALA O 25 -10.95 -18.64 10.00
N GLY O 26 -10.04 -19.60 10.23
CA GLY O 26 -9.46 -19.77 11.55
C GLY O 26 -8.71 -18.55 12.05
N LEU O 27 -7.98 -17.87 11.15
CA LEU O 27 -7.29 -16.63 11.50
C LEU O 27 -8.26 -15.51 11.87
N ILE O 28 -9.35 -15.34 11.13
CA ILE O 28 -10.36 -14.35 11.51
C ILE O 28 -10.95 -14.65 12.89
N ILE O 29 -11.20 -15.91 13.21
CA ILE O 29 -11.65 -16.26 14.56
C ILE O 29 -10.63 -15.84 15.60
N TYR O 30 -9.36 -16.16 15.38
CA TYR O 30 -8.28 -15.71 16.27
C TYR O 30 -8.23 -14.19 16.40
N LEU O 31 -8.26 -13.47 15.28
CA LEU O 31 -8.20 -12.01 15.31
C LEU O 31 -9.40 -11.40 16.03
N ARG O 32 -10.61 -11.93 15.81
CA ARG O 32 -11.79 -11.44 16.52
C ARG O 32 -11.74 -11.74 18.02
N ARG O 33 -11.14 -12.86 18.43
CA ARG O 33 -10.89 -13.10 19.85
C ARG O 33 -10.02 -12.02 20.46
N GLU O 34 -8.93 -11.67 19.78
CA GLU O 34 -8.06 -10.61 20.25
C GLU O 34 -8.77 -9.25 20.32
N ASP O 35 -9.60 -8.94 19.31
CA ASP O 35 -10.44 -7.75 19.35
C ASP O 35 -11.34 -7.68 20.58
N ARG O 36 -11.71 -8.83 21.16
CA ARG O 36 -12.57 -8.86 22.34
C ARG O 36 -11.83 -8.89 23.67
N ARG O 37 -10.55 -8.52 23.71
CA ARG O 37 -9.88 -8.41 25.00
C ARG O 37 -10.13 -7.09 25.71
N GLU O 38 -10.79 -6.13 25.06
CA GLU O 38 -11.29 -4.93 25.73
C GLU O 38 -12.78 -4.77 25.41
N GLY O 39 -13.56 -4.34 26.41
CA GLY O 39 -14.93 -3.95 26.20
C GLY O 39 -15.97 -5.05 26.36
N TYR O 40 -15.59 -6.31 26.30
CA TYR O 40 -16.52 -7.41 26.33
C TYR O 40 -16.60 -8.04 27.72
N PRO O 41 -17.63 -8.85 28.00
CA PRO O 41 -18.87 -9.12 27.26
C PRO O 41 -19.71 -7.88 26.98
N LEU O 42 -20.57 -7.97 25.97
CA LEU O 42 -21.52 -6.90 25.68
C LEU O 42 -22.64 -6.86 26.72
N GLU O 43 -23.19 -5.67 26.94
CA GLU O 43 -24.28 -5.46 27.88
C GLU O 43 -25.51 -4.87 27.18
N ASP O 44 -26.68 -5.15 27.76
CA ASP O 44 -27.91 -4.43 27.42
C ASP O 44 -27.74 -2.93 27.61
N ALA O 45 -28.16 -2.16 26.61
CA ALA O 45 -27.94 -0.71 26.64
C ALA O 45 -28.68 -0.03 27.79
N ILE O 46 -29.88 -0.49 28.13
CA ILE O 46 -30.67 0.14 29.19
C ILE O 46 -30.24 -0.35 30.57
N SER O 47 -30.40 -1.64 30.84
CA SER O 47 -30.17 -2.18 32.18
C SER O 47 -28.71 -2.39 32.51
N GLY O 48 -27.84 -2.53 31.51
CA GLY O 48 -26.46 -2.89 31.72
C GLY O 48 -26.19 -4.34 32.11
N LYS O 49 -27.21 -5.19 32.10
CA LYS O 49 -26.99 -6.62 32.29
C LYS O 49 -26.26 -7.20 31.09
N ILE O 50 -25.48 -8.25 31.32
CA ILE O 50 -24.69 -8.88 30.26
C ILE O 50 -25.64 -9.60 29.29
N ASN O 51 -25.81 -9.02 28.10
CA ASN O 51 -26.71 -9.56 27.09
C ASN O 51 -26.25 -9.12 25.71
N SER O 52 -26.36 -10.01 24.73
CA SER O 52 -26.22 -9.68 23.31
C SER O 52 -26.72 -10.85 22.48
N LEU O 53 -27.02 -10.58 21.22
CA LEU O 53 -27.36 -11.62 20.26
C LEU O 53 -26.11 -12.43 19.90
N GLN O 54 -26.15 -13.73 20.16
CA GLN O 54 -24.99 -14.61 20.10
C GLN O 54 -25.39 -15.94 19.46
N GLY O 55 -24.50 -16.50 18.63
CA GLY O 55 -24.62 -17.87 18.19
C GLY O 55 -23.78 -18.82 19.02
N LEU O 56 -23.53 -20.01 18.46
CA LEU O 56 -22.71 -21.01 19.14
C LEU O 56 -21.22 -20.68 19.13
N GLY O 57 -20.79 -19.75 18.26
CA GLY O 57 -19.44 -19.22 18.33
C GLY O 57 -19.15 -18.38 19.57
N SER O 58 -20.17 -18.04 20.35
CA SER O 58 -19.95 -17.42 21.66
C SER O 58 -18.94 -18.17 22.50
N VAL O 59 -18.92 -19.50 22.37
CA VAL O 59 -18.06 -20.38 23.17
C VAL O 59 -16.58 -20.19 22.84
N PHE O 60 -16.26 -19.68 21.65
CA PHE O 60 -14.89 -19.33 21.29
C PHE O 60 -14.65 -17.82 21.25
N SER O 61 -15.67 -17.02 21.57
CA SER O 61 -15.69 -15.60 21.22
C SER O 61 -14.69 -14.78 22.04
N ILE O 62 -14.61 -15.03 23.34
CA ILE O 62 -13.76 -14.26 24.25
C ILE O 62 -12.64 -15.16 24.77
N ALA O 63 -11.41 -14.65 24.69
CA ALA O 63 -10.22 -15.40 25.10
C ALA O 63 -10.00 -15.38 26.61
N ARG O 64 -9.25 -16.38 27.08
CA ARG O 64 -8.73 -16.41 28.45
C ARG O 64 -7.84 -15.19 28.70
N PRO O 65 -7.89 -14.59 29.90
CA PRO O 65 -7.08 -13.39 30.19
C PRO O 65 -5.59 -13.60 30.02
N LYS O 66 -4.99 -12.81 29.12
CA LYS O 66 -3.55 -12.67 29.06
C LYS O 66 -3.08 -11.65 30.10
N ILE O 67 -1.89 -11.88 30.67
CA ILE O 67 -1.33 -11.00 31.70
C ILE O 67 -0.12 -10.28 31.13
N PHE O 68 -0.21 -8.95 31.09
CA PHE O 68 0.94 -8.10 30.80
C PHE O 68 1.71 -7.81 32.08
N LYS O 69 3.03 -8.03 32.05
CA LYS O 69 3.89 -7.75 33.20
C LYS O 69 4.56 -6.39 33.01
N LEU O 70 4.30 -5.48 33.94
CA LEU O 70 4.82 -4.12 33.86
C LEU O 70 6.13 -4.01 34.61
N LYS O 71 6.99 -3.09 34.16
CA LYS O 71 8.32 -2.95 34.76
C LYS O 71 8.29 -2.46 36.21
N THR O 72 7.16 -1.94 36.69
CA THR O 72 6.96 -1.68 38.11
C THR O 72 6.72 -2.95 38.92
N GLY O 73 6.54 -4.09 38.26
CA GLY O 73 6.15 -5.32 38.92
C GLY O 73 4.65 -5.51 39.06
N ALA O 74 3.85 -4.52 38.68
CA ALA O 74 2.41 -4.66 38.56
C ALA O 74 2.05 -5.43 37.30
N THR O 75 0.76 -5.80 37.18
CA THR O 75 0.27 -6.52 36.02
C THR O 75 -1.04 -5.91 35.55
N TYR O 76 -1.36 -6.15 34.28
CA TYR O 76 -2.64 -5.80 33.68
C TYR O 76 -3.19 -7.03 32.96
N ALA O 77 -4.46 -7.34 33.20
CA ALA O 77 -5.13 -8.48 32.58
C ALA O 77 -6.02 -8.03 31.43
N ALA O 78 -6.07 -8.84 30.38
CA ALA O 78 -6.92 -8.54 29.22
C ALA O 78 -7.53 -9.81 28.63
N PRO O 79 -8.86 -9.99 28.71
CA PRO O 79 -9.86 -9.14 29.40
C PRO O 79 -9.69 -9.08 30.91
N ASN O 80 -9.86 -7.90 31.52
CA ASN O 80 -10.00 -7.79 32.96
C ASN O 80 -11.45 -7.83 33.44
N PHE O 81 -12.42 -7.75 32.51
CA PHE O 81 -13.85 -7.75 32.81
C PHE O 81 -14.34 -6.59 33.69
N LYS O 82 -13.47 -5.64 34.04
CA LYS O 82 -13.93 -4.40 34.64
C LYS O 82 -14.80 -3.63 33.64
N ARG O 83 -15.85 -2.98 34.13
CA ARG O 83 -16.73 -2.19 33.27
C ARG O 83 -17.22 -0.93 33.97
N ASP O 84 -17.54 0.08 33.16
CA ASP O 84 -18.01 1.37 33.66
C ASP O 84 -19.35 1.24 34.40
N ALA O 85 -19.58 2.14 35.34
CA ALA O 85 -20.85 2.22 36.05
C ALA O 85 -22.01 2.46 35.07
N VAL O 86 -23.16 1.86 35.39
CA VAL O 86 -24.34 1.97 34.51
C VAL O 86 -24.91 3.40 34.54
N ALA O 87 -24.99 4.00 35.72
CA ALA O 87 -25.45 5.38 35.84
C ALA O 87 -24.42 6.40 35.36
N ILE O 88 -24.90 7.41 34.65
CA ILE O 88 -24.11 8.55 34.20
C ILE O 88 -24.93 9.81 34.43
N LYS O 89 -24.25 10.96 34.47
CA LYS O 89 -24.92 12.25 34.63
C LYS O 89 -25.60 12.73 33.36
N ALA O 90 -26.41 11.88 32.76
CA ALA O 90 -27.18 12.18 31.55
C ALA O 90 -28.38 11.26 31.51
N THR O 91 -29.40 11.64 30.74
CA THR O 91 -30.58 10.80 30.55
C THR O 91 -30.95 10.71 29.07
N ARG O 92 -31.58 9.60 28.70
CA ARG O 92 -31.99 9.38 27.32
C ARG O 92 -33.07 10.36 26.86
N THR O 93 -32.97 10.77 25.59
CA THR O 93 -33.99 11.60 24.97
C THR O 93 -35.28 10.82 24.68
N ALA O 94 -35.20 9.50 24.58
CA ALA O 94 -36.34 8.62 24.37
C ALA O 94 -36.01 7.27 25.02
N PRO O 95 -37.02 6.50 25.43
CA PRO O 95 -36.76 5.33 26.28
C PRO O 95 -36.16 4.13 25.55
N THR O 96 -35.97 4.18 24.24
CA THR O 96 -35.47 3.03 23.49
C THR O 96 -33.97 2.84 23.70
N ALA O 97 -33.54 1.58 23.56
CA ALA O 97 -32.13 1.22 23.77
C ALA O 97 -31.18 2.04 22.88
N GLY O 98 -31.57 2.30 21.64
CA GLY O 98 -30.75 3.07 20.71
C GLY O 98 -30.75 4.57 20.86
N ALA O 99 -31.53 5.13 21.78
CA ALA O 99 -31.61 6.58 21.92
C ALA O 99 -30.32 7.20 22.46
N PRO O 100 -30.02 8.44 22.09
CA PRO O 100 -28.90 9.17 22.68
C PRO O 100 -29.24 9.72 24.07
N PHE O 101 -28.17 10.03 24.81
CA PHE O 101 -28.26 10.72 26.09
C PHE O 101 -28.12 12.24 25.93
N GLU O 102 -28.91 13.00 26.73
CA GLU O 102 -28.75 14.44 26.95
C GLU O 102 -28.09 14.69 28.30
N PRO O 103 -26.99 15.45 28.34
CA PRO O 103 -26.35 15.78 29.63
C PRO O 103 -27.29 16.46 30.62
N THR O 104 -27.21 16.02 31.89
CA THR O 104 -28.06 16.57 32.93
C THR O 104 -27.63 17.99 33.32
N GLY O 105 -26.32 18.19 33.49
CA GLY O 105 -25.77 19.49 33.83
C GLY O 105 -24.80 20.02 32.80
N ASN O 106 -23.72 20.64 33.25
CA ASN O 106 -22.61 21.03 32.38
C ASN O 106 -21.84 19.78 31.96
N PRO O 107 -21.89 19.38 30.68
CA PRO O 107 -21.22 18.13 30.27
C PRO O 107 -19.70 18.17 30.40
N MET O 108 -19.09 19.35 30.27
CA MET O 108 -17.64 19.45 30.34
C MET O 108 -17.11 19.14 31.74
N THR O 109 -17.82 19.57 32.77
CA THR O 109 -17.45 19.24 34.14
C THR O 109 -18.01 17.91 34.60
N ASP O 110 -19.20 17.52 34.12
CA ASP O 110 -19.76 16.21 34.41
C ASP O 110 -19.02 15.08 33.72
N ALA O 111 -18.17 15.38 32.73
CA ALA O 111 -17.39 14.38 31.99
C ALA O 111 -18.27 13.32 31.32
N VAL O 112 -19.18 13.79 30.46
CA VAL O 112 -19.99 12.94 29.61
C VAL O 112 -19.71 13.31 28.16
N GLY O 113 -19.99 12.37 27.26
CA GLY O 113 -19.70 12.54 25.85
C GLY O 113 -18.23 12.69 25.57
N PRO O 114 -17.85 13.64 24.72
CA PRO O 114 -16.42 13.87 24.46
C PRO O 114 -15.66 14.42 25.65
N ALA O 115 -16.34 14.81 26.74
CA ALA O 115 -15.68 15.14 27.99
C ALA O 115 -15.38 13.91 28.84
N ALA O 116 -15.95 12.75 28.51
CA ALA O 116 -15.69 11.53 29.25
C ALA O 116 -14.26 11.03 29.05
N TYR O 117 -13.75 10.34 30.06
CA TYR O 117 -12.41 9.79 30.07
C TYR O 117 -12.42 8.41 30.71
N ALA O 118 -11.33 7.67 30.52
CA ALA O 118 -11.16 6.36 31.15
C ALA O 118 -10.54 6.51 32.54
N LEU O 119 -10.96 5.65 33.46
CA LEU O 119 -10.37 5.59 34.80
C LEU O 119 -9.04 4.85 34.78
N ARG O 120 -8.07 5.48 34.10
CA ARG O 120 -6.70 4.98 34.03
C ARG O 120 -6.07 4.91 35.43
N ASP O 121 -4.87 4.32 35.49
CA ASP O 121 -4.14 4.28 36.74
C ASP O 121 -3.83 5.68 37.25
N GLU O 122 -3.91 5.86 38.56
CA GLU O 122 -3.38 7.05 39.23
C GLU O 122 -1.88 6.95 39.43
N LEU O 123 -1.17 6.57 38.36
CA LEU O 123 0.28 6.45 38.29
C LEU O 123 0.78 7.17 37.04
N PRO O 124 1.93 7.85 37.12
CA PRO O 124 2.53 8.41 35.91
C PRO O 124 3.15 7.34 35.03
N ASP O 125 3.13 7.59 33.71
CA ASP O 125 4.00 6.85 32.81
C ASP O 125 5.46 7.06 33.18
N LEU O 126 6.26 6.00 33.06
CA LEU O 126 7.65 6.02 33.47
C LEU O 126 8.61 5.90 32.29
N THR O 127 9.73 6.59 32.39
CA THR O 127 10.91 6.31 31.58
C THR O 127 11.43 4.90 31.86
N LEU O 128 12.28 4.41 30.95
CA LEU O 128 13.01 3.17 31.20
C LEU O 128 13.83 3.25 32.48
N GLY O 129 14.34 4.44 32.82
CA GLY O 129 15.04 4.67 34.08
C GLY O 129 14.17 4.70 35.32
N GLY O 130 12.85 4.52 35.18
CA GLY O 130 11.94 4.50 36.30
C GLY O 130 11.49 5.87 36.80
N GLN O 131 12.10 6.95 36.29
CA GLN O 131 11.61 8.28 36.55
C GLN O 131 10.31 8.56 35.80
N PRO O 132 9.45 9.44 36.32
CA PRO O 132 8.26 9.85 35.57
C PRO O 132 8.63 10.47 34.22
N ALA O 133 7.90 10.05 33.19
CA ALA O 133 8.21 10.47 31.82
C ALA O 133 7.84 11.93 31.55
N ILE O 134 6.66 12.37 31.97
CA ILE O 134 6.14 13.67 31.56
C ILE O 134 6.28 14.66 32.72
N VAL O 135 7.11 15.68 32.51
CA VAL O 135 7.56 16.59 33.56
C VAL O 135 7.81 17.99 32.96
N PRO O 136 7.67 19.05 33.75
CA PRO O 136 8.03 20.39 33.26
C PRO O 136 9.52 20.54 33.02
N LEU O 137 9.86 21.33 31.99
CA LEU O 137 11.27 21.57 31.66
C LEU O 137 12.07 22.11 32.85
N ARG O 138 11.43 22.86 33.74
CA ARG O 138 11.95 23.24 35.04
C ARG O 138 12.63 22.08 35.78
N VAL O 139 12.12 20.87 35.60
CA VAL O 139 12.62 19.68 36.29
C VAL O 139 13.47 18.79 35.37
N ALA O 140 13.51 19.08 34.07
CA ALA O 140 14.28 18.32 33.09
C ALA O 140 15.38 19.17 32.44
N PRO O 141 16.37 19.61 33.22
CA PRO O 141 17.33 20.61 32.71
C PRO O 141 18.16 20.17 31.51
N THR O 142 18.29 18.88 31.23
CA THR O 142 19.02 18.44 30.04
C THR O 142 18.23 18.62 28.74
N PHE O 143 16.92 18.85 28.80
CA PHE O 143 16.12 19.09 27.61
C PHE O 143 16.10 20.56 27.21
N SER O 144 15.88 20.81 25.92
CA SER O 144 15.73 22.16 25.41
C SER O 144 14.91 22.14 24.11
N VAL O 145 14.33 23.29 23.79
CA VAL O 145 13.74 23.50 22.46
C VAL O 145 14.85 23.66 21.43
N ALA O 146 14.68 22.98 20.28
CA ALA O 146 15.67 23.08 19.21
C ALA O 146 15.80 24.52 18.72
N ALA O 147 17.05 24.94 18.49
CA ALA O 147 17.37 26.34 18.23
C ALA O 147 16.64 26.91 17.02
N GLU O 148 16.23 26.05 16.08
CA GLU O 148 15.47 26.46 14.91
C GLU O 148 14.04 26.90 15.22
N ASP O 149 13.46 26.45 16.34
CA ASP O 149 12.05 26.65 16.62
C ASP O 149 11.75 27.83 17.54
N THR O 150 10.51 28.31 17.46
CA THR O 150 9.95 29.22 18.46
C THR O 150 9.74 28.49 19.79
N ASP O 151 10.30 29.03 20.86
CA ASP O 151 9.95 28.58 22.20
C ASP O 151 8.58 29.13 22.60
N PRO O 152 7.62 28.28 22.97
CA PRO O 152 6.29 28.78 23.39
C PRO O 152 6.29 29.64 24.65
N ARG O 153 7.31 29.54 25.50
CA ARG O 153 7.28 30.23 26.79
C ARG O 153 7.22 31.74 26.63
N GLY O 154 6.38 32.37 27.46
CA GLY O 154 6.09 33.79 27.41
C GLY O 154 5.10 34.24 26.36
N LEU O 155 4.68 33.37 25.45
CA LEU O 155 3.66 33.76 24.47
C LEU O 155 2.28 33.85 25.12
N PRO O 156 1.44 34.80 24.67
CA PRO O 156 0.01 34.78 25.03
C PRO O 156 -0.73 33.58 24.47
N VAL O 157 -1.74 33.12 25.23
CA VAL O 157 -2.63 32.05 24.81
C VAL O 157 -3.99 32.65 24.47
N VAL O 158 -4.47 32.40 23.24
CA VAL O 158 -5.61 33.11 22.66
C VAL O 158 -6.62 32.11 22.11
N ASP O 159 -7.90 32.34 22.38
CA ASP O 159 -8.97 31.49 21.86
C ASP O 159 -9.36 31.88 20.43
N ARG O 160 -10.27 31.11 19.82
CA ARG O 160 -10.71 31.34 18.45
C ARG O 160 -11.49 32.64 18.26
N LYS O 161 -11.94 33.28 19.34
CA LYS O 161 -12.62 34.57 19.27
C LYS O 161 -11.70 35.72 19.66
N GLY O 162 -10.42 35.44 19.89
CA GLY O 162 -9.42 36.46 20.14
C GLY O 162 -9.25 36.91 21.57
N ALA O 163 -9.94 36.28 22.52
CA ALA O 163 -9.74 36.59 23.93
C ALA O 163 -8.48 35.91 24.45
N VAL O 164 -7.71 36.64 25.26
CA VAL O 164 -6.53 36.09 25.92
C VAL O 164 -6.94 35.24 27.12
N ALA O 165 -6.52 33.98 27.13
CA ALA O 165 -6.70 33.13 28.29
C ALA O 165 -5.57 33.28 29.31
N GLY O 166 -4.37 33.61 28.87
CA GLY O 166 -3.21 33.62 29.77
C GLY O 166 -1.91 33.72 29.00
N LYS O 167 -0.83 33.32 29.66
CA LYS O 167 0.49 33.18 29.05
C LYS O 167 1.12 31.84 29.37
N VAL O 168 1.89 31.31 28.42
CA VAL O 168 2.66 30.09 28.64
C VAL O 168 3.80 30.35 29.63
N THR O 169 3.88 29.51 30.67
CA THR O 169 4.92 29.62 31.68
C THR O 169 5.86 28.42 31.75
N ASP O 170 5.48 27.26 31.20
CA ASP O 170 6.39 26.13 31.13
C ASP O 170 5.97 25.20 30.00
N LEU O 171 6.91 24.34 29.62
CA LEU O 171 6.65 23.19 28.76
C LEU O 171 6.75 21.93 29.61
N TRP O 172 5.77 21.04 29.47
CA TRP O 172 5.91 19.68 29.97
C TRP O 172 6.32 18.77 28.83
N ILE O 173 7.44 18.07 29.00
CA ILE O 173 8.04 17.24 27.96
C ILE O 173 7.94 15.77 28.39
N ASP O 174 7.86 14.90 27.39
CA ASP O 174 7.90 13.45 27.58
C ASP O 174 9.36 13.00 27.43
N ARG O 175 9.98 12.61 28.55
CA ARG O 175 11.35 12.11 28.55
C ARG O 175 11.51 10.81 27.75
N ALA O 176 10.47 9.98 27.69
CA ALA O 176 10.56 8.71 26.98
C ALA O 176 10.44 8.88 25.46
N SER O 177 9.52 9.73 25.00
CA SER O 177 9.27 9.90 23.59
C SER O 177 9.91 11.16 23.01
N ILE O 178 10.45 12.04 23.87
CA ILE O 178 11.15 13.26 23.49
C ILE O 178 10.25 14.17 22.65
N ALA O 179 9.20 14.68 23.28
CA ALA O 179 8.24 15.58 22.65
C ALA O 179 7.61 16.46 23.72
N ILE O 180 7.11 17.63 23.30
CA ILE O 180 6.24 18.43 24.15
C ILE O 180 4.86 17.79 24.23
N ARG O 181 4.38 17.54 25.45
CA ARG O 181 3.03 17.03 25.63
C ARG O 181 2.04 18.09 26.12
N TYR O 182 2.46 19.03 26.97
CA TYR O 182 1.57 20.08 27.46
C TYR O 182 2.32 21.40 27.58
N LEU O 183 1.57 22.49 27.47
CA LEU O 183 1.99 23.81 27.91
C LEU O 183 1.34 24.12 29.25
N GLU O 184 2.10 24.71 30.17
CA GLU O 184 1.57 25.16 31.45
C GLU O 184 1.24 26.64 31.38
N VAL O 185 -0.05 26.97 31.42
CA VAL O 185 -0.57 28.31 31.17
C VAL O 185 -0.97 28.95 32.50
N GLU O 186 -0.39 30.11 32.80
CA GLU O 186 -0.89 30.96 33.88
C GLU O 186 -2.07 31.79 33.37
N LEU O 187 -3.22 31.69 34.06
CA LEU O 187 -4.43 32.34 33.59
C LEU O 187 -4.40 33.85 33.81
N ALA O 188 -5.01 34.58 32.88
CA ALA O 188 -5.18 36.02 33.02
C ALA O 188 -6.13 36.39 34.15
N ALA O 189 -7.26 35.69 34.26
CA ALA O 189 -8.15 35.79 35.40
C ALA O 189 -7.73 34.85 36.52
N THR O 190 -7.99 35.27 37.76
CA THR O 190 -7.44 34.64 38.95
C THR O 190 -5.93 34.43 38.83
N PRO O 191 -5.16 35.52 38.61
CA PRO O 191 -3.74 35.38 38.29
C PRO O 191 -2.96 34.64 39.36
N GLY O 192 -2.13 33.70 38.91
CA GLY O 192 -1.50 32.70 39.74
C GLY O 192 -2.08 31.31 39.60
N ARG O 193 -3.33 31.20 39.13
CA ARG O 193 -3.87 29.92 38.69
C ARG O 193 -3.11 29.43 37.46
N LYS O 194 -2.66 28.17 37.50
CA LYS O 194 -2.01 27.54 36.36
C LYS O 194 -2.77 26.29 35.92
N VAL O 195 -2.88 26.11 34.61
CA VAL O 195 -3.56 24.95 34.02
C VAL O 195 -2.67 24.35 32.93
N LEU O 196 -2.78 23.03 32.74
CA LEU O 196 -2.15 22.37 31.60
C LEU O 196 -3.01 22.51 30.35
N LEU O 197 -2.33 22.72 29.22
CA LEU O 197 -2.92 22.77 27.89
C LEU O 197 -2.27 21.73 26.98
N PRO O 198 -3.01 20.73 26.49
CA PRO O 198 -2.41 19.74 25.59
C PRO O 198 -1.84 20.40 24.34
N PHE O 199 -0.56 20.10 24.07
CA PHE O 199 0.17 20.83 23.02
C PHE O 199 -0.42 20.57 21.65
N ALA O 200 -0.92 19.36 21.39
CA ALA O 200 -1.62 19.05 20.15
C ALA O 200 -2.98 19.72 20.01
N ALA O 201 -3.50 20.33 21.07
CA ALA O 201 -4.67 21.20 20.96
C ALA O 201 -4.31 22.66 20.67
N THR O 202 -3.10 22.93 20.18
CA THR O 202 -2.62 24.28 19.96
C THR O 202 -1.86 24.35 18.64
N ARG O 203 -1.76 25.56 18.10
CA ARG O 203 -0.68 25.90 17.18
C ARG O 203 -0.19 27.32 17.49
N ILE O 204 1.07 27.60 17.13
CA ILE O 204 1.62 28.94 17.22
C ILE O 204 1.30 29.73 15.95
N ASN O 205 0.66 30.89 16.13
CA ASN O 205 0.46 31.86 15.07
C ASN O 205 1.55 32.92 15.15
N ALA O 206 2.25 33.13 14.02
CA ALA O 206 3.39 34.05 13.97
C ALA O 206 3.32 34.98 12.76
N LYS O 207 2.13 35.17 12.19
CA LYS O 207 1.96 36.12 11.10
C LYS O 207 2.19 37.57 11.53
N THR O 208 2.02 37.86 12.81
CA THR O 208 2.25 39.19 13.38
C THR O 208 3.29 39.09 14.48
N LYS O 209 4.07 40.17 14.65
CA LYS O 209 5.33 40.08 15.39
C LYS O 209 5.16 39.56 16.81
N SER O 210 4.11 40.02 17.52
CA SER O 210 3.76 39.46 18.83
C SER O 210 3.06 38.10 18.68
N LYS O 211 3.84 37.10 18.27
CA LYS O 211 3.32 35.76 18.01
C LYS O 211 2.67 35.15 19.25
N THR O 212 1.74 34.20 19.02
CA THR O 212 0.84 33.74 20.07
C THR O 212 0.45 32.28 19.86
N VAL O 213 0.17 31.60 20.97
CA VAL O 213 -0.41 30.25 20.97
C VAL O 213 -1.94 30.36 20.82
N THR O 214 -2.46 29.98 19.65
CA THR O 214 -3.90 29.95 19.42
C THR O 214 -4.49 28.60 19.84
N VAL O 215 -5.69 28.63 20.42
CA VAL O 215 -6.39 27.45 20.91
C VAL O 215 -7.80 27.42 20.34
N GLN O 216 -8.03 26.52 19.38
CA GLN O 216 -9.32 26.38 18.72
C GLN O 216 -10.36 25.67 19.60
N SER O 217 -9.90 24.76 20.47
CA SER O 217 -10.78 23.87 21.23
C SER O 217 -11.77 24.60 22.12
N ILE O 218 -11.29 25.42 23.07
CA ILE O 218 -12.15 26.07 24.06
C ILE O 218 -11.96 27.57 24.06
N LEU O 219 -12.96 28.28 24.58
CA LEU O 219 -12.89 29.72 24.76
C LEU O 219 -12.24 30.07 26.10
N ALA O 220 -11.84 31.34 26.21
CA ALA O 220 -11.10 31.84 27.38
C ALA O 220 -11.83 31.61 28.71
N ARG O 221 -13.16 31.69 28.73
CA ARG O 221 -13.90 31.41 29.97
C ARG O 221 -13.77 29.97 30.44
N HIS O 222 -13.54 29.03 29.53
CA HIS O 222 -13.46 27.62 29.90
C HIS O 222 -12.15 27.22 30.56
N PHE O 223 -11.09 28.03 30.40
CA PHE O 223 -9.78 27.69 30.97
C PHE O 223 -9.80 27.61 32.49
N ALA O 224 -10.61 28.43 33.14
CA ALA O 224 -10.74 28.37 34.60
C ALA O 224 -11.28 27.04 35.11
N ASN O 225 -11.95 26.26 34.27
CA ASN O 225 -12.52 24.97 34.67
C ASN O 225 -11.70 23.77 34.21
N VAL O 226 -10.54 23.99 33.60
CA VAL O 226 -9.64 22.88 33.23
C VAL O 226 -9.28 22.05 34.47
N PRO O 227 -9.36 20.72 34.40
CA PRO O 227 -9.07 19.88 35.57
C PRO O 227 -7.69 20.10 36.18
N THR O 228 -7.63 20.13 37.51
CA THR O 228 -6.40 20.31 38.27
C THR O 228 -5.66 18.98 38.48
N ILE O 229 -4.36 19.09 38.77
CA ILE O 229 -3.48 17.94 39.01
C ILE O 229 -2.88 18.03 40.40
N ALA O 230 -2.66 16.86 41.01
CA ALA O 230 -2.28 16.75 42.41
C ALA O 230 -0.84 17.18 42.69
N LYS O 231 0.06 17.04 41.73
CA LYS O 231 1.47 17.34 41.91
C LYS O 231 1.91 18.41 40.92
N THR O 232 2.90 19.20 41.31
CA THR O 232 3.35 20.32 40.50
C THR O 232 4.38 19.94 39.45
N ASP O 233 4.84 18.69 39.43
CA ASP O 233 5.95 18.29 38.58
C ASP O 233 5.78 16.92 37.96
N SER O 234 4.66 16.23 38.21
CA SER O 234 4.34 14.96 37.54
C SER O 234 2.83 14.88 37.36
N ILE O 235 2.41 14.02 36.44
CA ILE O 235 1.00 13.85 36.10
C ILE O 235 0.70 12.36 35.89
N THR O 236 -0.35 11.87 36.54
CA THR O 236 -0.80 10.49 36.38
C THR O 236 -1.52 10.29 35.05
N ARG O 237 -1.58 9.03 34.61
CA ARG O 237 -2.34 8.67 33.42
C ARG O 237 -3.81 9.10 33.51
N ARG O 238 -4.42 8.96 34.68
CA ARG O 238 -5.80 9.42 34.87
C ARG O 238 -5.93 10.94 34.74
N GLU O 239 -5.03 11.69 35.37
CA GLU O 239 -5.04 13.14 35.22
C GLU O 239 -4.79 13.57 33.77
N GLU O 240 -3.89 12.89 33.07
CA GLU O 240 -3.71 13.13 31.64
C GLU O 240 -5.00 12.92 30.85
N ASP O 241 -5.70 11.81 31.12
CA ASP O 241 -6.95 11.52 30.43
C ASP O 241 -8.00 12.58 30.72
N LYS O 242 -8.15 12.93 32.00
CA LYS O 242 -9.12 13.94 32.44
C LYS O 242 -8.88 15.28 31.76
N VAL O 243 -7.64 15.76 31.76
CA VAL O 243 -7.30 17.03 31.11
C VAL O 243 -7.54 16.96 29.60
N MET O 244 -7.02 15.92 28.93
CA MET O 244 -7.16 15.84 27.48
C MET O 244 -8.61 15.69 27.04
N ALA O 245 -9.41 14.92 27.78
CA ALA O 245 -10.84 14.79 27.46
C ALA O 245 -11.55 16.14 27.53
N TYR O 246 -11.26 16.94 28.55
CA TYR O 246 -11.88 18.25 28.72
C TYR O 246 -11.73 19.14 27.49
N TYR O 247 -10.50 19.28 26.96
CA TYR O 247 -10.30 20.05 25.74
C TYR O 247 -10.94 19.41 24.52
N SER O 248 -10.91 18.09 24.40
CA SER O 248 -11.54 17.43 23.25
C SER O 248 -13.05 17.66 23.21
N SER O 249 -13.68 17.94 24.35
CA SER O 249 -15.10 18.26 24.42
C SER O 249 -15.43 19.67 23.95
N GLY O 250 -14.44 20.55 23.83
CA GLY O 250 -14.70 21.92 23.43
C GLY O 250 -15.34 22.06 22.07
N TYR O 251 -14.96 21.21 21.10
CA TYR O 251 -15.51 21.34 19.76
C TYR O 251 -17.01 21.07 19.71
N LEU O 252 -17.54 20.28 20.63
CA LEU O 252 -18.98 20.06 20.73
C LEU O 252 -19.68 21.03 21.68
N TYR O 253 -19.07 21.33 22.83
CA TYR O 253 -19.76 21.97 23.95
C TYR O 253 -19.37 23.42 24.25
N SER O 254 -18.28 23.95 23.70
CA SER O 254 -17.80 25.25 24.18
C SER O 254 -18.73 26.41 23.81
N ASP O 255 -19.48 26.32 22.72
CA ASP O 255 -20.51 27.33 22.46
C ASP O 255 -21.84 27.04 23.16
N ARG O 256 -21.99 25.86 23.76
CA ARG O 256 -23.10 25.60 24.68
C ARG O 256 -22.81 26.14 26.07
N VAL O 257 -21.70 25.71 26.66
CA VAL O 257 -21.34 26.03 28.04
C VAL O 257 -20.92 27.50 28.16
N ILE P 10 18.51 -25.13 35.56
CA ILE P 10 18.57 -26.58 35.55
C ILE P 10 19.74 -27.08 36.40
N THR P 11 19.46 -28.05 37.27
CA THR P 11 20.49 -28.64 38.13
C THR P 11 21.32 -29.68 37.39
N GLU P 12 22.48 -30.00 37.97
CA GLU P 12 23.31 -31.10 37.49
C GLU P 12 22.57 -32.43 37.49
N GLY P 13 21.90 -32.75 38.59
CA GLY P 13 21.29 -34.07 38.72
C GLY P 13 20.17 -34.33 37.73
N GLU P 14 19.37 -33.32 37.44
CA GLU P 14 18.32 -33.47 36.43
C GLU P 14 18.85 -33.33 35.01
N ALA P 15 19.92 -32.57 34.80
CA ALA P 15 20.61 -32.57 33.51
C ALA P 15 21.20 -33.94 33.18
N LYS P 16 21.73 -34.64 34.18
CA LYS P 16 22.15 -36.03 33.99
C LYS P 16 20.98 -36.95 33.73
N GLU P 17 19.84 -36.72 34.39
CA GLU P 17 18.63 -37.49 34.10
C GLU P 17 18.17 -37.29 32.65
N PHE P 18 18.14 -36.04 32.19
CA PHE P 18 17.79 -35.78 30.79
C PHE P 18 18.75 -36.47 29.83
N HIS P 19 20.06 -36.33 30.07
CA HIS P 19 21.05 -36.95 29.18
C HIS P 19 20.87 -38.45 29.04
N LYS P 20 20.49 -39.14 30.11
CA LYS P 20 20.28 -40.58 30.02
C LYS P 20 19.08 -40.92 29.14
N ILE P 21 17.97 -40.21 29.31
CA ILE P 21 16.78 -40.47 28.48
C ILE P 21 17.01 -39.99 27.04
N PHE P 22 17.70 -38.86 26.87
CA PHE P 22 18.07 -38.40 25.53
C PHE P 22 18.94 -39.42 24.82
N THR P 23 19.98 -39.94 25.49
CA THR P 23 20.81 -40.98 24.90
C THR P 23 20.02 -42.23 24.54
N SER P 24 19.07 -42.62 25.38
CA SER P 24 18.20 -43.75 25.06
C SER P 24 17.34 -43.48 23.83
N SER P 25 16.75 -42.29 23.77
CA SER P 25 15.85 -41.94 22.66
C SER P 25 16.57 -41.86 21.32
N ILE P 26 17.73 -41.20 21.27
CA ILE P 26 18.46 -41.05 20.02
C ILE P 26 18.98 -42.39 19.49
N LEU P 27 19.39 -43.29 20.39
CA LEU P 27 19.77 -44.64 19.97
C LEU P 27 18.60 -45.42 19.37
N VAL P 28 17.40 -45.28 19.96
CA VAL P 28 16.22 -45.90 19.36
C VAL P 28 15.90 -45.28 17.99
N PHE P 29 15.92 -43.94 17.91
CA PHE P 29 15.69 -43.25 16.65
C PHE P 29 16.68 -43.68 15.57
N PHE P 30 17.97 -43.70 15.89
CA PHE P 30 18.98 -44.17 14.92
C PHE P 30 18.83 -45.65 14.61
N GLY P 31 18.43 -46.46 15.59
CA GLY P 31 18.18 -47.88 15.32
C GLY P 31 17.05 -48.14 14.35
N VAL P 32 15.92 -47.45 14.53
CA VAL P 32 14.82 -47.57 13.57
C VAL P 32 15.21 -47.05 12.20
N ALA P 33 15.84 -45.88 12.16
CA ALA P 33 16.32 -45.33 10.89
C ALA P 33 17.29 -46.26 10.17
N ALA P 34 18.22 -46.87 10.92
CA ALA P 34 19.17 -47.80 10.30
C ALA P 34 18.47 -49.01 9.69
N PHE P 35 17.47 -49.55 10.37
CA PHE P 35 16.68 -50.64 9.82
C PHE P 35 15.88 -50.20 8.59
N ALA P 36 15.29 -48.99 8.64
CA ALA P 36 14.63 -48.43 7.46
C ALA P 36 15.56 -48.33 6.25
N HIS P 37 16.76 -47.79 6.44
CA HIS P 37 17.73 -47.70 5.34
C HIS P 37 18.15 -49.08 4.81
N LEU P 38 18.31 -50.06 5.70
CA LEU P 38 18.66 -51.42 5.26
C LEU P 38 17.60 -52.02 4.35
N LEU P 39 16.33 -51.91 4.73
CA LEU P 39 15.25 -52.43 3.88
C LEU P 39 15.18 -51.72 2.53
N VAL P 40 15.31 -50.39 2.52
CA VAL P 40 15.35 -49.65 1.26
C VAL P 40 16.52 -50.09 0.40
N TRP P 41 17.69 -50.30 1.00
CA TRP P 41 18.84 -50.77 0.24
C TRP P 41 18.60 -52.13 -0.41
N ILE P 42 18.02 -53.07 0.34
CA ILE P 42 17.71 -54.39 -0.20
C ILE P 42 16.72 -54.30 -1.35
N TRP P 43 15.75 -53.39 -1.26
CA TRP P 43 14.85 -53.13 -2.39
C TRP P 43 15.59 -52.51 -3.58
N ARG P 44 16.13 -51.30 -3.41
CA ARG P 44 16.86 -50.64 -4.47
C ARG P 44 18.05 -49.88 -3.89
N PRO P 45 19.28 -50.36 -4.09
CA PRO P 45 20.45 -49.62 -3.62
C PRO P 45 20.62 -48.30 -4.36
N TRP P 46 21.32 -47.37 -3.69
CA TRP P 46 21.43 -46.00 -4.14
C TRP P 46 22.85 -45.54 -4.42
N VAL P 47 23.82 -46.44 -4.51
CA VAL P 47 25.14 -46.12 -5.04
C VAL P 47 25.31 -46.85 -6.37
N PRO P 48 25.34 -46.15 -7.50
CA PRO P 48 25.44 -46.81 -8.80
C PRO P 48 26.82 -47.38 -9.07
N GLY P 49 26.87 -48.40 -9.93
CA GLY P 49 28.11 -48.90 -10.47
C GLY P 49 28.70 -48.03 -11.56
N PRO P 50 29.80 -48.49 -12.18
CA PRO P 50 30.37 -47.75 -13.31
C PRO P 50 29.41 -47.52 -14.47
N ASN P 51 28.62 -48.53 -14.82
CA ASN P 51 27.63 -48.44 -15.89
C ASN P 51 26.34 -47.75 -15.45
N GLY P 52 26.33 -47.10 -14.29
CA GLY P 52 25.10 -46.61 -13.70
C GLY P 52 24.28 -47.70 -13.06
N TYR P 53 22.96 -47.59 -13.15
CA TYR P 53 22.08 -48.64 -12.65
C TYR P 53 21.69 -49.64 -13.74
N FME Q 1 -45.47 -22.16 22.16
CN FME Q 1 -45.37 -22.35 23.51
O1 FME Q 1 -44.40 -21.96 24.19
CA FME Q 1 -44.46 -21.52 21.37
CB FME Q 1 -44.73 -21.63 19.85
CG FME Q 1 -44.26 -22.95 19.29
SD FME Q 1 -42.51 -23.10 19.57
CE FME Q 1 -41.86 -21.78 18.63
C FME Q 1 -44.28 -20.01 21.66
O FME Q 1 -43.31 -19.38 21.28
N TRP Q 2 -45.26 -19.45 22.37
CA TRP Q 2 -45.19 -18.06 22.84
C TRP Q 2 -43.97 -17.77 23.71
N ARG Q 3 -43.42 -18.82 24.32
CA ARG Q 3 -42.19 -18.72 25.09
C ARG Q 3 -40.99 -18.27 24.25
N ILE Q 4 -41.06 -18.38 22.91
CA ILE Q 4 -40.00 -17.86 22.05
C ILE Q 4 -39.76 -16.36 22.28
N TRP Q 5 -40.80 -15.60 22.61
CA TRP Q 5 -40.64 -14.17 22.85
C TRP Q 5 -40.05 -13.84 24.22
N GLN Q 6 -39.89 -14.83 25.09
CA GLN Q 6 -39.08 -14.67 26.29
C GLN Q 6 -37.60 -14.96 26.03
N LEU Q 7 -37.28 -15.65 24.94
CA LEU Q 7 -35.91 -15.78 24.46
C LEU Q 7 -35.48 -14.62 23.58
N PHE Q 8 -36.32 -14.23 22.62
CA PHE Q 8 -35.99 -13.21 21.63
C PHE Q 8 -36.89 -11.98 21.79
N ASP Q 9 -36.27 -10.81 21.86
CA ASP Q 9 -36.96 -9.53 21.81
C ASP Q 9 -37.81 -9.39 20.55
N PRO Q 10 -39.13 -9.18 20.68
CA PRO Q 10 -39.99 -8.94 19.51
C PRO Q 10 -39.54 -7.81 18.59
N ARG Q 11 -39.03 -6.71 19.14
CA ARG Q 11 -38.62 -5.59 18.30
C ARG Q 11 -37.46 -5.97 17.39
N GLN Q 12 -36.42 -6.55 17.97
CA GLN Q 12 -35.31 -7.10 17.19
C GLN Q 12 -35.77 -8.15 16.18
N ALA Q 13 -36.64 -9.06 16.61
CA ALA Q 13 -37.13 -10.13 15.74
C ALA Q 13 -37.88 -9.62 14.51
N LEU Q 14 -38.77 -8.64 14.70
CA LEU Q 14 -39.52 -8.10 13.55
C LEU Q 14 -38.63 -7.38 12.55
N VAL Q 15 -37.63 -6.63 13.01
CA VAL Q 15 -36.70 -5.97 12.08
C VAL Q 15 -35.90 -7.02 11.31
N GLY Q 16 -35.41 -8.04 12.00
CA GLY Q 16 -34.71 -9.13 11.32
C GLY Q 16 -35.56 -9.84 10.28
N LEU Q 17 -36.79 -10.21 10.66
CA LEU Q 17 -37.71 -10.84 9.72
C LEU Q 17 -37.98 -9.97 8.49
N ALA Q 18 -38.38 -8.72 8.70
CA ALA Q 18 -38.70 -7.84 7.58
C ALA Q 18 -37.55 -7.75 6.59
N THR Q 19 -36.32 -7.55 7.09
CA THR Q 19 -35.15 -7.51 6.22
C THR Q 19 -34.93 -8.83 5.50
N PHE Q 20 -34.87 -9.94 6.26
CA PHE Q 20 -34.65 -11.26 5.67
C PHE Q 20 -35.70 -11.60 4.62
N LEU Q 21 -36.97 -11.40 4.92
CA LEU Q 21 -38.04 -11.77 3.99
C LEU Q 21 -38.04 -10.91 2.73
N PHE Q 22 -37.73 -9.61 2.85
CA PHE Q 22 -37.61 -8.77 1.67
C PHE Q 22 -36.47 -9.20 0.77
N VAL Q 23 -35.28 -9.42 1.35
CA VAL Q 23 -34.12 -9.87 0.56
C VAL Q 23 -34.40 -11.22 -0.10
N LEU Q 24 -35.03 -12.15 0.62
CA LEU Q 24 -35.41 -13.43 0.05
C LEU Q 24 -36.42 -13.28 -1.09
N ALA Q 25 -37.48 -12.50 -0.88
CA ALA Q 25 -38.48 -12.28 -1.92
C ALA Q 25 -37.86 -11.65 -3.16
N LEU Q 26 -37.03 -10.62 -2.96
CA LEU Q 26 -36.37 -9.95 -4.07
C LEU Q 26 -35.45 -10.88 -4.84
N LEU Q 27 -34.70 -11.72 -4.14
CA LEU Q 27 -33.91 -12.76 -4.78
C LEU Q 27 -34.76 -13.70 -5.64
N ILE Q 28 -35.88 -14.19 -5.11
CA ILE Q 28 -36.70 -15.14 -5.87
C ILE Q 28 -37.31 -14.51 -7.12
N HIS Q 29 -37.83 -13.27 -7.01
CA HIS Q 29 -38.31 -12.60 -8.22
C HIS Q 29 -37.21 -12.41 -9.27
N PHE Q 30 -36.01 -11.99 -8.85
CA PHE Q 30 -34.89 -11.88 -9.81
C PHE Q 30 -34.47 -13.22 -10.41
N ILE Q 31 -34.48 -14.30 -9.63
CA ILE Q 31 -34.22 -15.62 -10.20
C ILE Q 31 -35.22 -15.97 -11.30
N LEU Q 32 -36.52 -15.81 -11.03
CA LEU Q 32 -37.54 -16.10 -12.04
C LEU Q 32 -37.41 -15.22 -13.28
N LEU Q 33 -37.13 -13.93 -13.11
CA LEU Q 33 -36.89 -13.06 -14.26
C LEU Q 33 -35.70 -13.50 -15.11
N SER Q 34 -34.73 -14.19 -14.53
CA SER Q 34 -33.62 -14.71 -15.33
C SER Q 34 -33.97 -15.96 -16.13
N THR Q 35 -35.12 -16.60 -15.87
CA THR Q 35 -35.51 -17.80 -16.59
C THR Q 35 -36.29 -17.47 -17.87
N GLU Q 36 -36.27 -18.41 -18.81
CA GLU Q 36 -37.11 -18.31 -20.00
C GLU Q 36 -38.59 -18.51 -19.66
N ARG Q 37 -38.91 -19.56 -18.92
CA ARG Q 37 -40.30 -19.94 -18.66
C ARG Q 37 -41.04 -18.94 -17.77
N PHE Q 38 -40.39 -18.41 -16.75
CA PHE Q 38 -41.07 -17.63 -15.73
C PHE Q 38 -40.81 -16.12 -15.79
N ASN Q 39 -39.98 -15.64 -16.70
CA ASN Q 39 -39.87 -14.19 -16.90
C ASN Q 39 -41.18 -13.69 -17.50
N TRP Q 40 -42.02 -13.09 -16.65
CA TRP Q 40 -43.30 -12.54 -17.07
C TRP Q 40 -43.17 -11.26 -17.89
N LEU Q 41 -42.06 -10.52 -17.73
CA LEU Q 41 -41.86 -9.28 -18.46
C LEU Q 41 -41.40 -9.51 -19.91
N GLU Q 42 -40.63 -10.57 -20.16
CA GLU Q 42 -40.34 -11.00 -21.52
C GLU Q 42 -41.47 -11.84 -22.11
N GLY Q 43 -42.01 -12.78 -21.33
CA GLY Q 43 -43.15 -13.58 -21.73
C GLY Q 43 -42.94 -14.45 -22.95
N ALA Q 44 -41.84 -15.20 -22.95
CA ALA Q 44 -41.63 -16.24 -23.95
C ALA Q 44 -42.78 -17.25 -23.95
N SER Q 45 -43.03 -17.85 -25.11
CA SER Q 45 -43.97 -18.94 -25.23
C SER Q 45 -43.45 -20.20 -24.55
N THR Q 46 -44.37 -21.07 -24.16
CA THR Q 46 -44.05 -22.22 -23.33
C THR Q 46 -43.34 -23.32 -24.14
N GLY R 9 3.96 -27.37 34.69
CA GLY R 9 2.94 -27.16 35.70
C GLY R 9 2.26 -28.43 36.19
N ILE R 10 2.82 -29.57 35.81
CA ILE R 10 2.17 -30.87 35.99
C ILE R 10 2.84 -31.64 37.12
N THR R 11 2.04 -32.06 38.09
CA THR R 11 2.52 -32.90 39.19
C THR R 11 3.01 -34.25 38.66
N GLU R 12 3.92 -34.88 39.40
CA GLU R 12 4.41 -36.20 39.02
C GLU R 12 3.26 -37.21 38.87
N GLY R 13 2.35 -37.22 39.83
CA GLY R 13 1.21 -38.12 39.74
C GLY R 13 0.28 -37.81 38.57
N GLU R 14 0.16 -36.53 38.21
CA GLU R 14 -0.56 -36.17 37.00
C GLU R 14 0.19 -36.58 35.74
N ALA R 15 1.50 -36.35 35.70
CA ALA R 15 2.32 -36.74 34.56
C ALA R 15 2.29 -38.25 34.32
N LYS R 16 2.35 -39.03 35.40
CA LYS R 16 2.27 -40.49 35.26
C LYS R 16 0.87 -40.96 34.83
N GLU R 17 -0.19 -40.37 35.36
CA GLU R 17 -1.53 -40.75 34.91
C GLU R 17 -1.78 -40.34 33.46
N PHE R 18 -1.29 -39.17 33.05
CA PHE R 18 -1.36 -38.81 31.64
C PHE R 18 -0.56 -39.77 30.76
N HIS R 19 0.68 -40.06 31.15
CA HIS R 19 1.51 -40.99 30.38
C HIS R 19 0.88 -42.36 30.22
N LYS R 20 0.20 -42.85 31.26
CA LYS R 20 -0.51 -44.13 31.14
C LYS R 20 -1.57 -44.09 30.05
N ILE R 21 -2.45 -43.08 30.09
CA ILE R 21 -3.54 -42.98 29.12
C ILE R 21 -3.00 -42.66 27.73
N PHE R 22 -1.99 -41.79 27.64
CA PHE R 22 -1.30 -41.53 26.38
C PHE R 22 -0.70 -42.80 25.78
N THR R 23 -0.04 -43.61 26.60
CA THR R 23 0.57 -44.85 26.09
C THR R 23 -0.46 -45.81 25.52
N SER R 24 -1.58 -46.00 26.21
CA SER R 24 -2.67 -46.82 25.66
C SER R 24 -3.27 -46.20 24.39
N SER R 25 -3.43 -44.88 24.37
CA SER R 25 -4.02 -44.21 23.20
C SER R 25 -3.16 -44.33 21.96
N ILE R 26 -1.86 -44.08 22.08
CA ILE R 26 -0.97 -44.18 20.92
C ILE R 26 -0.86 -45.63 20.41
N LEU R 27 -0.86 -46.60 21.31
CA LEU R 27 -0.83 -48.00 20.89
C LEU R 27 -2.11 -48.39 20.14
N VAL R 28 -3.27 -47.91 20.58
CA VAL R 28 -4.51 -48.12 19.82
C VAL R 28 -4.44 -47.44 18.46
N PHE R 29 -4.01 -46.18 18.42
CA PHE R 29 -3.90 -45.45 17.17
C PHE R 29 -2.95 -46.15 16.19
N PHE R 30 -1.78 -46.57 16.65
CA PHE R 30 -0.85 -47.32 15.79
C PHE R 30 -1.43 -48.68 15.39
N GLY R 31 -2.13 -49.35 16.30
CA GLY R 31 -2.73 -50.64 15.96
C GLY R 31 -3.78 -50.56 14.86
N VAL R 32 -4.65 -49.56 14.92
CA VAL R 32 -5.63 -49.35 13.85
C VAL R 32 -4.96 -48.94 12.55
N ALA R 33 -3.98 -48.03 12.62
CA ALA R 33 -3.22 -47.66 11.42
C ALA R 33 -2.50 -48.85 10.79
N ALA R 34 -1.93 -49.72 11.61
CA ALA R 34 -1.26 -50.91 11.07
C ALA R 34 -2.23 -51.82 10.34
N PHE R 35 -3.42 -52.03 10.89
CA PHE R 35 -4.48 -52.77 10.20
C PHE R 35 -4.89 -52.09 8.90
N ALA R 36 -5.05 -50.76 8.92
CA ALA R 36 -5.34 -50.01 7.69
C ALA R 36 -4.26 -50.17 6.63
N HIS R 37 -2.98 -50.08 7.01
CA HIS R 37 -1.89 -50.30 6.03
C HIS R 37 -1.89 -51.73 5.48
N LEU R 38 -2.15 -52.72 6.33
CA LEU R 38 -2.18 -54.11 5.86
C LEU R 38 -3.27 -54.34 4.81
N LEU R 39 -4.48 -53.82 5.03
CA LEU R 39 -5.54 -53.95 4.06
C LEU R 39 -5.22 -53.25 2.73
N VAL R 40 -4.62 -52.06 2.80
CA VAL R 40 -4.19 -51.38 1.58
C VAL R 40 -3.11 -52.19 0.85
N TRP R 41 -2.18 -52.78 1.60
CA TRP R 41 -1.15 -53.61 0.97
C TRP R 41 -1.76 -54.80 0.24
N ILE R 42 -2.73 -55.46 0.84
CA ILE R 42 -3.43 -56.57 0.19
C ILE R 42 -4.13 -56.12 -1.08
N TRP R 43 -4.77 -54.94 -1.05
CA TRP R 43 -5.38 -54.40 -2.26
C TRP R 43 -4.33 -54.06 -3.32
N ARG R 44 -3.42 -53.14 -3.02
CA ARG R 44 -2.37 -52.74 -3.95
C ARG R 44 -1.08 -52.41 -3.20
N PRO R 45 -0.06 -53.27 -3.25
CA PRO R 45 1.20 -52.95 -2.58
C PRO R 45 1.92 -51.78 -3.23
N TRP R 46 2.76 -51.12 -2.44
CA TRP R 46 3.41 -49.86 -2.81
C TRP R 46 4.93 -49.94 -2.86
N VAL R 47 5.52 -51.13 -2.86
CA VAL R 47 6.94 -51.29 -3.18
C VAL R 47 7.05 -52.01 -4.52
N PRO R 48 7.49 -51.33 -5.58
CA PRO R 48 7.56 -51.96 -6.90
C PRO R 48 8.71 -52.96 -7.03
N GLY R 49 8.47 -54.00 -7.84
CA GLY R 49 9.51 -54.91 -8.23
C GLY R 49 10.45 -54.32 -9.27
N PRO R 50 11.42 -55.13 -9.71
CA PRO R 50 12.42 -54.64 -10.68
C PRO R 50 11.81 -54.13 -11.98
N ASN R 51 10.78 -54.79 -12.49
CA ASN R 51 10.08 -54.39 -13.70
C ASN R 51 9.01 -53.33 -13.44
N GLY R 52 9.02 -52.71 -12.26
CA GLY R 52 7.96 -51.84 -11.82
C GLY R 52 6.74 -52.58 -11.32
N TYR R 53 5.60 -51.91 -11.38
CA TYR R 53 4.32 -52.56 -11.12
C TYR R 53 3.82 -53.33 -12.33
N ALA S 2 -26.44 -4.27 21.69
CA ALA S 2 -25.71 -4.29 22.94
C ALA S 2 -24.54 -3.31 22.93
N LEU S 3 -23.95 -3.05 24.09
CA LEU S 3 -22.89 -2.06 24.25
C LEU S 3 -21.60 -2.68 24.77
N LEU S 4 -20.47 -2.09 24.38
CA LEU S 4 -19.20 -2.34 25.06
C LEU S 4 -19.23 -1.80 26.49
N SER S 5 -18.37 -2.39 27.33
CA SER S 5 -18.22 -2.05 28.74
C SER S 5 -17.88 -0.59 29.01
N PHE S 6 -17.51 0.20 28.00
CA PHE S 6 -17.17 1.60 28.19
C PHE S 6 -17.96 2.55 27.28
N GLU S 7 -18.96 2.04 26.57
CA GLU S 7 -19.59 2.74 25.46
C GLU S 7 -20.62 3.79 25.90
N ARG S 8 -21.42 3.47 26.92
CA ARG S 8 -22.61 4.26 27.26
C ARG S 8 -22.31 5.74 27.48
N LYS S 9 -21.26 6.05 28.24
CA LYS S 9 -20.90 7.44 28.53
C LYS S 9 -20.62 8.29 27.29
N TYR S 10 -20.28 7.68 26.15
CA TYR S 10 -20.02 8.43 24.93
C TYR S 10 -21.25 8.63 24.03
N ARG S 11 -22.32 7.86 24.22
CA ARG S 11 -23.48 7.92 23.32
C ARG S 11 -24.37 9.15 23.53
N VAL S 12 -23.76 10.34 23.51
CA VAL S 12 -24.51 11.59 23.69
C VAL S 12 -25.16 12.04 22.39
N ARG S 13 -26.19 12.87 22.55
CA ARG S 13 -26.87 13.60 21.49
C ARG S 13 -25.95 14.63 20.82
N GLY S 14 -26.23 14.93 19.56
CA GLY S 14 -25.57 16.00 18.83
C GLY S 14 -24.42 15.52 17.96
N GLY S 15 -23.87 16.48 17.21
CA GLY S 15 -22.82 16.24 16.23
C GLY S 15 -23.28 15.99 14.81
N THR S 16 -24.59 15.83 14.57
CA THR S 16 -25.10 15.69 13.22
C THR S 16 -24.81 16.92 12.37
N LEU S 17 -24.55 16.69 11.08
CA LEU S 17 -24.37 17.78 10.14
C LEU S 17 -25.72 18.32 9.65
N ILE S 18 -26.69 17.42 9.46
CA ILE S 18 -28.00 17.78 8.92
C ILE S 18 -29.03 16.83 9.51
N GLY S 19 -30.30 17.26 9.46
CA GLY S 19 -31.42 16.45 9.91
C GLY S 19 -31.76 16.55 11.38
N GLY S 20 -30.90 17.15 12.21
CA GLY S 20 -31.11 17.28 13.63
C GLY S 20 -31.27 15.96 14.37
N ASP S 21 -32.09 16.00 15.43
CA ASP S 21 -32.28 14.86 16.33
C ASP S 21 -32.95 13.65 15.66
N LEU S 22 -33.67 13.87 14.56
CA LEU S 22 -34.54 12.84 14.00
C LEU S 22 -33.80 11.54 13.69
N PHE S 23 -32.57 11.62 13.22
CA PHE S 23 -31.79 10.45 12.84
C PHE S 23 -30.72 10.06 13.85
N ASP S 24 -30.57 10.81 14.94
CA ASP S 24 -29.46 10.69 15.88
C ASP S 24 -29.67 9.55 16.88
N PHE S 25 -29.51 8.32 16.38
CA PHE S 25 -29.76 7.12 17.19
C PHE S 25 -28.95 5.96 16.63
N TRP S 26 -28.92 4.86 17.38
CA TRP S 26 -28.16 3.66 17.01
C TRP S 26 -29.08 2.47 16.76
N VAL S 27 -28.69 1.64 15.79
CA VAL S 27 -29.31 0.34 15.53
C VAL S 27 -28.26 -0.71 15.86
N GLY S 28 -28.38 -1.33 17.02
CA GLY S 28 -27.33 -2.17 17.55
C GLY S 28 -26.03 -1.42 17.74
N PRO S 29 -24.94 -1.94 17.16
CA PRO S 29 -23.67 -1.19 17.20
C PRO S 29 -23.63 0.01 16.25
N PHE S 30 -24.42 0.02 15.19
CA PHE S 30 -24.32 1.03 14.15
C PHE S 30 -24.94 2.35 14.56
N TYR S 31 -24.23 3.45 14.35
CA TYR S 31 -24.84 4.77 14.32
C TYR S 31 -25.58 4.97 13.00
N VAL S 32 -26.74 5.62 13.06
CA VAL S 32 -27.52 5.91 11.86
C VAL S 32 -27.18 7.28 11.29
N GLY S 33 -27.86 8.32 11.76
CA GLY S 33 -27.81 9.64 11.15
C GLY S 33 -28.41 9.73 9.75
N PHE S 34 -28.61 10.97 9.28
CA PHE S 34 -29.21 11.17 7.97
C PHE S 34 -28.40 10.55 6.84
N PHE S 35 -27.08 10.58 6.95
CA PHE S 35 -26.22 9.95 5.95
C PHE S 35 -26.16 8.43 6.10
N GLY S 36 -26.56 7.90 7.24
CA GLY S 36 -26.86 6.47 7.32
C GLY S 36 -28.04 6.09 6.46
N VAL S 37 -29.13 6.86 6.55
CA VAL S 37 -30.32 6.62 5.74
C VAL S 37 -30.00 6.73 4.25
N THR S 38 -29.33 7.81 3.84
CA THR S 38 -28.99 7.96 2.43
C THR S 38 -27.94 6.94 1.97
N THR S 39 -27.04 6.51 2.85
CA THR S 39 -26.20 5.35 2.54
C THR S 39 -27.06 4.15 2.16
N LEU S 40 -28.03 3.81 3.02
CA LEU S 40 -28.89 2.65 2.77
C LEU S 40 -29.69 2.82 1.48
N LEU S 41 -30.25 4.01 1.25
CA LEU S 41 -30.95 4.32 0.01
C LEU S 41 -30.12 3.95 -1.22
N PHE S 42 -28.94 4.57 -1.35
CA PHE S 42 -28.08 4.31 -2.50
C PHE S 42 -27.57 2.87 -2.53
N THR S 43 -27.25 2.31 -1.37
CA THR S 43 -26.75 0.93 -1.32
C THR S 43 -27.77 -0.07 -1.84
N VAL S 44 -29.00 0.00 -1.34
CA VAL S 44 -30.04 -0.93 -1.79
C VAL S 44 -30.33 -0.74 -3.28
N LEU S 45 -30.49 0.51 -3.71
CA LEU S 45 -30.74 0.78 -5.13
C LEU S 45 -29.63 0.22 -6.02
N GLY S 46 -28.40 0.61 -5.76
CA GLY S 46 -27.28 0.13 -6.58
C GLY S 46 -27.08 -1.36 -6.53
N THR S 47 -27.22 -1.96 -5.35
CA THR S 47 -27.10 -3.42 -5.23
C THR S 47 -28.20 -4.16 -5.99
N ALA S 48 -29.45 -3.73 -5.82
CA ALA S 48 -30.55 -4.36 -6.54
C ALA S 48 -30.42 -4.20 -8.05
N LEU S 49 -29.91 -3.06 -8.50
CA LEU S 49 -29.65 -2.87 -9.93
C LEU S 49 -28.50 -3.73 -10.44
N ILE S 50 -27.50 -4.01 -9.60
CA ILE S 50 -26.48 -5.00 -9.94
C ILE S 50 -27.09 -6.40 -10.07
N VAL S 51 -27.93 -6.80 -9.11
CA VAL S 51 -28.60 -8.09 -9.19
C VAL S 51 -29.54 -8.16 -10.39
N TRP S 52 -30.21 -7.05 -10.73
CA TRP S 52 -30.99 -6.98 -11.96
C TRP S 52 -30.13 -7.18 -13.20
N GLY S 53 -28.97 -6.52 -13.24
CA GLY S 53 -28.03 -6.77 -14.33
C GLY S 53 -27.56 -8.21 -14.43
N ALA S 54 -27.37 -8.87 -13.29
CA ALA S 54 -27.08 -10.30 -13.29
C ALA S 54 -28.24 -11.13 -13.84
N ALA S 55 -29.48 -10.77 -13.50
CA ALA S 55 -30.63 -11.46 -14.07
C ALA S 55 -30.75 -11.23 -15.57
N LEU S 56 -30.42 -10.03 -16.05
CA LEU S 56 -30.39 -9.76 -17.48
C LEU S 56 -29.27 -10.52 -18.19
N GLY S 57 -28.11 -10.65 -17.55
CA GLY S 57 -26.95 -11.24 -18.19
C GLY S 57 -27.00 -12.76 -18.28
N PRO S 58 -25.99 -13.32 -18.95
CA PRO S 58 -26.02 -14.73 -19.34
C PRO S 58 -25.75 -15.75 -18.23
N SER S 59 -25.28 -15.33 -17.05
CA SER S 59 -24.92 -16.32 -16.03
C SER S 59 -25.14 -15.76 -14.63
N TRP S 60 -25.53 -16.64 -13.71
CA TRP S 60 -25.52 -16.37 -12.28
C TRP S 60 -24.21 -16.76 -11.58
N THR S 61 -23.23 -17.29 -12.30
CA THR S 61 -21.93 -17.56 -11.70
C THR S 61 -21.29 -16.24 -11.25
N PHE S 62 -21.15 -16.09 -9.93
CA PHE S 62 -20.80 -14.80 -9.33
C PHE S 62 -19.56 -14.17 -9.98
N TRP S 63 -18.52 -14.97 -10.21
CA TRP S 63 -17.30 -14.48 -10.86
C TRP S 63 -17.57 -13.88 -12.23
N GLN S 64 -18.56 -14.40 -12.96
CA GLN S 64 -18.83 -14.00 -14.34
C GLN S 64 -19.83 -12.85 -14.49
N ILE S 65 -20.60 -12.54 -13.45
CA ILE S 65 -21.56 -11.44 -13.54
C ILE S 65 -20.83 -10.15 -13.92
N SER S 66 -21.41 -9.37 -14.84
CA SER S 66 -20.76 -8.14 -15.28
C SER S 66 -21.77 -7.15 -15.83
N ILE S 67 -21.83 -5.97 -15.22
CA ILE S 67 -22.61 -4.85 -15.73
C ILE S 67 -21.64 -3.90 -16.44
N ASN S 68 -21.88 -3.66 -17.74
CA ASN S 68 -20.91 -2.97 -18.59
C ASN S 68 -21.33 -1.54 -18.90
N PRO S 69 -20.38 -0.61 -18.98
CA PRO S 69 -20.69 0.75 -19.47
C PRO S 69 -21.24 0.72 -20.88
N PRO S 70 -21.90 1.80 -21.32
CA PRO S 70 -22.30 1.89 -22.72
C PRO S 70 -21.13 1.83 -23.69
N ASP S 71 -21.43 1.39 -24.91
CA ASP S 71 -20.54 1.55 -26.06
C ASP S 71 -20.02 2.99 -26.15
N VAL S 72 -18.73 3.12 -26.48
CA VAL S 72 -18.09 4.41 -26.71
C VAL S 72 -18.81 5.26 -27.75
N SER S 73 -19.53 4.63 -28.69
CA SER S 73 -20.35 5.37 -29.64
C SER S 73 -21.40 6.26 -29.00
N TYR S 74 -21.85 5.96 -27.78
CA TYR S 74 -22.75 6.86 -27.07
C TYR S 74 -22.09 8.14 -26.60
N GLY S 75 -20.76 8.22 -26.60
CA GLY S 75 -20.08 9.36 -26.01
C GLY S 75 -20.44 9.54 -24.54
N LEU S 76 -20.71 10.78 -24.15
CA LEU S 76 -21.15 11.09 -22.80
C LEU S 76 -22.66 11.21 -22.65
N ALA S 77 -23.44 10.84 -23.66
CA ALA S 77 -24.88 10.78 -23.51
C ALA S 77 -25.28 9.67 -22.53
N MET S 78 -26.43 9.85 -21.89
CA MET S 78 -27.04 8.75 -21.16
C MET S 78 -27.55 7.69 -22.14
N ALA S 79 -27.17 6.44 -21.90
CA ALA S 79 -27.60 5.31 -22.71
C ALA S 79 -28.94 4.74 -22.24
N PRO S 80 -29.65 4.03 -23.11
CA PRO S 80 -30.78 3.20 -22.66
C PRO S 80 -30.36 2.20 -21.59
N MET S 81 -31.32 1.91 -20.69
CA MET S 81 -31.05 1.04 -19.53
C MET S 81 -30.43 -0.29 -19.94
N ALA S 82 -30.97 -0.93 -20.97
CA ALA S 82 -30.45 -2.22 -21.41
C ALA S 82 -29.12 -2.10 -22.17
N LYS S 83 -28.72 -0.90 -22.54
CA LYS S 83 -27.56 -0.68 -23.40
C LYS S 83 -26.48 0.15 -22.71
N GLY S 84 -26.32 -0.02 -21.40
CA GLY S 84 -25.31 0.70 -20.63
C GLY S 84 -25.85 1.72 -19.65
N GLY S 85 -27.11 2.11 -19.76
CA GLY S 85 -27.69 3.04 -18.79
C GLY S 85 -27.72 2.49 -17.38
N LEU S 86 -27.87 1.17 -17.24
CA LEU S 86 -27.80 0.52 -15.93
C LEU S 86 -26.48 0.78 -15.23
N TRP S 87 -25.36 0.61 -15.93
CA TRP S 87 -24.06 0.95 -15.39
C TRP S 87 -23.97 2.40 -14.94
N GLN S 88 -24.57 3.31 -15.71
CA GLN S 88 -24.57 4.73 -15.35
C GLN S 88 -25.34 5.03 -14.07
N ILE S 89 -26.51 4.41 -13.88
CA ILE S 89 -27.27 4.60 -12.65
C ILE S 89 -26.53 4.01 -11.45
N ILE S 90 -25.99 2.79 -11.59
CA ILE S 90 -25.20 2.18 -10.53
C ILE S 90 -24.00 3.06 -10.14
N THR S 91 -23.32 3.61 -11.15
CA THR S 91 -22.17 4.48 -10.88
C THR S 91 -22.50 5.66 -9.99
N PHE S 92 -23.54 6.43 -10.35
CA PHE S 92 -23.90 7.58 -9.53
C PHE S 92 -24.55 7.19 -8.20
N SER S 93 -25.24 6.05 -8.13
CA SER S 93 -25.67 5.55 -6.83
C SER S 93 -24.48 5.21 -5.94
N ALA S 94 -23.44 4.57 -6.52
CA ALA S 94 -22.23 4.28 -5.76
C ALA S 94 -21.55 5.55 -5.25
N ILE S 95 -21.46 6.58 -6.09
CA ILE S 95 -20.96 7.88 -5.63
C ILE S 95 -21.78 8.38 -4.44
N GLY S 96 -23.11 8.37 -4.57
CA GLY S 96 -23.97 8.75 -3.46
C GLY S 96 -23.69 7.95 -2.19
N ALA S 97 -23.57 6.63 -2.33
CA ALA S 97 -23.29 5.78 -1.17
C ALA S 97 -21.95 6.11 -0.52
N PHE S 98 -20.89 6.26 -1.31
CA PHE S 98 -19.57 6.54 -0.74
C PHE S 98 -19.51 7.93 -0.09
N VAL S 99 -20.09 8.95 -0.74
CA VAL S 99 -20.16 10.28 -0.15
C VAL S 99 -20.96 10.28 1.15
N SER S 100 -22.10 9.56 1.16
CA SER S 100 -22.88 9.43 2.39
C SER S 100 -22.07 8.74 3.50
N TRP S 101 -21.32 7.69 3.15
CA TRP S 101 -20.46 7.02 4.12
C TRP S 101 -19.42 7.97 4.71
N ALA S 102 -18.80 8.80 3.89
CA ALA S 102 -17.82 9.78 4.39
C ALA S 102 -18.46 10.79 5.33
N LEU S 103 -19.60 11.36 4.95
CA LEU S 103 -20.29 12.35 5.78
C LEU S 103 -20.84 11.74 7.07
N ARG S 104 -21.26 10.48 7.04
CA ARG S 104 -21.63 9.78 8.27
C ARG S 104 -20.45 9.60 9.22
N GLU S 105 -19.26 9.29 8.68
CA GLU S 105 -18.06 9.26 9.52
C GLU S 105 -17.75 10.62 10.15
N VAL S 106 -17.97 11.71 9.41
CA VAL S 106 -17.79 13.05 9.99
C VAL S 106 -18.69 13.26 11.21
N GLU S 107 -19.97 12.89 11.10
CA GLU S 107 -20.87 12.99 12.24
C GLU S 107 -20.38 12.19 13.45
N ILE S 108 -19.86 10.99 13.21
CA ILE S 108 -19.31 10.18 14.29
C ILE S 108 -18.07 10.84 14.90
N CYS S 109 -17.19 11.43 14.08
CA CYS S 109 -16.07 12.19 14.60
C CYS S 109 -16.52 13.36 15.47
N ARG S 110 -17.54 14.11 15.01
CA ARG S 110 -18.05 15.23 15.79
C ARG S 110 -18.56 14.78 17.15
N LYS S 111 -19.32 13.69 17.19
CA LYS S 111 -19.85 13.17 18.45
C LYS S 111 -18.76 12.70 19.42
N LEU S 112 -17.65 12.17 18.91
CA LEU S 112 -16.57 11.68 19.75
C LEU S 112 -15.48 12.70 20.05
N GLY S 113 -15.54 13.90 19.49
CA GLY S 113 -14.52 14.91 19.75
C GLY S 113 -13.15 14.62 19.18
N ILE S 114 -13.08 13.78 18.16
CA ILE S 114 -11.83 13.42 17.49
C ILE S 114 -11.72 14.18 16.18
N GLY S 115 -10.52 14.20 15.61
CA GLY S 115 -10.30 14.84 14.32
C GLY S 115 -10.88 14.07 13.15
N TYR S 116 -10.90 14.74 12.00
CA TYR S 116 -11.57 14.29 10.77
C TYR S 116 -10.64 13.57 9.80
N HIS S 117 -9.49 13.09 10.28
CA HIS S 117 -8.49 12.44 9.42
C HIS S 117 -9.04 11.25 8.65
N ILE S 118 -9.90 10.44 9.28
CA ILE S 118 -10.43 9.24 8.64
C ILE S 118 -11.32 9.54 7.44
N PRO S 119 -12.42 10.32 7.56
CA PRO S 119 -13.20 10.65 6.35
C PRO S 119 -12.39 11.43 5.31
N PHE S 120 -11.45 12.26 5.75
CA PHE S 120 -10.53 12.90 4.81
C PHE S 120 -9.71 11.87 4.02
N ALA S 121 -9.12 10.90 4.72
CA ALA S 121 -8.37 9.84 4.05
C ALA S 121 -9.26 8.98 3.15
N PHE S 122 -10.47 8.66 3.59
CA PHE S 122 -11.43 7.95 2.74
C PHE S 122 -11.81 8.75 1.49
N GLY S 123 -11.81 10.08 1.58
CA GLY S 123 -12.01 10.91 0.42
C GLY S 123 -11.04 10.69 -0.73
N PHE S 124 -9.85 10.16 -0.45
CA PHE S 124 -8.95 9.75 -1.52
C PHE S 124 -9.33 8.43 -2.18
N ALA S 125 -9.94 7.51 -1.44
CA ALA S 125 -10.56 6.34 -2.06
C ALA S 125 -11.68 6.74 -3.02
N ILE S 126 -12.58 7.62 -2.56
CA ILE S 126 -13.66 8.11 -3.41
C ILE S 126 -13.12 8.79 -4.67
N LEU S 127 -12.13 9.67 -4.50
CA LEU S 127 -11.55 10.36 -5.65
C LEU S 127 -10.91 9.40 -6.65
N ALA S 128 -10.29 8.32 -6.18
CA ALA S 128 -9.74 7.33 -7.09
C ALA S 128 -10.84 6.64 -7.90
N TYR S 129 -11.92 6.23 -7.24
CA TYR S 129 -13.06 5.64 -7.95
C TYR S 129 -13.66 6.62 -8.96
N VAL S 130 -13.92 7.86 -8.51
CA VAL S 130 -14.47 8.90 -9.38
C VAL S 130 -13.54 9.22 -10.54
N SER S 131 -12.22 9.14 -10.34
CA SER S 131 -11.29 9.31 -11.45
C SER S 131 -11.46 8.26 -12.53
N LEU S 132 -11.63 6.99 -12.14
CA LEU S 132 -11.72 5.91 -13.11
C LEU S 132 -13.07 5.87 -13.84
N VAL S 133 -14.17 6.17 -13.14
CA VAL S 133 -15.50 6.06 -13.74
C VAL S 133 -16.08 7.39 -14.23
N VAL S 134 -15.57 8.53 -13.77
CA VAL S 134 -16.07 9.82 -14.24
C VAL S 134 -14.99 10.63 -14.95
N ILE S 135 -13.95 11.05 -14.22
CA ILE S 135 -13.05 12.08 -14.74
C ILE S 135 -12.32 11.59 -16.00
N ARG S 136 -11.68 10.43 -15.92
CA ARG S 136 -11.00 9.89 -17.10
C ARG S 136 -11.94 9.66 -18.28
N PRO S 137 -13.07 8.95 -18.16
CA PRO S 137 -13.97 8.82 -19.32
C PRO S 137 -14.56 10.12 -19.83
N VAL S 138 -14.82 11.10 -18.96
CA VAL S 138 -15.25 12.42 -19.44
C VAL S 138 -14.15 13.08 -20.27
N MET S 139 -12.92 13.11 -19.74
CA MET S 139 -11.81 13.67 -20.52
C MET S 139 -11.51 12.88 -21.78
N MET S 140 -11.76 11.56 -21.78
CA MET S 140 -11.65 10.78 -23.00
C MET S 140 -12.91 10.84 -23.87
N GLY S 141 -13.96 11.52 -23.42
CA GLY S 141 -15.15 11.75 -24.23
C GLY S 141 -16.14 10.61 -24.37
N ALA S 142 -16.06 9.56 -23.55
CA ALA S 142 -17.08 8.53 -23.58
C ALA S 142 -17.12 7.78 -22.26
N TRP S 143 -18.34 7.51 -21.77
CA TRP S 143 -18.53 6.68 -20.58
C TRP S 143 -17.98 5.26 -20.76
N GLY S 144 -17.96 4.76 -21.99
CA GLY S 144 -17.42 3.46 -22.34
C GLY S 144 -15.97 3.20 -21.95
N TYR S 145 -15.22 4.22 -21.53
CA TYR S 145 -13.91 3.99 -20.96
C TYR S 145 -13.92 3.64 -19.48
N GLY S 146 -15.05 3.78 -18.78
CA GLY S 146 -15.12 3.30 -17.40
C GLY S 146 -14.96 1.79 -17.31
N PHE S 147 -14.55 1.33 -16.10
CA PHE S 147 -14.43 -0.11 -15.92
C PHE S 147 -15.79 -0.77 -15.69
N PRO S 148 -15.99 -1.98 -16.22
CA PRO S 148 -17.22 -2.73 -15.94
C PRO S 148 -17.27 -3.24 -14.51
N TYR S 149 -18.49 -3.29 -13.98
CA TYR S 149 -18.74 -3.79 -12.63
C TYR S 149 -18.94 -5.31 -12.70
N GLY S 150 -17.84 -6.02 -12.49
CA GLY S 150 -17.82 -7.47 -12.49
C GLY S 150 -16.51 -8.03 -11.97
N PHE S 151 -16.61 -9.11 -11.19
CA PHE S 151 -15.47 -9.67 -10.46
C PHE S 151 -14.26 -9.94 -11.36
N MET S 152 -14.44 -10.70 -12.43
CA MET S 152 -13.36 -10.86 -13.40
C MET S 152 -13.31 -9.79 -14.49
N THR S 153 -14.45 -9.25 -14.93
CA THR S 153 -14.40 -8.31 -16.04
C THR S 153 -13.73 -6.97 -15.70
N HIS S 154 -13.72 -6.54 -14.44
CA HIS S 154 -12.91 -5.36 -14.13
C HIS S 154 -11.41 -5.67 -14.24
N LEU S 155 -10.98 -6.88 -13.87
CA LEU S 155 -9.61 -7.29 -14.14
C LEU S 155 -9.30 -7.41 -15.63
N ASP S 156 -10.26 -7.89 -16.44
CA ASP S 156 -10.07 -7.86 -17.89
C ASP S 156 -9.93 -6.44 -18.42
N TRP S 157 -10.74 -5.51 -17.92
CA TRP S 157 -10.58 -4.11 -18.29
C TRP S 157 -9.21 -3.55 -17.91
N VAL S 158 -8.69 -3.92 -16.74
CA VAL S 158 -7.34 -3.51 -16.36
C VAL S 158 -6.32 -4.03 -17.36
N SER S 159 -6.41 -5.32 -17.69
CA SER S 159 -5.55 -5.92 -18.69
C SER S 159 -5.63 -5.20 -20.04
N ASN S 160 -6.85 -5.05 -20.58
CA ASN S 160 -7.02 -4.36 -21.86
C ASN S 160 -6.47 -2.95 -21.82
N THR S 161 -6.77 -2.21 -20.75
CA THR S 161 -6.33 -0.82 -20.64
C THR S 161 -4.82 -0.71 -20.55
N GLY S 162 -4.17 -1.59 -19.78
CA GLY S 162 -2.72 -1.54 -19.67
C GLY S 162 -2.02 -1.80 -20.99
N TYR S 163 -2.37 -2.89 -21.67
CA TYR S 163 -1.74 -3.22 -22.95
C TYR S 163 -2.12 -2.29 -24.08
N GLN S 164 -3.17 -1.46 -23.94
CA GLN S 164 -3.43 -0.42 -24.93
C GLN S 164 -2.25 0.55 -25.08
N TYR S 165 -1.45 0.72 -24.02
CA TYR S 165 -0.28 1.58 -24.04
C TYR S 165 1.02 0.79 -24.14
N ALA S 166 0.96 -0.32 -24.89
CA ALA S 166 2.03 -1.30 -25.09
C ALA S 166 2.45 -2.06 -23.84
N ASN S 167 2.95 -1.36 -22.82
CA ASN S 167 3.35 -2.01 -21.58
C ASN S 167 3.21 -1.00 -20.45
N PHE S 168 2.21 -1.19 -19.59
CA PHE S 168 1.90 -0.22 -18.55
C PHE S 168 2.97 -0.11 -17.47
N HIS S 169 3.85 -1.11 -17.33
CA HIS S 169 4.96 -1.00 -16.38
C HIS S 169 5.86 0.19 -16.65
N TYR S 170 5.89 0.71 -17.88
CA TYR S 170 6.75 1.82 -18.25
C TYR S 170 6.14 3.18 -17.98
N ASN S 171 4.89 3.26 -17.57
CA ASN S 171 4.31 4.53 -17.15
C ASN S 171 5.03 5.01 -15.89
N PRO S 172 5.66 6.19 -15.92
CA PRO S 172 6.49 6.60 -14.77
C PRO S 172 5.71 6.83 -13.49
N ALA S 173 4.54 7.45 -13.59
CA ALA S 173 3.66 7.60 -12.43
C ALA S 173 3.18 6.26 -11.87
N HIS S 174 2.99 5.25 -12.74
CA HIS S 174 2.61 3.92 -12.29
C HIS S 174 3.73 3.27 -11.49
N MET S 175 4.99 3.42 -11.96
CA MET S 175 6.15 2.98 -11.19
C MET S 175 6.20 3.61 -9.79
N LEU S 176 5.93 4.92 -9.69
CA LEU S 176 5.94 5.58 -8.40
C LEU S 176 4.77 5.15 -7.52
N GLY S 177 3.58 5.02 -8.10
CA GLY S 177 2.46 4.42 -7.39
C GLY S 177 2.77 3.04 -6.83
N ILE S 178 3.35 2.17 -7.66
CA ILE S 178 3.73 0.83 -7.20
C ILE S 178 4.72 0.91 -6.04
N THR S 179 5.76 1.72 -6.19
CA THR S 179 6.76 1.91 -5.14
C THR S 179 6.12 2.29 -3.82
N LEU S 180 5.19 3.24 -3.84
CA LEU S 180 4.50 3.65 -2.62
C LEU S 180 3.56 2.58 -2.06
N PHE S 181 2.89 1.80 -2.93
CA PHE S 181 2.13 0.65 -2.42
C PHE S 181 3.02 -0.40 -1.77
N PHE S 182 4.15 -0.75 -2.38
CA PHE S 182 5.06 -1.70 -1.76
C PHE S 182 5.65 -1.15 -0.46
N THR S 183 6.05 0.12 -0.47
CA THR S 183 6.55 0.78 0.74
C THR S 183 5.50 0.83 1.85
N THR S 184 4.23 1.06 1.51
CA THR S 184 3.16 1.02 2.50
C THR S 184 3.05 -0.35 3.17
N CYS S 185 3.06 -1.42 2.38
CA CYS S 185 2.97 -2.77 2.94
C CYS S 185 4.19 -3.13 3.79
N LEU S 186 5.39 -2.73 3.34
CA LEU S 186 6.59 -2.85 4.15
C LEU S 186 6.46 -2.12 5.49
N ALA S 187 6.09 -0.84 5.45
CA ALA S 187 5.95 -0.06 6.68
C ALA S 187 4.88 -0.64 7.61
N LEU S 188 3.78 -1.14 7.06
CA LEU S 188 2.76 -1.77 7.89
C LEU S 188 3.26 -3.04 8.56
N ALA S 189 4.00 -3.87 7.83
CA ALA S 189 4.61 -5.06 8.41
C ALA S 189 5.55 -4.70 9.56
N LEU S 190 6.41 -3.70 9.35
CA LEU S 190 7.31 -3.24 10.41
C LEU S 190 6.55 -2.66 11.60
N HIS S 191 5.53 -1.84 11.34
CA HIS S 191 4.79 -1.19 12.43
C HIS S 191 3.99 -2.19 13.26
N GLY S 192 3.24 -3.07 12.61
CA GLY S 192 2.57 -4.14 13.34
C GLY S 192 3.50 -4.98 14.17
N SER S 193 4.63 -5.38 13.57
CA SER S 193 5.63 -6.18 14.29
C SER S 193 6.20 -5.48 15.50
N LEU S 194 6.56 -4.19 15.38
CA LEU S 194 7.21 -3.51 16.51
C LEU S 194 6.29 -3.37 17.71
N ILE S 195 5.05 -2.93 17.50
CA ILE S 195 4.10 -2.82 18.60
C ILE S 195 3.87 -4.17 19.27
N LEU S 196 3.67 -5.22 18.46
CA LEU S 196 3.48 -6.55 19.02
C LEU S 196 4.72 -7.05 19.76
N SER S 197 5.92 -6.76 19.23
CA SER S 197 7.13 -7.19 19.91
C SER S 197 7.36 -6.45 21.23
N ALA S 198 6.92 -5.19 21.31
CA ALA S 198 7.01 -4.43 22.54
C ALA S 198 5.96 -4.86 23.56
N ALA S 199 4.73 -5.08 23.11
CA ALA S 199 3.64 -5.54 23.99
C ALA S 199 3.79 -7.00 24.38
N ASN S 200 4.43 -7.82 23.56
CA ASN S 200 4.58 -9.26 23.79
C ASN S 200 6.05 -9.64 23.77
N PRO S 201 6.82 -9.18 24.77
CA PRO S 201 8.27 -9.40 24.76
C PRO S 201 8.68 -10.86 24.87
N GLY S 202 7.77 -11.75 25.28
CA GLY S 202 8.13 -13.11 25.59
C GLY S 202 7.87 -13.47 27.04
N LYS S 203 7.75 -14.77 27.31
CA LYS S 203 7.44 -15.24 28.65
C LYS S 203 8.53 -14.85 29.64
N GLY S 204 8.11 -14.33 30.79
CA GLY S 204 9.02 -13.84 31.81
C GLY S 204 9.65 -12.49 31.56
N GLU S 205 9.18 -11.75 30.55
CA GLU S 205 9.71 -10.44 30.21
C GLU S 205 8.64 -9.36 30.42
N VAL S 206 9.08 -8.19 30.87
CA VAL S 206 8.18 -7.05 31.07
C VAL S 206 7.95 -6.30 29.76
N VAL S 207 6.76 -5.71 29.65
CA VAL S 207 6.39 -4.92 28.47
C VAL S 207 7.36 -3.76 28.27
N LYS S 208 7.86 -3.61 27.04
CA LYS S 208 8.81 -2.57 26.68
C LYS S 208 8.12 -1.28 26.24
N GLY S 209 8.87 -0.17 26.34
CA GLY S 209 8.35 1.15 26.07
C GLY S 209 9.03 1.88 24.93
N PRO S 210 8.80 3.21 24.86
CA PRO S 210 9.29 3.99 23.70
C PRO S 210 10.79 3.92 23.48
N GLU S 211 11.59 3.88 24.55
CA GLU S 211 13.04 3.81 24.40
C GLU S 211 13.47 2.53 23.68
N HIS S 212 12.91 1.40 24.08
CA HIS S 212 13.18 0.14 23.38
C HIS S 212 12.68 0.18 21.93
N GLU S 213 11.47 0.68 21.71
CA GLU S 213 10.93 0.82 20.37
C GLU S 213 11.85 1.61 19.44
N ASN S 214 12.31 2.78 19.89
CA ASN S 214 13.27 3.55 19.12
C ASN S 214 14.60 2.83 18.95
N THR S 215 15.07 2.16 20.00
CA THR S 215 16.37 1.49 19.95
C THR S 215 16.40 0.31 18.98
N TYR S 216 15.29 -0.41 18.81
CA TYR S 216 15.27 -1.53 17.86
C TYR S 216 15.58 -1.09 16.44
N PHE S 217 14.93 -0.03 15.95
CA PHE S 217 15.20 0.43 14.59
C PHE S 217 16.48 1.26 14.46
N GLN S 218 16.92 1.93 15.52
CA GLN S 218 18.28 2.47 15.52
C GLN S 218 19.32 1.35 15.42
N ASP S 219 19.20 0.31 16.24
CA ASP S 219 20.13 -0.82 16.17
C ASP S 219 20.11 -1.50 14.80
N THR S 220 18.92 -1.77 14.26
CA THR S 220 18.85 -2.52 13.00
C THR S 220 19.19 -1.68 11.78
N ILE S 221 18.66 -0.46 11.67
CA ILE S 221 18.74 0.31 10.43
C ILE S 221 19.22 1.72 10.64
N GLY S 222 19.62 2.10 11.85
CA GLY S 222 20.22 3.39 12.13
C GLY S 222 19.26 4.57 12.21
N TYR S 223 17.95 4.35 12.15
CA TYR S 223 17.01 5.44 12.35
C TYR S 223 15.72 4.90 12.95
N SER S 224 15.08 5.75 13.76
CA SER S 224 13.70 5.51 14.20
C SER S 224 12.85 6.73 13.95
N VAL S 225 11.70 6.53 13.29
CA VAL S 225 10.75 7.61 13.07
C VAL S 225 9.89 7.90 14.31
N GLY S 226 9.86 6.99 15.28
CA GLY S 226 9.08 7.17 16.49
C GLY S 226 7.59 6.90 16.33
N THR S 227 6.91 6.82 17.48
CA THR S 227 5.54 6.31 17.51
C THR S 227 4.53 7.25 16.86
N LEU S 228 4.76 8.55 16.92
CA LEU S 228 3.87 9.48 16.23
C LEU S 228 4.20 9.57 14.74
N GLY S 229 5.48 9.64 14.42
CA GLY S 229 5.91 9.74 13.03
C GLY S 229 5.49 8.58 12.15
N ILE S 230 5.50 7.36 12.69
CA ILE S 230 5.11 6.19 11.88
C ILE S 230 3.65 6.24 11.44
N HIS S 231 2.77 6.80 12.25
CA HIS S 231 1.38 6.94 11.82
C HIS S 231 1.21 8.04 10.79
N ARG S 232 1.96 9.14 10.93
CA ARG S 232 2.02 10.14 9.87
C ARG S 232 2.55 9.55 8.58
N VAL S 233 3.69 8.86 8.65
CA VAL S 233 4.30 8.24 7.47
C VAL S 233 3.36 7.21 6.83
N GLY S 234 2.86 6.27 7.63
CA GLY S 234 1.98 5.24 7.10
C GLY S 234 0.75 5.79 6.40
N LEU S 235 0.14 6.83 6.96
CA LEU S 235 -0.94 7.54 6.29
C LEU S 235 -0.47 8.19 4.99
N ILE S 236 0.57 9.02 5.05
CA ILE S 236 1.05 9.75 3.87
C ILE S 236 1.45 8.79 2.74
N LEU S 237 2.11 7.68 3.08
CA LEU S 237 2.46 6.68 2.07
C LEU S 237 1.22 6.15 1.34
N ALA S 238 0.21 5.71 2.09
CA ALA S 238 -1.00 5.18 1.46
C ALA S 238 -1.71 6.22 0.60
N LEU S 239 -1.86 7.44 1.11
CA LEU S 239 -2.52 8.49 0.33
C LEU S 239 -1.70 8.92 -0.89
N SER S 240 -0.38 8.98 -0.76
CA SER S 240 0.46 9.33 -1.92
C SER S 240 0.43 8.24 -2.99
N ALA S 241 0.41 6.98 -2.58
CA ALA S 241 0.26 5.88 -3.53
C ALA S 241 -1.00 6.02 -4.37
N VAL S 242 -2.11 6.40 -3.73
CA VAL S 242 -3.37 6.64 -4.44
C VAL S 242 -3.29 7.86 -5.36
N VAL S 243 -2.74 8.98 -4.86
CA VAL S 243 -2.59 10.17 -5.70
C VAL S 243 -1.79 9.87 -6.97
N TRP S 244 -0.67 9.18 -6.84
CA TRP S 244 0.12 8.82 -8.02
C TRP S 244 -0.57 7.79 -8.91
N SER S 245 -1.37 6.89 -8.33
CA SER S 245 -2.22 6.03 -9.14
C SER S 245 -3.22 6.83 -9.98
N ILE S 246 -3.89 7.81 -9.38
CA ILE S 246 -4.79 8.69 -10.11
C ILE S 246 -4.06 9.42 -11.24
N ILE S 247 -2.90 10.02 -10.94
CA ILE S 247 -2.09 10.70 -11.96
C ILE S 247 -1.72 9.76 -13.10
N CYS S 248 -1.29 8.53 -12.79
CA CYS S 248 -0.90 7.60 -13.84
C CYS S 248 -2.04 7.28 -14.81
N MET S 249 -3.28 7.29 -14.34
CA MET S 249 -4.43 7.04 -15.19
C MET S 249 -4.96 8.28 -15.91
N ILE S 250 -4.87 9.46 -15.29
CA ILE S 250 -5.17 10.69 -16.01
C ILE S 250 -4.14 10.97 -17.11
N LEU S 251 -2.90 10.55 -16.92
CA LEU S 251 -1.93 10.62 -18.02
C LEU S 251 -2.29 9.68 -19.16
N SER S 252 -2.65 8.44 -18.86
CA SER S 252 -2.82 7.40 -19.87
C SER S 252 -4.19 7.50 -20.53
N GLY S 253 -4.24 8.08 -21.72
CA GLY S 253 -5.47 8.29 -22.46
C GLY S 253 -5.89 9.74 -22.62
N PRO S 254 -6.20 10.43 -21.51
CA PRO S 254 -6.55 11.85 -21.63
C PRO S 254 -5.41 12.73 -22.12
N ILE S 255 -4.17 12.41 -21.76
CA ILE S 255 -3.02 13.28 -22.05
C ILE S 255 -2.03 12.59 -22.98
N TYR S 256 -1.52 11.44 -22.58
CA TYR S 256 -0.57 10.66 -23.36
C TYR S 256 -1.27 9.43 -23.96
N THR S 257 -1.10 9.24 -25.27
CA THR S 257 -1.83 8.22 -26.00
C THR S 257 -0.97 7.14 -26.62
N GLY S 258 0.36 7.27 -26.57
CA GLY S 258 1.26 6.34 -27.23
C GLY S 258 1.74 5.20 -26.36
N SER S 259 2.78 4.52 -26.85
CA SER S 259 3.50 3.51 -26.09
C SER S 259 4.26 4.14 -24.93
N TRP S 260 4.02 3.64 -23.71
CA TRP S 260 4.85 4.03 -22.56
C TRP S 260 6.30 3.59 -22.68
N PRO S 261 6.64 2.39 -23.16
CA PRO S 261 8.06 2.09 -23.45
C PRO S 261 8.76 3.12 -24.33
N ASP S 262 8.07 3.66 -25.33
CA ASP S 262 8.66 4.67 -26.22
C ASP S 262 8.82 6.03 -25.56
N TRP S 263 8.02 6.36 -24.55
CA TRP S 263 8.18 7.63 -23.84
C TRP S 263 9.61 7.79 -23.29
N TRP S 264 10.15 6.74 -22.68
CA TRP S 264 11.48 6.77 -22.06
C TRP S 264 12.63 7.09 -23.02
N LEU S 265 12.41 7.04 -24.34
CA LEU S 265 13.48 7.37 -25.28
C LEU S 265 14.00 8.81 -25.17
N TRP S 266 13.28 9.71 -24.50
CA TRP S 266 13.83 11.02 -24.17
C TRP S 266 15.12 10.90 -23.36
N TRP S 267 15.20 9.89 -22.48
CA TRP S 267 16.38 9.70 -21.64
C TRP S 267 17.64 9.41 -22.45
N GLN S 268 17.54 8.46 -23.38
CA GLN S 268 18.67 8.10 -24.22
C GLN S 268 19.10 9.21 -25.19
N LYS S 269 18.25 10.21 -25.41
CA LYS S 269 18.55 11.34 -26.28
C LYS S 269 19.09 12.57 -25.56
N LEU S 270 19.43 12.47 -24.28
CA LEU S 270 19.98 13.62 -23.56
C LEU S 270 21.37 13.99 -24.10
N PRO S 271 21.63 15.27 -24.36
CA PRO S 271 22.81 15.66 -25.15
C PRO S 271 24.16 15.25 -24.56
N PHE S 272 24.26 15.08 -23.24
CA PHE S 272 25.52 14.65 -22.64
C PHE S 272 25.84 13.17 -22.82
N TRP S 273 24.94 12.37 -23.38
CA TRP S 273 25.30 11.02 -23.79
C TRP S 273 24.65 10.59 -25.11
N ASN S 274 23.99 11.49 -25.83
CA ASN S 274 23.33 11.17 -27.09
C ASN S 274 24.33 10.98 -28.22
N HIS S 275 25.20 9.99 -28.10
CA HIS S 275 26.13 9.61 -29.15
C HIS S 275 25.44 8.92 -30.32
N SER T 2 -8.50 26.55 11.29
CA SER T 2 -8.29 25.12 11.41
C SER T 2 -7.55 24.76 12.70
N GLU T 3 -8.01 23.70 13.35
CA GLU T 3 -7.28 23.10 14.45
C GLU T 3 -5.94 22.53 13.94
N TYR T 4 -5.06 22.21 14.89
CA TYR T 4 -3.83 21.48 14.60
C TYR T 4 -4.13 20.05 14.16
N GLN T 5 -3.66 19.69 12.98
CA GLN T 5 -3.90 18.36 12.41
C GLN T 5 -2.83 17.33 12.78
N ASN T 6 -1.78 17.75 13.51
CA ASN T 6 -0.72 16.87 13.99
C ASN T 6 -0.01 16.11 12.86
N ILE T 7 0.11 16.71 11.69
CA ILE T 7 0.85 16.09 10.58
C ILE T 7 2.35 16.40 10.67
N LEU T 8 2.72 17.60 11.09
CA LEU T 8 4.12 17.97 11.29
C LEU T 8 4.32 18.60 12.66
N THR T 9 5.42 18.23 13.31
CA THR T 9 5.79 18.76 14.62
C THR T 9 6.25 20.20 14.50
N GLY T 10 5.48 21.13 15.07
CA GLY T 10 5.83 22.54 15.01
C GLY T 10 7.05 22.89 15.85
N VAL T 11 6.98 22.64 17.15
CA VAL T 11 8.11 22.83 18.06
C VAL T 11 8.61 21.46 18.51
N GLN T 12 9.90 21.20 18.32
CA GLN T 12 10.52 19.93 18.66
C GLN T 12 11.66 20.15 19.64
N VAL T 13 11.80 19.22 20.59
CA VAL T 13 12.78 19.34 21.67
C VAL T 13 14.01 18.49 21.39
N ARG T 14 15.09 18.82 22.10
CA ARG T 14 16.37 18.14 22.02
C ARG T 14 16.84 17.71 23.42
N THR T 15 17.66 16.66 23.45
CA THR T 15 18.26 16.15 24.68
C THR T 15 19.47 15.31 24.30
N ALA T 16 20.26 14.95 25.31
CA ALA T 16 21.37 14.04 25.09
C ALA T 16 20.89 12.73 24.47
N PRO T 17 21.49 12.29 23.36
CA PRO T 17 21.08 11.03 22.74
C PRO T 17 21.32 9.84 23.65
N HIS T 18 20.33 8.94 23.72
CA HIS T 18 20.36 7.79 24.60
C HIS T 18 19.63 6.62 23.95
N SER T 19 19.94 5.41 24.40
CA SER T 19 19.26 4.22 23.89
C SER T 19 19.29 3.10 24.92
N ALA T 20 18.36 2.16 24.75
CA ALA T 20 18.18 1.07 25.71
C ALA T 20 19.44 0.20 25.79
N PRO T 21 19.84 -0.22 26.99
CA PRO T 21 21.04 -1.04 27.14
C PRO T 21 20.86 -2.45 26.60
N ILE T 22 21.96 -2.99 26.06
CA ILE T 22 22.09 -4.38 25.65
C ILE T 22 23.42 -4.90 26.19
N ALA T 23 23.51 -6.23 26.29
CA ALA T 23 24.75 -6.85 26.73
C ALA T 23 25.92 -6.50 25.81
N LYS T 24 27.11 -6.42 26.40
CA LYS T 24 28.33 -6.16 25.64
C LYS T 24 28.61 -7.29 24.65
N GLY T 25 28.82 -6.91 23.38
CA GLY T 25 29.24 -7.83 22.36
C GLY T 25 30.67 -7.63 21.92
N ILE T 26 31.00 -8.26 20.78
CA ILE T 26 32.29 -8.02 20.14
C ILE T 26 32.37 -6.61 19.56
N PHE T 27 31.26 -6.10 19.04
CA PHE T 27 31.22 -4.77 18.43
C PHE T 27 30.32 -3.83 19.22
N PRO T 28 30.77 -2.61 19.51
CA PRO T 28 29.87 -1.59 20.08
C PRO T 28 28.90 -1.05 19.04
N ARG T 29 27.97 -0.22 19.52
CA ARG T 29 27.13 0.57 18.62
C ARG T 29 27.97 1.64 17.91
N LEU T 30 27.95 1.62 16.58
CA LEU T 30 28.81 2.45 15.76
C LEU T 30 28.17 3.79 15.41
N GLY T 31 29.01 4.80 15.25
CA GLY T 31 28.63 6.15 14.84
C GLY T 31 28.32 7.08 15.99
N LYS T 32 28.54 8.37 15.75
CA LYS T 32 28.13 9.45 16.64
C LYS T 32 26.68 9.85 16.30
N PRO T 33 25.73 9.71 17.22
CA PRO T 33 24.35 10.12 16.95
C PRO T 33 24.22 11.58 16.52
N GLY T 34 23.58 11.79 15.37
CA GLY T 34 23.25 13.10 14.88
C GLY T 34 21.76 13.43 15.02
N PHE T 35 21.42 14.68 14.69
CA PHE T 35 20.04 15.14 14.65
C PHE T 35 19.82 15.97 13.39
N SER T 36 18.69 15.73 12.71
CA SER T 36 18.29 16.57 11.59
C SER T 36 16.91 17.19 11.81
N TYR T 37 16.80 18.47 11.43
CA TYR T 37 15.62 19.28 11.69
C TYR T 37 14.37 18.77 10.96
N TRP T 38 14.52 18.37 9.69
CA TRP T 38 13.38 17.95 8.88
C TRP T 38 12.86 16.57 9.26
N LEU T 39 13.75 15.62 9.57
CA LEU T 39 13.28 14.37 10.15
C LEU T 39 12.58 14.59 11.49
N GLY T 40 13.02 15.58 12.27
CA GLY T 40 12.33 15.95 13.48
C GLY T 40 10.95 16.56 13.29
N LYS T 41 10.66 17.06 12.10
CA LYS T 41 9.29 17.51 11.82
C LYS T 41 8.35 16.33 11.57
N ILE T 42 8.77 15.36 10.78
CA ILE T 42 7.94 14.17 10.55
C ILE T 42 7.92 13.27 11.79
N GLY T 43 9.08 13.02 12.37
CA GLY T 43 9.23 12.00 13.40
C GLY T 43 10.31 12.35 14.39
N ASP T 44 10.98 11.33 14.92
CA ASP T 44 12.13 11.57 15.80
C ASP T 44 13.33 12.06 15.00
N ALA T 45 14.05 13.02 15.58
CA ALA T 45 15.14 13.71 14.89
C ALA T 45 16.46 12.93 14.88
N GLN T 46 16.61 11.92 15.72
CA GLN T 46 17.93 11.34 16.01
C GLN T 46 18.33 10.35 14.93
N ILE T 47 19.33 10.72 14.12
CA ILE T 47 20.02 9.76 13.26
C ILE T 47 20.99 8.99 14.14
N GLY T 48 20.47 7.98 14.85
CA GLY T 48 21.18 7.36 15.93
C GLY T 48 22.30 6.46 15.46
N PRO T 49 23.06 5.91 16.40
CA PRO T 49 24.04 4.89 16.05
C PRO T 49 23.35 3.63 15.55
N ILE T 50 24.13 2.80 14.85
CA ILE T 50 23.66 1.52 14.35
C ILE T 50 24.50 0.41 14.97
N TYR T 51 23.86 -0.72 15.26
CA TYR T 51 24.58 -1.90 15.73
C TYR T 51 25.13 -2.68 14.55
N LEU T 52 26.36 -3.17 14.69
CA LEU T 52 26.97 -4.03 13.68
C LEU T 52 26.86 -5.51 14.04
N GLY T 53 27.75 -6.00 14.90
CA GLY T 53 27.81 -7.42 15.24
C GLY T 53 28.26 -8.37 14.14
N THR T 54 28.66 -9.58 14.56
CA THR T 54 29.16 -10.60 13.63
C THR T 54 28.20 -10.88 12.49
N THR T 55 26.91 -11.02 12.79
CA THR T 55 25.91 -11.23 11.74
C THR T 55 25.76 -10.02 10.82
N GLY T 56 25.95 -8.82 11.35
CA GLY T 56 25.95 -7.63 10.50
C GLY T 56 27.14 -7.59 9.56
N VAL T 57 28.34 -7.91 10.07
CA VAL T 57 29.52 -8.04 9.23
C VAL T 57 29.29 -9.05 8.11
N LEU T 58 28.86 -10.25 8.48
CA LEU T 58 28.59 -11.31 7.50
C LEU T 58 27.60 -10.87 6.43
N SER T 59 26.46 -10.30 6.84
CA SER T 59 25.44 -9.90 5.87
C SER T 59 25.96 -8.83 4.92
N LEU T 60 26.62 -7.81 5.44
CA LEU T 60 27.14 -6.75 4.57
C LEU T 60 28.26 -7.23 3.64
N VAL T 61 29.13 -8.12 4.11
CA VAL T 61 30.18 -8.65 3.24
C VAL T 61 29.59 -9.46 2.09
N PHE T 62 28.73 -10.44 2.41
CA PHE T 62 28.04 -11.18 1.36
C PHE T 62 27.25 -10.27 0.43
N GLY T 63 26.54 -9.29 0.99
CA GLY T 63 25.71 -8.42 0.17
C GLY T 63 26.52 -7.49 -0.71
N PHE T 64 27.59 -6.92 -0.16
CA PHE T 64 28.51 -6.10 -0.95
C PHE T 64 29.09 -6.86 -2.13
N PHE T 65 29.58 -8.09 -1.91
CA PHE T 65 30.09 -8.91 -3.00
C PHE T 65 29.04 -9.12 -4.09
N ALA T 66 27.80 -9.42 -3.71
CA ALA T 66 26.71 -9.56 -4.67
C ALA T 66 26.46 -8.28 -5.46
N ILE T 67 26.41 -7.14 -4.78
CA ILE T 67 26.20 -5.85 -5.43
C ILE T 67 27.35 -5.50 -6.37
N GLU T 68 28.59 -5.78 -5.97
CA GLU T 68 29.73 -5.59 -6.86
C GLU T 68 29.65 -6.47 -8.10
N ILE T 69 29.34 -7.76 -7.93
CA ILE T 69 29.22 -8.66 -9.07
C ILE T 69 28.14 -8.18 -10.05
N ILE T 70 27.00 -7.74 -9.54
CA ILE T 70 25.98 -7.14 -10.40
C ILE T 70 26.53 -5.89 -11.08
N GLY T 71 26.95 -4.92 -10.28
CA GLY T 71 27.39 -3.63 -10.82
C GLY T 71 28.52 -3.72 -11.83
N PHE T 72 29.52 -4.58 -11.55
CA PHE T 72 30.60 -4.78 -12.51
C PHE T 72 30.12 -5.40 -13.81
N ASN T 73 29.22 -6.38 -13.73
CA ASN T 73 28.63 -6.96 -14.94
C ASN T 73 27.80 -5.96 -15.74
N LEU T 74 27.03 -5.11 -15.08
CA LEU T 74 26.29 -4.08 -15.79
C LEU T 74 27.21 -3.15 -16.56
N LEU T 75 28.26 -2.64 -15.91
CA LEU T 75 29.21 -1.76 -16.56
C LEU T 75 30.00 -2.46 -17.66
N ALA T 76 30.38 -3.72 -17.44
CA ALA T 76 31.01 -4.50 -18.50
C ALA T 76 30.11 -4.68 -19.72
N SER T 77 28.80 -4.80 -19.51
CA SER T 77 27.87 -4.98 -20.62
C SER T 77 27.77 -3.75 -21.53
N VAL T 78 28.16 -2.56 -21.07
CA VAL T 78 28.28 -1.39 -21.93
C VAL T 78 29.74 -1.10 -22.28
N ASN T 79 30.58 -2.14 -22.25
CA ASN T 79 32.02 -2.03 -22.54
C ASN T 79 32.68 -0.93 -21.72
N TRP T 80 32.35 -0.89 -20.43
CA TRP T 80 32.92 0.03 -19.44
C TRP T 80 32.64 1.52 -19.66
N SER T 81 31.88 1.89 -20.69
CA SER T 81 31.62 3.31 -20.95
C SER T 81 30.73 3.92 -19.87
N PRO T 82 31.19 4.95 -19.15
CA PRO T 82 30.30 5.64 -18.19
C PRO T 82 29.15 6.38 -18.85
N MET T 83 29.34 6.90 -20.06
CA MET T 83 28.26 7.59 -20.77
C MET T 83 27.18 6.61 -21.22
N GLU T 84 27.56 5.48 -21.83
CA GLU T 84 26.58 4.48 -22.19
C GLU T 84 25.99 3.76 -20.98
N PHE T 85 26.75 3.65 -19.89
CA PHE T 85 26.17 3.15 -18.63
C PHE T 85 25.00 4.01 -18.18
N GLY T 86 25.20 5.33 -18.11
CA GLY T 86 24.11 6.22 -17.74
C GLY T 86 22.98 6.23 -18.75
N ARG T 87 23.33 6.27 -20.03
CA ARG T 87 22.34 6.23 -21.11
C ARG T 87 21.45 4.99 -21.04
N GLN T 88 22.04 3.83 -20.74
CA GLN T 88 21.33 2.56 -20.79
C GLN T 88 20.93 1.99 -19.43
N PHE T 89 21.24 2.69 -18.33
CA PHE T 89 21.21 2.09 -17.00
C PHE T 89 19.95 1.26 -16.70
N PHE T 90 18.77 1.83 -16.94
CA PHE T 90 17.54 1.11 -16.63
C PHE T 90 17.37 -0.15 -17.48
N TRP T 91 17.88 -0.13 -18.71
CA TRP T 91 17.79 -1.28 -19.61
C TRP T 91 18.84 -2.36 -19.35
N LEU T 92 19.94 -2.04 -18.66
CA LEU T 92 20.95 -3.03 -18.35
C LEU T 92 20.43 -4.08 -17.37
N GLY T 93 20.86 -5.33 -17.56
CA GLY T 93 20.58 -6.39 -16.61
C GLY T 93 21.60 -7.51 -16.65
N LEU T 94 21.65 -8.25 -15.55
CA LEU T 94 22.36 -9.53 -15.47
C LEU T 94 21.35 -10.67 -15.49
N GLU T 95 21.40 -11.51 -16.51
CA GLU T 95 20.44 -12.59 -16.81
C GLU T 95 20.84 -13.92 -16.15
N PRO T 96 19.86 -14.69 -15.70
CA PRO T 96 20.10 -16.09 -15.29
C PRO T 96 20.61 -16.94 -16.44
N PRO T 97 21.16 -18.11 -16.16
CA PRO T 97 21.53 -19.04 -17.25
C PRO T 97 20.33 -19.55 -18.02
N ALA T 98 20.58 -19.88 -19.29
CA ALA T 98 19.61 -20.63 -20.10
C ALA T 98 19.37 -22.03 -19.54
N ALA T 99 18.28 -22.65 -20.02
CA ALA T 99 17.74 -23.86 -19.39
C ALA T 99 18.65 -25.08 -19.51
N GLU T 100 19.46 -25.16 -20.56
CA GLU T 100 20.32 -26.34 -20.76
C GLU T 100 21.35 -26.55 -19.65
N TYR T 101 21.69 -25.52 -18.89
CA TYR T 101 22.60 -25.67 -17.76
C TYR T 101 21.96 -26.32 -16.52
N GLY T 102 20.64 -26.46 -16.49
CA GLY T 102 19.98 -27.00 -15.31
C GLY T 102 20.22 -26.18 -14.06
N LEU T 103 20.57 -26.84 -12.96
CA LEU T 103 20.93 -26.19 -11.72
C LEU T 103 22.42 -26.25 -11.39
N GLY T 104 23.24 -26.79 -12.29
CA GLY T 104 24.69 -26.70 -12.14
C GLY T 104 25.21 -25.31 -12.45
N PHE T 105 26.51 -25.13 -12.21
CA PHE T 105 27.17 -23.86 -12.52
C PHE T 105 27.29 -23.66 -14.04
N ALA T 106 26.65 -22.61 -14.53
CA ALA T 106 26.87 -22.14 -15.90
C ALA T 106 28.22 -21.45 -16.04
N PRO T 107 28.73 -21.33 -17.28
CA PRO T 107 29.85 -20.42 -17.54
C PRO T 107 29.57 -19.00 -17.07
N LEU T 108 30.62 -18.35 -16.56
CA LEU T 108 30.49 -17.01 -15.97
C LEU T 108 29.73 -16.03 -16.85
N ALA T 109 30.14 -15.92 -18.12
CA ALA T 109 29.48 -15.00 -19.05
C ALA T 109 28.07 -15.42 -19.43
N GLU T 110 27.73 -16.71 -19.29
CA GLU T 110 26.40 -17.21 -19.65
C GLU T 110 25.52 -17.49 -18.43
N GLY T 111 25.60 -16.63 -17.42
CA GLY T 111 24.76 -16.73 -16.24
C GLY T 111 25.44 -17.28 -15.01
N GLY T 112 26.70 -17.69 -15.11
CA GLY T 112 27.45 -18.06 -13.92
C GLY T 112 27.59 -16.94 -12.92
N TRP T 113 27.87 -15.72 -13.39
CA TRP T 113 27.87 -14.56 -12.51
C TRP T 113 26.51 -14.30 -11.86
N TRP T 114 25.42 -14.51 -12.60
CA TRP T 114 24.09 -14.39 -12.00
C TRP T 114 23.91 -15.38 -10.86
N GLN T 115 24.37 -16.62 -11.04
CA GLN T 115 24.26 -17.63 -9.99
C GLN T 115 25.06 -17.26 -8.75
N ILE T 116 26.27 -16.74 -8.94
CA ILE T 116 27.09 -16.32 -7.79
C ILE T 116 26.47 -15.11 -7.10
N ALA T 117 26.08 -14.09 -7.87
CA ALA T 117 25.40 -12.93 -7.30
C ALA T 117 24.13 -13.34 -6.56
N GLY T 118 23.32 -14.21 -7.16
CA GLY T 118 22.10 -14.68 -6.51
C GLY T 118 22.35 -15.41 -5.21
N PHE T 119 23.34 -16.32 -5.20
CA PHE T 119 23.70 -17.02 -3.97
C PHE T 119 24.18 -16.07 -2.90
N PHE T 120 25.04 -15.12 -3.25
CA PHE T 120 25.57 -14.18 -2.26
C PHE T 120 24.48 -13.24 -1.73
N LEU T 121 23.61 -12.75 -2.62
CA LEU T 121 22.47 -11.95 -2.19
C LEU T 121 21.55 -12.74 -1.27
N THR T 122 21.21 -13.98 -1.65
CA THR T 122 20.40 -14.86 -0.80
C THR T 122 21.01 -15.00 0.59
N THR T 123 22.29 -15.32 0.66
CA THR T 123 22.96 -15.50 1.94
C THR T 123 22.94 -14.24 2.78
N SER T 124 23.24 -13.10 2.15
CA SER T 124 23.15 -11.80 2.83
C SER T 124 21.77 -11.53 3.41
N ILE T 125 20.71 -11.79 2.64
CA ILE T 125 19.35 -11.56 3.12
C ILE T 125 19.01 -12.49 4.29
N LEU T 126 19.37 -13.77 4.20
CA LEU T 126 19.13 -14.68 5.31
C LEU T 126 19.93 -14.31 6.55
N LEU T 127 21.15 -13.80 6.38
CA LEU T 127 21.89 -13.25 7.51
C LEU T 127 21.23 -12.00 8.09
N TRP T 128 20.67 -11.14 7.23
CA TRP T 128 19.91 -10.00 7.73
C TRP T 128 18.67 -10.43 8.52
N TRP T 129 18.04 -11.54 8.14
CA TRP T 129 16.95 -12.08 8.94
C TRP T 129 17.41 -12.46 10.35
N VAL T 130 18.55 -13.15 10.46
CA VAL T 130 19.13 -13.49 11.75
C VAL T 130 19.46 -12.23 12.56
N ARG T 131 19.93 -11.17 11.89
CA ARG T 131 20.11 -9.88 12.54
C ARG T 131 18.81 -9.33 13.12
N MET T 132 17.76 -9.25 12.30
CA MET T 132 16.47 -8.73 12.78
C MET T 132 15.94 -9.55 13.95
N TYR T 133 16.15 -10.86 13.92
CA TYR T 133 15.80 -11.75 15.02
C TYR T 133 16.60 -11.43 16.29
N ARG T 134 17.92 -11.46 16.18
CA ARG T 134 18.80 -11.34 17.35
C ARG T 134 18.78 -9.95 17.99
N ARG T 135 18.59 -8.89 17.21
CA ARG T 135 18.42 -7.57 17.82
C ARG T 135 17.16 -7.47 18.69
N ALA T 136 16.10 -8.22 18.36
CA ALA T 136 14.92 -8.25 19.21
C ALA T 136 15.18 -9.00 20.52
N ARG T 137 15.80 -10.18 20.43
CA ARG T 137 16.16 -10.93 21.63
C ARG T 137 17.14 -10.18 22.53
N ALA T 138 18.09 -9.45 21.95
CA ALA T 138 18.99 -8.62 22.75
C ALA T 138 18.24 -7.55 23.52
N LEU T 139 17.23 -6.95 22.91
CA LEU T 139 16.37 -5.97 23.60
C LEU T 139 15.26 -6.62 24.43
N LYS T 140 15.24 -7.95 24.54
CA LYS T 140 14.17 -8.68 25.22
C LYS T 140 12.79 -8.33 24.67
N MET T 141 12.70 -8.28 23.35
CA MET T 141 11.48 -8.00 22.61
C MET T 141 11.07 -9.24 21.82
N GLY T 142 9.79 -9.33 21.46
CA GLY T 142 9.33 -10.42 20.62
C GLY T 142 9.93 -10.39 19.23
N THR T 143 9.95 -11.58 18.60
CA THR T 143 10.57 -11.78 17.29
C THR T 143 9.61 -11.53 16.11
N HIS T 144 8.50 -10.81 16.34
CA HIS T 144 7.49 -10.58 15.31
C HIS T 144 8.04 -9.98 14.02
N THR T 145 9.03 -9.09 14.11
CA THR T 145 9.58 -8.46 12.91
C THR T 145 10.33 -9.45 12.03
N ALA T 146 11.14 -10.33 12.62
CA ALA T 146 11.80 -11.36 11.85
C ALA T 146 10.81 -12.31 11.16
N TRP T 147 9.75 -12.71 11.86
CA TRP T 147 8.76 -13.58 11.25
C TRP T 147 7.92 -12.89 10.18
N ALA T 148 7.70 -11.58 10.28
CA ALA T 148 7.12 -10.85 9.15
C ALA T 148 8.08 -10.82 7.97
N PHE T 149 9.37 -10.58 8.23
CA PHE T 149 10.39 -10.54 7.19
C PHE T 149 10.55 -11.89 6.50
N ALA T 150 10.40 -12.99 7.24
CA ALA T 150 10.43 -14.32 6.65
C ALA T 150 9.39 -14.54 5.55
N SER T 151 8.24 -13.88 5.64
CA SER T 151 7.25 -13.96 4.55
C SER T 151 7.71 -13.25 3.29
N ALA T 152 8.31 -12.08 3.42
CA ALA T 152 8.90 -11.40 2.27
C ALA T 152 10.01 -12.23 1.63
N ILE T 153 10.88 -12.80 2.46
CA ILE T 153 11.93 -13.69 2.00
C ILE T 153 11.37 -14.92 1.28
N PHE T 154 10.27 -15.48 1.77
CA PHE T 154 9.65 -16.64 1.13
C PHE T 154 9.24 -16.35 -0.32
N LEU T 155 8.68 -15.17 -0.59
CA LEU T 155 8.41 -14.78 -1.97
C LEU T 155 9.71 -14.58 -2.77
N PHE T 156 10.67 -13.85 -2.22
CA PHE T 156 11.97 -13.67 -2.87
C PHE T 156 12.64 -15.00 -3.22
N LEU T 157 12.65 -15.94 -2.29
CA LEU T 157 13.21 -17.27 -2.56
C LEU T 157 12.38 -18.05 -3.58
N SER T 158 11.06 -17.94 -3.51
CA SER T 158 10.19 -18.60 -4.48
C SER T 158 10.47 -18.10 -5.90
N LEU T 159 10.57 -16.79 -6.07
CA LEU T 159 10.90 -16.20 -7.37
C LEU T 159 12.25 -16.67 -7.88
N GLY T 160 13.28 -16.57 -7.04
CA GLY T 160 14.64 -16.71 -7.48
C GLY T 160 15.20 -18.11 -7.50
N PHE T 161 14.75 -18.98 -6.58
CA PHE T 161 15.43 -20.25 -6.38
C PHE T 161 14.49 -21.45 -6.22
N ILE T 162 13.45 -21.34 -5.39
CA ILE T 162 12.64 -22.52 -5.09
C ILE T 162 11.83 -22.97 -6.31
N ARG T 163 11.22 -22.05 -7.04
CA ARG T 163 10.58 -22.45 -8.29
C ARG T 163 11.57 -22.97 -9.32
N PRO T 164 12.72 -22.33 -9.58
CA PRO T 164 13.76 -22.98 -10.39
C PRO T 164 14.13 -24.39 -9.96
N LEU T 165 14.23 -24.62 -8.65
CA LEU T 165 14.46 -25.97 -8.14
C LEU T 165 13.35 -26.94 -8.53
N LEU T 166 12.10 -26.48 -8.46
CA LEU T 166 10.98 -27.32 -8.89
C LEU T 166 10.93 -27.49 -10.41
N MET T 167 11.32 -26.45 -11.16
CA MET T 167 11.35 -26.54 -12.62
C MET T 167 12.59 -27.24 -13.15
N GLY T 168 13.63 -27.37 -12.34
CA GLY T 168 14.87 -28.03 -12.72
C GLY T 168 15.88 -27.17 -13.44
N ASN T 169 15.64 -25.86 -13.57
CA ASN T 169 16.60 -24.95 -14.18
C ASN T 169 16.27 -23.52 -13.78
N PHE T 170 17.22 -22.63 -14.01
CA PHE T 170 17.13 -21.21 -13.64
C PHE T 170 16.61 -20.28 -14.73
N SER T 171 16.23 -20.79 -15.90
CA SER T 171 15.97 -19.92 -17.05
C SER T 171 14.83 -18.93 -16.81
N GLU T 172 13.79 -19.30 -16.05
CA GLU T 172 12.73 -18.36 -15.70
C GLU T 172 12.93 -17.66 -14.37
N SER T 173 14.12 -17.69 -13.79
CA SER T 173 14.43 -16.85 -12.65
C SER T 173 14.58 -15.38 -13.08
N VAL T 174 14.65 -14.50 -12.09
CA VAL T 174 14.55 -13.05 -12.31
C VAL T 174 15.92 -12.43 -12.60
N PRO T 175 16.03 -11.64 -13.68
CA PRO T 175 17.28 -10.90 -13.92
C PRO T 175 17.45 -9.70 -13.00
N PHE T 176 18.70 -9.43 -12.62
CA PHE T 176 19.04 -8.24 -11.85
C PHE T 176 19.15 -7.04 -12.77
N GLY T 177 18.11 -6.20 -12.79
CA GLY T 177 18.05 -5.02 -13.63
C GLY T 177 16.69 -4.35 -13.57
N ILE T 178 16.64 -3.03 -13.68
CA ILE T 178 15.42 -2.27 -13.43
C ILE T 178 14.32 -2.66 -14.41
N PHE T 179 14.46 -2.26 -15.68
CA PHE T 179 13.46 -2.69 -16.67
C PHE T 179 13.52 -4.20 -16.94
N PRO T 180 14.68 -4.85 -16.91
CA PRO T 180 14.69 -6.32 -17.02
C PRO T 180 13.79 -7.07 -16.02
N HIS T 181 13.76 -6.70 -14.73
CA HIS T 181 12.89 -7.45 -13.83
C HIS T 181 11.42 -7.10 -14.06
N LEU T 182 11.12 -5.89 -14.56
CA LEU T 182 9.77 -5.59 -15.02
C LEU T 182 9.38 -6.41 -16.25
N GLU T 183 10.30 -6.54 -17.21
CA GLU T 183 10.05 -7.37 -18.38
C GLU T 183 9.87 -8.83 -18.03
N TRP T 184 10.64 -9.35 -17.07
CA TRP T 184 10.39 -10.68 -16.55
C TRP T 184 8.97 -10.80 -16.00
N THR T 185 8.51 -9.80 -15.24
CA THR T 185 7.17 -9.84 -14.66
C THR T 185 6.09 -9.88 -15.74
N ASN T 186 6.26 -9.06 -16.79
CA ASN T 186 5.34 -9.08 -17.93
C ASN T 186 5.34 -10.44 -18.64
N SER T 187 6.52 -10.93 -19.02
CA SER T 187 6.59 -12.18 -19.79
C SER T 187 6.13 -13.39 -18.98
N PHE T 188 6.38 -13.41 -17.68
CA PHE T 188 5.94 -14.53 -16.86
C PHE T 188 4.41 -14.65 -16.86
N SER T 189 3.70 -13.53 -16.73
CA SER T 189 2.25 -13.55 -16.81
C SER T 189 1.75 -14.04 -18.16
N LEU T 190 2.31 -13.52 -19.25
CA LEU T 190 1.89 -13.92 -20.60
C LEU T 190 2.19 -15.39 -20.90
N ASN T 191 3.33 -15.90 -20.45
CA ASN T 191 3.67 -17.29 -20.75
C ASN T 191 2.77 -18.30 -20.02
N TYR T 192 2.28 -17.95 -18.83
CA TYR T 192 1.41 -18.83 -18.05
C TYR T 192 -0.06 -18.44 -18.11
N GLY T 193 -0.47 -17.70 -19.14
CA GLY T 193 -1.87 -17.48 -19.42
C GLY T 193 -2.60 -16.50 -18.51
N ASN T 194 -1.99 -15.33 -18.33
CA ASN T 194 -2.55 -14.18 -17.63
C ASN T 194 -2.70 -14.40 -16.13
N PHE T 195 -1.79 -13.78 -15.36
CA PHE T 195 -1.75 -13.89 -13.91
C PHE T 195 -2.97 -13.31 -13.19
N PHE T 196 -3.77 -12.48 -13.86
CA PHE T 196 -5.04 -12.07 -13.27
C PHE T 196 -5.94 -13.26 -12.92
N TYR T 197 -5.83 -14.36 -13.65
CA TYR T 197 -6.63 -15.55 -13.38
C TYR T 197 -6.01 -16.50 -12.36
N ASN T 198 -4.81 -16.23 -11.89
CA ASN T 198 -4.21 -16.96 -10.78
C ASN T 198 -4.90 -16.50 -9.49
N PRO T 199 -5.64 -17.38 -8.81
CA PRO T 199 -6.38 -16.94 -7.61
C PRO T 199 -5.48 -16.51 -6.46
N PHE T 200 -4.29 -17.06 -6.35
CA PHE T 200 -3.34 -16.65 -5.32
C PHE T 200 -2.72 -15.29 -5.62
N HIS T 201 -2.63 -14.89 -6.89
CA HIS T 201 -2.31 -13.51 -7.23
C HIS T 201 -3.46 -12.58 -6.84
N MET T 202 -4.71 -13.01 -7.07
CA MET T 202 -5.88 -12.27 -6.58
C MET T 202 -5.86 -12.10 -5.06
N LEU T 203 -5.58 -13.17 -4.32
CA LEU T 203 -5.40 -13.07 -2.87
C LEU T 203 -4.29 -12.11 -2.51
N SER T 204 -3.13 -12.25 -3.16
CA SER T 204 -1.99 -11.38 -2.88
C SER T 204 -2.32 -9.91 -3.11
N ILE T 205 -3.10 -9.62 -4.15
CA ILE T 205 -3.57 -8.25 -4.40
C ILE T 205 -4.53 -7.78 -3.33
N ALA T 206 -5.50 -8.61 -2.95
CA ALA T 206 -6.43 -8.25 -1.88
C ALA T 206 -5.70 -7.86 -0.60
N PHE T 207 -4.67 -8.61 -0.23
CA PHE T 207 -3.87 -8.24 0.94
C PHE T 207 -2.95 -7.04 0.69
N LEU T 208 -2.49 -6.82 -0.55
CA LEU T 208 -1.74 -5.60 -0.85
C LEU T 208 -2.65 -4.37 -0.74
N TYR T 209 -3.84 -4.44 -1.35
CA TYR T 209 -4.81 -3.35 -1.19
C TYR T 209 -5.26 -3.20 0.25
N GLY T 210 -5.52 -4.33 0.92
CA GLY T 210 -5.89 -4.31 2.33
C GLY T 210 -4.85 -3.71 3.24
N SER T 211 -3.57 -3.91 2.94
CA SER T 211 -2.51 -3.26 3.70
C SER T 211 -2.55 -1.74 3.57
N ALA T 212 -2.73 -1.23 2.36
CA ALA T 212 -2.86 0.22 2.20
C ALA T 212 -4.15 0.74 2.81
N LEU T 213 -5.23 -0.03 2.71
CA LEU T 213 -6.47 0.28 3.42
C LEU T 213 -6.26 0.35 4.94
N LEU T 214 -5.69 -0.70 5.52
CA LEU T 214 -5.44 -0.71 6.97
C LEU T 214 -4.51 0.40 7.44
N PHE T 215 -3.43 0.69 6.71
CA PHE T 215 -2.55 1.75 7.18
C PHE T 215 -3.17 3.13 7.02
N ALA T 216 -3.97 3.35 5.97
CA ALA T 216 -4.73 4.58 5.87
C ALA T 216 -5.72 4.71 7.03
N MET T 217 -6.51 3.66 7.28
CA MET T 217 -7.44 3.66 8.41
C MET T 217 -6.74 3.85 9.73
N HIS T 218 -5.69 3.07 9.99
CA HIS T 218 -5.02 3.09 11.29
C HIS T 218 -4.21 4.36 11.50
N GLY T 219 -3.48 4.81 10.49
CA GLY T 219 -2.77 6.07 10.59
C GLY T 219 -3.69 7.25 10.84
N ALA T 220 -4.80 7.33 10.09
CA ALA T 220 -5.80 8.36 10.33
C ALA T 220 -6.45 8.23 11.71
N THR T 221 -6.70 7.00 12.17
CA THR T 221 -7.29 6.80 13.49
C THR T 221 -6.41 7.32 14.62
N ILE T 222 -5.14 6.91 14.63
CA ILE T 222 -4.23 7.32 15.70
C ILE T 222 -4.00 8.83 15.69
N LEU T 223 -3.93 9.44 14.50
CA LEU T 223 -3.86 10.90 14.45
C LEU T 223 -5.16 11.57 14.90
N ALA T 224 -6.32 10.96 14.59
CA ALA T 224 -7.59 11.49 15.10
C ALA T 224 -7.67 11.50 16.62
N VAL T 225 -7.09 10.50 17.29
CA VAL T 225 -7.06 10.46 18.75
C VAL T 225 -5.74 10.95 19.33
N SER T 226 -4.89 11.59 18.52
CA SER T 226 -3.58 12.01 19.01
C SER T 226 -3.63 13.17 20.00
N ARG T 227 -4.69 13.98 19.99
CA ARG T 227 -4.91 14.96 21.06
C ARG T 227 -5.46 14.33 22.33
N LEU T 228 -5.63 13.01 22.36
CA LEU T 228 -6.03 12.26 23.54
C LEU T 228 -4.96 11.28 24.00
N GLY T 229 -3.75 11.37 23.43
CA GLY T 229 -2.65 10.49 23.79
C GLY T 229 -2.60 9.17 23.06
N GLY T 230 -3.29 9.04 21.93
CA GLY T 230 -3.38 7.76 21.23
C GLY T 230 -2.11 7.28 20.57
N ASP T 231 -1.16 8.17 20.28
CA ASP T 231 0.13 7.76 19.73
C ASP T 231 0.99 6.96 20.71
N ARG T 232 0.61 6.94 21.99
CA ARG T 232 1.33 6.20 23.03
C ARG T 232 0.72 4.80 23.18
N GLU T 233 0.83 4.02 22.11
CA GLU T 233 -0.02 2.85 21.90
C GLU T 233 0.25 1.73 22.91
N VAL T 234 1.52 1.45 23.22
CA VAL T 234 1.81 0.36 24.15
C VAL T 234 1.37 0.72 25.57
N GLU T 235 1.43 1.99 25.92
CA GLU T 235 0.86 2.47 27.17
C GLU T 235 -0.66 2.32 27.18
N GLN T 236 -1.32 2.71 26.08
CA GLN T 236 -2.75 2.44 25.92
C GLN T 236 -3.07 0.95 25.93
N ILE T 237 -2.17 0.10 25.44
CA ILE T 237 -2.41 -1.35 25.51
C ILE T 237 -2.38 -1.86 26.94
N THR T 238 -1.55 -1.29 27.81
CA THR T 238 -1.39 -1.75 29.17
C THR T 238 -2.19 -0.94 30.18
N ASP T 239 -2.85 0.14 29.73
CA ASP T 239 -3.81 0.87 30.57
C ASP T 239 -4.70 1.65 29.61
N ARG T 240 -5.86 1.07 29.28
CA ARG T 240 -6.75 1.63 28.28
C ARG T 240 -7.18 3.05 28.63
N GLY T 241 -6.80 4.01 27.80
CA GLY T 241 -7.25 5.38 27.94
C GLY T 241 -8.46 5.69 27.08
N THR T 242 -8.96 6.91 27.24
CA THR T 242 -10.09 7.37 26.43
C THR T 242 -9.77 7.36 24.94
N ALA T 243 -8.50 7.57 24.56
CA ALA T 243 -8.10 7.49 23.16
C ALA T 243 -8.38 6.12 22.54
N ALA T 244 -8.00 5.05 23.24
CA ALA T 244 -8.30 3.70 22.77
C ALA T 244 -9.79 3.38 22.81
N GLU T 245 -10.52 3.95 23.77
CA GLU T 245 -11.97 3.78 23.82
C GLU T 245 -12.66 4.44 22.63
N ARG T 246 -12.28 5.69 22.33
CA ARG T 246 -12.93 6.42 21.23
C ARG T 246 -12.51 5.93 19.86
N ALA T 247 -11.27 5.45 19.72
CA ALA T 247 -10.88 4.76 18.49
C ALA T 247 -11.74 3.52 18.24
N ALA T 248 -11.94 2.70 19.27
CA ALA T 248 -12.81 1.53 19.16
C ALA T 248 -14.24 1.92 18.79
N LEU T 249 -14.79 2.94 19.44
CA LEU T 249 -16.18 3.33 19.18
C LEU T 249 -16.40 3.99 17.84
N PHE T 250 -15.44 4.77 17.33
CA PHE T 250 -15.59 5.28 15.98
C PHE T 250 -15.82 4.15 14.98
N TRP T 251 -15.00 3.10 15.04
CA TRP T 251 -15.13 2.00 14.10
C TRP T 251 -16.37 1.15 14.38
N ARG T 252 -16.66 0.88 15.65
CA ARG T 252 -17.89 0.16 15.99
C ARG T 252 -19.13 0.90 15.47
N TRP T 253 -19.20 2.21 15.69
CA TRP T 253 -20.37 2.95 15.24
C TRP T 253 -20.41 3.09 13.71
N THR T 254 -19.24 3.13 13.07
CA THR T 254 -19.18 3.21 11.62
C THR T 254 -19.56 1.89 10.96
N MET T 255 -18.86 0.80 11.30
CA MET T 255 -18.98 -0.46 10.57
C MET T 255 -19.46 -1.63 11.41
N GLY T 256 -19.84 -1.40 12.67
CA GLY T 256 -20.45 -2.42 13.51
C GLY T 256 -19.49 -3.26 14.32
N PHE T 257 -18.18 -3.09 14.15
CA PHE T 257 -17.21 -3.90 14.87
C PHE T 257 -15.89 -3.15 14.95
N ASN T 258 -15.02 -3.62 15.85
CA ASN T 258 -13.81 -2.88 16.17
C ASN T 258 -12.72 -3.83 16.67
N ALA T 259 -11.48 -3.35 16.62
CA ALA T 259 -10.32 -3.96 17.23
C ALA T 259 -10.04 -3.40 18.63
N THR T 260 -8.96 -3.89 19.26
CA THR T 260 -8.29 -3.21 20.35
C THR T 260 -7.01 -2.54 19.85
N MET T 261 -6.42 -1.73 20.71
CA MET T 261 -5.13 -1.11 20.42
C MET T 261 -4.02 -2.12 20.15
N GLU T 262 -4.04 -3.28 20.81
CA GLU T 262 -3.10 -4.35 20.45
C GLU T 262 -3.50 -5.08 19.18
N SER T 263 -4.76 -5.51 19.09
CA SER T 263 -5.17 -6.43 18.02
C SER T 263 -5.17 -5.80 16.64
N ILE T 264 -5.38 -4.48 16.53
CA ILE T 264 -5.23 -3.82 15.23
C ILE T 264 -3.83 -4.02 14.64
N HIS T 265 -2.82 -4.11 15.49
CA HIS T 265 -1.47 -4.42 15.00
C HIS T 265 -1.31 -5.88 14.58
N ARG T 266 -2.14 -6.79 15.09
CA ARG T 266 -2.18 -8.15 14.53
C ARG T 266 -2.86 -8.18 13.17
N TRP T 267 -3.98 -7.48 13.01
CA TRP T 267 -4.58 -7.33 11.69
C TRP T 267 -3.57 -6.77 10.69
N ALA T 268 -2.86 -5.70 11.08
CA ALA T 268 -1.80 -5.13 10.25
C ALA T 268 -0.72 -6.16 9.91
N TRP T 269 -0.20 -6.85 10.92
CA TRP T 269 0.85 -7.85 10.71
C TRP T 269 0.41 -8.94 9.74
N TRP T 270 -0.77 -9.52 9.96
CA TRP T 270 -1.25 -10.63 9.12
C TRP T 270 -1.55 -10.21 7.68
N PHE T 271 -2.13 -9.02 7.46
CA PHE T 271 -2.41 -8.61 6.09
C PHE T 271 -1.13 -8.44 5.27
N ALA T 272 -0.12 -7.78 5.83
CA ALA T 272 1.14 -7.61 5.09
C ALA T 272 1.86 -8.93 4.87
N VAL T 273 1.87 -9.81 5.88
CA VAL T 273 2.42 -11.16 5.72
C VAL T 273 1.69 -11.93 4.61
N LEU T 274 0.36 -11.99 4.68
CA LEU T 274 -0.40 -12.80 3.73
C LEU T 274 -0.30 -12.30 2.30
N CYS T 275 -0.02 -11.03 2.08
CA CYS T 275 0.29 -10.55 0.73
C CYS T 275 1.41 -11.35 0.09
N THR T 276 2.58 -11.40 0.73
CA THR T 276 3.71 -12.13 0.17
C THR T 276 3.60 -13.65 0.32
N PHE T 277 2.97 -14.15 1.39
CA PHE T 277 2.78 -15.59 1.51
C PHE T 277 1.90 -16.15 0.41
N THR T 278 0.71 -15.57 0.19
CA THR T 278 -0.12 -16.03 -0.91
C THR T 278 0.52 -15.79 -2.27
N GLY T 279 1.26 -14.69 -2.39
CA GLY T 279 2.09 -14.49 -3.58
C GLY T 279 3.04 -15.62 -3.86
N ALA T 280 3.80 -16.03 -2.85
CA ALA T 280 4.76 -17.13 -3.01
C ALA T 280 4.09 -18.43 -3.44
N ILE T 281 2.94 -18.75 -2.84
CA ILE T 281 2.20 -19.95 -3.24
C ILE T 281 1.74 -19.87 -4.69
N GLY T 282 1.23 -18.71 -5.11
CA GLY T 282 0.85 -18.53 -6.50
C GLY T 282 1.99 -18.71 -7.49
N ILE T 283 3.19 -18.28 -7.12
CA ILE T 283 4.38 -18.53 -7.95
C ILE T 283 4.75 -20.01 -7.97
N LEU T 284 4.78 -20.66 -6.80
CA LEU T 284 5.20 -22.06 -6.75
C LEU T 284 4.22 -23.01 -7.44
N LEU T 285 2.95 -22.65 -7.58
CA LEU T 285 2.00 -23.48 -8.33
C LEU T 285 2.07 -23.27 -9.84
N THR T 286 2.64 -22.16 -10.30
CA THR T 286 2.66 -21.82 -11.72
C THR T 286 3.68 -22.67 -12.48
N GLY T 287 3.21 -23.31 -13.55
CA GLY T 287 4.03 -24.21 -14.35
C GLY T 287 4.31 -25.56 -13.75
N THR T 288 4.29 -25.63 -12.42
CA THR T 288 4.50 -26.90 -11.72
C THR T 288 3.25 -27.76 -11.74
N VAL T 289 2.08 -27.16 -11.48
CA VAL T 289 0.81 -27.87 -11.50
C VAL T 289 -0.26 -27.17 -12.33
N VAL T 290 -0.18 -25.86 -12.55
CA VAL T 290 -1.05 -25.16 -13.51
C VAL T 290 -0.19 -24.49 -14.57
N ASP T 291 -0.42 -24.88 -15.83
CA ASP T 291 0.34 -24.35 -16.96
C ASP T 291 -0.31 -23.14 -17.61
N ASN T 292 -1.62 -22.94 -17.42
CA ASN T 292 -2.31 -21.80 -18.01
C ASN T 292 -3.44 -21.42 -17.06
N TRP T 293 -3.31 -20.25 -16.43
CA TRP T 293 -4.25 -19.82 -15.40
C TRP T 293 -5.62 -19.45 -15.96
N PHE T 294 -5.68 -18.84 -17.14
CA PHE T 294 -6.96 -18.58 -17.79
C PHE T 294 -7.73 -19.87 -18.07
N GLU T 295 -7.03 -20.89 -18.57
CA GLU T 295 -7.67 -22.20 -18.77
C GLU T 295 -8.13 -22.83 -17.46
N TRP T 296 -7.33 -22.72 -16.40
CA TRP T 296 -7.79 -23.12 -15.08
C TRP T 296 -9.01 -22.32 -14.64
N GLY T 297 -9.00 -21.01 -14.92
CA GLY T 297 -10.16 -20.17 -14.62
C GLY T 297 -11.43 -20.57 -15.37
N VAL T 298 -11.29 -20.90 -16.66
CA VAL T 298 -12.42 -21.41 -17.44
C VAL T 298 -12.96 -22.70 -16.84
N LYS T 299 -12.07 -23.62 -16.47
CA LYS T 299 -12.49 -24.86 -15.81
C LYS T 299 -13.28 -24.57 -14.53
N HIS T 300 -12.79 -23.66 -13.69
CA HIS T 300 -13.38 -23.38 -12.39
C HIS T 300 -14.34 -22.19 -12.40
N GLY T 301 -14.88 -21.83 -13.56
CA GLY T 301 -15.97 -20.88 -13.65
C GLY T 301 -15.63 -19.41 -13.57
N LEU T 302 -14.35 -19.04 -13.61
CA LEU T 302 -13.99 -17.62 -13.62
C LEU T 302 -14.40 -16.94 -14.92
N ALA T 303 -14.38 -17.65 -16.03
CA ALA T 303 -14.71 -17.08 -17.33
C ALA T 303 -15.51 -18.07 -18.17
N PRO T 304 -16.32 -17.57 -19.10
CA PRO T 304 -16.95 -18.47 -20.08
C PRO T 304 -15.91 -19.19 -20.93
N ALA T 305 -16.29 -20.36 -21.42
CA ALA T 305 -15.45 -21.10 -22.35
C ALA T 305 -15.17 -20.27 -23.60
N PRO T 306 -13.90 -20.15 -24.03
CA PRO T 306 -13.51 -19.26 -25.12
C PRO T 306 -13.96 -19.78 -26.49
N FME U 1 -53.44 -3.70 15.72
CN FME U 1 -53.58 -3.79 17.08
O1 FME U 1 -52.63 -3.65 17.87
CA FME U 1 -52.19 -3.45 15.06
CB FME U 1 -52.34 -3.62 13.53
CG FME U 1 -51.03 -3.63 12.76
SD FME U 1 -50.03 -5.00 13.26
CE FME U 1 -48.55 -4.69 12.39
C FME U 1 -51.60 -2.06 15.35
O FME U 1 -50.44 -1.76 15.09
N TRP U 2 -52.43 -1.18 15.91
CA TRP U 2 -51.96 0.12 16.42
C TRP U 2 -50.84 0.00 17.45
N ARG U 3 -50.78 -1.16 18.11
CA ARG U 3 -49.68 -1.47 19.02
C ARG U 3 -48.30 -1.43 18.37
N ILE U 4 -48.23 -1.50 17.04
CA ILE U 4 -46.95 -1.37 16.34
C ILE U 4 -46.27 -0.03 16.64
N TRP U 5 -47.03 1.03 16.88
CA TRP U 5 -46.45 2.32 17.24
C TRP U 5 -45.95 2.39 18.68
N GLN U 6 -46.32 1.43 19.52
CA GLN U 6 -45.65 1.25 20.80
C GLN U 6 -44.34 0.47 20.69
N LEU U 7 -44.06 -0.10 19.52
CA LEU U 7 -42.75 -0.69 19.23
C LEU U 7 -41.83 0.23 18.41
N PHE U 8 -42.37 1.03 17.50
CA PHE U 8 -41.56 1.87 16.61
C PHE U 8 -42.09 3.31 16.62
N ASP U 9 -41.17 4.25 16.72
CA ASP U 9 -41.48 5.69 16.68
C ASP U 9 -42.10 6.07 15.34
N PRO U 10 -43.30 6.65 15.33
CA PRO U 10 -43.93 7.12 14.07
C PRO U 10 -43.04 7.95 13.16
N ARG U 11 -42.24 8.87 13.69
CA ARG U 11 -41.41 9.73 12.85
C ARG U 11 -40.33 8.94 12.14
N GLN U 12 -39.62 8.10 12.88
CA GLN U 12 -38.57 7.27 12.30
C GLN U 12 -39.14 6.26 11.31
N ALA U 13 -40.24 5.61 11.68
CA ALA U 13 -40.89 4.63 10.81
C ALA U 13 -41.36 5.26 9.50
N LEU U 14 -42.00 6.42 9.56
CA LEU U 14 -42.45 7.09 8.34
C LEU U 14 -41.31 7.44 7.39
N VAL U 15 -40.21 7.99 7.92
CA VAL U 15 -39.09 8.33 7.05
C VAL U 15 -38.42 7.08 6.49
N GLY U 16 -38.24 6.05 7.32
CA GLY U 16 -37.70 4.79 6.84
C GLY U 16 -38.58 4.15 5.77
N LEU U 17 -39.90 4.12 6.01
CA LEU U 17 -40.84 3.59 5.04
C LEU U 17 -40.85 4.39 3.75
N ALA U 18 -40.90 5.73 3.84
CA ALA U 18 -40.81 6.56 2.65
C ALA U 18 -39.53 6.29 1.86
N THR U 19 -38.41 6.13 2.55
CA THR U 19 -37.15 5.81 1.87
C THR U 19 -37.23 4.44 1.18
N PHE U 20 -37.72 3.43 1.88
CA PHE U 20 -37.89 2.10 1.30
C PHE U 20 -38.79 2.12 0.06
N LEU U 21 -39.97 2.73 0.18
CA LEU U 21 -40.91 2.75 -0.94
C LEU U 21 -40.36 3.48 -2.15
N PHE U 22 -39.61 4.56 -1.95
CA PHE U 22 -38.99 5.27 -3.07
C PHE U 22 -37.97 4.41 -3.80
N VAL U 23 -37.09 3.72 -3.06
CA VAL U 23 -36.13 2.82 -3.68
C VAL U 23 -36.83 1.69 -4.43
N LEU U 24 -37.88 1.11 -3.85
CA LEU U 24 -38.64 0.08 -4.54
C LEU U 24 -39.30 0.60 -5.80
N ALA U 25 -39.91 1.78 -5.75
CA ALA U 25 -40.52 2.38 -6.93
C ALA U 25 -39.49 2.65 -8.03
N LEU U 26 -38.36 3.27 -7.68
CA LEU U 26 -37.30 3.48 -8.67
C LEU U 26 -36.86 2.17 -9.30
N LEU U 27 -36.61 1.16 -8.47
CA LEU U 27 -36.18 -0.14 -8.99
C LEU U 27 -37.15 -0.71 -10.02
N ILE U 28 -38.45 -0.69 -9.71
CA ILE U 28 -39.43 -1.23 -10.66
C ILE U 28 -39.49 -0.41 -11.95
N HIS U 29 -39.48 0.93 -11.87
CA HIS U 29 -39.47 1.73 -13.10
C HIS U 29 -38.20 1.45 -13.93
N PHE U 30 -37.02 1.37 -13.28
CA PHE U 30 -35.80 0.99 -14.00
C PHE U 30 -35.85 -0.41 -14.62
N ILE U 31 -36.47 -1.37 -13.92
CA ILE U 31 -36.66 -2.70 -14.49
C ILE U 31 -37.52 -2.65 -15.77
N LEU U 32 -38.64 -1.95 -15.71
CA LEU U 32 -39.51 -1.83 -16.88
C LEU U 32 -38.81 -1.12 -18.04
N LEU U 33 -38.07 -0.05 -17.77
CA LEU U 33 -37.29 0.61 -18.80
C LEU U 33 -36.20 -0.27 -19.38
N SER U 34 -35.85 -1.38 -18.73
CA SER U 34 -34.94 -2.34 -19.32
C SER U 34 -35.62 -3.31 -20.28
N THR U 35 -36.94 -3.44 -20.23
CA THR U 35 -37.67 -4.38 -21.08
C THR U 35 -37.98 -3.78 -22.45
N GLU U 36 -38.27 -4.67 -23.39
CA GLU U 36 -38.88 -4.27 -24.66
C GLU U 36 -40.36 -3.89 -24.51
N ARG U 37 -41.16 -4.80 -23.93
CA ARG U 37 -42.61 -4.63 -23.92
C ARG U 37 -43.05 -3.41 -23.11
N PHE U 38 -42.37 -3.09 -22.01
CA PHE U 38 -42.84 -2.06 -21.10
C PHE U 38 -41.98 -0.80 -21.05
N ASN U 39 -40.96 -0.68 -21.90
CA ASN U 39 -40.27 0.60 -22.00
C ASN U 39 -41.15 1.59 -22.75
N TRP U 40 -41.97 2.33 -21.99
CA TRP U 40 -42.92 3.26 -22.56
C TRP U 40 -42.25 4.38 -23.37
N LEU U 41 -41.01 4.75 -23.02
CA LEU U 41 -40.32 5.81 -23.74
C LEU U 41 -39.76 5.36 -25.08
N GLU U 42 -39.26 4.12 -25.17
CA GLU U 42 -38.86 3.59 -26.46
C GLU U 42 -40.08 3.25 -27.32
N GLY U 43 -41.06 2.58 -26.73
CA GLY U 43 -42.32 2.29 -27.40
C GLY U 43 -42.22 1.33 -28.56
N ALA U 44 -41.57 0.18 -28.33
CA ALA U 44 -41.63 -0.93 -29.27
C ALA U 44 -43.07 -1.38 -29.46
N SER U 45 -43.36 -1.88 -30.66
CA SER U 45 -44.65 -2.51 -30.92
C SER U 45 -44.78 -3.82 -30.15
N THR U 46 -46.01 -4.25 -29.95
CA THR U 46 -46.29 -5.54 -29.31
C THR U 46 -46.12 -6.69 -30.31
N ILE V 10 -14.34 -28.45 35.64
CA ILE V 10 -15.33 -29.52 35.55
C ILE V 10 -15.05 -30.57 36.63
N THR V 11 -16.04 -30.77 37.51
CA THR V 11 -15.93 -31.75 38.58
C THR V 11 -15.82 -33.17 37.99
N GLU V 12 -15.15 -34.06 38.74
CA GLU V 12 -15.04 -35.45 38.33
C GLU V 12 -16.41 -36.07 38.05
N GLY V 13 -17.39 -35.76 38.90
CA GLY V 13 -18.74 -36.27 38.68
C GLY V 13 -19.39 -35.73 37.41
N GLU V 14 -19.13 -34.47 37.07
CA GLU V 14 -19.62 -33.93 35.80
C GLU V 14 -18.87 -34.53 34.61
N ALA V 15 -17.55 -34.69 34.73
CA ALA V 15 -16.76 -35.28 33.66
C ALA V 15 -17.18 -36.73 33.37
N LYS V 16 -17.41 -37.53 34.41
CA LYS V 16 -17.90 -38.88 34.22
C LYS V 16 -19.30 -38.92 33.61
N GLU V 17 -20.17 -37.99 34.01
CA GLU V 17 -21.49 -37.92 33.38
C GLU V 17 -21.42 -37.50 31.91
N PHE V 18 -20.64 -36.46 31.61
CA PHE V 18 -20.45 -36.07 30.22
C PHE V 18 -19.88 -37.21 29.38
N HIS V 19 -18.87 -37.90 29.91
CA HIS V 19 -18.25 -39.01 29.18
C HIS V 19 -19.26 -40.12 28.87
N LYS V 20 -20.18 -40.40 29.80
CA LYS V 20 -21.23 -41.38 29.53
C LYS V 20 -22.11 -40.98 28.35
N ILE V 21 -22.57 -39.73 28.32
CA ILE V 21 -23.39 -39.27 27.20
C ILE V 21 -22.57 -39.19 25.91
N PHE V 22 -21.33 -38.68 25.99
CA PHE V 22 -20.45 -38.61 24.84
C PHE V 22 -20.21 -39.99 24.23
N THR V 23 -19.87 -40.98 25.06
CA THR V 23 -19.68 -42.34 24.57
C THR V 23 -20.92 -42.90 23.88
N SER V 24 -22.10 -42.67 24.46
CA SER V 24 -23.33 -43.10 23.81
C SER V 24 -23.56 -42.39 22.49
N SER V 25 -23.31 -41.08 22.44
CA SER V 25 -23.57 -40.29 21.24
C SER V 25 -22.63 -40.65 20.09
N ILE V 26 -21.33 -40.76 20.37
CA ILE V 26 -20.37 -41.10 19.31
C ILE V 26 -20.64 -42.48 18.72
N LEU V 27 -21.07 -43.45 19.56
CA LEU V 27 -21.42 -44.77 19.04
C LEU V 27 -22.67 -44.75 18.18
N VAL V 28 -23.66 -43.92 18.51
CA VAL V 28 -24.80 -43.71 17.63
C VAL V 28 -24.37 -43.06 16.32
N PHE V 29 -23.57 -41.99 16.40
CA PHE V 29 -23.08 -41.32 15.21
C PHE V 29 -22.30 -42.26 14.29
N PHE V 30 -21.36 -43.04 14.86
CA PHE V 30 -20.63 -44.02 14.05
C PHE V 30 -21.51 -45.15 13.54
N GLY V 31 -22.52 -45.56 14.31
CA GLY V 31 -23.45 -46.58 13.83
C GLY V 31 -24.27 -46.14 12.62
N VAL V 32 -24.81 -44.92 12.67
CA VAL V 32 -25.53 -44.37 11.53
C VAL V 32 -24.60 -44.19 10.32
N ALA V 33 -23.40 -43.65 10.55
CA ALA V 33 -22.43 -43.51 9.47
C ALA V 33 -22.06 -44.85 8.84
N ALA V 34 -21.89 -45.88 9.66
CA ALA V 34 -21.59 -47.21 9.12
C ALA V 34 -22.72 -47.73 8.24
N PHE V 35 -23.97 -47.50 8.64
CA PHE V 35 -25.11 -47.85 7.80
C PHE V 35 -25.14 -47.07 6.50
N ALA V 36 -24.86 -45.76 6.56
CA ALA V 36 -24.72 -44.97 5.34
C ALA V 36 -23.63 -45.50 4.40
N HIS V 37 -22.45 -45.83 4.94
CA HIS V 37 -21.39 -46.41 4.12
C HIS V 37 -21.80 -47.75 3.52
N LEU V 38 -22.47 -48.62 4.29
CA LEU V 38 -22.91 -49.91 3.76
C LEU V 38 -23.86 -49.76 2.58
N LEU V 39 -24.83 -48.86 2.68
CA LEU V 39 -25.74 -48.60 1.56
C LEU V 39 -25.00 -48.07 0.34
N VAL V 40 -24.09 -47.11 0.54
CA VAL V 40 -23.32 -46.57 -0.58
C VAL V 40 -22.44 -47.64 -1.22
N TRP V 41 -21.87 -48.54 -0.40
CA TRP V 41 -21.10 -49.65 -0.94
C TRP V 41 -21.95 -50.56 -1.82
N ILE V 42 -23.14 -50.91 -1.35
CA ILE V 42 -24.07 -51.72 -2.14
C ILE V 42 -24.45 -51.02 -3.44
N TRP V 43 -24.61 -49.70 -3.41
CA TRP V 43 -24.84 -48.97 -4.65
C TRP V 43 -23.62 -49.00 -5.56
N ARG V 44 -22.50 -48.42 -5.12
CA ARG V 44 -21.27 -48.40 -5.91
C ARG V 44 -20.06 -48.54 -5.00
N PRO V 45 -19.38 -49.68 -5.01
CA PRO V 45 -18.17 -49.84 -4.21
C PRO V 45 -17.04 -48.95 -4.71
N TRP V 46 -16.12 -48.65 -3.78
CA TRP V 46 -15.06 -47.68 -4.01
C TRP V 46 -13.65 -48.26 -3.89
N VAL V 47 -13.49 -49.58 -3.92
CA VAL V 47 -12.18 -50.20 -4.02
C VAL V 47 -12.09 -50.92 -5.37
N PRO V 48 -11.33 -50.41 -6.33
CA PRO V 48 -11.29 -51.00 -7.67
C PRO V 48 -10.40 -52.24 -7.73
N GLY V 49 -10.86 -53.24 -8.49
CA GLY V 49 -10.05 -54.39 -8.80
C GLY V 49 -8.90 -54.08 -9.76
N PRO V 50 -8.17 -55.13 -10.14
CA PRO V 50 -7.04 -54.94 -11.07
C PRO V 50 -7.40 -54.31 -12.39
N ASN V 51 -8.57 -54.63 -12.93
CA ASN V 51 -9.05 -54.04 -14.19
C ASN V 51 -9.66 -52.65 -14.01
N GLY V 52 -9.52 -52.05 -12.83
CA GLY V 52 -10.22 -50.83 -12.49
C GLY V 52 -11.70 -51.08 -12.23
N TYR V 53 -12.50 -50.05 -12.45
CA TYR V 53 -13.95 -50.20 -12.44
C TYR V 53 -14.49 -50.63 -13.80
N LEU W 7 -23.55 -25.02 33.63
CA LEU W 7 -22.62 -24.16 32.89
C LEU W 7 -23.36 -23.07 32.13
N SER W 8 -24.55 -23.39 31.61
CA SER W 8 -25.40 -22.41 30.96
C SER W 8 -26.15 -21.51 31.94
N GLY W 9 -26.17 -21.85 33.22
CA GLY W 9 -26.85 -21.07 34.24
C GLY W 9 -28.37 -21.16 34.27
N ILE W 10 -28.99 -21.93 33.38
CA ILE W 10 -30.42 -22.21 33.47
C ILE W 10 -30.64 -23.43 34.37
N THR W 11 -31.83 -23.49 34.98
CA THR W 11 -32.18 -24.60 35.87
C THR W 11 -32.51 -25.87 35.10
N GLU W 12 -32.51 -26.98 35.83
CA GLU W 12 -33.04 -28.25 35.31
C GLU W 12 -34.46 -28.11 34.77
N GLY W 13 -35.30 -27.32 35.44
CA GLY W 13 -36.67 -27.13 34.99
C GLY W 13 -36.77 -26.40 33.66
N GLU W 14 -36.02 -25.32 33.50
CA GLU W 14 -35.98 -24.62 32.22
C GLU W 14 -35.36 -25.47 31.12
N ALA W 15 -34.34 -26.25 31.45
CA ALA W 15 -33.75 -27.17 30.46
C ALA W 15 -34.74 -28.22 29.99
N LYS W 16 -35.51 -28.80 30.92
CA LYS W 16 -36.52 -29.79 30.54
C LYS W 16 -37.70 -29.16 29.80
N GLU W 17 -38.12 -27.95 30.17
CA GLU W 17 -39.14 -27.26 29.41
C GLU W 17 -38.69 -26.94 27.99
N PHE W 18 -37.49 -26.38 27.83
CA PHE W 18 -36.95 -26.15 26.48
C PHE W 18 -36.82 -27.44 25.69
N HIS W 19 -36.29 -28.49 26.31
CA HIS W 19 -36.08 -29.76 25.61
C HIS W 19 -37.38 -30.36 25.06
N LYS W 20 -38.49 -30.23 25.79
CA LYS W 20 -39.77 -30.69 25.27
C LYS W 20 -40.18 -29.95 23.99
N ILE W 21 -40.16 -28.61 24.01
CA ILE W 21 -40.50 -27.84 22.82
C ILE W 21 -39.51 -28.11 21.70
N PHE W 22 -38.21 -28.12 22.01
CA PHE W 22 -37.20 -28.44 21.03
C PHE W 22 -37.44 -29.79 20.37
N THR W 23 -37.70 -30.83 21.18
CA THR W 23 -37.97 -32.16 20.63
C THR W 23 -39.17 -32.16 19.69
N SER W 24 -40.27 -31.49 20.07
CA SER W 24 -41.42 -31.40 19.19
C SER W 24 -41.10 -30.63 17.92
N SER W 25 -40.35 -29.54 18.03
CA SER W 25 -40.04 -28.70 16.88
C SER W 25 -39.14 -29.41 15.87
N ILE W 26 -38.10 -30.10 16.34
CA ILE W 26 -37.21 -30.81 15.43
C ILE W 26 -37.91 -32.00 14.79
N LEU W 27 -38.80 -32.68 15.50
CA LEU W 27 -39.61 -33.74 14.90
C LEU W 27 -40.54 -33.20 13.81
N VAL W 28 -41.18 -32.05 14.04
CA VAL W 28 -41.99 -31.42 13.00
C VAL W 28 -41.12 -31.01 11.81
N PHE W 29 -39.98 -30.37 12.07
CA PHE W 29 -39.06 -29.98 11.00
C PHE W 29 -38.59 -31.17 10.18
N PHE W 30 -38.14 -32.25 10.85
CA PHE W 30 -37.74 -33.46 10.13
C PHE W 30 -38.91 -34.16 9.45
N GLY W 31 -40.11 -34.06 10.01
CA GLY W 31 -41.29 -34.62 9.36
C GLY W 31 -41.67 -33.94 8.05
N VAL W 32 -41.66 -32.60 8.06
CA VAL W 32 -41.88 -31.86 6.81
C VAL W 32 -40.77 -32.13 5.80
N ALA W 33 -39.52 -32.16 6.25
CA ALA W 33 -38.41 -32.48 5.35
C ALA W 33 -38.55 -33.87 4.74
N ALA W 34 -38.94 -34.86 5.54
CA ALA W 34 -39.16 -36.21 5.00
C ALA W 34 -40.27 -36.24 3.96
N PHE W 35 -41.34 -35.48 4.17
CA PHE W 35 -42.39 -35.36 3.17
C PHE W 35 -41.88 -34.68 1.90
N ALA W 36 -41.12 -33.59 2.04
CA ALA W 36 -40.47 -32.94 0.90
C ALA W 36 -39.57 -33.89 0.11
N HIS W 37 -38.72 -34.65 0.80
CA HIS W 37 -37.84 -35.60 0.11
C HIS W 37 -38.61 -36.70 -0.60
N LEU W 38 -39.66 -37.24 0.03
CA LEU W 38 -40.49 -38.26 -0.62
C LEU W 38 -41.11 -37.76 -1.92
N LEU W 39 -41.66 -36.54 -1.92
CA LEU W 39 -42.25 -36.00 -3.14
C LEU W 39 -41.21 -35.77 -4.24
N VAL W 40 -40.04 -35.24 -3.88
CA VAL W 40 -38.97 -35.09 -4.86
C VAL W 40 -38.51 -36.44 -5.41
N TRP W 41 -38.42 -37.46 -4.55
CA TRP W 41 -38.04 -38.79 -5.02
C TRP W 41 -39.05 -39.35 -6.03
N ILE W 42 -40.33 -39.19 -5.74
CA ILE W 42 -41.37 -39.60 -6.68
C ILE W 42 -41.27 -38.83 -8.00
N TRP W 43 -40.95 -37.54 -7.95
CA TRP W 43 -40.76 -36.77 -9.17
C TRP W 43 -39.51 -37.22 -9.93
N ARG W 44 -38.34 -37.15 -9.31
CA ARG W 44 -37.09 -37.58 -9.93
C ARG W 44 -36.16 -38.17 -8.87
N PRO W 45 -35.99 -39.48 -8.81
CA PRO W 45 -35.06 -40.07 -7.86
C PRO W 45 -33.62 -39.69 -8.17
N TRP W 46 -32.80 -39.72 -7.12
CA TRP W 46 -31.45 -39.19 -7.15
C TRP W 46 -30.35 -40.22 -6.87
N VAL W 47 -30.66 -41.51 -6.91
CA VAL W 47 -29.63 -42.54 -6.93
C VAL W 47 -29.68 -43.25 -8.29
N PRO W 48 -28.66 -43.08 -9.14
CA PRO W 48 -28.69 -43.68 -10.47
C PRO W 48 -28.37 -45.17 -10.46
N GLY W 49 -28.91 -45.88 -11.45
CA GLY W 49 -28.54 -47.26 -11.69
C GLY W 49 -27.23 -47.40 -12.42
N PRO W 50 -26.86 -48.66 -12.73
CA PRO W 50 -25.59 -48.91 -13.42
C PRO W 50 -25.48 -48.26 -14.79
N ASN W 51 -26.58 -48.14 -15.53
CA ASN W 51 -26.58 -47.45 -16.82
C ASN W 51 -26.74 -45.94 -16.69
N GLY W 52 -26.67 -45.43 -15.48
CA GLY W 52 -27.03 -44.06 -15.19
C GLY W 52 -28.54 -43.85 -15.16
N TYR W 53 -28.93 -42.58 -15.27
CA TYR W 53 -30.34 -42.23 -15.36
C TYR W 53 -30.93 -42.58 -16.72
N TRP X 2 -41.71 37.05 2.54
CA TRP X 2 -40.72 37.78 3.33
C TRP X 2 -39.91 36.86 4.26
N ARG X 3 -40.54 35.76 4.67
CA ARG X 3 -40.14 35.07 5.90
C ARG X 3 -39.08 33.98 5.72
N ILE X 4 -38.76 33.58 4.49
CA ILE X 4 -37.87 32.43 4.30
C ILE X 4 -36.47 32.68 4.86
N TRP X 5 -36.02 33.93 4.91
CA TRP X 5 -34.74 34.28 5.53
C TRP X 5 -34.76 34.16 7.05
N GLN X 6 -35.95 34.15 7.65
CA GLN X 6 -36.07 33.82 9.07
C GLN X 6 -35.75 32.34 9.31
N LEU X 7 -35.94 31.51 8.29
CA LEU X 7 -35.70 30.06 8.39
C LEU X 7 -34.30 29.64 7.94
N PHE X 8 -33.64 30.42 7.07
CA PHE X 8 -32.34 30.03 6.53
C PHE X 8 -31.33 31.18 6.63
N ASP X 9 -30.07 30.82 6.86
CA ASP X 9 -28.96 31.76 6.92
C ASP X 9 -28.76 32.44 5.57
N PRO X 10 -28.84 33.77 5.51
CA PRO X 10 -28.66 34.47 4.22
C PRO X 10 -27.27 34.32 3.59
N ARG X 11 -26.22 34.10 4.39
CA ARG X 11 -24.91 33.81 3.80
C ARG X 11 -24.90 32.46 3.10
N GLN X 12 -25.45 31.43 3.75
CA GLN X 12 -25.49 30.10 3.16
C GLN X 12 -26.33 30.08 1.89
N ALA X 13 -27.44 30.83 1.89
CA ALA X 13 -28.26 30.97 0.69
C ALA X 13 -27.44 31.44 -0.52
N LEU X 14 -26.71 32.55 -0.38
CA LEU X 14 -25.91 33.07 -1.48
C LEU X 14 -24.82 32.08 -1.93
N VAL X 15 -24.06 31.53 -0.99
CA VAL X 15 -22.93 30.66 -1.37
C VAL X 15 -23.42 29.41 -2.09
N GLY X 16 -24.45 28.76 -1.53
CA GLY X 16 -24.99 27.56 -2.17
C GLY X 16 -25.64 27.86 -3.51
N LEU X 17 -26.48 28.89 -3.56
CA LEU X 17 -27.21 29.20 -4.78
C LEU X 17 -26.29 29.64 -5.91
N ALA X 18 -25.26 30.44 -5.62
CA ALA X 18 -24.30 30.82 -6.64
C ALA X 18 -23.56 29.60 -7.20
N THR X 19 -23.11 28.71 -6.31
CA THR X 19 -22.40 27.50 -6.75
C THR X 19 -23.33 26.60 -7.56
N PHE X 20 -24.56 26.41 -7.09
CA PHE X 20 -25.56 25.63 -7.82
C PHE X 20 -25.82 26.20 -9.21
N LEU X 21 -26.09 27.50 -9.30
CA LEU X 21 -26.42 28.11 -10.59
C LEU X 21 -25.25 28.08 -11.56
N PHE X 22 -24.01 28.27 -11.09
CA PHE X 22 -22.87 28.17 -11.98
C PHE X 22 -22.69 26.77 -12.55
N VAL X 23 -22.71 25.75 -11.68
CA VAL X 23 -22.56 24.37 -12.13
C VAL X 23 -23.68 23.97 -13.09
N LEU X 24 -24.91 24.37 -12.79
CA LEU X 24 -26.02 24.11 -13.71
C LEU X 24 -25.82 24.79 -15.05
N ALA X 25 -25.48 26.08 -15.05
CA ALA X 25 -25.22 26.81 -16.29
C ALA X 25 -24.10 26.16 -17.09
N LEU X 26 -23.00 25.82 -16.43
CA LEU X 26 -21.87 25.19 -17.10
C LEU X 26 -22.26 23.85 -17.74
N LEU X 27 -23.02 23.03 -17.01
CA LEU X 27 -23.55 21.79 -17.56
C LEU X 27 -24.39 22.02 -18.82
N ILE X 28 -25.33 22.96 -18.78
CA ILE X 28 -26.20 23.20 -19.93
C ILE X 28 -25.40 23.69 -21.16
N HIS X 29 -24.46 24.61 -20.97
CA HIS X 29 -23.63 25.02 -22.11
C HIS X 29 -22.85 23.84 -22.70
N PHE X 30 -22.23 22.99 -21.87
CA PHE X 30 -21.56 21.79 -22.38
C PHE X 30 -22.51 20.80 -23.05
N ILE X 31 -23.72 20.63 -22.52
CA ILE X 31 -24.72 19.81 -23.21
C ILE X 31 -25.01 20.34 -24.61
N LEU X 32 -25.22 21.64 -24.74
CA LEU X 32 -25.49 22.22 -26.05
C LEU X 32 -24.29 22.07 -27.01
N LEU X 33 -23.08 22.26 -26.51
CA LEU X 33 -21.90 22.02 -27.34
C LEU X 33 -21.82 20.58 -27.85
N SER X 34 -22.34 19.61 -27.10
CA SER X 34 -22.34 18.23 -27.59
C SER X 34 -23.33 17.99 -28.72
N THR X 35 -24.31 18.87 -28.92
CA THR X 35 -25.28 18.70 -30.00
C THR X 35 -24.71 19.25 -31.32
N GLU X 36 -25.26 18.76 -32.43
CA GLU X 36 -25.02 19.41 -33.72
C GLU X 36 -25.78 20.72 -33.85
N ARG X 37 -27.10 20.69 -33.60
CA ARG X 37 -27.96 21.85 -33.84
C ARG X 37 -27.54 23.08 -33.04
N PHE X 38 -27.12 22.90 -31.79
CA PHE X 38 -26.87 24.04 -30.91
C PHE X 38 -25.41 24.32 -30.60
N ASN X 39 -24.46 23.54 -31.13
CA ASN X 39 -23.06 23.91 -30.99
C ASN X 39 -22.79 25.14 -31.85
N TRP X 40 -22.77 26.32 -31.20
CA TRP X 40 -22.59 27.58 -31.89
C TRP X 40 -21.17 27.76 -32.44
N LEU X 41 -20.18 27.14 -31.80
CA LEU X 41 -18.79 27.29 -32.22
C LEU X 41 -18.45 26.47 -33.45
N GLU X 42 -19.16 25.37 -33.70
CA GLU X 42 -19.01 24.60 -34.92
C GLU X 42 -20.00 25.02 -36.00
N GLY X 43 -21.21 25.44 -35.62
CA GLY X 43 -22.18 26.02 -36.52
C GLY X 43 -22.58 25.17 -37.72
N ALA X 44 -23.01 23.94 -37.45
CA ALA X 44 -23.66 23.10 -38.46
C ALA X 44 -24.91 23.78 -39.03
N SER X 45 -25.24 23.41 -40.26
CA SER X 45 -26.42 23.91 -40.95
C SER X 45 -27.69 23.16 -40.51
N THR X 46 -28.82 23.86 -40.59
CA THR X 46 -30.15 23.27 -40.37
C THR X 46 -30.67 22.68 -41.69
N LYS X 47 -30.14 21.52 -42.03
CA LYS X 47 -30.33 20.92 -43.36
C LYS X 47 -31.79 20.49 -43.58
N GLY Y 9 -36.10 -7.80 30.47
CA GLY Y 9 -36.94 -8.98 30.31
C GLY Y 9 -38.31 -8.66 29.74
N ILE Y 10 -39.07 -9.71 29.44
CA ILE Y 10 -40.42 -9.57 28.90
C ILE Y 10 -41.36 -10.50 29.66
N THR Y 11 -42.50 -9.95 30.09
CA THR Y 11 -43.46 -10.71 30.88
C THR Y 11 -44.17 -11.75 30.01
N GLU Y 12 -44.70 -12.77 30.69
CA GLU Y 12 -45.58 -13.74 30.02
C GLU Y 12 -46.75 -13.03 29.35
N GLY Y 13 -47.28 -11.98 29.98
CA GLY Y 13 -48.37 -11.21 29.39
C GLY Y 13 -48.01 -10.56 28.06
N GLU Y 14 -46.91 -9.81 28.04
CA GLU Y 14 -46.44 -9.21 26.78
C GLU Y 14 -46.03 -10.27 25.76
N ALA Y 15 -45.38 -11.34 26.22
CA ALA Y 15 -45.01 -12.43 25.31
C ALA Y 15 -46.24 -13.04 24.64
N LYS Y 16 -47.28 -13.34 25.43
CA LYS Y 16 -48.50 -13.89 24.86
C LYS Y 16 -49.28 -12.88 24.04
N GLU Y 17 -49.34 -11.63 24.49
CA GLU Y 17 -49.98 -10.57 23.71
C GLU Y 17 -49.32 -10.39 22.34
N PHE Y 18 -47.99 -10.31 22.31
CA PHE Y 18 -47.29 -10.25 21.04
C PHE Y 18 -47.51 -11.51 20.21
N HIS Y 19 -47.41 -12.69 20.82
CA HIS Y 19 -47.59 -13.94 20.10
C HIS Y 19 -48.94 -14.02 19.41
N LYS Y 20 -49.98 -13.46 20.01
CA LYS Y 20 -51.30 -13.48 19.38
C LYS Y 20 -51.31 -12.67 18.08
N ILE Y 21 -50.83 -11.43 18.13
CA ILE Y 21 -50.76 -10.60 16.92
C ILE Y 21 -49.81 -11.20 15.90
N PHE Y 22 -48.65 -11.70 16.36
CA PHE Y 22 -47.71 -12.38 15.47
C PHE Y 22 -48.34 -13.57 14.77
N THR Y 23 -49.07 -14.40 15.51
CA THR Y 23 -49.74 -15.57 14.92
C THR Y 23 -50.73 -15.17 13.84
N SER Y 24 -51.60 -14.20 14.12
CA SER Y 24 -52.51 -13.69 13.09
C SER Y 24 -51.77 -13.16 11.87
N SER Y 25 -50.70 -12.38 12.10
CA SER Y 25 -49.97 -11.79 10.99
C SER Y 25 -49.29 -12.83 10.10
N ILE Y 26 -48.59 -13.80 10.71
CA ILE Y 26 -47.91 -14.81 9.91
C ILE Y 26 -48.88 -15.71 9.16
N LEU Y 27 -50.06 -16.00 9.74
CA LEU Y 27 -51.06 -16.78 9.01
C LEU Y 27 -51.68 -16.00 7.86
N VAL Y 28 -51.93 -14.71 8.03
CA VAL Y 28 -52.36 -13.86 6.92
C VAL Y 28 -51.29 -13.80 5.84
N PHE Y 29 -50.03 -13.58 6.24
CA PHE Y 29 -48.92 -13.58 5.30
C PHE Y 29 -48.82 -14.89 4.52
N PHE Y 30 -48.87 -16.03 5.23
CA PHE Y 30 -48.84 -17.33 4.58
C PHE Y 30 -50.08 -17.59 3.71
N GLY Y 31 -51.24 -17.06 4.10
CA GLY Y 31 -52.42 -17.19 3.28
C GLY Y 31 -52.34 -16.46 1.96
N VAL Y 32 -51.93 -15.19 1.99
CA VAL Y 32 -51.71 -14.42 0.76
C VAL Y 32 -50.65 -15.07 -0.12
N ALA Y 33 -49.54 -15.51 0.48
CA ALA Y 33 -48.50 -16.20 -0.28
C ALA Y 33 -48.99 -17.50 -0.90
N ALA Y 34 -49.76 -18.30 -0.15
CA ALA Y 34 -50.29 -19.54 -0.70
C ALA Y 34 -51.24 -19.28 -1.87
N PHE Y 35 -52.07 -18.25 -1.76
CA PHE Y 35 -52.92 -17.85 -2.88
C PHE Y 35 -52.10 -17.38 -4.07
N ALA Y 36 -51.06 -16.58 -3.83
CA ALA Y 36 -50.14 -16.18 -4.90
C ALA Y 36 -49.48 -17.38 -5.60
N HIS Y 37 -49.01 -18.37 -4.84
CA HIS Y 37 -48.43 -19.57 -5.45
C HIS Y 37 -49.47 -20.35 -6.27
N LEU Y 38 -50.71 -20.44 -5.78
CA LEU Y 38 -51.76 -21.13 -6.53
C LEU Y 38 -52.03 -20.48 -7.89
N LEU Y 39 -52.15 -19.14 -7.91
CA LEU Y 39 -52.36 -18.43 -9.17
C LEU Y 39 -51.21 -18.65 -10.15
N VAL Y 40 -49.97 -18.58 -9.66
CA VAL Y 40 -48.80 -18.82 -10.50
C VAL Y 40 -48.77 -20.26 -11.01
N TRP Y 41 -49.14 -21.23 -10.17
CA TRP Y 41 -49.20 -22.62 -10.62
C TRP Y 41 -50.23 -22.82 -11.73
N ILE Y 42 -51.40 -22.20 -11.59
CA ILE Y 42 -52.41 -22.25 -12.66
C ILE Y 42 -51.90 -21.63 -13.95
N TRP Y 43 -51.14 -20.54 -13.84
CA TRP Y 43 -50.55 -19.93 -15.03
C TRP Y 43 -49.45 -20.81 -15.64
N ARG Y 44 -48.40 -21.10 -14.88
CA ARG Y 44 -47.31 -21.97 -15.35
C ARG Y 44 -46.77 -22.81 -14.21
N PRO Y 45 -47.09 -24.11 -14.16
CA PRO Y 45 -46.53 -24.98 -13.11
C PRO Y 45 -45.01 -25.11 -13.25
N TRP Y 46 -44.36 -25.37 -12.11
CA TRP Y 46 -42.91 -25.37 -12.00
C TRP Y 46 -42.32 -26.74 -11.66
N VAL Y 47 -43.08 -27.82 -11.81
CA VAL Y 47 -42.51 -29.17 -11.71
C VAL Y 47 -42.56 -29.84 -13.08
N PRO Y 48 -41.42 -29.93 -13.78
CA PRO Y 48 -41.44 -30.46 -15.15
C PRO Y 48 -41.68 -31.96 -15.20
N GLY Y 49 -42.42 -32.39 -16.22
CA GLY Y 49 -42.65 -33.79 -16.47
C GLY Y 49 -41.39 -34.50 -16.98
N PRO Y 50 -41.54 -35.79 -17.27
CA PRO Y 50 -40.40 -36.58 -17.78
C PRO Y 50 -39.76 -36.01 -19.03
N ASN Y 51 -40.56 -35.49 -19.96
CA ASN Y 51 -40.07 -34.90 -21.19
C ASN Y 51 -39.65 -33.44 -21.03
N GLY Y 52 -39.60 -32.94 -19.80
CA GLY Y 52 -39.44 -31.52 -19.55
C GLY Y 52 -40.72 -30.73 -19.76
N TYR Y 53 -40.56 -29.42 -19.92
CA TYR Y 53 -41.66 -28.56 -20.31
C TYR Y 53 -41.90 -28.62 -21.82
N FME Z 1 -26.65 47.46 -1.58
CN FME Z 1 -27.01 47.59 -0.25
O1 FME Z 1 -26.71 46.76 0.62
CA FME Z 1 -25.92 46.34 -2.10
CB FME Z 1 -25.73 46.45 -3.63
CG FME Z 1 -27.06 46.45 -4.32
SD FME Z 1 -26.79 46.48 -6.08
CE FME Z 1 -26.38 44.80 -6.42
C FME Z 1 -24.54 46.17 -1.46
O FME Z 1 -23.98 45.08 -1.34
N TRP Z 2 -23.99 47.29 -1.03
CA TRP Z 2 -22.71 47.34 -0.32
C TRP Z 2 -22.63 46.52 0.96
N ARG Z 3 -23.79 46.23 1.56
CA ARG Z 3 -23.82 45.40 2.76
C ARG Z 3 -23.32 43.99 2.53
N ILE Z 4 -23.24 43.53 1.27
CA ILE Z 4 -22.61 42.25 0.96
C ILE Z 4 -21.18 42.16 1.49
N TRP Z 5 -20.48 43.28 1.59
CA TRP Z 5 -19.13 43.28 2.14
C TRP Z 5 -19.08 43.23 3.66
N GLN Z 6 -20.22 43.41 4.34
CA GLN Z 6 -20.33 42.99 5.72
C GLN Z 6 -20.51 41.48 5.82
N LEU Z 7 -21.22 40.90 4.86
CA LEU Z 7 -21.52 39.48 4.84
C LEU Z 7 -20.33 38.63 4.37
N PHE Z 8 -19.51 39.15 3.46
CA PHE Z 8 -18.37 38.43 2.88
C PHE Z 8 -17.11 39.27 3.00
N ASP Z 9 -16.01 38.64 3.43
CA ASP Z 9 -14.71 39.27 3.59
C ASP Z 9 -14.20 39.84 2.27
N PRO Z 10 -13.94 41.14 2.19
CA PRO Z 10 -13.29 41.74 0.99
C PRO Z 10 -12.05 41.02 0.48
N ARG Z 11 -11.17 40.57 1.37
CA ARG Z 11 -9.91 39.95 0.94
C ARG Z 11 -10.14 38.62 0.25
N GLN Z 12 -10.87 37.71 0.90
CA GLN Z 12 -11.18 36.42 0.30
C GLN Z 12 -12.02 36.57 -0.96
N ALA Z 13 -12.94 37.53 -0.97
CA ALA Z 13 -13.78 37.76 -2.15
C ALA Z 13 -12.95 38.08 -3.39
N LEU Z 14 -12.04 39.06 -3.31
CA LEU Z 14 -11.21 39.40 -4.45
C LEU Z 14 -10.30 38.27 -4.89
N VAL Z 15 -9.69 37.55 -3.94
CA VAL Z 15 -8.83 36.42 -4.28
C VAL Z 15 -9.62 35.31 -4.96
N GLY Z 16 -10.76 34.93 -4.37
CA GLY Z 16 -11.59 33.90 -4.96
C GLY Z 16 -12.12 34.27 -6.33
N LEU Z 17 -12.57 35.51 -6.47
CA LEU Z 17 -13.05 36.01 -7.76
C LEU Z 17 -11.97 36.00 -8.82
N ALA Z 18 -10.78 36.53 -8.50
CA ALA Z 18 -9.68 36.50 -9.46
C ALA Z 18 -9.30 35.08 -9.86
N THR Z 19 -9.29 34.14 -8.91
CA THR Z 19 -9.02 32.75 -9.23
C THR Z 19 -10.09 32.18 -10.16
N PHE Z 20 -11.36 32.39 -9.81
CA PHE Z 20 -12.47 31.96 -10.65
C PHE Z 20 -12.37 32.52 -12.07
N LEU Z 21 -12.16 33.83 -12.19
CA LEU Z 21 -12.14 34.46 -13.50
C LEU Z 21 -10.96 34.02 -14.37
N PHE Z 22 -9.79 33.81 -13.78
CA PHE Z 22 -8.66 33.31 -14.56
C PHE Z 22 -8.90 31.91 -15.10
N VAL Z 23 -9.39 31.00 -14.25
CA VAL Z 23 -9.70 29.64 -14.70
C VAL Z 23 -10.77 29.66 -15.79
N LEU Z 24 -11.80 30.48 -15.64
CA LEU Z 24 -12.82 30.60 -16.66
C LEU Z 24 -12.26 31.17 -17.96
N ALA Z 25 -11.40 32.18 -17.87
CA ALA Z 25 -10.76 32.74 -19.06
C ALA Z 25 -9.89 31.71 -19.78
N LEU Z 26 -9.04 30.99 -19.05
CA LEU Z 26 -8.25 29.92 -19.66
C LEU Z 26 -9.13 28.87 -20.33
N LEU Z 27 -10.20 28.46 -19.66
CA LEU Z 27 -11.13 27.50 -20.24
C LEU Z 27 -11.67 27.97 -21.60
N ILE Z 28 -12.15 29.21 -21.67
CA ILE Z 28 -12.71 29.70 -22.93
C ILE Z 28 -11.65 29.83 -24.03
N HIS Z 29 -10.46 30.33 -23.72
CA HIS Z 29 -9.41 30.39 -24.75
C HIS Z 29 -9.02 28.99 -25.24
N PHE Z 30 -8.87 28.01 -24.34
CA PHE Z 30 -8.59 26.64 -24.77
C PHE Z 30 -9.73 26.00 -25.57
N ILE Z 31 -10.99 26.26 -25.19
CA ILE Z 31 -12.11 25.80 -26.00
C ILE Z 31 -12.06 26.35 -27.41
N LEU Z 32 -11.82 27.66 -27.55
CA LEU Z 32 -11.74 28.27 -28.87
C LEU Z 32 -10.59 27.70 -29.71
N LEU Z 33 -9.43 27.45 -29.09
CA LEU Z 33 -8.33 26.79 -29.78
C LEU Z 33 -8.69 25.38 -30.25
N SER Z 34 -9.65 24.71 -29.59
CA SER Z 34 -10.08 23.41 -30.08
C SER Z 34 -10.96 23.51 -31.32
N THR Z 35 -11.58 24.66 -31.58
CA THR Z 35 -12.42 24.83 -32.77
C THR Z 35 -11.57 25.11 -34.00
N GLU Z 36 -12.10 24.75 -35.17
CA GLU Z 36 -11.49 25.17 -36.41
C GLU Z 36 -11.76 26.65 -36.72
N ARG Z 37 -12.99 27.11 -36.50
CA ARG Z 37 -13.35 28.48 -36.86
C ARG Z 37 -12.57 29.53 -36.07
N PHE Z 38 -12.33 29.28 -34.78
CA PHE Z 38 -11.79 30.31 -33.90
C PHE Z 38 -10.37 30.08 -33.43
N ASN Z 39 -9.71 28.98 -33.79
CA ASN Z 39 -8.30 28.82 -33.48
C ASN Z 39 -7.50 29.83 -34.31
N TRP Z 40 -7.15 30.95 -33.67
CA TRP Z 40 -6.46 32.05 -34.35
C TRP Z 40 -5.01 31.71 -34.67
N LEU Z 41 -4.40 30.80 -33.91
CA LEU Z 41 -3.03 30.41 -34.19
C LEU Z 41 -2.93 29.56 -35.44
N GLU Z 42 -3.89 28.65 -35.64
CA GLU Z 42 -3.95 27.85 -36.86
C GLU Z 42 -4.51 28.64 -38.04
N GLY Z 43 -5.56 29.42 -37.81
CA GLY Z 43 -6.14 30.32 -38.81
C GLY Z 43 -6.65 29.66 -40.08
N ALA Z 44 -7.53 28.67 -39.93
CA ALA Z 44 -8.25 28.08 -41.05
C ALA Z 44 -9.14 29.09 -41.78
N SER Z 45 -9.44 28.76 -43.02
CA SER Z 45 -10.34 29.56 -43.87
C SER Z 45 -11.80 29.44 -43.41
N THR Z 46 -12.57 30.51 -43.65
CA THR Z 46 -14.04 30.47 -43.53
C THR Z 46 -14.65 30.08 -44.87
N LYS Z 47 -14.54 28.80 -45.19
CA LYS Z 47 -14.88 28.27 -46.52
C LYS Z 47 -16.34 28.49 -46.88
N ILE AA 10 -44.74 6.94 23.71
CA ILE AA 10 -46.03 7.32 23.16
C ILE AA 10 -47.17 6.87 24.07
N THR AA 11 -48.18 7.72 24.22
CA THR AA 11 -49.40 7.33 24.91
C THR AA 11 -50.25 6.42 24.03
N GLU AA 12 -50.93 5.46 24.66
CA GLU AA 12 -51.75 4.51 23.92
C GLU AA 12 -52.81 5.19 23.06
N GLY AA 13 -53.46 6.24 23.58
CA GLY AA 13 -54.41 7.00 22.79
C GLY AA 13 -53.78 7.81 21.67
N GLU AA 14 -52.52 8.21 21.82
CA GLU AA 14 -51.82 8.92 20.75
C GLU AA 14 -51.26 7.98 19.69
N ALA AA 15 -50.87 6.76 20.09
CA ALA AA 15 -50.60 5.70 19.11
C ALA AA 15 -51.84 5.35 18.30
N LYS AA 16 -53.00 5.29 18.95
CA LYS AA 16 -54.27 5.13 18.24
C LYS AA 16 -54.57 6.30 17.30
N GLU AA 17 -54.35 7.53 17.76
CA GLU AA 17 -54.55 8.70 16.89
C GLU AA 17 -53.65 8.66 15.66
N PHE AA 18 -52.36 8.36 15.83
CA PHE AA 18 -51.48 8.22 14.68
C PHE AA 18 -51.91 7.06 13.78
N HIS AA 19 -52.24 5.91 14.37
CA HIS AA 19 -52.64 4.75 13.58
C HIS AA 19 -53.86 5.03 12.72
N LYS AA 20 -54.79 5.84 13.20
CA LYS AA 20 -55.95 6.22 12.41
C LYS AA 20 -55.55 6.98 11.15
N ILE AA 21 -54.69 7.99 11.28
CA ILE AA 21 -54.22 8.75 10.12
C ILE AA 21 -53.33 7.89 9.22
N PHE AA 22 -52.46 7.07 9.80
CA PHE AA 22 -51.67 6.12 9.03
C PHE AA 22 -52.55 5.19 8.20
N THR AA 23 -53.59 4.63 8.81
CA THR AA 23 -54.48 3.69 8.12
C THR AA 23 -55.18 4.34 6.93
N SER AA 24 -55.71 5.55 7.11
CA SER AA 24 -56.28 6.28 5.98
C SER AA 24 -55.25 6.59 4.89
N SER AA 25 -54.01 6.90 5.29
CA SER AA 25 -52.98 7.26 4.32
C SER AA 25 -52.53 6.07 3.48
N ILE AA 26 -52.27 4.92 4.11
CA ILE AA 26 -51.89 3.72 3.38
C ILE AA 26 -53.01 3.24 2.46
N LEU AA 27 -54.26 3.37 2.88
CA LEU AA 27 -55.38 3.03 2.01
C LEU AA 27 -55.52 3.97 0.81
N VAL AA 28 -55.26 5.26 1.00
CA VAL AA 28 -55.22 6.18 -0.14
C VAL AA 28 -54.06 5.85 -1.07
N PHE AA 29 -52.88 5.60 -0.50
CA PHE AA 29 -51.72 5.20 -1.30
C PHE AA 29 -51.98 3.93 -2.10
N PHE AA 30 -52.52 2.89 -1.45
CA PHE AA 30 -52.88 1.66 -2.17
C PHE AA 30 -54.00 1.87 -3.19
N GLY AA 31 -54.94 2.76 -2.91
CA GLY AA 31 -55.96 3.09 -3.89
C GLY AA 31 -55.43 3.74 -5.16
N VAL AA 32 -54.55 4.72 -5.01
CA VAL AA 32 -53.88 5.33 -6.17
C VAL AA 32 -53.05 4.30 -6.94
N ALA AA 33 -52.27 3.49 -6.21
CA ALA AA 33 -51.48 2.45 -6.86
C ALA AA 33 -52.34 1.44 -7.60
N ALA AA 34 -53.44 1.00 -7.00
CA ALA AA 34 -54.36 0.07 -7.66
C ALA AA 34 -54.92 0.65 -8.96
N PHE AA 35 -55.30 1.93 -8.94
CA PHE AA 35 -55.74 2.60 -10.16
C PHE AA 35 -54.62 2.68 -11.21
N ALA AA 36 -53.39 3.00 -10.79
CA ALA AA 36 -52.26 2.98 -11.71
C ALA AA 36 -52.02 1.61 -12.33
N HIS AA 37 -52.08 0.54 -11.54
CA HIS AA 37 -51.95 -0.81 -12.09
C HIS AA 37 -53.08 -1.15 -13.07
N LEU AA 38 -54.31 -0.71 -12.79
CA LEU AA 38 -55.42 -0.96 -13.70
C LEU AA 38 -55.20 -0.31 -15.07
N LEU AA 39 -54.78 0.96 -15.09
CA LEU AA 39 -54.53 1.63 -16.36
C LEU AA 39 -53.38 0.99 -17.14
N VAL AA 40 -52.31 0.60 -16.44
CA VAL AA 40 -51.21 -0.09 -17.10
C VAL AA 40 -51.64 -1.45 -17.64
N TRP AA 41 -52.49 -2.17 -16.90
CA TRP AA 41 -53.01 -3.44 -17.41
C TRP AA 41 -53.84 -3.25 -18.67
N ILE AA 42 -54.70 -2.23 -18.68
CA ILE AA 42 -55.48 -1.93 -19.88
C ILE AA 42 -54.57 -1.59 -21.06
N TRP AA 43 -53.52 -0.81 -20.81
CA TRP AA 43 -52.54 -0.51 -21.85
C TRP AA 43 -51.84 -1.77 -22.35
N ARG AA 44 -51.09 -2.45 -21.47
CA ARG AA 44 -50.39 -3.68 -21.82
C ARG AA 44 -50.38 -4.64 -20.63
N PRO AA 45 -51.16 -5.71 -20.67
CA PRO AA 45 -51.13 -6.70 -19.58
C PRO AA 45 -49.78 -7.40 -19.49
N TRP AA 46 -49.47 -7.87 -18.28
CA TRP AA 46 -48.15 -8.38 -17.95
C TRP AA 46 -48.14 -9.85 -17.54
N VAL AA 47 -49.20 -10.60 -17.81
CA VAL AA 47 -49.18 -12.06 -17.71
C VAL AA 47 -49.32 -12.65 -19.11
N PRO AA 48 -48.30 -13.34 -19.62
CA PRO AA 48 -48.39 -13.92 -20.97
C PRO AA 48 -49.21 -15.21 -21.01
N GLY AA 49 -49.84 -15.43 -22.16
CA GLY AA 49 -50.47 -16.70 -22.45
C GLY AA 49 -49.47 -17.76 -22.85
N PRO AA 50 -50.00 -18.96 -23.17
CA PRO AA 50 -49.10 -20.06 -23.59
C PRO AA 50 -48.24 -19.73 -24.79
N ASN AA 51 -48.77 -19.00 -25.76
CA ASN AA 51 -48.03 -18.56 -26.94
C ASN AA 51 -47.21 -17.31 -26.70
N GLY AA 52 -47.01 -16.93 -25.44
CA GLY AA 52 -46.43 -15.65 -25.09
C GLY AA 52 -47.41 -14.51 -25.28
N TYR AA 53 -46.87 -13.32 -25.53
CA TYR AA 53 -47.69 -12.16 -25.86
C TYR AA 53 -48.08 -12.14 -27.34
N FME BA 1 -6.83 53.69 -5.72
CN FME BA 1 -7.56 54.54 -4.93
O1 FME BA 1 -8.31 54.15 -4.01
CA FME BA 1 -6.88 52.26 -5.56
CB FME BA 1 -6.81 51.54 -6.91
CG FME BA 1 -8.10 51.75 -7.67
SD FME BA 1 -8.15 50.64 -9.05
CE FME BA 1 -8.47 49.09 -8.29
C FME BA 1 -5.75 51.71 -4.68
O FME BA 1 -5.61 50.53 -4.42
N TRP BA 2 -4.93 52.65 -4.20
CA TRP BA 2 -3.79 52.34 -3.32
C TRP BA 2 -4.17 51.55 -2.07
N ARG BA 3 -5.44 51.65 -1.68
CA ARG BA 3 -5.97 50.89 -0.56
C ARG BA 3 -5.80 49.39 -0.72
N ILE BA 4 -5.70 48.91 -1.96
CA ILE BA 4 -5.45 47.49 -2.23
C ILE BA 4 -4.15 46.99 -1.60
N TRP BA 5 -3.19 47.87 -1.35
CA TRP BA 5 -1.96 47.47 -0.68
C TRP BA 5 -2.05 47.47 0.83
N GLN BA 6 -3.07 48.12 1.40
CA GLN BA 6 -3.46 47.81 2.77
C GLN BA 6 -4.22 46.49 2.85
N LEU BA 7 -4.99 46.16 1.82
CA LEU BA 7 -5.72 44.90 1.78
C LEU BA 7 -4.80 43.70 1.56
N PHE BA 8 -3.88 43.80 0.59
CA PHE BA 8 -2.93 42.73 0.30
C PHE BA 8 -1.50 43.14 0.62
N ASP BA 9 -0.76 42.22 1.23
CA ASP BA 9 0.66 42.41 1.51
C ASP BA 9 1.44 42.66 0.23
N PRO BA 10 2.11 43.80 0.09
CA PRO BA 10 2.86 44.09 -1.15
C PRO BA 10 3.90 43.05 -1.50
N ARG BA 11 4.55 42.45 -0.50
CA ARG BA 11 5.60 41.47 -0.76
C ARG BA 11 5.03 40.17 -1.33
N GLN BA 12 3.85 39.76 -0.86
CA GLN BA 12 3.17 38.62 -1.47
C GLN BA 12 2.62 38.97 -2.85
N ALA BA 13 2.14 40.19 -3.04
CA ALA BA 13 1.69 40.64 -4.36
C ALA BA 13 2.79 40.54 -5.41
N LEU BA 14 3.98 41.06 -5.11
CA LEU BA 14 5.07 41.00 -6.08
C LEU BA 14 5.56 39.57 -6.32
N VAL BA 15 5.73 38.77 -5.27
CA VAL BA 15 6.16 37.38 -5.46
C VAL BA 15 5.10 36.57 -6.20
N GLY BA 16 3.83 36.79 -5.86
CA GLY BA 16 2.75 36.14 -6.60
C GLY BA 16 2.71 36.53 -8.06
N LEU BA 17 2.73 37.84 -8.35
CA LEU BA 17 2.76 38.32 -9.73
C LEU BA 17 3.96 37.76 -10.51
N ALA BA 18 5.17 37.88 -9.96
CA ALA BA 18 6.34 37.39 -10.68
C ALA BA 18 6.24 35.90 -10.99
N THR BA 19 5.72 35.10 -10.06
CA THR BA 19 5.52 33.68 -10.32
C THR BA 19 4.48 33.45 -11.40
N PHE BA 20 3.30 34.07 -11.24
CA PHE BA 20 2.23 33.97 -12.22
C PHE BA 20 2.65 34.42 -13.61
N LEU BA 21 3.24 35.61 -13.71
CA LEU BA 21 3.62 36.17 -15.01
C LEU BA 21 4.71 35.39 -15.71
N PHE BA 22 5.69 34.87 -14.97
CA PHE BA 22 6.69 34.00 -15.61
C PHE BA 22 6.06 32.72 -16.15
N VAL BA 23 5.25 32.04 -15.35
CA VAL BA 23 4.62 30.80 -15.79
C VAL BA 23 3.68 31.05 -16.97
N LEU BA 24 2.94 32.16 -16.95
CA LEU BA 24 2.11 32.54 -18.10
C LEU BA 24 2.95 32.84 -19.34
N ALA BA 25 3.99 33.67 -19.19
CA ALA BA 25 4.87 33.98 -20.32
C ALA BA 25 5.50 32.72 -20.90
N LEU BA 26 6.02 31.85 -20.04
CA LEU BA 26 6.65 30.62 -20.49
C LEU BA 26 5.66 29.70 -21.21
N LEU BA 27 4.44 29.59 -20.68
CA LEU BA 27 3.37 28.88 -21.38
C LEU BA 27 3.12 29.43 -22.78
N ILE BA 28 3.00 30.76 -22.92
CA ILE BA 28 2.70 31.34 -24.23
C ILE BA 28 3.84 31.11 -25.23
N HIS BA 29 5.10 31.29 -24.80
CA HIS BA 29 6.21 30.98 -25.71
C HIS BA 29 6.19 29.50 -26.16
N PHE BA 30 5.94 28.56 -25.24
CA PHE BA 30 5.82 27.15 -25.63
C PHE BA 30 4.61 26.86 -26.52
N ILE BA 31 3.48 27.53 -26.29
CA ILE BA 31 2.35 27.41 -27.21
C ILE BA 31 2.74 27.83 -28.63
N LEU BA 32 3.40 28.99 -28.77
CA LEU BA 32 3.84 29.44 -30.08
C LEU BA 32 4.85 28.48 -30.72
N LEU BA 33 5.79 27.95 -29.94
CA LEU BA 33 6.70 26.93 -30.48
C LEU BA 33 5.98 25.68 -30.97
N SER BA 34 4.79 25.39 -30.43
CA SER BA 34 4.00 24.25 -30.92
C SER BA 34 3.29 24.52 -32.24
N THR BA 35 3.44 25.70 -32.85
CA THR BA 35 2.75 26.05 -34.08
C THR BA 35 3.75 26.19 -35.23
N GLU BA 36 3.34 25.79 -36.43
CA GLU BA 36 4.14 26.03 -37.62
C GLU BA 36 4.32 27.53 -37.89
N ARG BA 37 3.23 28.29 -37.81
CA ARG BA 37 3.28 29.70 -38.19
C ARG BA 37 4.20 30.54 -37.29
N PHE BA 38 4.20 30.28 -35.98
CA PHE BA 38 4.91 31.12 -35.04
C PHE BA 38 6.16 30.51 -34.41
N ASN BA 39 6.45 29.24 -34.64
CA ASN BA 39 7.73 28.68 -34.20
C ASN BA 39 8.86 29.36 -34.97
N TRP BA 40 9.49 30.34 -34.32
CA TRP BA 40 10.56 31.14 -34.92
C TRP BA 40 11.86 30.37 -35.06
N LEU BA 41 12.08 29.33 -34.25
CA LEU BA 41 13.30 28.53 -34.34
C LEU BA 41 13.27 27.55 -35.52
N GLU BA 42 12.13 26.91 -35.77
CA GLU BA 42 11.97 26.09 -36.96
C GLU BA 42 11.76 26.94 -38.21
N GLY BA 43 10.99 28.02 -38.11
CA GLY BA 43 10.81 28.97 -39.18
C GLY BA 43 10.27 28.42 -40.49
N ALA BA 44 9.15 27.71 -40.41
CA ALA BA 44 8.40 27.27 -41.57
C ALA BA 44 7.92 28.46 -42.43
N SER BA 45 7.63 28.16 -43.70
CA SER BA 45 7.10 29.15 -44.64
C SER BA 45 5.67 29.54 -44.29
N THR BA 46 5.34 30.81 -44.57
CA THR BA 46 3.93 31.20 -44.70
C THR BA 46 3.31 30.71 -46.00
N ILE CA 10 -40.12 26.22 16.89
CA ILE CA 10 -41.13 26.72 15.97
C ILE CA 10 -42.50 26.75 16.68
N THR CA 11 -43.00 27.95 16.93
CA THR CA 11 -44.22 28.11 17.71
C THR CA 11 -45.45 27.76 16.87
N GLU CA 12 -46.59 27.64 17.55
CA GLU CA 12 -47.83 27.20 16.91
C GLU CA 12 -48.30 28.20 15.86
N GLY CA 13 -48.16 29.50 16.15
CA GLY CA 13 -48.48 30.51 15.15
C GLY CA 13 -47.53 30.50 13.97
N GLU CA 14 -46.25 30.20 14.21
CA GLU CA 14 -45.31 30.01 13.12
C GLU CA 14 -45.60 28.75 12.31
N ALA CA 15 -45.97 27.66 12.99
CA ALA CA 15 -46.33 26.43 12.29
C ALA CA 15 -47.58 26.58 11.43
N LYS CA 16 -48.59 27.31 11.92
CA LYS CA 16 -49.75 27.64 11.10
C LYS CA 16 -49.40 28.57 9.96
N GLU CA 17 -48.55 29.57 10.21
CA GLU CA 17 -48.06 30.44 9.14
C GLU CA 17 -47.35 29.65 8.06
N PHE CA 18 -46.42 28.77 8.46
CA PHE CA 18 -45.72 27.90 7.50
C PHE CA 18 -46.69 27.01 6.72
N HIS CA 19 -47.62 26.35 7.41
CA HIS CA 19 -48.53 25.43 6.73
C HIS CA 19 -49.34 26.12 5.63
N LYS CA 20 -49.80 27.35 5.88
CA LYS CA 20 -50.49 28.09 4.82
C LYS CA 20 -49.58 28.34 3.63
N ILE CA 21 -48.39 28.86 3.87
CA ILE CA 21 -47.44 29.15 2.79
C ILE CA 21 -47.04 27.86 2.05
N PHE CA 22 -46.65 26.83 2.80
CA PHE CA 22 -46.29 25.54 2.21
C PHE CA 22 -47.42 24.98 1.35
N THR CA 23 -48.64 24.93 1.88
CA THR CA 23 -49.76 24.36 1.14
C THR CA 23 -50.03 25.10 -0.17
N SER CA 24 -49.93 26.43 -0.16
CA SER CA 24 -50.00 27.18 -1.41
C SER CA 24 -48.84 26.84 -2.35
N SER CA 25 -47.63 26.73 -1.81
CA SER CA 25 -46.44 26.53 -2.62
C SER CA 25 -46.43 25.17 -3.33
N ILE CA 26 -46.77 24.10 -2.62
CA ILE CA 26 -46.84 22.77 -3.25
C ILE CA 26 -47.94 22.72 -4.33
N LEU CA 27 -49.06 23.39 -4.10
CA LEU CA 27 -50.11 23.45 -5.13
C LEU CA 27 -49.68 24.25 -6.35
N VAL CA 28 -48.89 25.32 -6.16
CA VAL CA 28 -48.31 26.03 -7.29
C VAL CA 28 -47.28 25.17 -8.02
N PHE CA 29 -46.42 24.48 -7.28
CA PHE CA 29 -45.44 23.59 -7.89
C PHE CA 29 -46.11 22.48 -8.70
N PHE CA 30 -47.11 21.81 -8.12
CA PHE CA 30 -47.87 20.81 -8.87
C PHE CA 30 -48.64 21.42 -10.04
N GLY CA 31 -49.15 22.64 -9.87
CA GLY CA 31 -49.84 23.31 -10.97
C GLY CA 31 -48.96 23.61 -12.16
N VAL CA 32 -47.75 24.13 -11.92
CA VAL CA 32 -46.79 24.36 -13.00
C VAL CA 32 -46.38 23.03 -13.64
N ALA CA 33 -46.06 22.03 -12.82
CA ALA CA 33 -45.69 20.72 -13.34
C ALA CA 33 -46.80 20.09 -14.18
N ALA CA 34 -48.06 20.21 -13.73
CA ALA CA 34 -49.18 19.68 -14.51
C ALA CA 34 -49.33 20.38 -15.86
N PHE CA 35 -49.14 21.68 -15.91
CA PHE CA 35 -49.18 22.38 -17.20
C PHE CA 35 -48.00 21.99 -18.09
N ALA CA 36 -46.81 21.85 -17.52
CA ALA CA 36 -45.67 21.34 -18.26
C ALA CA 36 -45.93 19.96 -18.88
N HIS CA 37 -46.50 19.04 -18.10
CA HIS CA 37 -46.84 17.71 -18.63
C HIS CA 37 -47.90 17.79 -19.72
N LEU CA 38 -48.89 18.66 -19.59
CA LEU CA 38 -49.89 18.84 -20.64
C LEU CA 38 -49.26 19.34 -21.95
N LEU CA 39 -48.39 20.35 -21.86
CA LEU CA 39 -47.68 20.84 -23.03
C LEU CA 39 -46.86 19.74 -23.71
N VAL CA 40 -46.11 18.96 -22.92
CA VAL CA 40 -45.36 17.84 -23.47
C VAL CA 40 -46.27 16.79 -24.12
N TRP CA 41 -47.38 16.47 -23.47
CA TRP CA 41 -48.30 15.48 -24.05
C TRP CA 41 -48.86 15.94 -25.39
N ILE CA 42 -49.22 17.22 -25.50
CA ILE CA 42 -49.68 17.76 -26.78
C ILE CA 42 -48.57 17.69 -27.83
N TRP CA 43 -47.34 18.01 -27.43
CA TRP CA 43 -46.21 17.90 -28.35
C TRP CA 43 -45.96 16.46 -28.79
N ARG CA 44 -45.66 15.57 -27.84
CA ARG CA 44 -45.44 14.16 -28.12
C ARG CA 44 -45.94 13.31 -26.96
N PRO CA 45 -47.08 12.64 -27.09
CA PRO CA 45 -47.54 11.75 -26.03
C PRO CA 45 -46.60 10.59 -25.81
N TRP CA 46 -46.64 10.04 -24.59
CA TRP CA 46 -45.66 9.07 -24.11
C TRP CA 46 -46.27 7.72 -23.73
N VAL CA 47 -47.49 7.42 -24.19
CA VAL CA 47 -48.03 6.07 -24.10
C VAL CA 47 -48.15 5.51 -25.52
N PRO CA 48 -47.33 4.53 -25.90
CA PRO CA 48 -47.41 3.97 -27.26
C PRO CA 48 -48.62 3.06 -27.45
N GLY CA 49 -49.07 2.98 -28.71
CA GLY CA 49 -50.11 2.04 -29.09
C GLY CA 49 -49.58 0.64 -29.32
N PRO CA 50 -50.47 -0.25 -29.75
CA PRO CA 50 -50.05 -1.63 -30.05
C PRO CA 50 -48.94 -1.74 -31.07
N ASN CA 51 -49.00 -0.94 -32.14
CA ASN CA 51 -47.96 -0.89 -33.16
C ASN CA 51 -46.85 0.10 -32.83
N GLY CA 52 -46.72 0.48 -31.56
CA GLY CA 52 -45.71 1.43 -31.14
C GLY CA 52 -46.10 2.88 -31.38
N TYR CA 53 -45.10 3.70 -31.62
CA TYR CA 53 -45.32 5.10 -32.01
C TYR CA 53 -45.39 5.26 -33.52
N FME DA 1 13.28 52.83 -6.42
CN FME DA 1 12.96 53.58 -5.33
O1 FME DA 1 12.53 53.10 -4.26
CA FME DA 1 13.14 51.40 -6.47
CB FME DA 1 13.30 50.86 -7.92
CG FME DA 1 12.63 49.50 -8.05
SD FME DA 1 12.30 49.16 -9.75
CE FME DA 1 10.63 49.68 -9.89
C FME DA 1 14.13 50.64 -5.59
O FME DA 1 14.06 49.43 -5.37
N TRP DA 2 15.08 51.38 -5.05
CA TRP DA 2 15.93 50.88 -3.96
C TRP DA 2 15.15 50.37 -2.75
N ARG DA 3 13.92 50.83 -2.61
CA ARG DA 3 12.98 50.28 -1.63
C ARG DA 3 12.65 48.80 -1.84
N ILE DA 4 12.95 48.23 -3.01
CA ILE DA 4 12.88 46.77 -3.16
C ILE DA 4 13.73 46.06 -2.12
N TRP DA 5 14.89 46.62 -1.78
CA TRP DA 5 15.78 45.98 -0.83
C TRP DA 5 15.33 46.17 0.61
N GLN DA 6 14.34 47.02 0.86
CA GLN DA 6 13.63 47.06 2.12
C GLN DA 6 12.49 46.06 2.18
N LEU DA 7 11.99 45.62 1.02
CA LEU DA 7 11.07 44.48 0.96
C LEU DA 7 11.82 43.15 1.00
N PHE DA 8 12.85 43.00 0.18
CA PHE DA 8 13.53 41.73 -0.02
C PHE DA 8 14.96 41.78 0.50
N ASP DA 9 15.36 40.73 1.20
CA ASP DA 9 16.76 40.52 1.60
C ASP DA 9 17.65 40.38 0.38
N PRO DA 10 18.60 41.30 0.16
CA PRO DA 10 19.49 41.19 -1.01
C PRO DA 10 20.27 39.88 -1.11
N ARG DA 11 20.63 39.26 0.02
CA ARG DA 11 21.33 37.99 -0.04
C ARG DA 11 20.44 36.90 -0.62
N GLN DA 12 19.25 36.72 -0.05
CA GLN DA 12 18.29 35.76 -0.57
C GLN DA 12 17.93 36.07 -2.02
N ALA DA 13 17.69 37.36 -2.31
CA ALA DA 13 17.35 37.79 -3.67
C ALA DA 13 18.42 37.43 -4.70
N LEU DA 14 19.68 37.73 -4.42
CA LEU DA 14 20.76 37.39 -5.36
C LEU DA 14 20.91 35.89 -5.56
N VAL DA 15 20.80 35.09 -4.49
CA VAL DA 15 20.88 33.64 -4.65
C VAL DA 15 19.75 33.12 -5.54
N GLY DA 16 18.53 33.56 -5.27
CA GLY DA 16 17.40 33.17 -6.10
C GLY DA 16 17.53 33.62 -7.53
N LEU DA 17 17.93 34.89 -7.73
CA LEU DA 17 18.09 35.43 -9.07
C LEU DA 17 19.18 34.71 -9.86
N ALA DA 18 20.33 34.45 -9.24
CA ALA DA 18 21.38 33.68 -9.91
C ALA DA 18 20.91 32.27 -10.26
N THR DA 19 20.16 31.62 -9.37
CA THR DA 19 19.64 30.29 -9.64
C THR DA 19 18.65 30.30 -10.80
N PHE DA 20 17.73 31.27 -10.79
CA PHE DA 20 16.78 31.43 -11.88
C PHE DA 20 17.47 31.70 -13.21
N LEU DA 21 18.40 32.65 -13.24
CA LEU DA 21 19.06 33.01 -14.50
C LEU DA 21 19.92 31.87 -15.04
N PHE DA 22 20.59 31.10 -14.17
CA PHE DA 22 21.32 29.93 -14.66
C PHE DA 22 20.40 28.90 -15.29
N VAL DA 23 19.31 28.53 -14.59
CA VAL DA 23 18.38 27.54 -15.12
C VAL DA 23 17.75 28.01 -16.42
N LEU DA 24 17.40 29.29 -16.51
CA LEU DA 24 16.88 29.85 -17.77
C LEU DA 24 17.91 29.79 -18.89
N ALA DA 25 19.14 30.23 -18.63
CA ALA DA 25 20.20 30.15 -19.62
C ALA DA 25 20.45 28.73 -20.07
N LEU DA 26 20.51 27.80 -19.12
CA LEU DA 26 20.75 26.39 -19.44
C LEU DA 26 19.61 25.80 -20.26
N LEU DA 27 18.37 26.18 -19.95
CA LEU DA 27 17.23 25.78 -20.79
C LEU DA 27 17.37 26.28 -22.22
N ILE DA 28 17.68 27.56 -22.41
CA ILE DA 28 17.74 28.12 -23.76
C ILE DA 28 18.87 27.48 -24.59
N HIS DA 29 20.04 27.23 -24.00
CA HIS DA 29 21.07 26.51 -24.75
C HIS DA 29 20.63 25.08 -25.13
N PHE DA 30 19.99 24.35 -24.21
CA PHE DA 30 19.45 23.03 -24.55
C PHE DA 30 18.35 23.07 -25.62
N ILE DA 31 17.50 24.10 -25.59
CA ILE DA 31 16.52 24.28 -26.67
C ILE DA 31 17.21 24.46 -28.02
N LEU DA 32 18.20 25.37 -28.08
CA LEU DA 32 18.91 25.59 -29.35
C LEU DA 32 19.64 24.35 -29.84
N LEU DA 33 20.28 23.60 -28.94
CA LEU DA 33 20.89 22.33 -29.34
C LEU DA 33 19.88 21.35 -29.92
N SER DA 34 18.62 21.45 -29.54
CA SER DA 34 17.61 20.57 -30.15
C SER DA 34 17.24 20.98 -31.58
N THR DA 35 17.42 22.24 -31.95
CA THR DA 35 17.07 22.67 -33.30
C THR DA 35 18.11 22.19 -34.32
N GLU DA 36 17.67 22.11 -35.58
CA GLU DA 36 18.59 21.95 -36.70
C GLU DA 36 19.44 23.20 -36.90
N ARG DA 37 18.78 24.36 -37.01
CA ARG DA 37 19.44 25.60 -37.43
C ARG DA 37 20.46 26.11 -36.42
N PHE DA 38 20.18 26.00 -35.13
CA PHE DA 38 21.01 26.61 -34.10
C PHE DA 38 21.85 25.63 -33.28
N ASN DA 39 21.85 24.35 -33.63
CA ASN DA 39 22.78 23.43 -32.99
C ASN DA 39 24.18 23.66 -33.54
N TRP DA 40 24.95 24.52 -32.86
CA TRP DA 40 26.28 24.89 -33.32
C TRP DA 40 27.26 23.73 -33.32
N LEU DA 41 27.07 22.74 -32.44
CA LEU DA 41 27.98 21.61 -32.37
C LEU DA 41 27.80 20.64 -33.53
N GLU DA 42 26.57 20.42 -33.97
CA GLU DA 42 26.34 19.60 -35.16
C GLU DA 42 26.49 20.39 -36.44
N GLY DA 43 26.05 21.65 -36.46
CA GLY DA 43 26.28 22.56 -37.58
C GLY DA 43 25.69 22.12 -38.91
N ALA DA 44 24.39 21.83 -38.93
CA ALA DA 44 23.67 21.60 -40.16
C ALA DA 44 23.76 22.79 -41.12
N SER DA 45 23.69 22.49 -42.41
CA SER DA 45 23.72 23.51 -43.46
C SER DA 45 22.42 24.33 -43.48
N THR DA 46 22.55 25.60 -43.84
CA THR DA 46 21.39 26.47 -44.08
C THR DA 46 20.87 26.36 -45.51
N LYS DA 47 20.58 25.13 -45.94
CA LYS DA 47 19.97 24.90 -47.26
C LYS DA 47 18.65 25.64 -47.42
N THR EA 11 -31.51 39.57 12.81
CA THR EA 11 -32.68 40.31 13.25
C THR EA 11 -33.65 40.51 12.09
N GLU EA 12 -34.94 40.62 12.39
CA GLU EA 12 -35.97 40.53 11.34
C GLU EA 12 -35.92 41.70 10.37
N GLY EA 13 -35.74 42.92 10.85
CA GLY EA 13 -35.61 44.06 9.95
C GLY EA 13 -34.36 43.97 9.09
N GLU EA 14 -33.27 43.48 9.67
CA GLU EA 14 -32.03 43.21 8.96
C GLU EA 14 -32.22 42.14 7.89
N ALA EA 15 -33.00 41.10 8.19
CA ALA EA 15 -33.41 40.12 7.19
C ALA EA 15 -34.40 40.69 6.18
N LYS EA 16 -35.28 41.61 6.61
CA LYS EA 16 -36.24 42.20 5.69
C LYS EA 16 -35.59 43.06 4.61
N GLU EA 17 -34.53 43.80 4.93
CA GLU EA 17 -33.79 44.50 3.88
C GLU EA 17 -32.94 43.56 3.01
N PHE EA 18 -32.49 42.44 3.55
CA PHE EA 18 -31.97 41.38 2.68
C PHE EA 18 -33.02 40.92 1.67
N HIS EA 19 -34.26 40.71 2.12
CA HIS EA 19 -35.32 40.31 1.18
C HIS EA 19 -35.51 41.32 0.06
N LYS EA 20 -35.43 42.62 0.37
CA LYS EA 20 -35.51 43.64 -0.66
C LYS EA 20 -34.42 43.48 -1.71
N ILE EA 21 -33.18 43.25 -1.27
CA ILE EA 21 -32.08 43.04 -2.21
C ILE EA 21 -32.26 41.74 -2.98
N PHE EA 22 -32.69 40.67 -2.32
CA PHE EA 22 -32.94 39.40 -3.00
C PHE EA 22 -34.01 39.51 -4.07
N THR EA 23 -35.21 39.95 -3.70
CA THR EA 23 -36.32 39.96 -4.65
C THR EA 23 -36.00 40.80 -5.89
N SER EA 24 -35.25 41.89 -5.72
CA SER EA 24 -34.84 42.70 -6.87
C SER EA 24 -33.75 42.02 -7.70
N SER EA 25 -32.74 41.45 -7.05
CA SER EA 25 -31.65 40.80 -7.77
C SER EA 25 -32.07 39.53 -8.51
N ILE EA 26 -33.01 38.75 -7.99
CA ILE EA 26 -33.53 37.63 -8.78
C ILE EA 26 -34.33 38.11 -10.00
N LEU EA 27 -35.07 39.20 -9.85
CA LEU EA 27 -35.89 39.66 -10.97
C LEU EA 27 -35.07 40.15 -12.16
N VAL EA 28 -33.90 40.75 -11.92
CA VAL EA 28 -33.01 41.06 -13.03
C VAL EA 28 -32.34 39.80 -13.57
N PHE EA 29 -31.93 38.88 -12.70
CA PHE EA 29 -31.36 37.61 -13.14
C PHE EA 29 -32.32 36.84 -14.04
N PHE EA 30 -33.56 36.61 -13.57
CA PHE EA 30 -34.56 35.98 -14.43
C PHE EA 30 -34.89 36.79 -15.67
N GLY EA 31 -34.84 38.12 -15.58
CA GLY EA 31 -35.07 38.96 -16.75
C GLY EA 31 -33.99 38.81 -17.82
N VAL EA 32 -32.72 38.85 -17.41
CA VAL EA 32 -31.62 38.62 -18.35
C VAL EA 32 -31.69 37.22 -18.95
N ALA EA 33 -31.94 36.21 -18.12
CA ALA EA 33 -32.11 34.85 -18.62
C ALA EA 33 -33.29 34.72 -19.59
N ALA EA 34 -34.42 35.36 -19.28
CA ALA EA 34 -35.57 35.31 -20.18
C ALA EA 34 -35.26 35.94 -21.53
N PHE EA 35 -34.57 37.07 -21.52
CA PHE EA 35 -34.14 37.71 -22.76
C PHE EA 35 -33.17 36.82 -23.55
N ALA EA 36 -32.20 36.23 -22.87
CA ALA EA 36 -31.30 35.26 -23.51
C ALA EA 36 -32.03 34.08 -24.14
N HIS EA 37 -32.99 33.49 -23.44
CA HIS EA 37 -33.79 32.40 -24.02
C HIS EA 37 -34.60 32.87 -25.23
N LEU EA 38 -35.19 34.06 -25.17
CA LEU EA 38 -35.92 34.60 -26.32
C LEU EA 38 -35.02 34.77 -27.54
N LEU EA 39 -33.83 35.33 -27.36
CA LEU EA 39 -32.88 35.45 -28.47
C LEU EA 39 -32.49 34.09 -29.05
N VAL EA 40 -32.21 33.11 -28.19
CA VAL EA 40 -31.84 31.77 -28.65
C VAL EA 40 -33.00 31.12 -29.40
N TRP EA 41 -34.23 31.31 -28.94
CA TRP EA 41 -35.40 30.79 -29.65
C TRP EA 41 -35.55 31.42 -31.03
N ILE EA 42 -35.39 32.74 -31.12
CA ILE EA 42 -35.43 33.41 -32.42
C ILE EA 42 -34.35 32.88 -33.36
N TRP EA 43 -33.16 32.60 -32.82
CA TRP EA 43 -32.10 31.99 -33.63
C TRP EA 43 -32.44 30.57 -34.04
N ARG EA 44 -32.60 29.66 -33.08
CA ARG EA 44 -32.96 28.27 -33.35
C ARG EA 44 -33.90 27.74 -32.27
N PRO EA 45 -35.18 27.56 -32.57
CA PRO EA 45 -36.09 26.96 -31.60
C PRO EA 45 -35.70 25.52 -31.26
N TRP EA 46 -36.06 25.10 -30.05
CA TRP EA 46 -35.60 23.85 -29.48
C TRP EA 46 -36.72 22.86 -29.17
N VAL EA 47 -37.92 23.05 -29.72
CA VAL EA 47 -38.94 22.02 -29.72
C VAL EA 47 -39.15 21.55 -31.16
N PRO EA 48 -38.81 20.31 -31.49
CA PRO EA 48 -38.95 19.82 -32.87
C PRO EA 48 -40.39 19.49 -33.24
N GLY EA 49 -40.72 19.74 -34.52
CA GLY EA 49 -41.98 19.31 -35.07
C GLY EA 49 -42.03 17.81 -35.33
N PRO EA 50 -43.16 17.35 -35.90
CA PRO EA 50 -43.32 15.91 -36.16
C PRO EA 50 -42.27 15.32 -37.08
N ASN EA 51 -41.88 16.05 -38.11
CA ASN EA 51 -40.83 15.61 -39.05
C ASN EA 51 -39.43 15.79 -38.49
N GLY EA 52 -39.30 16.12 -37.21
CA GLY EA 52 -38.06 16.59 -36.64
C GLY EA 52 -37.76 18.02 -37.04
N TYR EA 53 -36.51 18.41 -36.84
CA TYR EA 53 -36.03 19.70 -37.32
C TYR EA 53 -35.84 19.70 -38.83
N FME FA 1 33.08 45.75 -5.54
CN FME FA 1 32.68 46.75 -4.67
O1 FME FA 1 31.81 46.57 -3.81
CA FME FA 1 32.51 44.44 -5.56
CB FME FA 1 32.92 43.67 -6.84
CG FME FA 1 32.25 42.32 -7.00
SD FME FA 1 30.48 42.52 -6.93
CE FME FA 1 30.13 43.38 -8.42
C FME FA 1 32.92 43.62 -4.33
O FME FA 1 32.30 42.62 -3.95
N TRP FA 2 33.97 44.07 -3.66
CA TRP FA 2 34.45 43.44 -2.43
C TRP FA 2 33.39 43.33 -1.34
N ARG FA 3 32.39 44.21 -1.40
CA ARG FA 3 31.27 44.15 -0.47
C ARG FA 3 30.42 42.89 -0.61
N ILE FA 4 30.54 42.14 -1.70
CA ILE FA 4 29.85 40.85 -1.81
C ILE FA 4 30.33 39.86 -0.76
N TRP FA 5 31.54 40.02 -0.23
CA TRP FA 5 32.01 39.20 0.88
C TRP FA 5 31.51 39.69 2.23
N GLN FA 6 30.85 40.84 2.27
CA GLN FA 6 29.98 41.17 3.41
C GLN FA 6 28.62 40.49 3.29
N LEU FA 7 28.14 40.29 2.07
CA LEU FA 7 26.91 39.53 1.86
C LEU FA 7 27.11 38.03 2.10
N PHE FA 8 28.19 37.45 1.57
CA PHE FA 8 28.37 36.00 1.59
C PHE FA 8 29.65 35.58 2.30
N ASP FA 9 29.57 34.48 3.04
CA ASP FA 9 30.72 33.82 3.66
C ASP FA 9 31.66 33.26 2.60
N PRO FA 10 32.93 33.68 2.57
CA PRO FA 10 33.89 33.11 1.60
C PRO FA 10 34.01 31.60 1.63
N ARG FA 11 33.89 30.97 2.81
CA ARG FA 11 33.97 29.51 2.89
C ARG FA 11 32.84 28.86 2.10
N GLN FA 12 31.61 29.34 2.29
CA GLN FA 12 30.47 28.83 1.55
C GLN FA 12 30.56 29.14 0.06
N ALA FA 13 30.96 30.36 -0.28
CA ALA FA 13 31.06 30.75 -1.69
C ALA FA 13 32.02 29.85 -2.46
N LEU FA 14 33.23 29.63 -1.94
CA LEU FA 14 34.21 28.81 -2.64
C LEU FA 14 33.77 27.35 -2.80
N VAL FA 15 33.20 26.75 -1.75
CA VAL FA 15 32.74 25.36 -1.88
C VAL FA 15 31.62 25.23 -2.89
N GLY FA 16 30.67 26.17 -2.86
CA GLY FA 16 29.60 26.15 -3.84
C GLY FA 16 30.10 26.39 -5.25
N LEU FA 17 31.00 27.36 -5.42
CA LEU FA 17 31.57 27.66 -6.73
C LEU FA 17 32.40 26.51 -7.28
N ALA FA 18 33.24 25.89 -6.45
CA ALA FA 18 33.99 24.70 -6.88
C ALA FA 18 33.06 23.60 -7.36
N THR FA 19 31.99 23.32 -6.60
CA THR FA 19 31.03 22.29 -7.00
C THR FA 19 30.34 22.66 -8.31
N PHE FA 20 29.88 23.91 -8.43
CA PHE FA 20 29.25 24.37 -9.66
C PHE FA 20 30.16 24.25 -10.88
N LEU FA 21 31.38 24.78 -10.78
CA LEU FA 21 32.27 24.80 -11.94
C LEU FA 21 32.72 23.40 -12.36
N PHE FA 22 32.95 22.50 -11.41
CA PHE FA 22 33.28 21.12 -11.79
C PHE FA 22 32.13 20.43 -12.52
N VAL FA 23 30.91 20.52 -11.99
CA VAL FA 23 29.76 19.91 -12.65
C VAL FA 23 29.53 20.52 -14.03
N LEU FA 24 29.65 21.84 -14.15
CA LEU FA 24 29.53 22.49 -15.44
C LEU FA 24 30.59 22.00 -16.43
N ALA FA 25 31.85 21.94 -16.00
CA ALA FA 25 32.92 21.46 -16.88
C ALA FA 25 32.70 20.01 -17.29
N LEU FA 26 32.32 19.16 -16.34
CA LEU FA 26 32.05 17.76 -16.64
C LEU FA 26 30.91 17.62 -17.65
N LEU FA 27 29.83 18.39 -17.46
CA LEU FA 27 28.75 18.43 -18.43
C LEU FA 27 29.23 18.81 -19.83
N ILE FA 28 30.03 19.87 -19.95
CA ILE FA 28 30.51 20.32 -21.27
C ILE FA 28 31.39 19.27 -21.94
N HIS FA 29 32.34 18.68 -21.21
CA HIS FA 29 33.17 17.63 -21.82
C HIS FA 29 32.32 16.42 -22.26
N PHE FA 30 31.31 16.02 -21.46
CA PHE FA 30 30.41 14.94 -21.88
C PHE FA 30 29.55 15.30 -23.10
N ILE FA 31 29.10 16.54 -23.20
CA ILE FA 31 28.41 16.99 -24.42
C ILE FA 31 29.31 16.86 -25.65
N LEU FA 32 30.55 17.32 -25.55
CA LEU FA 32 31.48 17.22 -26.68
C LEU FA 32 31.77 15.76 -27.06
N LEU FA 33 31.97 14.88 -26.09
CA LEU FA 33 32.12 13.46 -26.38
C LEU FA 33 30.90 12.84 -27.05
N SER FA 34 29.71 13.43 -26.92
CA SER FA 34 28.56 12.95 -27.66
C SER FA 34 28.51 13.39 -29.12
N THR FA 35 29.29 14.40 -29.51
CA THR FA 35 29.32 14.86 -30.89
C THR FA 35 30.27 14.00 -31.72
N GLU FA 36 29.99 13.92 -33.03
CA GLU FA 36 30.97 13.37 -33.96
C GLU FA 36 32.16 14.31 -34.14
N ARG FA 37 31.91 15.60 -34.30
CA ARG FA 37 32.98 16.55 -34.62
C ARG FA 37 34.01 16.71 -33.50
N PHE FA 38 33.57 16.75 -32.25
CA PHE FA 38 34.45 17.11 -31.14
C PHE FA 38 34.81 15.96 -30.19
N ASN FA 39 34.34 14.74 -30.44
CA ASN FA 39 34.84 13.60 -29.67
C ASN FA 39 36.28 13.34 -30.06
N TRP FA 40 37.21 13.85 -29.24
CA TRP FA 40 38.64 13.74 -29.51
C TRP FA 40 39.16 12.31 -29.37
N LEU FA 41 38.53 11.50 -28.51
CA LEU FA 41 38.98 10.13 -28.28
C LEU FA 41 38.63 9.19 -29.42
N GLU FA 42 37.63 9.51 -30.22
CA GLU FA 42 37.26 8.69 -31.37
C GLU FA 42 37.71 9.29 -32.70
N GLY FA 43 37.86 10.60 -32.77
CA GLY FA 43 38.56 11.24 -33.87
C GLY FA 43 38.01 10.98 -35.27
N ALA FA 44 36.71 11.19 -35.44
CA ALA FA 44 36.12 11.27 -36.77
C ALA FA 44 36.73 12.41 -37.58
N SER FA 45 36.76 12.24 -38.90
CA SER FA 45 37.31 13.25 -39.80
C SER FA 45 36.36 14.43 -39.98
N THR FA 46 36.95 15.59 -40.25
CA THR FA 46 36.23 16.77 -40.72
C THR FA 46 36.07 16.72 -42.24
N LYS FA 47 35.13 15.88 -42.68
CA LYS FA 47 34.89 15.65 -44.10
C LYS FA 47 34.61 16.94 -44.88
N ILE GA 10 -15.14 44.62 9.46
CA ILE GA 10 -15.34 45.59 8.40
C ILE GA 10 -16.47 46.55 8.78
N THR GA 11 -16.17 47.84 8.87
CA THR GA 11 -17.18 48.82 9.22
C THR GA 11 -18.08 49.14 8.02
N GLU GA 12 -19.21 49.79 8.31
CA GLU GA 12 -20.07 50.34 7.27
C GLU GA 12 -19.30 51.25 6.31
N GLY GA 13 -18.46 52.14 6.85
CA GLY GA 13 -17.67 53.01 6.00
C GLY GA 13 -16.63 52.29 5.16
N GLU GA 14 -15.97 51.29 5.75
CA GLU GA 14 -15.04 50.47 4.97
C GLU GA 14 -15.75 49.66 3.89
N ALA GA 15 -16.90 49.08 4.21
CA ALA GA 15 -17.68 48.34 3.22
C ALA GA 15 -18.14 49.23 2.07
N LYS GA 16 -18.62 50.43 2.39
CA LYS GA 16 -19.06 51.37 1.35
C LYS GA 16 -17.91 51.87 0.49
N GLU GA 17 -16.73 52.10 1.10
CA GLU GA 17 -15.56 52.47 0.32
C GLU GA 17 -15.08 51.33 -0.58
N PHE GA 18 -15.04 50.09 -0.06
CA PHE GA 18 -14.75 48.94 -0.91
C PHE GA 18 -15.74 48.84 -2.06
N HIS GA 19 -17.03 48.99 -1.77
CA HIS GA 19 -18.05 48.91 -2.81
C HIS GA 19 -17.84 49.96 -3.90
N LYS GA 20 -17.38 51.16 -3.54
CA LYS GA 20 -17.09 52.16 -4.56
C LYS GA 20 -15.96 51.72 -5.48
N ILE GA 21 -14.83 51.28 -4.93
CA ILE GA 21 -13.71 50.82 -5.73
C ILE GA 21 -14.10 49.59 -6.56
N PHE GA 22 -14.79 48.63 -5.93
CA PHE GA 22 -15.26 47.45 -6.63
C PHE GA 22 -16.16 47.80 -7.81
N THR GA 23 -17.16 48.65 -7.58
CA THR GA 23 -18.10 49.03 -8.63
C THR GA 23 -17.39 49.66 -9.84
N SER GA 24 -16.41 50.54 -9.59
CA SER GA 24 -15.63 51.10 -10.69
C SER GA 24 -14.81 50.05 -11.41
N SER GA 25 -14.12 49.18 -10.65
CA SER GA 25 -13.27 48.16 -11.24
C SER GA 25 -14.04 47.16 -12.10
N ILE GA 26 -15.17 46.64 -11.60
CA ILE GA 26 -15.96 45.71 -12.39
C ILE GA 26 -16.55 46.37 -13.63
N LEU GA 27 -16.97 47.63 -13.52
CA LEU GA 27 -17.47 48.35 -14.68
C LEU GA 27 -16.39 48.55 -15.75
N VAL GA 28 -15.16 48.86 -15.33
CA VAL GA 28 -14.04 48.94 -16.26
C VAL GA 28 -13.73 47.58 -16.87
N PHE GA 29 -13.64 46.54 -16.03
CA PHE GA 29 -13.39 45.19 -16.53
C PHE GA 29 -14.42 44.73 -17.55
N PHE GA 30 -15.71 44.91 -17.24
CA PHE GA 30 -16.76 44.62 -18.20
C PHE GA 30 -16.68 45.50 -19.45
N GLY GA 31 -16.27 46.76 -19.30
CA GLY GA 31 -16.10 47.63 -20.45
C GLY GA 31 -15.01 47.19 -21.40
N VAL GA 32 -13.85 46.80 -20.87
CA VAL GA 32 -12.77 46.25 -21.69
C VAL GA 32 -13.22 44.96 -22.37
N ALA GA 33 -13.81 44.04 -21.60
CA ALA GA 33 -14.31 42.79 -22.18
C ALA GA 33 -15.36 43.01 -23.27
N ALA GA 34 -16.27 43.96 -23.05
CA ALA GA 34 -17.27 44.27 -24.09
C ALA GA 34 -16.63 44.75 -25.38
N PHE GA 35 -15.58 45.57 -25.30
CA PHE GA 35 -14.86 45.99 -26.50
C PHE GA 35 -14.12 44.83 -27.14
N ALA GA 36 -13.48 43.98 -26.34
CA ALA GA 36 -12.86 42.76 -26.85
C ALA GA 36 -13.82 41.86 -27.62
N HIS GA 37 -15.01 41.61 -27.07
CA HIS GA 37 -16.03 40.84 -27.78
C HIS GA 37 -16.45 41.50 -29.08
N LEU GA 38 -16.60 42.84 -29.09
CA LEU GA 38 -16.95 43.55 -30.32
C LEU GA 38 -15.90 43.35 -31.41
N LEU GA 39 -14.61 43.49 -31.07
CA LEU GA 39 -13.56 43.28 -32.05
C LEU GA 39 -13.54 41.84 -32.59
N VAL GA 40 -13.73 40.86 -31.71
CA VAL GA 40 -13.82 39.46 -32.15
C VAL GA 40 -15.03 39.25 -33.04
N TRP GA 41 -16.17 39.86 -32.70
CA TRP GA 41 -17.38 39.70 -33.52
C TRP GA 41 -17.20 40.26 -34.93
N ILE GA 42 -16.61 41.45 -35.04
CA ILE GA 42 -16.33 42.04 -36.36
C ILE GA 42 -15.44 41.12 -37.19
N TRP GA 43 -14.46 40.48 -36.55
CA TRP GA 43 -13.59 39.54 -37.27
C TRP GA 43 -14.32 38.26 -37.68
N ARG GA 44 -14.87 37.52 -36.72
CA ARG GA 44 -15.64 36.32 -36.99
C ARG GA 44 -16.79 36.22 -36.00
N PRO GA 45 -18.02 36.51 -36.43
CA PRO GA 45 -19.17 36.33 -35.54
C PRO GA 45 -19.40 34.86 -35.21
N TRP GA 46 -20.01 34.63 -34.05
CA TRP GA 46 -20.15 33.30 -33.49
C TRP GA 46 -21.61 32.84 -33.37
N VAL GA 47 -22.52 33.41 -34.16
CA VAL GA 47 -23.88 32.90 -34.26
C VAL GA 47 -24.14 32.48 -35.71
N PRO GA 48 -24.20 31.18 -36.00
CA PRO GA 48 -24.35 30.74 -37.39
C PRO GA 48 -25.76 30.95 -37.93
N GLY GA 49 -25.84 31.20 -39.24
CA GLY GA 49 -27.10 31.25 -39.94
C GLY GA 49 -27.67 29.86 -40.20
N PRO GA 50 -28.82 29.83 -40.87
CA PRO GA 50 -29.45 28.54 -41.18
C PRO GA 50 -28.57 27.60 -41.99
N ASN GA 51 -27.81 28.13 -42.94
CA ASN GA 51 -26.88 27.36 -43.75
C ASN GA 51 -25.52 27.17 -43.07
N GLY GA 52 -25.40 27.51 -41.80
CA GLY GA 52 -24.13 27.52 -41.10
C GLY GA 52 -23.37 28.81 -41.25
N TYR GA 53 -22.04 28.73 -41.27
CA TYR GA 53 -21.20 29.90 -41.48
C TYR GA 53 -20.86 30.10 -42.95
N GLY HA 9 -1.13 45.72 7.33
CA GLY HA 9 0.02 45.88 8.19
C GLY HA 9 0.86 47.12 7.88
N ILE HA 10 0.47 47.84 6.83
CA ILE HA 10 1.22 49.00 6.37
C ILE HA 10 0.34 50.25 6.44
N THR HA 11 0.99 51.39 6.70
CA THR HA 11 0.33 52.68 6.87
C THR HA 11 -0.14 53.27 5.54
N GLU HA 12 -0.96 54.31 5.64
CA GLU HA 12 -1.58 54.95 4.47
C GLU HA 12 -0.54 55.53 3.52
N GLY HA 13 0.37 56.36 4.04
CA GLY HA 13 1.39 56.95 3.19
C GLY HA 13 2.38 55.94 2.64
N GLU HA 14 2.53 54.82 3.35
CA GLU HA 14 3.38 53.71 2.93
C GLU HA 14 2.74 52.88 1.82
N ALA HA 15 1.43 52.64 1.92
CA ALA HA 15 0.67 52.06 0.81
C ALA HA 15 0.66 52.96 -0.41
N LYS HA 16 0.49 54.27 -0.21
CA LYS HA 16 0.57 55.22 -1.32
C LYS HA 16 1.95 55.23 -1.97
N GLU HA 17 3.01 55.14 -1.17
CA GLU HA 17 4.36 55.06 -1.74
C GLU HA 17 4.53 53.82 -2.62
N PHE HA 18 4.15 52.64 -2.12
CA PHE HA 18 4.20 51.43 -2.93
C PHE HA 18 3.34 51.56 -4.18
N HIS HA 19 2.13 52.11 -4.05
CA HIS HA 19 1.25 52.31 -5.21
C HIS HA 19 1.90 53.16 -6.29
N LYS HA 20 2.66 54.20 -5.89
CA LYS HA 20 3.32 55.04 -6.87
C LYS HA 20 4.34 54.26 -7.70
N ILE HA 21 5.21 53.49 -7.04
CA ILE HA 21 6.21 52.71 -7.75
C ILE HA 21 5.58 51.57 -8.55
N PHE HA 22 4.57 50.91 -7.98
CA PHE HA 22 3.81 49.89 -8.71
C PHE HA 22 3.19 50.45 -9.99
N THR HA 23 2.52 51.60 -9.88
CA THR HA 23 1.90 52.21 -11.06
C THR HA 23 2.92 52.52 -12.15
N SER HA 24 4.09 53.04 -11.78
CA SER HA 24 5.17 53.22 -12.73
C SER HA 24 5.63 51.89 -13.34
N SER HA 25 5.89 50.90 -12.48
CA SER HA 25 6.41 49.61 -12.95
C SER HA 25 5.46 48.91 -13.92
N ILE HA 26 4.18 48.84 -13.60
CA ILE HA 26 3.23 48.13 -14.46
C ILE HA 26 3.06 48.84 -15.80
N LEU HA 27 3.07 50.16 -15.81
CA LEU HA 27 3.03 50.90 -17.07
C LEU HA 27 4.29 50.68 -17.92
N VAL HA 28 5.45 50.60 -17.29
CA VAL HA 28 6.68 50.26 -18.01
C VAL HA 28 6.60 48.84 -18.58
N PHE HA 29 6.16 47.88 -17.77
CA PHE HA 29 6.01 46.49 -18.22
C PHE HA 29 5.05 46.39 -19.40
N PHE HA 30 3.86 47.00 -19.29
CA PHE HA 30 2.92 47.01 -20.41
C PHE HA 30 3.45 47.75 -21.62
N GLY HA 31 4.23 48.82 -21.42
CA GLY HA 31 4.82 49.54 -22.54
C GLY HA 31 5.81 48.71 -23.35
N VAL HA 32 6.68 47.96 -22.67
CA VAL HA 32 7.58 47.04 -23.35
C VAL HA 32 6.81 45.92 -24.05
N ALA HA 33 5.83 45.33 -23.36
CA ALA HA 33 5.02 44.28 -23.97
C ALA HA 33 4.27 44.77 -25.21
N ALA HA 34 3.69 45.97 -25.16
CA ALA HA 34 3.01 46.52 -26.32
C ALA HA 34 3.98 46.75 -27.49
N PHE HA 35 5.18 47.23 -27.21
CA PHE HA 35 6.22 47.32 -28.22
C PHE HA 35 6.57 45.95 -28.81
N ALA HA 36 6.75 44.94 -27.95
CA ALA HA 36 7.02 43.58 -28.42
C ALA HA 36 5.89 43.02 -29.28
N HIS HA 37 4.64 43.18 -28.86
CA HIS HA 37 3.51 42.70 -29.66
C HIS HA 37 3.45 43.42 -31.02
N LEU HA 38 3.72 44.73 -31.05
CA LEU HA 38 3.74 45.46 -32.31
C LEU HA 38 4.78 44.91 -33.28
N LEU HA 39 5.99 44.64 -32.79
CA LEU HA 39 7.02 44.05 -33.64
C LEU HA 39 6.63 42.67 -34.17
N VAL HA 40 6.05 41.83 -33.31
CA VAL HA 40 5.61 40.50 -33.74
C VAL HA 40 4.47 40.61 -34.75
N TRP HA 41 3.57 41.57 -34.57
CA TRP HA 41 2.51 41.78 -35.55
C TRP HA 41 3.06 42.18 -36.91
N ILE HA 42 4.03 43.10 -36.92
CA ILE HA 42 4.69 43.49 -38.17
C ILE HA 42 5.36 42.29 -38.84
N TRP HA 43 5.97 41.41 -38.04
CA TRP HA 43 6.56 40.19 -38.60
C TRP HA 43 5.49 39.24 -39.15
N ARG HA 44 4.62 38.73 -38.29
CA ARG HA 44 3.55 37.82 -38.69
C ARG HA 44 2.30 38.08 -37.84
N PRO HA 45 1.26 38.71 -38.40
CA PRO HA 45 0.04 38.94 -37.63
C PRO HA 45 -0.69 37.65 -37.31
N TRP HA 46 -1.46 37.69 -36.23
CA TRP HA 46 -2.11 36.52 -35.66
C TRP HA 46 -3.64 36.57 -35.71
N VAL HA 47 -4.24 37.50 -36.45
CA VAL HA 47 -5.66 37.44 -36.77
C VAL HA 47 -5.80 37.02 -38.23
N PRO HA 48 -6.31 35.82 -38.51
CA PRO HA 48 -6.43 35.37 -39.91
C PRO HA 48 -7.58 36.02 -40.65
N GLY HA 49 -7.35 36.30 -41.93
CA GLY HA 49 -8.39 36.75 -42.82
C GLY HA 49 -9.39 35.65 -43.15
N PRO HA 50 -10.42 36.00 -43.92
CA PRO HA 50 -11.43 35.00 -44.30
C PRO HA 50 -10.88 33.83 -45.08
N ASN HA 51 -9.84 34.02 -45.88
CA ASN HA 51 -9.18 32.95 -46.61
C ASN HA 51 -8.18 32.18 -45.75
N GLY HA 52 -8.12 32.48 -44.45
CA GLY HA 52 -7.04 32.01 -43.59
C GLY HA 52 -5.75 32.79 -43.80
N TYR HA 53 -4.65 32.19 -43.34
CA TYR HA 53 -3.33 32.73 -43.62
C TYR HA 53 -2.87 32.35 -45.02
N ILE IA 10 16.68 46.66 6.85
CA ILE IA 10 17.79 47.28 6.14
C ILE IA 10 17.57 48.78 6.04
N THR IA 11 18.58 49.53 6.48
CA THR IA 11 18.54 50.99 6.46
C THR IA 11 18.58 51.55 5.03
N GLU IA 12 18.09 52.78 4.91
CA GLU IA 12 17.97 53.43 3.59
C GLU IA 12 19.31 53.57 2.89
N GLY IA 13 20.34 54.00 3.62
CA GLY IA 13 21.67 54.12 3.03
C GLY IA 13 22.22 52.79 2.55
N GLU IA 14 22.00 51.73 3.31
CA GLU IA 14 22.45 50.40 2.92
C GLU IA 14 21.66 49.86 1.72
N ALA IA 15 20.34 50.06 1.72
CA ALA IA 15 19.53 49.70 0.55
C ALA IA 15 19.93 50.49 -0.69
N LYS IA 16 20.21 51.79 -0.53
CA LYS IA 16 20.67 52.60 -1.65
C LYS IA 16 22.06 52.20 -2.13
N GLU IA 17 22.95 51.83 -1.21
CA GLU IA 17 24.27 51.33 -1.59
C GLU IA 17 24.17 50.04 -2.40
N PHE IA 18 23.36 49.08 -1.93
CA PHE IA 18 23.14 47.87 -2.73
C PHE IA 18 22.51 48.17 -4.09
N HIS IA 19 21.52 49.05 -4.12
CA HIS IA 19 20.86 49.40 -5.39
C HIS IA 19 21.83 50.01 -6.39
N LYS IA 20 22.81 50.79 -5.92
CA LYS IA 20 23.83 51.33 -6.80
C LYS IA 20 24.64 50.23 -7.48
N ILE IA 21 25.09 49.23 -6.71
CA ILE IA 21 25.90 48.15 -7.27
C ILE IA 21 25.06 47.21 -8.12
N PHE IA 22 23.84 46.90 -7.66
CA PHE IA 22 22.90 46.12 -8.47
C PHE IA 22 22.62 46.79 -9.82
N THR IA 23 22.35 48.09 -9.81
CA THR IA 23 22.12 48.81 -11.06
C THR IA 23 23.32 48.72 -12.01
N SER IA 24 24.53 48.87 -11.48
CA SER IA 24 25.73 48.70 -12.31
C SER IA 24 25.84 47.28 -12.85
N SER IA 25 25.51 46.27 -12.05
CA SER IA 25 25.65 44.88 -12.47
C SER IA 25 24.67 44.49 -13.58
N ILE IA 26 23.39 44.89 -13.46
CA ILE IA 26 22.44 44.60 -14.53
C ILE IA 26 22.86 45.24 -15.85
N LEU IA 27 23.42 46.45 -15.80
CA LEU IA 27 23.88 47.10 -17.02
C LEU IA 27 25.02 46.33 -17.68
N VAL IA 28 25.96 45.82 -16.89
CA VAL IA 28 27.02 44.98 -17.44
C VAL IA 28 26.45 43.67 -17.98
N PHE IA 29 25.59 43.01 -17.20
CA PHE IA 29 25.01 41.74 -17.63
C PHE IA 29 24.18 41.88 -18.91
N PHE IA 30 23.27 42.86 -18.94
CA PHE IA 30 22.50 43.11 -20.16
C PHE IA 30 23.38 43.61 -21.32
N GLY IA 31 24.44 44.35 -21.01
CA GLY IA 31 25.36 44.78 -22.06
C GLY IA 31 26.10 43.63 -22.72
N VAL IA 32 26.64 42.72 -21.91
CA VAL IA 32 27.28 41.52 -22.44
C VAL IA 32 26.28 40.66 -23.21
N ALA IA 33 25.10 40.43 -22.64
CA ALA IA 33 24.07 39.64 -23.32
C ALA IA 33 23.65 40.25 -24.64
N ALA IA 34 23.47 41.57 -24.70
CA ALA IA 34 23.14 42.23 -25.95
C ALA IA 34 24.24 42.06 -27.00
N PHE IA 35 25.50 42.13 -26.59
CA PHE IA 35 26.61 41.85 -27.49
C PHE IA 35 26.61 40.40 -27.97
N ALA IA 36 26.34 39.45 -27.06
CA ALA IA 36 26.18 38.05 -27.45
C ALA IA 36 25.06 37.84 -28.46
N HIS IA 37 23.87 38.42 -28.21
CA HIS IA 37 22.77 38.30 -29.17
C HIS IA 37 23.10 38.93 -30.53
N LEU IA 38 23.79 40.06 -30.54
CA LEU IA 38 24.21 40.67 -31.80
C LEU IA 38 25.10 39.72 -32.62
N LEU IA 39 26.11 39.12 -31.99
CA LEU IA 39 26.98 38.19 -32.71
C LEU IA 39 26.23 36.97 -33.23
N VAL IA 40 25.31 36.42 -32.42
CA VAL IA 40 24.50 35.30 -32.86
C VAL IA 40 23.60 35.68 -34.03
N TRP IA 41 23.04 36.90 -33.99
CA TRP IA 41 22.22 37.36 -35.11
C TRP IA 41 23.04 37.51 -36.40
N ILE IA 42 24.26 38.00 -36.29
CA ILE IA 42 25.15 38.09 -37.46
C ILE IA 42 25.46 36.71 -38.02
N TRP IA 43 25.67 35.72 -37.14
CA TRP IA 43 25.89 34.35 -37.60
C TRP IA 43 24.64 33.74 -38.23
N ARG IA 44 23.55 33.64 -37.47
CA ARG IA 44 22.29 33.10 -37.99
C ARG IA 44 21.10 33.81 -37.34
N PRO IA 45 20.42 34.71 -38.06
CA PRO IA 45 19.25 35.37 -37.49
C PRO IA 45 18.10 34.42 -37.24
N TRP IA 46 17.24 34.79 -36.29
CA TRP IA 46 16.21 33.91 -35.77
C TRP IA 46 14.78 34.40 -35.99
N VAL IA 47 14.57 35.40 -36.83
CA VAL IA 47 13.23 35.78 -37.28
C VAL IA 47 13.10 35.43 -38.76
N PRO IA 48 12.33 34.39 -39.11
CA PRO IA 48 12.26 33.95 -40.51
C PRO IA 48 11.41 34.85 -41.39
N GLY IA 49 11.80 34.92 -42.66
CA GLY IA 49 11.01 35.61 -43.66
C GLY IA 49 9.79 34.82 -44.09
N PRO IA 50 9.06 35.36 -45.08
CA PRO IA 50 7.84 34.69 -45.55
C PRO IA 50 8.07 33.28 -46.07
N ASN IA 51 9.12 33.05 -46.84
CA ASN IA 51 9.45 31.70 -47.32
C ASN IA 51 10.08 30.82 -46.24
N GLY IA 52 10.15 31.29 -45.00
CA GLY IA 52 10.92 30.63 -43.97
C GLY IA 52 12.41 30.90 -44.10
N TYR IA 53 13.20 30.02 -43.50
CA TYR IA 53 14.65 30.06 -43.66
C TYR IA 53 15.08 29.44 -45.00
C4 07D JA . 35.00 34.43 -18.72
C5 07D JA . 33.21 34.78 -20.49
C6 07D JA . 32.00 34.19 -21.24
C7 07D JA . 31.82 34.85 -22.58
C8 07D JA . 30.76 35.50 -23.04
C10 07D JA . 30.63 35.86 -24.50
C13 07D JA . 28.61 34.74 -27.54
C15 07D JA . 28.74 34.97 -29.02
C17 07D JA . 29.23 33.97 -31.27
C20 07D JA . 28.93 33.85 -33.73
C1 07D JA . 33.24 32.27 -17.51
C11 07D JA . 29.43 35.20 -25.17
C12 07D JA . 29.47 35.28 -26.68
C14 07D JA . 27.38 33.99 -27.11
C16 07D JA . 29.02 33.68 -29.82
C18 07D JA . 28.63 33.42 -32.32
C19 07D JA . 27.67 32.27 -32.20
C2 07D JA . 32.89 33.10 -18.70
C3 07D JA . 33.64 34.04 -19.25
C9 07D JA . 29.54 35.78 -22.21
NB 07D JA . 32.57 28.43 -24.16
ND 07D JA . 34.40 25.08 -22.60
C1A 07D JA . 34.00 27.26 -20.28
C1B 07D JA . 32.13 29.49 -23.46
C1C 07D JA . 33.01 26.23 -26.26
C1D 07D JA . 34.68 23.85 -23.15
C2A 07D JA . 33.98 28.26 -19.16
C2B 07D JA . 31.40 30.31 -24.37
C2C 07D JA . 33.02 25.31 -27.47
C2D 07D JA . 35.09 23.06 -22.10
C3A 07D JA . 32.89 29.22 -19.69
C3B 07D JA . 31.41 29.73 -25.64
C3C 07D JA . 33.60 24.01 -26.88
C3D 07D JA . 35.04 23.84 -20.94
C4A 07D JA . 32.90 28.84 -21.15
C4B 07D JA . 32.17 28.51 -25.46
C4C 07D JA . 33.92 24.39 -25.46
C4D 07D JA . 34.61 25.04 -21.26
CAA 07D JA . 35.35 28.92 -19.03
CAB 07D JA . 30.82 30.17 -26.91
CAC 07D JA . 34.88 23.53 -27.59
CAD 07D JA . 35.31 23.79 -19.51
CBA 07D JA . 35.67 29.49 -17.64
CBB 07D JA . 29.75 31.21 -26.95
CBC 07D JA . 34.62 22.89 -28.94
CBD 07D JA . 35.10 25.23 -19.00
CED 07D JA . 33.97 25.79 -15.53
CGA 07D JA . 34.58 30.36 -17.08
CGD 07D JA . 34.18 25.19 -17.79
CHA 07D JA . 34.49 25.98 -20.21
CHB 07D JA . 32.34 29.73 -22.13
CHC 07D JA . 32.48 27.57 -26.42
CHD 07D JA . 34.53 23.59 -24.56
CMA 07D JA . 31.52 29.02 -19.08
CMB 07D JA . 30.78 31.60 -23.83
CMC 07D JA . 31.64 25.12 -28.07
CMD 07D JA . 35.52 21.63 -22.20
NA 07D JA . 33.56 27.76 -21.40
NC 07D JA . 33.53 25.71 -25.20
O1A 07D JA . 33.94 30.12 -16.09
O1D 07D JA . 33.10 24.66 -17.77
O2A 07D JA . 34.36 31.41 -17.87
O2D 07D JA . 34.79 25.70 -16.73
OBB 07D JA . 31.12 29.62 -27.95
OBD 07D JA . 35.81 22.89 -18.87
MG 07D JA . 33.70 26.89 -23.38
C1M CRT KA . 41.17 32.92 5.37
O1 CRT KA . 41.04 34.33 5.43
C1 CRT KA . 40.62 35.05 4.26
C2 CRT KA . 39.25 34.57 3.80
C3 CRT KA . 40.53 36.53 4.62
C4 CRT KA . 41.69 34.88 3.15
C5 CRT KA . 41.56 33.75 2.20
C6 CRT KA . 41.77 33.87 0.87
C7 CRT KA . 41.66 32.80 -0.12
C8 CRT KA . 42.09 31.45 0.32
C9 CRT KA . 41.21 33.08 -1.37
C10 CRT KA . 41.03 32.14 -2.47
C11 CRT KA . 40.40 32.49 -3.62
C12 CRT KA . 40.16 31.63 -4.78
C13 CRT KA . 41.00 30.42 -4.91
C14 CRT KA . 39.22 32.01 -5.69
C15 CRT KA . 38.79 31.32 -6.88
C16 CRT KA . 37.94 31.89 -7.77
C17 CRT KA . 37.40 31.30 -9.00
C18 CRT KA . 38.14 30.15 -9.60
C19 CRT KA . 36.29 31.86 -9.55
C20 CRT KA . 35.56 31.45 -10.72
C21 CRT KA . 34.37 31.95 -11.11
C22 CRT KA . 33.59 31.52 -12.25
C23 CRT KA . 32.31 31.91 -12.56
C24 CRT KA . 31.53 32.87 -11.75
C25 CRT KA . 31.67 31.31 -13.72
C26 CRT KA . 30.36 31.39 -14.07
C27 CRT KA . 29.86 30.69 -15.22
C28 CRT KA . 28.57 30.51 -15.63
C29 CRT KA . 27.38 31.09 -14.95
C30 CRT KA . 28.34 29.70 -16.81
C31 CRT KA . 27.17 29.34 -17.37
C32 CRT KA . 27.16 28.47 -18.52
C33 CRT KA . 26.11 28.01 -19.25
C34 CRT KA . 24.69 28.33 -18.98
C35 CRT KA . 26.42 27.13 -20.37
C36 CRT KA . 25.57 26.67 -21.30
C37 CRT KA . 26.00 25.78 -22.40
C38 CRT KA . 25.47 24.35 -22.35
C39 CRT KA . 25.84 23.59 -23.62
C40 CRT KA . 26.06 23.62 -21.14
O2 CRT KA . 24.05 24.51 -22.17
C2M CRT KA . 23.26 23.35 -22.31
C4 07D LA . 45.52 10.63 -4.06
C5 07D LA . 44.18 9.01 -2.64
C6 07D LA . 45.06 7.80 -2.27
C7 07D LA . 46.15 8.13 -1.27
C8 07D LA . 46.01 8.26 0.05
C10 07D LA . 47.21 8.51 0.93
C13 07D LA . 46.10 7.50 4.22
C15 07D LA . 45.88 8.11 5.58
C17 07D LA . 44.30 9.94 4.82
C20 07D LA . 43.26 11.33 3.06
C1 07D LA . 43.96 9.58 -6.48
C11 07D LA . 47.43 7.46 2.05
C12 07D LA . 47.04 7.98 3.40
C14 07D LA . 45.28 6.28 3.92
C16 07D LA . 44.49 8.77 5.74
C18 07D LA . 43.36 10.10 3.90
C19 07D LA . 42.32 9.06 3.61
C2 07D LA . 43.78 9.14 -5.07
C3 07D LA . 44.44 9.58 -4.01
C9 07D LA . 44.70 8.16 0.78
NB 07D LA . 46.21 2.80 -14.44
ND 07D LA . 47.08 6.60 -15.84
C1A 07D LA . 47.00 6.65 -12.63
C1B 07D LA . 46.17 2.43 -13.15
C1C 07D LA . 46.59 2.90 -17.49
C1D 07D LA . 47.33 7.08 -17.10
C2A 07D LA . 47.07 6.77 -11.12
C2B 07D LA . 45.96 1.01 -13.13
C2C 07D LA . 46.77 2.64 -18.96
C2D 07D LA . 47.70 8.39 -16.94
C3A 07D LA . 46.94 5.30 -10.69
C3B 07D LA . 45.90 0.55 -14.46
C3C 07D LA . 47.02 4.06 -19.52
C3D 07D LA . 47.68 8.67 -15.57
C4A 07D LA . 46.64 4.64 -12.02
C4B 07D LA . 46.07 1.73 -15.26
C4C 07D LA . 47.02 4.90 -18.27
C4D 07D LA . 47.31 7.58 -14.92
CAA 07D LA . 45.92 7.64 -10.56
CAB 07D LA . 45.70 -0.81 -14.98
CAC 07D LA . 45.92 4.56 -20.47
CAD 07D LA . 47.91 9.75 -14.62
CBA 07D LA . 45.90 7.72 -9.03
CBB 07D LA . 45.09 -1.88 -14.13
CBC 07D LA . 46.09 4.11 -21.89
CBD 07D LA . 47.61 9.14 -13.24
CED 07D LA . 49.76 10.18 -10.42
CGA 07D LA . 45.00 8.79 -8.47
CGD 07D LA . 48.90 9.31 -12.43
CHA 07D LA . 47.22 7.66 -13.51
CHB 07D LA . 46.28 3.24 -12.05
CHC 07D LA . 46.08 1.83 -16.63
CHD 07D LA . 47.17 6.25 -18.28
CMA 07D LA . 48.23 4.71 -10.09
CMB 07D LA . 45.86 0.31 -11.78
CMC 07D LA . 47.91 1.67 -19.25
CMD 07D LA . 48.07 9.37 -18.03
NA 07D LA . 46.71 5.44 -13.04
NC 07D LA . 46.76 4.13 -17.14
O1A 07D LA . 44.59 9.73 -9.08
O1D 07D LA . 50.00 9.30 -12.90
O2A 07D LA . 44.77 8.59 -7.17
O2D 07D LA . 48.62 9.76 -11.21
OBB 07D LA . 45.69 -0.98 -16.19
OBD 07D LA . 47.92 10.94 -14.86
MG 07D LA . 46.47 4.74 -15.07
C1M CRT MA . 48.81 17.29 11.74
O1 CRT MA . 48.03 17.94 10.74
C1 CRT MA . 48.61 19.12 10.15
C2 CRT MA . 47.63 19.71 9.16
C3 CRT MA . 48.96 20.14 11.23
C4 CRT MA . 49.89 18.66 9.42
C5 CRT MA . 49.67 17.62 8.37
C6 CRT MA . 50.25 17.64 7.16
C7 CRT MA . 50.00 16.64 6.12
C8 CRT MA . 49.80 15.24 6.57
C9 CRT MA . 50.01 17.00 4.81
C10 CRT MA . 49.75 16.15 3.66
C11 CRT MA . 49.55 16.66 2.42
C12 CRT MA . 49.24 15.92 1.19
C13 CRT MA . 49.48 14.46 1.20
C14 CRT MA . 48.79 16.62 0.12
C15 CRT MA . 48.39 16.14 -1.19
C16 CRT MA . 48.00 16.98 -2.17
C17 CRT MA . 47.51 16.61 -3.50
C18 CRT MA . 47.91 15.29 -4.04
C19 CRT MA . 46.78 17.53 -4.20
C20 CRT MA . 46.17 17.39 -5.50
C21 CRT MA . 45.29 18.26 -6.06
C22 CRT MA . 44.61 18.12 -7.32
C23 CRT MA . 43.65 18.93 -7.84
C24 CRT MA . 43.16 20.16 -7.16
C25 CRT MA . 43.04 18.57 -9.11
C26 CRT MA . 41.95 19.15 -9.68
C27 CRT MA . 41.40 18.66 -10.92
C28 CRT MA . 40.24 19.01 -11.55
C29 CRT MA . 39.30 20.02 -11.06
C30 CRT MA . 39.91 18.32 -12.79
C31 CRT MA . 38.76 18.42 -13.50
C32 CRT MA . 38.57 17.63 -14.71
C33 CRT MA . 37.49 17.58 -15.52
C34 CRT MA . 36.25 18.36 -15.34
C35 CRT MA . 37.56 16.68 -16.68
C36 CRT MA . 36.55 16.38 -17.52
C37 CRT MA . 36.70 15.47 -18.68
C38 CRT MA . 36.24 14.01 -18.50
C39 CRT MA . 36.56 13.18 -19.73
C40 CRT MA . 36.92 13.40 -17.28
O2 CRT MA . 34.83 14.09 -18.23
C2M CRT MA . 33.94 14.00 -19.33
C4 07D NA . 47.38 20.41 -13.90
C5 07D NA . 45.56 21.48 -15.33
C6 07D NA . 45.96 21.08 -16.76
C7 07D NA . 45.10 21.74 -17.81
C8 07D NA . 45.36 22.83 -18.52
C10 07D NA . 44.47 23.26 -19.67
C13 07D NA . 43.98 22.61 -22.94
C15 07D NA . 43.28 22.50 -24.27
C17 07D NA . 43.00 20.99 -26.29
C20 07D NA . 42.19 20.25 -28.51
C1 07D NA . 45.15 18.89 -12.45
C11 07D NA . 43.87 22.07 -20.45
C12 07D NA . 43.32 22.43 -21.80
C14 07D NA . 45.48 22.69 -23.02
C16 07D NA . 43.95 21.52 -25.24
C18 07D NA . 43.19 20.91 -27.60
C19 07D NA . 44.48 21.30 -28.25
C2 07D NA . 44.98 19.76 -13.65
C3 07D NA . 45.93 20.46 -14.28
C9 07D NA . 46.60 23.66 -18.34
NB 07D NA . 44.39 15.19 -19.41
ND 07D NA . 44.48 11.48 -17.59
C1A 07D NA . 44.65 13.78 -15.34
C1B 07D NA . 44.29 16.36 -18.76
C1C 07D NA . 44.24 12.88 -21.42
C1D 07D NA . 44.33 10.22 -18.09
C2A 07D NA . 44.83 14.78 -14.22
C2B 07D NA . 44.08 17.36 -19.76
C2C 07D NA . 44.12 11.96 -22.61
C2D 07D NA . 44.24 9.40 -17.01
C3A 07D NA . 44.28 16.05 -14.92
C3B 07D NA . 44.05 16.75 -21.02
C3C 07D NA . 44.03 10.57 -21.95
C3D 07D NA . 44.32 10.20 -15.86
C4A 07D NA . 44.41 15.61 -16.36
C4B 07D NA . 44.24 15.34 -20.74
C4C 07D NA . 44.24 10.89 -20.48
C4D 07D NA . 44.46 11.46 -16.22
CAA 07D NA . 46.31 14.92 -13.87
CAB 07D NA . 43.86 17.33 -22.35
CAC 07D NA . 45.09 9.57 -22.43
CAD 07D NA . 44.32 10.12 -14.40
CBA 07D NA . 46.61 15.48 -12.48
CBB 07D NA . 43.21 18.66 -22.55
CBC 07D NA . 44.81 9.02 -23.81
CBD 07D NA . 44.60 11.55 -13.92
CED 07D NA . 43.10 12.54 -10.68
CGA 07D NA . 45.72 16.62 -12.06
CGD 07D NA . 43.51 11.94 -12.92
CHA 07D NA . 44.57 12.43 -15.20
CHB 07D NA . 44.38 16.59 -17.42
CHC 07D NA . 44.27 14.31 -21.64
CHD 07D NA . 44.31 9.96 -19.51
CMA 07D NA . 42.83 16.39 -14.59
CMB 07D NA . 43.96 18.80 -19.30
CMC 07D NA . 42.90 12.28 -23.47
CMD 07D NA . 44.07 7.91 -17.05
NA 07D NA . 44.62 14.34 -16.51
NC 07D NA . 44.37 12.26 -20.29
O1A 07D NA . 44.89 16.56 -11.19
O1D 07D NA . 42.34 12.02 -13.17
O2A 07D NA . 45.93 17.71 -12.82
O2D 07D NA . 44.02 12.06 -11.69
OBB 07D NA . 44.18 16.70 -23.35
OBD 07D NA . 44.25 9.13 -13.70
MG 07D NA . 44.68 13.39 -18.45
C4 07D OA . 46.67 -5.59 1.32
C5 07D OA . 44.94 -5.45 3.17
C6 07D OA . 44.52 -6.84 3.68
C7 07D OA . 43.06 -7.11 3.50
C8 07D OA . 42.20 -7.58 4.40
C10 07D OA . 40.71 -7.64 4.14
C13 07D OA . 38.03 -7.28 6.01
C15 07D OA . 36.56 -7.22 6.35
C17 07D OA . 34.50 -5.78 6.44
C20 07D OA . 32.95 -4.88 8.14
C1 07D OA . 44.43 -5.27 -0.68
C11 07D OA . 39.96 -6.38 4.60
C12 07D OA . 38.52 -6.66 4.93
C14 07D OA . 38.90 -7.92 7.04
C16 07D OA . 35.79 -6.05 5.70
C18 07D OA . 34.32 -5.11 7.56
C19 07D OA . 35.42 -4.38 8.26
C2 07D OA . 44.26 -5.29 0.80
C3 07D OA . 45.23 -5.44 1.69
C9 07D OA . 42.63 -8.03 5.77
NB 07D OA . 44.97 -13.14 -7.87
ND 07D OA . 47.44 -10.04 -9.09
C1A 07D OA . 46.92 -9.81 -5.94
C1B 07D OA . 44.61 -13.41 -6.61
C1C 07D OA . 45.76 -13.32 -10.84
C1D 07D OA . 48.04 -9.76 -10.30
C2A 07D OA . 46.75 -9.60 -4.45
C2B 07D OA . 43.88 -14.63 -6.64
C2C 07D OA . 46.05 -13.72 -12.27
C2D 07D OA . 48.87 -8.69 -10.06
C3A 07D OA . 46.03 -10.90 -4.04
C3B 07D OA . 43.82 -15.10 -7.96
C3C 07D OA . 46.93 -12.55 -12.76
C3D 07D OA . 48.77 -8.36 -8.71
C4A 07D OA . 45.72 -11.48 -5.40
C4B 07D OA . 44.54 -14.11 -8.72
C4C 07D OA . 47.06 -11.68 -11.52
C4D 07D OA . 47.90 -9.19 -8.13
CAA 07D OA . 45.89 -8.36 -4.17
CAB 07D OA . 43.20 -16.30 -8.53
CAC 07D OA . 46.29 -11.71 -13.89
CAD 07D OA . 49.27 -7.41 -7.72
CBA 07D OA . 45.60 -8.12 -2.69
CBB 07D OA . 42.19 -17.09 -7.75
CBC 07D OA . 46.46 -12.34 -15.26
CBD 07D OA . 48.55 -7.78 -6.41
CED 07D OA . 50.60 -7.35 -3.37
CGA 07D OA . 45.10 -6.74 -2.40
CGD 07D OA . 49.66 -8.06 -5.40
CHA 07D OA . 47.66 -9.01 -6.75
CHB 07D OA . 44.87 -12.65 -5.50
CHC 07D OA . 44.79 -14.09 -10.07
CHD 07D OA . 47.75 -10.52 -11.48
CMA 07D OA . 46.90 -11.88 -3.24
CMB 07D OA . 43.33 -15.17 -5.32
CMC 07D OA . 46.74 -15.08 -12.37
CMD 07D OA . 49.76 -7.98 -11.06
NA 07D OA . 46.25 -10.83 -6.39
NC 07D OA . 46.34 -12.23 -10.46
O1A 07D OA . 45.14 -5.81 -3.17
O1D 07D OA . 50.67 -8.67 -5.66
O2A 07D OA . 44.79 -6.61 -1.11
O2D 07D OA . 49.53 -7.28 -4.34
OBB 07D OA . 43.24 -16.49 -9.74
OBD 07D OA . 49.77 -6.33 -7.94
MG 07D OA . 46.04 -11.47 -8.44
C1M CRT PA . 49.09 3.71 16.83
O1 CRT PA . 50.06 2.80 16.33
C1 CRT PA . 50.94 2.22 17.31
C2 CRT PA . 51.72 3.30 18.06
C3 CRT PA . 50.15 1.37 18.30
C4 CRT PA . 51.90 1.31 16.50
C5 CRT PA . 51.23 0.44 15.50
C6 CRT PA . 51.68 0.27 14.26
C7 CRT PA . 51.05 -0.57 13.22
C8 CRT PA . 50.26 -1.72 13.70
C9 CRT PA . 51.24 -0.30 11.91
C10 CRT PA . 50.69 -1.00 10.78
C11 CRT PA . 50.88 -0.57 9.51
C12 CRT PA . 50.35 -1.19 8.28
C13 CRT PA . 49.78 -2.55 8.39
C14 CRT PA . 50.46 -0.49 7.12
C15 CRT PA . 50.02 -0.84 5.79
C16 CRT PA . 50.21 -0.01 4.74
C17 CRT PA . 49.79 -0.22 3.35
C18 CRT PA . 49.62 -1.61 2.89
C19 CRT PA . 49.61 0.87 2.57
C20 CRT PA . 49.18 0.92 1.20
C21 CRT PA . 48.82 2.05 0.52
C22 CRT PA . 48.35 2.11 -0.84
C23 CRT PA . 47.84 3.20 -1.48
C24 CRT PA . 47.70 4.55 -0.87
C25 CRT PA . 47.36 3.02 -2.85
C26 CRT PA . 46.63 3.90 -3.56
C27 CRT PA . 46.17 3.57 -4.90
C28 CRT PA . 45.34 4.27 -5.70
C29 CRT PA . 44.74 5.59 -5.36
C30 CRT PA . 44.99 3.68 -6.99
C31 CRT PA . 44.17 4.18 -7.94
C32 CRT PA . 43.92 3.38 -9.12
C33 CRT PA . 43.12 3.65 -10.19
C34 CRT PA . 42.32 4.88 -10.36
C35 CRT PA . 43.06 2.62 -11.24
C36 CRT PA . 42.49 2.73 -12.44
C37 CRT PA . 42.50 1.61 -13.41
C38 CRT PA . 41.14 0.92 -13.64
C39 CRT PA . 41.21 -0.07 -14.79
C40 CRT PA . 40.68 0.22 -12.36
O2 CRT PA . 40.25 2.01 -13.91
C2M CRT PA . 38.96 1.66 -14.32
C4 07D QA . 50.67 4.79 -7.07
C5 07D QA . 52.84 4.09 -8.18
C6 07D QA . 52.89 3.60 -9.64
C7 07D QA . 52.08 4.48 -10.56
C8 07D QA . 52.26 4.66 -11.87
C10 07D QA . 51.33 5.54 -12.66
C13 07D QA . 52.15 5.49 -16.17
C15 07D QA . 51.53 5.42 -17.54
C17 07D QA . 51.36 4.23 -19.75
C20 07D QA . 50.85 3.86 -22.15
C1 07D QA . 50.40 1.94 -6.08
C11 07D QA . 51.96 6.38 -13.79
C12 07D QA . 51.46 5.96 -15.14
C14 07D QA . 53.62 5.16 -16.11
C16 07D QA . 52.16 4.37 -18.48
C18 07D QA . 51.79 4.01 -20.98
C19 07D QA . 53.24 3.88 -21.33
C2 07D QA . 51.46 2.43 -7.00
C3 07D QA . 51.60 3.67 -7.44
C9 07D QA . 53.33 3.96 -12.67
NB 07D QA . 48.95 -1.27 -12.76
ND 07D QA . 47.26 -4.62 -11.06
C1A 07D QA . 47.91 -2.46 -8.77
C1B 07D QA . 49.22 -0.11 -12.13
C1C 07D QA . 48.29 -3.44 -14.83
C1D 07D QA . 46.72 -5.75 -11.61
C2A 07D QA . 48.26 -1.57 -7.61
C2B 07D QA . 49.58 0.83 -13.13
C2C 07D QA . 48.04 -4.31 -16.06
C2D 07D QA . 46.12 -6.41 -10.58
C3A 07D QA . 48.44 -0.22 -8.35
C3B 07D QA . 49.53 0.23 -14.39
C3C 07D QA . 47.28 -5.51 -15.44
C3D 07D QA . 46.32 -5.66 -9.41
C4A 07D QA . 48.60 -0.73 -9.76
C4B 07D QA . 49.10 -1.12 -14.11
C4C 07D QA . 47.32 -5.22 -13.97
C4D 07D QA . 47.00 -4.57 -9.73
CAA 07D QA . 49.54 -2.07 -6.94
CAB 07D QA . 49.82 0.77 -15.72
CAC 07D QA . 47.94 -6.87 -15.74
CAD 07D QA . 46.04 -5.64 -7.97
CBA 07D QA . 49.71 -1.63 -5.49
CBB 07D QA . 49.76 2.24 -16.00
CBC 07D QA . 47.72 -7.34 -17.17
CBD 07D QA . 46.78 -4.42 -7.43
CED 07D QA . 45.35 -2.69 -4.48
CGA 07D QA . 49.58 -0.16 -5.30
CGD 07D QA . 45.79 -3.58 -6.61
CHA 07D QA . 47.30 -3.67 -8.68
CHB 07D QA . 49.17 0.12 -10.78
CHC 07D QA . 48.88 -2.13 -15.01
CHD 07D QA . 46.83 -6.05 -13.02
CMA 07D QA . 47.24 0.70 -8.24
CMB 07D QA . 49.97 2.25 -12.68
CMC 07D QA . 47.22 -3.58 -17.10
CMD 07D QA . 45.39 -7.72 -10.67
NA 07D QA . 48.30 -1.98 -9.91
NC 07D QA . 47.94 -3.99 -13.72
O1A 07D QA . 48.67 0.40 -4.74
O1D 07D QA . 44.71 -3.25 -7.00
O2A 07D QA . 50.52 0.49 -5.98
O2D 07D QA . 46.22 -3.42 -5.37
OBB 07D QA . 49.95 0.01 -16.67
OBD 07D QA . 45.58 -6.53 -7.30
MG 07D QA . 48.35 -2.98 -11.83
C4 07D RA . 37.26 -19.25 6.75
C5 07D RA . 38.89 -18.95 8.68
C6 07D RA . 40.31 -18.61 9.14
C7 07D RA . 40.39 -18.51 10.64
C8 07D RA . 40.52 -17.43 11.39
C10 07D RA . 40.56 -17.53 12.90
C13 07D RA . 36.79 -17.75 13.38
C15 07D RA . 35.71 -18.50 12.62
C17 07D RA . 34.54 -20.70 12.25
C20 07D RA . 32.43 -21.45 11.19
C1 07D RA . 39.66 -19.23 4.88
C11 07D RA . 39.24 -17.17 13.62
C12 07D RA . 38.07 -18.00 13.16
C14 07D RA . 36.29 -16.63 14.25
C16 07D RA . 35.45 -19.92 13.15
C18 07D RA . 33.22 -20.65 12.19
C19 07D RA . 32.39 -19.81 13.12
C2 07D RA . 39.73 -19.12 6.36
C3 07D RA . 38.69 -19.12 7.20
C9 07D RA . 40.62 -16.03 10.84
NB 07D RA . 37.51 -27.34 -1.51
ND 07D RA . 41.05 -25.35 -2.29
C1A 07D RA . 40.15 -24.76 0.73
C1B 07D RA . 36.88 -27.40 -0.32
C1C 07D RA . 38.68 -28.01 -4.27
C1D 07D RA . 41.88 -25.34 -3.39
C2A 07D RA . 39.88 -24.50 2.20
C2B 07D RA . 35.79 -28.30 -0.47
C2C 07D RA . 39.03 -28.56 -5.63
C2D 07D RA . 42.97 -24.62 -3.03
C3A 07D RA . 38.68 -25.43 2.46
C3B 07D RA . 35.78 -28.79 -1.79
C3C 07D RA . 40.28 -27.74 -6.00
C3D 07D RA . 42.79 -24.20 -1.71
C4A 07D RA . 38.40 -25.93 1.06
C4B 07D RA . 36.92 -28.16 -2.41
C4C 07D RA . 40.53 -26.92 -4.75
C4D 07D RA . 41.63 -24.66 -1.28
CAA 07D RA . 39.54 -23.02 2.44
CAB 07D RA . 34.88 -29.74 -2.46
CAC 07D RA . 40.05 -26.78 -7.18
CAD 07D RA . 43.44 -23.43 -0.65
CBA 07D RA . 39.02 -22.72 3.85
CBB 07D RA . 33.52 -30.02 -1.91
CBC 07D RA . 40.28 -27.42 -8.54
CBD 07D RA . 42.44 -23.46 0.53
CED 07D RA . 44.14 -23.51 3.82
CGA 07D RA . 38.73 -21.27 4.08
CGD 07D RA . 43.22 -24.03 1.71
CHA 07D RA . 41.26 -24.34 0.05
CHB 07D RA . 37.21 -26.71 0.81
CHC 07D RA . 37.36 -28.30 -3.71
CHD 07D RA . 41.52 -26.01 -4.62
CMA 07D RA . 38.99 -26.60 3.39
CMB 07D RA . 34.87 -28.55 0.72
CMC 07D RA . 39.29 -30.07 -5.59
CMD 07D RA . 44.18 -24.29 -3.89
NA 07D RA . 39.24 -25.52 0.17
NC 07D RA . 39.53 -27.17 -3.79
O1A 07D RA . 37.67 -20.76 3.91
O1D 07D RA . 43.87 -25.05 1.67
O2A 07D RA . 39.82 -20.63 4.49
O2D 07D RA . 43.35 -23.12 2.67
OBB 07D RA . 35.08 -30.03 -3.62
OBD 07D RA . 44.34 -22.63 -0.76
MG 07D RA . 39.16 -26.18 -1.89
C1M CRT SA . 43.58 -12.02 23.69
O1 CRT SA . 44.12 -13.24 23.21
C1 CRT SA . 44.24 -14.29 24.18
C2 CRT SA . 45.10 -13.85 25.36
C3 CRT SA . 42.87 -14.71 24.69
C4 CRT SA . 44.90 -15.47 23.46
C5 CRT SA . 44.18 -16.06 22.30
C6 CRT SA . 44.71 -16.16 21.07
C7 CRT SA . 44.10 -16.74 19.88
C8 CRT SA . 43.07 -17.79 20.09
C9 CRT SA . 44.56 -16.40 18.65
C10 CRT SA . 44.11 -16.92 17.36
C11 CRT SA . 44.60 -16.47 16.18
C12 CRT SA . 44.22 -16.95 14.85
C13 CRT SA . 43.51 -18.25 14.79
C14 CRT SA . 44.59 -16.22 13.76
C15 CRT SA . 44.35 -16.50 12.36
C16 CRT SA . 44.96 -15.81 11.37
C17 CRT SA . 44.78 -15.98 9.94
C18 CRT SA . 44.22 -17.26 9.45
C19 CRT SA . 45.14 -14.96 9.12
C20 CRT SA . 44.99 -14.87 7.69
C21 CRT SA . 45.16 -13.75 6.96
C22 CRT SA . 44.95 -13.62 5.53
C23 CRT SA . 44.92 -12.46 4.83
C24 CRT SA . 45.12 -11.11 5.42
C25 CRT SA . 44.63 -12.53 3.40
C26 CRT SA . 44.33 -11.49 2.59
C27 CRT SA . 43.98 -11.71 1.20
C28 CRT SA . 43.55 -10.81 0.28
C29 CRT SA . 43.40 -9.37 0.55
C30 CRT SA . 43.20 -11.32 -1.03
C31 CRT SA . 42.65 -10.65 -2.07
C32 CRT SA . 42.32 -11.35 -3.30
C33 CRT SA . 41.82 -10.87 -4.46
C34 CRT SA . 41.52 -9.45 -4.72
C35 CRT SA . 41.56 -11.83 -5.53
C36 CRT SA . 40.93 -11.59 -6.69
C37 CRT SA . 40.71 -12.66 -7.70
C38 CRT SA . 39.25 -12.86 -8.18
C39 CRT SA . 39.19 -13.89 -9.30
C40 CRT SA . 38.39 -13.31 -7.00
O2 CRT SA . 38.82 -11.57 -8.61
C2M CRT SA . 37.56 -11.51 -9.25
C4 07D TA . 50.46 -15.85 0.06
C5 07D TA . 49.94 -14.67 -2.14
C6 07D TA . 51.26 -13.89 -2.26
C7 07D TA . 51.63 -13.61 -3.68
C8 07D TA . 51.34 -12.52 -4.39
C10 07D TA . 51.86 -12.33 -5.80
C13 07D TA . 51.58 -12.79 -9.01
C15 07D TA . 51.99 -12.81 -10.46
C17 07D TA . 52.25 -14.41 -12.40
C20 07D TA . 52.96 -15.03 -14.69
C1 07D TA . 47.76 -14.92 1.06
C11 07D TA . 51.99 -13.63 -6.62
C12 07D TA . 52.31 -13.40 -8.08
C14 07D TA . 50.25 -12.13 -8.75
C16 07D TA . 51.35 -13.95 -11.29
C18 07D TA . 51.97 -14.53 -13.69
C19 07D TA . 50.58 -14.35 -14.24
C2 07D TA . 48.35 -14.56 -0.25
C3 07D TA . 49.52 -14.96 -0.72
C9 07D TA . 50.50 -11.40 -3.87
NB 07D TA . 45.89 -17.77 -5.88
ND 07D TA . 42.97 -20.29 -4.39
C1A 07D TA . 44.02 -18.37 -2.05
C1B 07D TA . 46.45 -16.74 -5.21
C1C 07D TA . 44.78 -19.70 -8.01
C1D 07D TA . 42.17 -21.22 -5.00
C2A 07D TA . 44.50 -17.57 -0.86
C2B 07D TA . 47.25 -16.04 -6.16
C2C 07D TA . 44.39 -20.45 -9.25
C2D 07D TA . 41.26 -21.61 -4.05
C3A 07D TA . 45.17 -16.39 -1.60
C3B 07D TA . 47.16 -16.67 -7.41
C3C 07D TA . 43.21 -21.32 -8.75
C3D 07D TA . 41.54 -20.89 -2.88
C4A 07D TA . 45.37 -17.02 -2.95
C4B 07D TA . 46.26 -17.78 -7.19
C4C 07D TA . 43.17 -21.01 -7.26
C4D 07D TA . 42.57 -20.09 -3.11
CAA 07D TA . 45.49 -18.41 -0.05
CAB 07D TA . 47.78 -16.35 -8.70
CAC 07D TA . 43.40 -22.82 -8.97
CAD 07D TA . 41.08 -20.70 -1.50
CBA 07D TA . 45.68 -17.95 1.40
CBB 07D TA . 48.26 -14.98 -9.01
CBC 07D TA . 43.24 -23.24 -10.43
CBD 07D TA . 42.10 -19.74 -0.86
CED 07D TA . 41.05 -17.42 1.81
CGA 07D TA . 46.07 -16.52 1.55
CGD 07D TA . 41.33 -18.60 -0.20
CHA 07D TA . 43.01 -19.28 -2.04
CHB 07D TA . 46.30 -16.43 -3.90
CHC 07D TA . 45.84 -18.70 -8.09
CHD 07D TA . 42.37 -21.62 -6.37
CMA 07D TA . 44.29 -15.14 -1.70
CMB 07D TA . 48.04 -14.81 -5.69
CMC 07D TA . 44.00 -19.53 -10.39
CMD 07D TA . 40.17 -22.62 -4.23
NA 07D TA . 44.71 -18.11 -3.12
NC 07D TA . 44.11 -20.02 -6.94
O1A 07D TA . 45.37 -15.67 2.02
O1D 07D TA . 40.62 -17.83 -0.78
O2A 07D TA . 47.25 -16.28 0.97
O2D 07D TA . 41.58 -18.56 1.11
OBB 07D TA . 47.76 -17.17 -9.61
OBD 07D TA . 40.23 -21.32 -0.92
MG 07D TA . 44.61 -19.13 -5.02
C4 07D UA . 28.04 -31.32 12.43
C5 07D UA . 26.51 -30.48 14.28
C6 07D UA . 27.72 -29.85 14.98
C7 07D UA . 27.44 -29.44 16.39
C8 07D UA . 28.00 -28.45 17.08
C10 07D UA . 27.70 -28.24 18.55
C13 07D UA . 24.13 -28.00 18.26
C15 07D UA . 23.12 -26.88 18.19
C17 07D UA . 21.96 -27.69 20.29
C20 07D UA . 21.90 -29.19 22.27
C1 07D UA . 25.89 -30.47 10.44
C11 07D UA . 26.39 -28.83 19.09
C12 07D UA . 25.24 -27.87 18.98
C14 07D UA . 23.86 -29.17 17.36
C16 07D UA . 21.78 -27.23 18.87
C18 07D UA . 21.58 -28.83 20.85
C19 07D UA . 20.80 -29.87 20.10
C2 07D UA . 25.82 -30.30 11.91
C3 07D UA . 26.73 -30.68 12.80
C9 07D UA . 29.14 -27.63 16.54
NB 07D UA . 23.99 -37.62 2.85
ND 07D UA . 28.09 -37.08 2.81
C1A 07D UA . 26.91 -36.09 5.63
C1B 07D UA . 23.17 -37.40 3.90
C1C 07D UA . 25.33 -38.71 0.30
C1D 07D UA . 29.07 -37.42 1.90
C2A 07D UA . 26.46 -35.64 7.02
C2B 07D UA . 21.87 -37.83 3.50
C2C 07D UA . 25.69 -39.38 -1.00
C2D 07D UA . 30.26 -37.09 2.48
C3A 07D UA . 25.00 -36.14 7.04
C3B 07D UA . 21.93 -38.33 2.19
C3C 07D UA . 27.23 -39.15 -1.06
C3D 07D UA . 29.98 -36.59 3.76
C4A 07D UA . 24.83 -36.55 5.60
C4B 07D UA . 23.32 -38.18 1.81
C4C 07D UA . 27.51 -38.43 0.23
C4D 07D UA . 28.68 -36.59 3.94
CAA 07D UA . 26.53 -34.11 7.21
CAB 07D UA . 20.89 -38.89 1.32
CAC 07D UA . 27.68 -38.28 -2.24
CAD 07D UA . 30.64 -36.04 4.94
CBA 07D UA . 26.41 -33.66 8.67
CBB 07D UA . 19.43 -38.68 1.62
CBC 07D UA . 27.78 -39.05 -3.54
CBD 07D UA . 29.51 -35.70 5.91
CED 07D UA . 30.12 -36.34 9.50
CGA 07D UA . 26.03 -32.22 8.85
CGD 07D UA . 29.80 -36.51 7.17
CHA 07D UA . 28.20 -36.09 5.18
CHB 07D UA . 23.51 -36.85 5.11
CHC 07D UA . 23.91 -38.52 0.62
CHD 07D UA . 28.72 -37.97 0.60
CMA 07D UA . 24.74 -37.31 7.98
CMB 07D UA . 20.72 -37.69 4.50
CMC 07D UA . 25.30 -40.84 -1.04
CMD 07D UA . 31.64 -37.27 1.89
NA 07D UA . 25.92 -36.51 4.90
NC 07D UA . 26.33 -38.22 0.96
O1A 07D UA . 25.48 -31.57 8.01
O1D 07D UA . 30.33 -37.59 7.17
O2A 07D UA . 26.11 -31.88 10.13
O2D 07D UA . 29.67 -35.75 8.25
OBB 07D UA . 21.17 -39.24 0.18
OBD 07D UA . 31.76 -35.59 5.00
MG 07D UA . 25.99 -37.17 2.85
C1M CRT VA . 30.14 -24.52 27.97
O1 CRT VA . 31.03 -24.92 29.00
C1 CRT VA . 30.67 -26.03 29.85
C2 CRT VA . 31.55 -25.99 31.09
C3 CRT VA . 29.19 -25.98 30.25
C4 CRT VA . 30.97 -27.37 29.15
C5 CRT VA . 30.23 -27.81 27.93
C6 CRT VA . 30.85 -28.39 26.88
C7 CRT VA . 30.24 -28.86 25.63
C8 CRT VA . 28.82 -29.28 25.71
C9 CRT VA . 30.98 -28.97 24.50
C10 CRT VA . 30.54 -29.45 23.21
C11 CRT VA . 31.32 -29.37 22.09
C12 CRT VA . 30.98 -29.80 20.74
C13 CRT VA . 29.73 -30.60 20.56
C14 CRT VA . 31.81 -29.44 19.72
C15 CRT VA . 31.73 -29.69 18.30
C16 CRT VA . 32.72 -29.33 17.45
C17 CRT VA . 32.73 -29.47 16.00
C18 CRT VA . 31.80 -30.46 15.38
C19 CRT VA . 33.58 -28.68 15.28
C20 CRT VA . 33.73 -28.60 13.84
C21 CRT VA . 34.41 -27.64 13.18
C22 CRT VA . 34.52 -27.50 11.73
C23 CRT VA . 34.96 -26.41 11.07
C24 CRT VA . 35.47 -25.18 11.73
C25 CRT VA . 34.95 -26.40 9.60
C26 CRT VA . 35.31 -25.36 8.80
C27 CRT VA . 35.21 -25.45 7.36
C28 CRT VA . 35.43 -24.49 6.42
C29 CRT VA . 35.86 -23.10 6.73
C30 CRT VA . 35.22 -24.84 5.03
C31 CRT VA . 35.16 -24.02 3.96
C32 CRT VA . 34.91 -24.58 2.65
C33 CRT VA . 34.81 -23.97 1.45
C34 CRT VA . 34.97 -22.52 1.22
C35 CRT VA . 34.53 -24.83 0.30
C36 CRT VA . 34.02 -24.50 -0.90
C37 CRT VA . 33.81 -25.50 -1.96
C38 CRT VA . 32.43 -25.56 -2.63
C39 CRT VA . 32.04 -24.23 -3.28
C40 CRT VA . 32.46 -26.63 -3.72
O2 CRT VA . 31.51 -26.00 -1.63
C2M CRT VA . 30.76 -25.01 -0.94
C4 07D WA . 39.30 -27.97 6.65
C5 07D WA . 40.28 -29.67 5.02
C6 07D WA . 41.77 -29.31 5.21
C7 07D WA . 42.39 -28.81 3.93
C8 07D WA . 42.98 -29.53 2.98
C10 07D WA . 43.55 -28.90 1.74
C13 07D WA . 43.81 -29.43 -1.62
C15 07D WA . 44.10 -29.02 -3.04
C17 07D WA . 44.27 -30.90 -4.76
C20 07D WA . 45.24 -32.31 -6.54
C1 07D WA . 37.64 -30.21 7.83
C11 07D WA . 42.57 -28.91 0.55
C12 07D WA . 43.21 -28.59 -0.78
C14 07D WA . 44.10 -30.86 -1.30
C16 07D WA . 43.38 -29.86 -4.12
C18 07D WA . 44.27 -31.29 -6.02
C19 07D WA . 43.33 -30.76 -7.05
C2 07D WA . 38.68 -30.38 6.77
C3 07D WA . 39.39 -29.41 6.22
C9 07D WA . 43.13 -31.03 3.05
NB 07D WA . 36.13 -32.00 0.55
ND 07D WA . 32.25 -33.18 1.30
C1A 07D WA . 33.40 -31.62 3.85
C1B 07D WA . 36.90 -31.24 1.36
C1C 07D WA . 34.86 -33.48 -1.83
C1D 07D WA . 31.29 -33.74 0.50
C2A 07D WA . 33.91 -31.05 5.16
C2B 07D WA . 38.08 -30.93 0.64
C2C 07D WA . 34.46 -34.06 -3.16
C2D 07D WA . 30.13 -33.72 1.23
C3A 07D WA . 35.14 -30.26 4.65
C3B 07D WA . 38.01 -31.51 -0.63
C3C 07D WA . 32.98 -34.39 -2.95
C3D 07D WA . 30.42 -33.14 2.46
C4A 07D WA . 35.33 -30.93 3.31
C4B 07D WA . 36.73 -32.19 -0.65
C4C 07D WA . 32.75 -34.04 -1.49
C4D 07D WA . 31.70 -32.80 2.49
CAA 07D WA . 34.27 -32.19 6.10
CAB 07D WA . 38.97 -31.49 -1.75
CAC 07D WA . 32.65 -35.88 -3.18
CAD 07D WA . 29.81 -32.76 3.74
CBA 07D WA . 34.31 -31.81 7.58
CBB 07D WA . 39.98 -30.39 -1.89
CBC 07D WA . 32.56 -36.25 -4.64
CBD 07D WA . 30.97 -32.26 4.61
CED 07D WA . 30.19 -29.71 7.18
CGA 07D WA . 35.32 -30.74 7.88
CGD 07D WA . 30.57 -30.90 5.19
CHA 07D WA . 32.19 -32.19 3.66
CHB 07D WA . 36.62 -30.85 2.64
CHC 07D WA . 36.19 -32.91 -1.67
CHD 07D WA . 31.60 -34.22 -0.83
CMA 07D WA . 34.89 -28.77 4.47
CMB 07D WA . 39.15 -30.08 1.32
CMC 07D WA . 34.68 -33.09 -4.31
CMD 07D WA . 28.79 -34.24 0.78
NA 07D WA . 34.33 -31.66 2.93
NC 07D WA . 33.93 -33.52 -0.93
O1A 07D WA . 35.05 -29.63 8.24
O1D 07D WA . 30.20 -29.96 4.53
O2A 07D WA . 36.55 -31.14 7.55
O2D 07D WA . 30.49 -30.96 6.51
OBB 07D WA . 38.86 -32.29 -2.66
OBD 07D WA . 28.71 -33.06 4.14
MG 07D WA . 34.30 -32.76 1.07
C4 07D XA . -35.55 21.63 -6.98
C5 07D XA . -37.01 22.95 -5.37
C6 07D XA . -38.40 23.21 -4.76
C7 07D XA . -38.30 24.01 -3.49
C8 07D XA . -38.45 23.58 -2.24
C10 07D XA . -38.20 24.48 -1.05
C13 07D XA . -35.14 25.78 -1.25
C15 07D XA . -33.83 26.10 -1.94
C17 07D XA . -32.26 25.42 -3.80
C20 07D XA . -29.94 25.89 -4.50
C1 07D XA . -38.09 20.53 -8.23
C11 07D XA . -37.69 25.91 -1.31
C12 07D XA . -36.30 25.96 -1.88
C14 07D XA . -35.03 25.42 0.20
C16 07D XA . -33.40 24.99 -2.90
C18 07D XA . -30.97 25.44 -3.51
C19 07D XA . -30.41 24.98 -2.20
C2 07D XA . -38.04 21.52 -7.12
C3 07D XA . -36.94 22.00 -6.55
C9 07D XA . -38.81 22.15 -1.89
NB 07D XA . -35.93 21.63 -18.57
ND 07D XA . -39.52 19.78 -17.68
C1A 07D XA . -38.49 21.40 -15.11
C1B 07D XA . -35.24 22.45 -17.76
C1C 07D XA . -37.21 20.26 -21.01
C1D 07D XA . -40.43 19.10 -18.46
C2A 07D XA . -38.17 22.24 -13.88
C2B 07D XA . -34.14 22.96 -18.52
C2C 07D XA . -37.69 19.86 -22.38
C2D 07D XA . -41.51 18.85 -17.65
C3A 07D XA . -36.95 23.04 -14.37
C3B 07D XA . -34.21 22.42 -19.82
C3C 07D XA . -39.11 19.32 -22.10
C3D 07D XA . -41.23 19.40 -16.40
C4A 07D XA . -36.74 22.44 -15.73
C4B 07D XA . -35.38 21.58 -19.81
C4C 07D XA . -39.14 19.28 -20.58
C4D 07D XA . -40.03 19.96 -16.43
CAA 07D XA . -37.83 21.34 -12.69
CAB 07D XA . -33.33 22.61 -20.98
CAC 07D XA . -39.39 17.94 -22.70
CAD 07D XA . -41.80 19.55 -15.06
CBA 07D XA . -37.24 22.08 -11.49
CBB 07D XA . -31.92 23.13 -20.81
CBC 07D XA . -38.55 16.83 -22.09
CBD 07D XA . -40.75 20.34 -14.26
CED 07D XA . -42.20 22.67 -11.82
CGA 07D XA . -37.06 21.22 -10.28
CGD 07D XA . -41.47 21.59 -13.77
CHA 07D XA . -39.58 20.59 -15.24
CHB 07D XA . -35.52 22.73 -16.46
CHC 07D XA . -35.88 20.83 -20.83
CHD 07D XA . -40.15 18.77 -19.85
CMA 07D XA . -37.20 24.55 -14.48
CMB 07D XA . -33.16 23.92 -17.85
CMC 07D XA . -37.68 21.03 -23.36
CMD 07D XA . -42.78 18.11 -18.01
NA 07D XA . -37.62 21.55 -16.06
NC 07D XA . -38.04 19.95 -20.05
O1A 07D XA . -36.07 20.58 -10.02
O1D 07D XA . -42.29 22.19 -14.42
O2A 07D XA . -38.15 21.24 -9.51
O2D 07D XA . -41.33 21.71 -12.45
OBB 07D XA . -33.59 22.07 -22.04
OBD 07D XA . -42.67 18.88 -14.57
MG 07D XA . -37.61 20.59 -18.01
C4 07D YA . 9.64 -36.80 15.42
C5 07D YA . 11.87 -37.34 16.48
C6 07D YA . 12.47 -36.14 17.24
C7 07D YA . 11.71 -35.79 18.49
C8 07D YA . 12.21 -35.26 19.60
C10 07D YA . 11.41 -35.19 20.88
C13 07D YA . 8.61 -33.42 20.86
C15 07D YA . 7.76 -32.40 20.14
C17 07D YA . 7.85 -30.18 18.95
C20 07D YA . 6.41 -28.48 17.88
C1 07D YA . 11.09 -36.67 12.75
C11 07D YA . 9.93 -35.59 20.78
C12 07D YA . 9.09 -34.48 20.22
C14 07D YA . 8.86 -33.14 22.31
C16 07D YA . 8.44 -31.03 20.04
C18 07D YA . 6.88 -29.29 19.04
C19 07D YA . 6.23 -28.93 20.35
C2 07D YA . 11.74 -36.79 14.09
C3 07D YA . 11.12 -36.89 15.26
C9 07D YA . 13.62 -34.74 19.70
NB 07D YA . 7.50 -42.63 4.76
ND 07D YA . 11.52 -43.43 5.32
C1A 07D YA . 10.31 -42.12 7.98
C1B 07D YA . 6.64 -42.16 5.69
C1C 07D YA . 8.77 -44.08 2.37
C1D 07D YA . 12.44 -44.09 4.55
C2A 07D YA . 9.83 -41.57 9.31
C2B 07D YA . 5.34 -42.19 5.12
C2C 07D YA . 9.09 -44.87 1.12
C2D 07D YA . 13.58 -44.19 5.32
C3A 07D YA . 8.30 -41.56 9.11
C3B 07D YA . 5.42 -42.69 3.80
C3C 07D YA . 10.59 -45.21 1.31
C3D 07D YA . 13.30 -43.59 6.55
C4A 07D YA . 8.22 -41.93 7.64
C4B 07D YA . 6.83 -42.97 3.62
C4C 07D YA . 10.91 -44.55 2.64
C4D 07D YA . 12.05 -43.15 6.53
CAA 07D YA . 10.38 -40.16 9.56
CAB 07D YA . 4.39 -42.92 2.80
CAC 07D YA . 11.51 -44.63 0.24
CAD 07D YA . 13.91 -43.28 7.84
CBA 07D YA . 9.82 -39.52 10.84
CBB 07D YA . 2.99 -42.40 2.98
CBC 07D YA . 11.45 -45.37 -1.08
CBD 07D YA . 12.83 -42.53 8.63
CED 07D YA . 13.15 -43.15 12.25
CGA 07D YA . 10.29 -38.12 11.06
CGD 07D YA . 12.67 -43.29 9.94
CHA 07D YA . 11.58 -42.50 7.71
CHB 07D YA . 6.97 -41.75 6.94
CHC 07D YA . 7.46 -43.48 2.51
CHD 07D YA . 12.14 -44.52 3.20
CMA 07D YA . 7.55 -42.57 9.97
CMB 07D YA . 4.17 -41.69 5.97
CMC 07D YA . 8.20 -46.10 0.97
CMD 07D YA . 14.89 -44.82 4.94
NA 07D YA . 9.36 -42.19 7.09
NC 07D YA . 9.76 -43.94 3.17
O1A 07D YA . 9.90 -37.17 10.43
O1D 07D YA . 12.61 -44.48 10.02
O2A 07D YA . 10.93 -38.01 12.22
O2D 07D YA . 12.97 -42.50 10.97
OBB 07D YA . 4.70 -43.30 1.68
OBD 07D YA . 15.09 -43.27 8.10
MG 07D YA . 9.53 -42.81 5.02
C4 07D ZA . -6.56 -36.32 13.63
C5 07D ZA . -6.22 -37.16 15.99
C6 07D ZA . -5.40 -38.03 16.97
C7 07D ZA . -5.85 -37.83 18.39
C8 07D ZA . -5.23 -37.19 19.38
C10 07D ZA . -5.85 -37.08 20.75
C13 07D ZA . -7.27 -33.91 21.16
C15 07D ZA . -7.06 -32.51 20.63
C17 07D ZA . -8.00 -30.62 19.28
C20 07D ZA . -7.42 -28.93 17.57
C1 07D ZA . -4.74 -38.52 12.66
C11 07D ZA . -7.24 -36.41 20.75
C12 07D ZA . -7.18 -34.97 20.36
C14 07D ZA . -7.50 -34.00 22.65
C16 07D ZA . -8.28 -31.96 19.89
C18 07D ZA . -7.72 -30.33 18.02
C19 07D ZA . -7.88 -31.32 16.91
C2 07D ZA . -5.10 -38.27 14.08
C3 07D ZA . -5.90 -37.31 14.53
C9 07D ZA . -3.88 -36.55 19.23
NB 07D ZA . -9.80 -42.33 4.33
ND 07D ZA . -6.35 -44.35 5.36
C1A 07D ZA . -7.45 -42.76 7.91
C1B 07D ZA . -10.61 -41.66 5.18
C1C 07D ZA . -8.71 -44.07 2.05
C1D 07D ZA . -5.58 -45.27 4.67
C2A 07D ZA . -7.91 -42.11 9.20
C2B 07D ZA . -11.76 -41.27 4.43
C2C 07D ZA . -8.49 -44.91 0.81
C2D 07D ZA . -4.65 -45.73 5.58
C3A 07D ZA . -9.34 -41.65 8.81
C3B 07D ZA . -11.64 -41.73 3.12
C3C 07D ZA . -7.17 -45.64 1.14
C3D 07D ZA . -4.90 -45.08 6.79
C4A 07D ZA . -9.30 -41.90 7.32
C4B 07D ZA . -10.36 -42.41 3.10
C4C 07D ZA . -6.88 -45.19 2.56
C4D 07D ZA . -5.91 -44.27 6.65
CAA 07D ZA . -7.00 -40.94 9.58
CAB 07D ZA . -12.52 -41.59 1.95
CAC 07D ZA . -5.99 -45.25 0.24
CAD 07D ZA . -4.40 -45.00 8.16
CBA 07D ZA . -7.48 -40.12 10.76
CBB 07D ZA . -13.60 -40.55 1.94
CBC 07D ZA . -5.95 -46.02 -1.06
CBD 07D ZA . -5.29 -43.95 8.86
CED 07D ZA . -5.81 -44.72 12.41
CGA 07D ZA . -6.52 -39.05 11.17
CGD 07D ZA . -5.91 -44.67 10.06
CHA 07D ZA . -6.32 -43.51 7.78
CHB 07D ZA . -10.37 -41.39 6.49
CHC 07D ZA . -9.77 -43.06 2.04
CHD 07D ZA . -5.81 -45.58 3.28
CMA 07D ZA . -10.46 -42.45 9.47
CMB 07D ZA . -12.85 -40.47 5.15
CMC 07D ZA . -9.66 -45.85 0.54
CMD 07D ZA . -3.57 -46.75 5.33
NA 07D ZA . -8.24 -42.51 6.90
NC 07D ZA . -7.84 -44.25 2.98
O1A 07D ZA . -6.48 -37.94 10.70
O1D 07D ZA . -6.28 -45.81 10.05
O2A 07D ZA . -5.67 -39.49 12.10
O2D 07D ZA . -5.66 -43.99 11.17
OBB 07D ZA . -12.19 -42.04 0.87
OBD 07D ZA . -3.32 -45.35 8.57
MG 07D ZA . -7.98 -43.13 4.84
C4 07D AB . -21.88 -31.82 11.76
C5 07D AB . -22.31 -32.75 14.09
C6 07D AB . -21.93 -33.79 15.16
C7 07D AB . -22.36 -33.32 16.53
C8 07D AB . -21.59 -33.00 17.57
C10 07D AB . -22.17 -32.26 18.75
C13 07D AB . -23.57 -29.29 19.68
C15 07D AB . -24.00 -28.51 20.90
C17 07D AB . -26.19 -27.63 20.02
C20 07D AB . -27.82 -27.07 18.24
C1 07D AB . -20.84 -34.57 10.98
C11 07D AB . -23.47 -31.50 18.44
C12 07D AB . -23.87 -30.57 19.54
C14 07D AB . -22.68 -28.53 18.73
C16 07D AB . -25.52 -28.43 21.11
C18 07D AB . -27.28 -27.95 19.34
C19 07D AB . -28.13 -29.14 19.66
C2 07D AB . -21.37 -34.21 12.32
C3 07D AB . -21.83 -33.01 12.68
C9 07D AB . -20.11 -33.19 17.59
NB 07D AB . -25.80 -36.09 1.92
ND 07D AB . -23.44 -39.22 3.23
C1A 07D AB . -24.27 -37.38 5.73
C1B 07D AB . -26.39 -35.16 2.69
C1C 07D AB . -25.16 -38.12 -0.29
C1D 07D AB . -22.94 -40.34 2.60
C2A 07D AB . -24.63 -36.62 6.97
C2B 07D AB . -27.21 -34.37 1.84
C2C 07D AB . -25.09 -38.98 -1.53
C2D 07D AB . -22.35 -41.10 3.59
C3A 07D AB . -25.72 -35.66 6.45
C3B 07D AB . -27.09 -34.85 0.53
C3C 07D AB . -24.16 -40.13 -1.09
C3D 07D AB . -22.53 -40.42 4.79
C4A 07D AB . -25.62 -35.93 4.97
C4B 07D AB . -26.18 -35.97 0.63
C4C 07D AB . -23.88 -39.80 0.36
C4D 07D AB . -23.19 -39.31 4.57
CAA 07D AB . -23.40 -35.87 7.53
CAB 07D AB . -27.72 -34.38 -0.72
CAC 07D AB . -22.83 -40.19 -1.86
CAD 07D AB . -22.22 -40.54 6.22
CBA 07D AB . -23.71 -34.93 8.69
CBB 07D AB . -28.21 -32.97 -0.84
CBC 07D AB . -22.95 -40.86 -3.21
CBD 07D AB . -22.79 -39.25 6.86
CED 07D AB . -24.12 -39.59 10.28
CGA 07D AB . -22.49 -34.30 9.28
CGD 07D AB . -23.72 -39.72 7.96
CHA 07D AB . -23.47 -38.48 5.69
CHB 07D AB . -26.24 -35.00 4.04
CHC 07D AB . -25.75 -36.79 -0.38
CHD 07D AB . -23.07 -40.52 1.17
CMA 07D AB . -27.12 -35.95 6.97
CMB 07D AB . -27.99 -33.22 2.46
CMC 07D AB . -26.47 -39.46 -2.00
CMD 07D AB . -21.65 -42.42 3.41
NA 07D AB . -24.79 -36.88 4.65
NC 07D AB . -24.54 -38.62 0.73
O1A 07D AB . -22.02 -33.26 8.93
O1D 07D AB . -24.37 -40.73 7.91
O2A 07D AB . -21.91 -35.13 10.16
O2D 07D AB . -23.47 -39.07 9.09
OBB 07D AB . -27.48 -34.96 -1.76
OBD 07D AB . -21.42 -41.27 6.75
MG 07D AB . -24.49 -37.52 2.61
C4 07D BB . -33.77 -21.12 8.57
C5 07D BB . -35.09 -21.02 10.73
C6 07D BB . -36.32 -20.20 10.31
C7 07D BB . -36.43 -18.92 11.09
C8 07D BB . -35.76 -17.79 10.88
C10 07D BB . -35.84 -16.63 11.84
C13 07D BB . -34.39 -13.79 10.98
C15 07D BB . -33.18 -13.46 10.13
C17 07D BB . -31.32 -14.41 8.71
C20 07D BB . -29.09 -14.84 7.71
C1 07D BB . -34.44 -24.03 8.37
C11 07D BB . -36.40 -15.33 11.25
C12 07D BB . -35.38 -14.53 10.49
C14 07D BB . -34.24 -13.47 12.44
C16 07D BB . -32.62 -14.70 9.43
C18 07D BB . -30.35 -15.26 8.42
C19 07D BB . -30.42 -16.72 8.75
C2 07D BB . -34.84 -23.16 9.51
C3 07D BB . -34.58 -21.86 9.59
C9 07D BB . -34.72 -17.65 9.80
NB 07D BB . -37.66 -24.27 -2.13
ND 07D BB . -36.87 -28.04 -0.65
C1A 07D BB . -37.16 -25.99 1.79
C1B 07D BB . -37.92 -23.17 -1.41
C1C 07D BB . -37.60 -26.43 -4.32
C1D 07D BB . -36.77 -29.27 -1.26
C2A 07D BB . -37.33 -25.11 3.02
C2B 07D BB . -38.27 -22.14 -2.33
C2C 07D BB . -37.67 -27.26 -5.58
C2D 07D BB . -36.66 -30.19 -0.26
C3A 07D BB . -37.76 -23.77 2.39
C3B 07D BB . -38.23 -22.65 -3.63
C3C 07D BB . -37.35 -28.67 -5.05
C3D 07D BB . -36.71 -29.49 0.95
C4A 07D BB . -37.62 -24.09 0.92
C4B 07D BB . -37.83 -24.03 -3.46
C4C 07D BB . -37.15 -28.44 -3.57
C4D 07D BB . -36.84 -28.21 0.70
CAA 07D BB . -36.02 -24.96 3.83
CAB 07D BB . -38.49 -22.02 -4.94
CAC 07D BB . -36.06 -29.27 -5.63
CAD 07D BB . -36.66 -29.71 2.39
CBA 07D BB . -36.17 -24.12 5.10
CBB 07D BB . -38.55 -20.53 -5.07
CBC 07D BB . -36.25 -29.91 -6.99
CBD 07D BB . -36.76 -28.30 3.01
CED 07D BB . -38.68 -28.01 6.15
CGA 07D BB . -35.03 -24.22 6.07
CGD 07D BB . -37.98 -28.35 3.94
CHA 07D BB . -36.91 -27.32 1.81
CHB 07D BB . -37.85 -23.05 -0.05
CHC 07D BB . -37.63 -24.98 -4.43
CHD 07D BB . -36.78 -29.41 -2.71
CMA 07D BB . -39.19 -23.35 2.73
CMB 07D BB . -38.62 -20.76 -1.77
CMC 07D BB . -39.04 -27.16 -6.24
CMD 07D BB . -36.50 -31.68 -0.40
NA 07D BB . -37.27 -25.32 0.68
NC 07D BB . -37.33 -27.10 -3.25
O1A 07D BB . -33.96 -24.70 5.82
O1D 07D BB . -38.98 -28.96 3.69
O2A 07D BB . -35.40 -23.80 7.29
O2D 07D BB . -37.65 -27.92 5.15
OBB 07D BB . -38.34 -22.65 -5.96
OBD 07D BB . -36.28 -30.69 2.99
MG 07D BB . -37.07 -26.06 -1.34
C4 07D CB . -14.98 -17.00 10.71
C5 07D CB . -15.90 -19.19 9.81
C6 07D CB . -17.35 -19.47 10.24
C7 07D CB . -18.36 -19.11 9.20
C8 07D CB . -18.66 -19.79 8.09
C10 07D CB . -19.79 -19.36 7.19
C13 07D CB . -21.13 -17.57 4.46
C15 07D CB . -20.82 -16.15 4.88
C17 07D CB . -21.50 -14.30 6.48
C20 07D CB . -20.86 -11.94 6.81
C1 07D CB . -15.95 -15.67 8.16
C11 07D CB . -19.32 -18.63 5.92
C12 07D CB . -20.41 -18.60 4.89
C14 07D CB . -22.23 -17.70 3.45
C16 07D CB . -21.37 -15.78 6.27
C18 07D CB . -20.54 -13.39 6.60
C19 07D CB . -19.10 -13.73 6.71
C2 07D CB . -15.96 -17.14 8.41
C3 07D CB . -15.58 -17.73 9.55
C9 07D CB . -18.02 -21.10 7.73
NB 07D CB . -20.83 -18.41 11.39
ND 07D CB . -18.07 -17.21 14.24
C1A 07D CB . -18.79 -14.70 12.32
C1B 07D CB . -21.38 -17.63 10.43
C1C 07D CB . -19.98 -20.68 13.29
C1D 07D CB . -17.43 -17.88 15.25
C2A 07D CB . -19.23 -13.43 11.61
C2B 07D CB . -22.27 -18.45 9.70
C2C 07D CB . -19.70 -21.99 13.99
C2D 07D CB . -16.65 -16.96 15.88
C3A 07D CB . -20.12 -13.99 10.49
C3B 07D CB . -22.25 -19.74 10.25
C3C 07D CB . -18.54 -21.61 14.94
C3D 07D CB . -16.80 -15.74 15.21
C4A 07D CB . -20.16 -15.44 10.87
C4B 07D CB . -21.31 -19.67 11.34
C4C 07D CB . -18.45 -20.10 14.75
C4D 07D CB . -17.68 -15.91 14.23
CAA 07D CB . -18.08 -12.56 11.03
CAB 07D CB . -22.99 -20.94 9.85
CAC 07D CB . -17.21 -22.29 14.59
CAD 07D CB . -16.39 -14.35 15.24
CBA 07D CB . -16.77 -13.26 10.67
CBB 07D CB . -23.18 -21.27 8.40
CBC 07D CB . -16.68 -21.92 13.22
CBD 07D CB . -17.06 -13.69 14.03
CED 07D CB . -19.80 -11.56 15.31
CGA 07D CB . -16.69 -13.71 9.24
CGD 07D CB . -17.77 -12.42 14.50
CHA 07D CB . -17.99 -14.77 13.44
CHB 07D CB . -21.12 -16.31 10.21
CHC 07D CB . -20.93 -20.68 12.19
CHD 07D CB . -17.66 -19.30 15.49
CMA 07D CB . -21.52 -13.38 10.46
CMB 07D CB . -23.06 -17.87 8.53
CMC 07D CB . -20.94 -22.48 14.73
CMD 07D CB . -15.74 -17.21 17.06
NA 07D CB . -19.41 -15.76 11.87
NC 07D CB . -19.22 -19.70 13.66
O1A 07D CB . -16.19 -13.03 8.38
O1D 07D CB . -17.24 -11.35 14.60
O2A 07D CB . -16.74 -15.03 9.20
O2D 07D CB . -18.98 -12.70 14.95
OBB 07D CB . -23.25 -21.80 10.68
OBD 07D CB . -15.84 -13.77 16.16
MG 07D CB . -19.45 -17.73 12.75
CAD PGW DB . -18.20 -22.38 -6.64
OAE PGW DB . -17.49 -22.57 -5.41
OAF PGW DB . -18.03 -21.03 -8.66
P PGW DB . -14.20 -24.15 -7.51
C01 PGW DB . -12.78 -21.29 -5.42
C1 PGW DB . -12.26 -18.80 -7.18
O01 PGW DB . -13.38 -19.52 -7.08
C02 PGW DB . -13.44 -20.94 -6.74
C2 PGW DB . -12.43 -17.30 -7.19
O02 PGW DB . -11.15 -19.29 -7.28
C03 PGW DB . -12.90 -21.83 -7.87
C3 PGW DB . -11.14 -16.51 -6.93
O03 PGW DB . -13.17 -20.46 -4.28
C04 PGW DB . -16.32 -22.69 -8.28
C4 PGW DB . -10.92 -16.30 -5.43
O04 PGW DB . -15.34 -20.99 -4.33
C05 PGW DB . -17.27 -21.67 -7.64
C5 PGW DB . -9.65 -15.47 -5.23
C06 PGW DB . -13.32 -12.32 -1.83
C6 PGW DB . -9.72 -14.61 -3.97
C07 PGW DB . -14.73 -12.47 -2.43
C7 PGW DB . -10.70 -13.43 -4.10
C08 PGW DB . -15.70 -11.48 -1.76
C8 PGW DB . -10.50 -12.51 -2.88
C09 PGW DB . -17.09 -11.59 -2.39
C9 PGW DB . -11.34 -11.27 -2.93
C10 PGW DB . -12.58 -11.18 -2.48
C11 PGW DB . -18.17 -11.02 -1.48
O11 PGW DB . -12.90 -23.21 -7.47
C12 PGW DB . -17.90 -9.55 -1.14
O12 PGW DB . -15.49 -23.21 -7.26
C13 PGW DB . -19.03 -8.97 -0.29
O13 PGW DB . -14.12 -25.21 -6.32
C14 PGW DB . -20.25 -8.68 -1.18
O14 PGW DB . -14.34 -24.84 -8.80
C15 PGW DB . -18.85 -14.47 1.79
C16 PGW DB . -19.33 -13.29 2.65
C17 PGW DB . -20.59 -12.65 2.06
C18 PGW DB . -21.12 -11.53 2.98
C19 PGW DB . -14.42 -20.45 -3.77
C20 PGW DB . -14.61 -19.85 -2.40
C21 PGW DB . -14.72 -18.33 -2.40
C22 PGW DB . -14.77 -17.85 -0.94
C23 PGW DB . -14.97 -16.32 -0.85
C24 PGW DB . -15.11 -15.90 0.63
C25 PGW DB . -15.77 -14.52 0.77
C26 PGW DB . -16.34 -14.33 2.18
C27 PGW DB . -17.62 -15.13 2.43
C28 PGW DB . -22.17 -10.69 2.24
C29 PGW DB . -23.44 -8.53 2.19
C30 PGW DB . -22.43 -9.37 2.98
CAD PGW EB . -19.48 -14.57 18.21
OAE PGW EB . -19.56 -13.98 19.51
OAF PGW EB . -21.44 -15.97 18.28
P PGW EB . -22.10 -17.16 15.33
C01 PGW EB . -24.54 -15.57 11.71
C1 PGW EB . -24.49 -13.79 14.39
O01 PGW EB . -24.76 -15.06 14.07
C02 PGW EB . -23.94 -15.75 13.10
C2 PGW EB . -25.48 -13.05 15.25
O02 PGW EB . -23.48 -13.25 14.02
C03 PGW EB . -23.97 -17.25 13.44
C3 PGW EB . -26.90 -13.34 14.77
O03 PGW EB . -24.54 -14.17 11.31
C04 PGW EB . -20.86 -14.95 16.17
C4 PGW EB . -27.10 -12.86 13.33
O04 PGW EB . -25.41 -14.77 9.37
C05 PGW EB . -20.90 -14.79 17.69
C5 PGW EB . -28.01 -13.80 12.51
C06 PGW EB . -32.95 -16.81 15.71
C6 PGW EB . -29.47 -13.68 12.99
C07 PGW EB . -34.48 -16.87 15.55
C7 PGW EB . -30.34 -14.72 12.29
C08 PGW EB . -35.02 -18.21 15.05
C8 PGW EB . -30.33 -16.10 12.97
C09 PGW EB . -34.68 -19.36 16.00
C9 PGW EB . -31.08 -16.13 14.28
C10 PGW EB . -32.22 -16.78 14.39
C11 PGW EB . -35.66 -20.52 15.81
O11 PGW EB . -23.58 -17.46 14.79
C12 PGW EB . -35.53 -21.19 14.43
O12 PGW EB . -22.05 -15.60 15.74
C13 PGW EB . -35.18 -22.67 14.57
O13 PGW EB . -21.02 -17.42 14.17
C14 PGW EB . -33.68 -22.86 14.82
O14 PGW EB . -21.80 -18.00 16.51
C15 PGW EB . -26.12 -11.34 0.77
C16 PGW EB . -25.74 -12.80 0.52
C17 PGW EB . -24.87 -12.96 -0.74
C18 PGW EB . -23.54 -12.22 -0.62
C19 PGW EB . -25.05 -13.88 10.10
C20 PGW EB . -25.14 -12.44 9.67
C21 PGW EB . -25.19 -12.32 8.14
C22 PGW EB . -25.32 -10.83 7.77
C23 PGW EB . -25.16 -10.57 6.26
C24 PGW EB . -26.17 -11.37 5.43
C25 PGW EB . -26.07 -10.97 3.94
C26 PGW EB . -27.10 -11.79 3.15
C27 PGW EB . -27.32 -11.24 1.73
C28 PGW EB . -22.68 -12.47 -1.87
C29 PGW EB . -21.12 -14.06 -3.03
C30 PGW EB . -22.08 -13.88 -1.85
C1 CD4 FB . -28.11 -7.66 3.27
C2 CD4 FB . -27.97 -7.27 4.74
C3 CD4 FB . -29.13 -6.36 5.14
C4 CD4 FB . -29.01 -5.90 6.60
C5 CD4 FB . -29.25 -7.08 7.56
C6 CD4 FB . -29.87 -6.57 8.87
C7 CD4 FB . -30.31 -7.75 9.73
C8 CD4 FB . -31.23 -7.33 10.88
C9 CD4 FB . -30.55 -6.34 11.83
C10 CD4 FB . -31.44 -6.08 13.05
C11 CD4 FB . -31.07 -4.73 13.68
C12 CD4 FB . -31.89 -4.42 14.95
C13 CD4 FB . -31.56 -5.36 16.13
C14 CD4 FB . -30.12 -5.26 16.53
O1 CD4 FB . -29.81 -4.66 17.53
O2 CD4 FB . -29.20 -5.89 15.77
C15 CD4 FB . -27.88 -6.21 16.24
C16 CD4 FB . -27.15 -6.94 15.10
O3 CD4 FB . -27.18 -6.07 13.94
C17 CD4 FB . -26.66 -6.50 12.77
O4 CD4 FB . -26.09 -7.56 12.71
C18 CD4 FB . -26.78 -5.60 11.56
C19 CD4 FB . -25.93 -6.06 10.36
C20 CD4 FB . -26.10 -5.03 9.24
C21 CD4 FB . -24.94 -5.08 8.24
C22 CD4 FB . -24.78 -6.44 7.56
C23 CD4 FB . -23.52 -6.46 6.68
C24 CD4 FB . -23.75 -6.33 5.17
C25 CD4 FB . -24.39 -4.98 4.78
C26 CD4 FB . -24.61 -4.94 3.27
C27 CD4 FB . -25.39 -3.70 2.86
C28 CD4 FB . -27.95 -7.12 17.46
O5 CD4 FB . -26.63 -7.49 17.84
P1 CD4 FB . -26.06 -7.38 19.34
O6 CD4 FB . -25.52 -5.89 19.61
O7 CD4 FB . -27.12 -7.71 20.31
O8 CD4 FB . -24.87 -8.44 19.44
C29 CD4 FB . -23.95 -8.60 18.36
C30 CD4 FB . -22.65 -9.15 18.90
O9 CD4 FB . -22.94 -10.14 19.89
C31 CD4 FB . -21.85 -9.79 17.77
O10 CD4 FB . -20.49 -9.93 18.16
P2 CD4 FB . -19.40 -8.75 18.04
O11 CD4 FB . -18.02 -9.25 18.70
O12 CD4 FB . -19.85 -7.54 18.75
O13 CD4 FB . -19.20 -8.41 16.49
C32 CD4 FB . -20.06 -7.51 15.80
C33 CD4 FB . -20.17 -7.97 14.34
C34 CD4 FB . -21.14 -7.05 13.61
O14 CD4 FB . -20.98 -7.29 12.19
C35 CD4 FB . -21.69 -6.57 11.31
O15 CD4 FB . -22.53 -5.79 11.68
C36 CD4 FB . -21.39 -6.77 9.85
C37 CD4 FB . -19.88 -6.70 9.69
C38 CD4 FB . -19.45 -6.41 8.25
C39 CD4 FB . -19.62 -7.65 7.36
C40 CD4 FB . -19.14 -7.33 5.93
C41 CD4 FB . -19.22 -8.60 5.06
C42 CD4 FB . -18.78 -8.31 3.61
C43 CD4 FB . -17.29 -7.91 3.46
C44 CD4 FB . -16.33 -9.08 3.22
C45 CD4 FB . -16.35 -10.16 4.32
O16 CD4 FB . -18.85 -7.91 13.75
C46 CD4 FB . -18.47 -8.73 12.76
O17 CD4 FB . -19.12 -9.70 12.45
C47 CD4 FB . -17.15 -8.40 12.07
C48 CD4 FB . -16.55 -9.48 11.17
C49 CD4 FB . -15.36 -8.85 10.45
C50 CD4 FB . -14.62 -9.82 9.52
C51 CD4 FB . -13.56 -9.02 8.74
C52 CD4 FB . -12.85 -9.89 7.69
C53 CD4 FB . -11.98 -8.99 6.78
C54 CD4 FB . -11.45 -9.77 5.57
C55 CD4 FB . -11.36 -8.83 4.37
C56 CD4 FB . -11.29 -9.60 3.04
C57 CD4 FB . -9.93 -10.30 2.87
C58 CD4 FB . -9.92 -11.06 1.54
C59 CD4 FB . -8.63 -11.86 1.39
C60 CD4 FB . -26.79 -3.69 3.49
C61 CD4 FB . -27.59 -2.51 2.93
C62 CD4 FB . -29.00 -2.51 3.53
C63 CD4 FB . -15.15 -11.10 4.16
C64 CD4 FB . -15.29 -12.24 5.17
C65 CD4 FB . -14.02 -13.11 5.15
C1M CRT GB . 14.78 -31.78 32.43
O1 CRT GB . 14.57 -33.12 32.03
C1 CRT GB . 13.89 -33.94 32.99
C2 CRT GB . 14.60 -33.93 34.33
C3 CRT GB . 12.44 -33.49 33.15
C4 CRT GB . 13.92 -35.37 32.39
C5 CRT GB . 13.25 -35.52 31.08
C6 CRT GB . 13.76 -36.31 30.12
C7 CRT GB . 13.21 -36.56 28.80
C8 CRT GB . 11.75 -36.74 28.71
C9 CRT GB . 14.05 -36.68 27.73
C10 CRT GB . 13.67 -36.96 26.36
C11 CRT GB . 14.56 -37.00 25.35
C12 CRT GB . 14.27 -37.27 23.94
C13 CRT GB . 12.89 -37.72 23.61
C14 CRT GB . 15.27 -37.16 23.04
C15 CRT GB . 15.23 -37.39 21.61
C16 CRT GB . 16.36 -37.31 20.86
C17 CRT GB . 16.45 -37.51 19.42
C18 CRT GB . 15.34 -38.22 18.73
C19 CRT GB . 17.55 -37.01 18.79
C20 CRT GB . 17.86 -37.03 17.39
C21 CRT GB . 18.95 -36.44 16.84
C22 CRT GB . 19.27 -36.39 15.43
C23 CRT GB . 20.20 -35.58 14.86
C24 CRT GB . 21.04 -34.63 15.63
C25 CRT GB . 20.34 -35.59 13.41
C26 CRT GB . 21.16 -34.80 12.68
C27 CRT GB . 21.16 -34.86 11.24
C28 CRT GB . 21.80 -34.04 10.37
C29 CRT GB . 22.68 -32.91 10.77
C30 CRT GB . 21.59 -34.27 8.95
C31 CRT GB . 22.15 -33.62 7.91
C32 CRT GB . 21.78 -34.00 6.56
C33 CRT GB . 22.19 -33.45 5.39
C34 CRT GB . 23.15 -32.33 5.26
C35 CRT GB . 21.66 -34.04 4.16
C36 CRT GB . 22.02 -33.79 2.90
C37 CRT GB . 21.39 -34.48 1.75
C38 CRT GB . 20.46 -33.64 0.85
C39 CRT GB . 20.05 -34.44 -0.38
C40 CRT GB . 19.22 -33.24 1.64
O2 CRT GB . 21.21 -32.47 0.51
C2M CRT GB . 20.66 -31.62 -0.48
C4 07D HB . 23.72 -39.36 11.03
C5 07D HB . 24.56 -41.07 9.35
C6 07D HB . 25.97 -41.50 9.80
C7 07D HB . 26.89 -41.81 8.65
C8 07D HB . 27.65 -40.97 7.97
C10 07D HB . 28.62 -41.46 6.93
C13 07D HB . 29.28 -42.06 3.40
C15 07D HB . 30.05 -42.99 2.50
C17 07D HB . 28.92 -43.20 0.25
C20 07D HB . 29.00 -42.88 -2.20
C1 07D HB . 21.95 -41.55 12.19
C11 07D HB . 27.97 -41.70 5.55
C12 07D HB . 28.87 -42.44 4.61
C14 07D HB . 29.00 -40.70 2.83
C16 07D HB . 29.14 -43.84 1.59
C18 07D HB . 29.35 -43.60 -0.94
C19 07D HB . 30.21 -44.82 -1.12
C2 07D HB . 22.85 -41.69 11.02
C3 07D HB . 23.65 -40.77 10.51
C9 07D HB . 27.67 -39.49 8.21
NB 07D HB . 20.94 -41.38 4.45
ND 07D HB . 16.82 -41.14 4.59
C1A 07D HB . 18.05 -40.09 7.36
C1B 07D HB . 21.79 -40.89 5.37
C1C 07D HB . 19.58 -42.37 1.86
C1D 07D HB . 15.85 -41.35 3.64
C2A 07D HB . 18.52 -39.61 8.71
C2B 07D HB . 23.10 -41.02 4.83
C2C 07D HB . 19.22 -42.83 0.47
C2D 07D HB . 14.69 -40.92 4.19
C3A 07D HB . 20.00 -39.31 8.40
C3B 07D HB . 23.02 -41.60 3.56
C3C 07D HB . 17.68 -42.67 0.46
C3D 07D HB . 14.96 -40.45 5.48
C4A 07D HB . 20.15 -40.08 7.11
C4B 07D HB . 21.60 -41.80 3.34
C4C 07D HB . 17.40 -42.19 1.87
C4D 07D HB . 16.26 -40.58 5.69
CAA 07D HB . 18.35 -40.71 9.75
CAB 07D HB . 24.07 -41.94 2.58
CAC 07D HB . 16.92 -43.98 0.18
CAD 07D HB . 14.34 -39.87 6.66
CBA 07D HB . 18.61 -40.28 11.19
CBB 07D HB . 25.46 -41.42 2.71
CBC 07D HB . 16.94 -44.37 -1.28
CBD 07D HB . 15.46 -39.74 7.71
CED 07D HB . 15.23 -36.92 10.09
CGA 07D HB . 20.07 -40.21 11.53
CGD 07D HB . 15.47 -38.30 8.20
CHA 07D HB . 16.75 -40.15 6.96
CHB 07D HB . 21.48 -40.38 6.60
CHC 07D HB . 20.99 -42.33 2.23
CHD 07D HB . 16.16 -41.93 2.35
CMA 07D HB . 20.30 -37.83 8.17
CMB 07D HB . 24.28 -40.56 5.68
CMC 07D HB . 19.89 -42.00 -0.62
CMD 07D HB . 13.33 -40.96 3.54
NA 07D HB . 19.03 -40.49 6.61
NC 07D HB . 18.58 -42.04 2.60
O1A 07D HB . 20.68 -39.20 11.75
O1D 07D HB . 15.77 -37.34 7.53
O2A 07D HB . 20.57 -41.43 11.74
O2D 07D HB . 15.19 -38.24 9.50
OBB 07D HB . 23.79 -42.62 1.60
OBD 07D HB . 13.15 -39.73 6.89
MG 07D HB . 18.90 -41.45 4.67
C4 07D IB . -44.36 -9.23 3.82
C5 07D IB . -42.75 -7.90 5.29
C6 07D IB . -42.96 -8.60 6.65
C7 07D IB . -43.06 -7.63 7.79
C8 07D IB . -42.66 -7.81 9.05
C10 07D IB . -42.77 -6.71 10.07
C13 07D IB . -42.16 -3.40 10.72
C15 07D IB . -42.18 -2.41 11.86
C17 07D IB . -42.74 -0.26 10.66
C20 07D IB . -42.83 1.21 8.67
C1 07D IB . -41.87 -10.53 2.57
C11 07D IB . -43.25 -5.35 9.52
C12 07D IB . -43.16 -4.26 10.54
C14 07D IB . -40.88 -3.42 9.92
C16 07D IB . -43.19 -1.25 11.68
C18 07D IB . -43.42 0.24 9.64
C19 07D IB . -44.89 -0.02 9.46
C2 07D IB . -41.87 -9.36 3.49
C3 07D IB . -42.93 -8.83 4.11
C9 07D IB . -42.12 -9.12 9.56
NB 07D IB . -44.26 -9.15 -7.48
ND 07D IB . -44.93 -12.94 -5.97
C1A 07D IB . -44.83 -10.83 -3.56
C1B 07D IB . -44.23 -8.01 -6.78
C1C 07D IB . -44.69 -11.27 -9.67
C1D 07D IB . -45.15 -14.16 -6.57
C2A 07D IB . -44.86 -9.91 -2.35
C2B 07D IB . -44.09 -6.95 -7.72
C2C 07D IB . -44.87 -12.08 -10.95
C2D 07D IB . -45.45 -15.04 -5.56
C3A 07D IB . -44.88 -8.53 -3.02
C3B 07D IB . -44.05 -7.49 -9.01
C3C 07D IB . -45.14 -13.49 -10.40
C3D 07D IB . -45.41 -14.32 -4.36
C4A 07D IB . -44.68 -8.91 -4.46
C4B 07D IB . -44.17 -8.92 -8.82
C4C 07D IB . -45.02 -13.31 -8.90
C4D 07D IB . -45.10 -13.07 -4.62
CAA 07D IB . -43.61 -10.13 -1.49
CAB 07D IB . -43.90 -6.85 -10.32
CAC 07D IB . -44.11 -14.55 -10.85
CAD 07D IB . -45.59 -14.49 -2.93
CBA 07D IB . -43.38 -9.04 -0.45
CBB 07D IB . -43.38 -5.45 -10.43
CBC 07D IB . -44.40 -15.13 -12.22
CBD 07D IB . -45.32 -13.10 -2.32
CED 07D IB . -47.37 -12.18 0.61
CGA 07D IB . -42.31 -9.39 0.54
CGD 07D IB . -46.57 -12.72 -1.53
CHA 07D IB . -45.02 -12.17 -3.52
CHB 07D IB . -44.30 -7.90 -5.42
CHC 07D IB . -44.19 -9.91 -9.76
CHD 07D IB . -45.04 -14.32 -8.01
CMA 07D IB . -46.18 -7.77 -2.83
CMB 07D IB . -44.01 -5.52 -7.19
CMC 07D IB . -46.01 -11.54 -11.80
CMD 07D IB . -45.77 -16.51 -5.69
NA 07D IB . -44.61 -10.20 -4.67
NC 07D IB . -44.79 -11.97 -8.59
O1A 07D IB . -41.19 -8.95 0.53
O1D 07D IB . -47.69 -12.90 -1.92
O2A 07D IB . -42.74 -10.28 1.44
O2D 07D IB . -46.26 -12.43 -0.27
OBB 07D IB . -43.84 -7.53 -11.33
OBD 07D IB . -45.58 -15.52 -2.30
MG 07D IB . -44.43 -11.03 -6.66
C1M CRT JB . -51.59 15.29 16.43
O1 CRT JB . -50.55 15.06 15.49
C1 CRT JB . -50.92 14.36 14.30
C2 CRT JB . -51.45 12.98 14.64
C3 CRT JB . -51.94 15.16 13.49
C4 CRT JB . -49.60 14.24 13.52
C5 CRT JB . -49.66 13.87 12.07
C6 CRT JB . -49.63 12.63 11.57
C7 CRT JB . -49.65 12.31 10.14
C8 CRT JB . -50.05 13.40 9.22
C9 CRT JB . -49.31 11.08 9.71
C10 CRT JB . -49.22 10.62 8.34
C11 CRT JB . -49.00 9.33 7.98
C12 CRT JB . -48.82 8.84 6.63
C13 CRT JB . -48.85 9.85 5.53
C14 CRT JB . -48.66 7.51 6.42
C15 CRT JB . -48.42 6.81 5.18
C16 CRT JB . -48.40 5.47 5.08
C17 CRT JB . -48.10 4.70 3.88
C18 CRT JB . -48.23 5.36 2.56
C19 CRT JB . -47.75 3.39 4.04
C20 CRT JB . -47.35 2.45 3.03
C21 CRT JB . -46.90 1.20 3.26
C22 CRT JB . -46.43 0.25 2.28
C23 CRT JB . -45.86 -0.95 2.51
C24 CRT JB . -45.67 -1.53 3.86
C25 CRT JB . -45.39 -1.74 1.37
C26 CRT JB . -44.60 -2.82 1.42
C27 CRT JB . -44.16 -3.47 0.20
C28 CRT JB . -43.32 -4.52 0.05
C29 CRT JB . -42.72 -5.29 1.15
C30 CRT JB . -43.02 -4.92 -1.32
C31 CRT JB . -42.09 -5.80 -1.74
C32 CRT JB . -41.90 -6.04 -3.16
C33 CRT JB . -41.08 -6.91 -3.78
C34 CRT JB . -40.18 -7.87 -3.08
C35 CRT JB . -41.08 -6.90 -5.23
C36 CRT JB . -40.52 -7.81 -6.06
C37 CRT JB . -40.60 -7.67 -7.53
C38 CRT JB . -39.30 -7.24 -8.23
C39 CRT JB . -39.45 -7.31 -9.74
C40 CRT JB . -38.92 -5.82 -7.81
O2 CRT JB . -38.32 -8.16 -7.73
C2M CRT JB . -37.07 -8.17 -8.38
C1M CRT KB . -2.98 -34.28 32.96
O1 CRT KB . -3.64 -35.45 32.51
C1 CRT KB . -4.58 -36.01 33.43
C2 CRT KB . -3.97 -36.26 34.79
C3 CRT KB . -5.80 -35.09 33.56
C4 CRT KB . -5.05 -37.34 32.80
C5 CRT KB . -5.57 -37.25 31.42
C6 CRT KB . -5.20 -38.11 30.45
C7 CRT KB . -5.66 -38.12 29.06
C8 CRT KB . -7.08 -37.81 28.83
C9 CRT KB . -4.81 -38.51 28.08
C10 CRT KB . -5.11 -38.61 26.66
C11 CRT KB . -4.20 -39.05 25.77
C12 CRT KB . -4.39 -39.20 24.32
C13 CRT KB . -5.76 -39.13 23.80
C14 CRT KB . -3.29 -39.46 23.56
C15 CRT KB . -3.20 -39.64 22.13
C16 CRT KB . -2.05 -39.99 21.53
C17 CRT KB . -1.80 -40.16 20.10
C18 CRT KB . -2.96 -40.43 19.21
C19 CRT KB . -0.52 -40.09 19.68
C20 CRT KB . 0.00 -40.19 18.33
C21 CRT KB . 1.27 -39.93 17.97
C22 CRT KB . 1.81 -39.96 16.64
C23 CRT KB . 3.00 -39.44 16.24
C24 CRT KB . 3.96 -38.80 17.17
C25 CRT KB . 3.35 -39.51 14.83
C26 CRT KB . 4.46 -39.02 14.25
C27 CRT KB . 4.63 -39.11 12.82
C28 CRT KB . 5.58 -38.53 12.04
C29 CRT KB . 6.70 -37.70 12.57
C30 CRT KB . 5.50 -38.71 10.60
C31 CRT KB . 6.29 -38.22 9.64
C32 CRT KB . 6.00 -38.50 8.25
C33 CRT KB . 6.69 -38.15 7.14
C34 CRT KB . 7.95 -37.40 7.14
C35 CRT KB . 6.12 -38.56 5.85
C36 CRT KB . 6.73 -38.56 4.66
C37 CRT KB . 6.05 -39.02 3.42
C38 CRT KB . 5.61 -37.91 2.45
C39 CRT KB . 5.11 -38.48 1.13
C40 CRT KB . 4.48 -37.08 3.09
O2 CRT KB . 6.78 -37.08 2.30
C2M CRT KB . 6.73 -36.12 1.27
C4 07D LB . 6.33 -45.50 14.22
C5 07D LB . 6.41 -46.92 12.11
C6 07D LB . 7.87 -46.57 11.77
C7 07D LB . 8.40 -47.40 10.64
C8 07D LB . 9.12 -46.99 9.61
C10 07D LB . 9.24 -47.82 8.35
C13 07D LB . 10.96 -48.92 5.77
C15 07D LB . 11.27 -49.86 4.64
C17 07D LB . 10.34 -49.41 2.35
C20 07D LB . 11.12 -49.21 0.01
C1 07D LB . 3.76 -44.27 13.14
C11 07D LB . 10.55 -48.62 8.26
C12 07D LB . 10.64 -49.39 6.97
C14 07D LB . 11.26 -47.48 5.49
C16 07D LB . 10.07 -50.03 3.69
C18 07D LB . 10.96 -49.95 1.31
C19 07D LB . 11.43 -51.37 1.28
C2 07D LB . 4.59 -45.30 12.44
C3 07D LB . 5.72 -45.84 12.89
C9 07D LB . 9.69 -45.61 9.49
NB 07D LB . 3.21 -45.31 5.83
ND 07D LB . -0.61 -43.79 5.41
C1A 07D LB . 0.48 -43.19 8.37
C1B 07D LB . 4.02 -45.11 6.88
C1C 07D LB . 2.03 -45.81 3.03
C1D 07D LB . -1.44 -43.69 4.32
C2A 07D LB . 0.87 -42.93 9.81
C2B 07D LB . 5.29 -45.64 6.53
C2C 07D LB . 1.74 -46.15 1.59
C2D 07D LB . -2.49 -42.91 4.73
C3A 07D LB . 2.40 -43.02 9.69
C3B 07D LB . 5.23 -46.18 5.24
C3C 07D LB . 0.34 -45.52 1.39
C3D 07D LB . -2.27 -42.57 6.08
C4A 07D LB . 2.51 -43.75 8.38
C4B 07D LB . 3.86 -45.92 4.81
C4C 07D LB . 0.02 -44.95 2.76
C4D 07D LB . -1.13 -43.09 6.46
CAA 07D LB . 0.27 -44.01 10.72
CAB 07D LB . 6.25 -46.83 4.42
CAC 07D LB . -0.73 -46.52 0.95
CAD 07D LB . -2.84 -41.82 7.19
CBA 07D LB . 0.23 -43.66 12.20
CBB 07D LB . 7.71 -46.61 4.66
CBC 07D LB . -0.62 -46.92 -0.50
CBD 07D LB . -1.90 -42.05 8.38
CED 07D LB . -1.39 -39.36 10.87
CGA 07D LB . 1.57 -43.38 12.80
CGD 07D LB . -1.49 -40.68 8.93
CHA 07D LB . -0.71 -42.85 7.79
CHB 07D LB . 3.71 -44.51 8.07
CHC 07D LB . 3.29 -46.25 3.62
CHD 07D LB . -1.14 -44.32 3.06
CMA 07D LB . 3.08 -41.65 9.60
CMB 07D LB . 6.43 -45.57 7.55
CMC 07D LB . 2.77 -45.58 0.63
CMD 07D LB . -3.67 -42.52 3.89
NA 07D LB . 1.39 -43.85 7.73
NC 07D LB . 1.06 -45.20 3.65
O1A 07D LB . 1.92 -42.31 13.22
O1D 07D LB . -0.92 -39.84 8.31
O2A 07D LB . 2.39 -44.43 12.68
O2D 07D LB . -1.83 -40.57 10.21
OBB 07D LB . 5.93 -47.49 3.44
OBD 07D LB . -3.91 -41.24 7.22
MG 07D LB . 1.24 -44.73 5.77
O1D BPH MB . -15.26 2.38 6.51
CGD BPH MB . -14.21 2.36 5.92
O2D BPH MB . -13.31 1.41 6.15
CED BPH MB . -13.71 0.26 6.93
CBD BPH MB . -13.77 3.34 4.91
CHA BPH MB . -13.15 2.76 3.62
C4D BPH MB . -11.89 3.36 3.57
C3D BPH MB . -11.56 4.22 4.61
CAD BPH MB . -12.67 4.26 5.49
OBD BPH MB . -12.84 4.88 6.55
C2D BPH MB . -10.27 4.69 4.36
CMD BPH MB . -9.44 5.65 5.19
C1D BPH MB . -9.88 4.09 3.15
ND BPH MB . -10.89 3.27 2.64
CHD BPH MB . -8.66 4.22 2.43
C4C BPH MB . -8.22 3.51 1.32
C3C BPH MB . -6.81 3.55 0.78
CAC BPH MB . -6.19 4.96 0.66
CBC BPH MB . -7.08 5.98 -0.02
C2C BPH MB . -6.96 2.80 -0.55
CMC BPH MB . -5.81 1.86 -0.87
C1C BPH MB . -8.25 2.10 -0.37
NC BPH MB . -8.98 2.58 0.66
CHC BPH MB . -8.75 1.11 -1.25
C4B BPH MB . -9.88 0.27 -1.20
C3B BPH MB . -10.25 -0.83 -2.11
CAB BPH MB . -9.54 -1.33 -3.31
CBB BPH MB . -8.26 -0.72 -3.81
OBB BPH MB . -9.95 -2.29 -3.99
C2B BPH MB . -11.46 -1.32 -1.61
CMB BPH MB . -12.33 -2.47 -2.12
C1B BPH MB . -11.80 -0.56 -0.47
NB BPH MB . -10.83 0.40 -0.24
CHB BPH MB . -12.95 -0.73 0.35
C4A BPH MB . -13.47 0.06 1.37
C3A BPH MB . -14.69 -0.28 2.18
CMA BPH MB . -14.44 -1.51 3.07
C2A BPH MB . -14.92 0.99 3.02
C1A BPH MB . -13.60 1.70 2.89
NA BPH MB . -12.79 1.13 1.93
CAA BPH MB . -16.07 1.86 2.51
CBA BPH MB . -17.47 1.30 2.81
CGA BPH MB . -18.59 2.08 2.20
O1A BPH MB . -18.48 2.99 1.47
O2A BPH MB . -19.76 1.61 2.57
C1 BPH MB . -20.99 2.19 2.02
C2 BPH MB . -21.26 1.51 0.69
C3 BPH MB . -21.66 0.25 0.64
C4 BPH MB . -21.88 -0.66 1.85
C5 BPH MB . -21.95 -0.44 -0.69
C6 BPH MB . -22.36 0.47 -1.83
C7 BPH MB . -22.69 -0.32 -3.10
C8 BPH MB . -22.88 0.55 -4.34
C9 BPH MB . -24.30 1.14 -4.42
C10 BPH MB . -22.55 -0.26 -5.61
C11 BPH MB . -21.06 -0.39 -5.82
C12 BPH MB . -20.69 -1.13 -7.11
C13 BPH MB . -19.21 -0.88 -7.49
C14 BPH MB . -19.04 0.46 -8.20
C15 BPH MB . -18.69 -2.00 -8.39
C16 BPH MB . -18.28 -3.30 -7.73
C17 BPH MB . -17.71 -4.40 -8.63
C18 BPH MB . -16.26 -4.78 -8.36
C19 BPH MB . -15.38 -3.77 -9.12
C20 BPH MB . -15.92 -6.21 -8.80
C05 RQ0 NB . 2.79 14.65 -24.44
C06 RQ0 NB . 3.81 14.03 -21.15
C07 RQ0 NB . 5.62 12.94 -16.62
C08 RQ0 NB . -0.06 17.75 -26.45
C09 RQ0 NB . 4.84 13.87 -22.28
C10 RQ0 NB . 1.49 15.26 -23.86
C11 RQ0 NB . 5.01 12.26 -17.86
C12 RQ0 NB . -0.93 18.70 -25.61
C13 RQ0 NB . 4.06 15.42 -24.16
C14 RQ0 NB . 6.37 12.14 -12.86
C15 RQ0 NB . -2.25 17.62 -23.08
C16 RQ0 NB . 4.00 12.99 -20.07
C17 RQ0 NB . 0.33 16.45 -25.79
C18 RQ0 NB . 5.41 11.51 -13.89
C19 RQ0 NB . 4.55 13.22 -15.59
C20 RQ0 NB . -2.22 18.95 -22.29
C21 RQ0 NB . -2.96 17.75 -24.40
C22 RQ0 NB . 4.92 15.04 -23.22
C23 RQ0 NB . 7.34 11.19 -12.20
C24 RQ0 NB . 1.01 16.44 -24.65
C25 RQ0 NB . 4.75 13.22 -19.00
C26 RQ0 NB . -2.35 18.22 -25.48
C27 RQ0 NB . 4.48 12.54 -14.45
C28 RQ0 NB . 9.72 10.53 -11.66
C29 RQ0 NB . 9.97 9.18 -12.37
C30 RQ0 NB . -0.18 19.12 -19.95
C31 RQ0 NB . -1.65 18.82 -19.79
C32 RQ0 NB . -2.48 18.73 -20.83
C33 RQ0 NB . 8.65 11.37 -12.30
C34 RQ0 NB . 0.66 18.00 -20.60
C35 RQ0 NB . 10.39 8.14 -11.36
C36 RQ0 NB . 4.28 16.62 -25.04
C37 RQ0 NB . 3.28 11.69 -20.32
C38 RQ0 NB . -0.10 15.21 -26.52
C39 RQ0 NB . 3.53 14.25 -15.99
C40 RQ0 NB . -4.40 17.30 -24.39
C41 RQ0 NB . 9.86 5.99 -10.11
C42 RQ0 NB . 9.61 7.10 -11.09
C43 RQ0 NB . 2.06 17.98 -20.05
C44 RQ0 NB . 6.70 10.09 -11.41
C45 RQ0 NB . 2.47 17.32 -18.97
C46 RQ0 NB . 11.08 5.11 -10.23
C47 RQ0 NB . 3.92 17.38 -18.51
C48 RQ0 NB . -2.10 18.58 -18.37
C49 RQ0 NB . 11.73 8.37 -10.73
C50 RQ0 NB . 11.52 4.44 -9.13
C51 RQ0 NB . 4.89 18.27 -19.31
C52 RQ0 NB . 11.77 4.96 -11.52
C53 RQ0 NB . 1.57 16.50 -18.11
C54 RQ0 NB . 12.70 3.57 -9.22
C55 RQ0 NB . 12.97 4.08 -11.59
C56 RQ0 NB . 13.41 3.42 -10.51
C57 RQ0 NB . 10.86 4.53 -7.79
C58 RQ0 NB . 6.24 18.27 -18.66
C59 RQ0 NB . 7.25 17.43 -18.84
C60 RQ0 NB . 8.55 17.55 -18.10
C61 RQ0 NB . 7.19 16.29 -19.80
C62 RQ0 NB . 12.97 3.50 -13.98
N04 RQ0 NB . 14.48 2.60 -10.45
O01 RQ0 NB . 13.64 3.96 -12.79
O02 RQ0 NB . 11.39 5.55 -12.52
O03 RQ0 NB . 13.12 2.96 -8.23
C1 U10 OB . 8.33 1.57 12.93
C2 U10 OB . 7.47 1.72 14.11
C3 U10 OB . 7.84 2.71 15.17
C4 U10 OB . 8.98 3.42 15.05
C5 U10 OB . 9.84 3.29 13.84
C6 U10 OB . 9.46 2.30 12.82
C1M U10 OB . 7.83 0.67 11.85
C3M U10 OB . 6.21 2.35 16.95
C4M U10 OB . 9.64 3.52 17.37
C7 U10 OB . 10.43 2.11 11.67
C8 U10 OB . 10.20 2.98 10.46
C9 U10 OB . 10.99 3.94 10.00
C10 U10 OB . 12.29 4.32 10.65
C11 U10 OB . 10.64 4.72 8.76
C12 U10 OB . 9.69 3.98 7.80
C13 U10 OB . 9.51 4.74 6.51
C14 U10 OB . 9.34 4.24 5.28
C15 U10 OB . 9.26 2.77 4.99
C16 U10 OB . 9.15 5.16 4.10
C17 U10 OB . 10.46 5.65 3.44
C18 U10 OB . 11.46 4.55 3.20
C19 U10 OB . 12.49 4.22 3.98
C20 U10 OB . 12.81 4.93 5.26
C21 U10 OB . 13.43 3.11 3.59
C22 U10 OB . 13.26 1.82 4.40
C23 U10 OB . 14.48 0.96 4.27
C24 U10 OB . 15.65 1.12 4.90
C25 U10 OB . 15.91 2.19 5.93
C26 U10 OB . 16.81 0.20 4.63
C27 U10 OB . 16.96 -1.01 5.54
C28 U10 OB . 18.16 -1.80 5.11
C29 U10 OB . 19.43 -1.54 5.34
C30 U10 OB . 19.91 -0.38 6.17
C31 U10 OB . 20.52 -2.40 4.76
C32 U10 OB . 20.31 -2.73 3.27
C33 U10 OB . 19.77 -1.57 2.45
C34 U10 OB . 20.40 -0.44 2.13
C35 U10 OB . 21.81 -0.12 2.52
C36 U10 OB . 19.71 0.63 1.30
C37 U10 OB . 18.35 0.20 0.71
C38 U10 OB . 17.81 1.17 -0.31
C39 U10 OB . 17.10 2.27 -0.11
C40 U10 OB . 16.72 2.79 1.25
C41 U10 OB . 16.58 3.10 -1.27
C42 U10 OB . 17.65 3.99 -1.91
C43 U10 OB . 17.20 4.58 -3.23
C44 U10 OB . 17.37 4.08 -4.44
C45 U10 OB . 18.05 2.77 -4.71
C46 U10 OB . 16.90 4.82 -5.68
C47 U10 OB . 15.56 4.35 -6.26
C48 U10 OB . 15.00 5.36 -7.22
C49 U10 OB . 15.45 5.67 -8.43
C50 U10 OB . 16.59 4.98 -9.11
C51 U10 OB . 14.79 6.76 -9.25
C52 U10 OB . 14.50 8.03 -8.42
C53 U10 OB . 15.73 8.52 -7.73
C54 U10 OB . 15.98 8.62 -6.44
C55 U10 OB . 17.29 9.12 -5.90
C56 U10 OB . 14.98 8.25 -5.39
O2 U10 OB . 6.46 1.04 14.23
O3 U10 OB . 6.79 3.17 15.92
O4 U10 OB . 9.52 4.14 16.06
O5 U10 OB . 10.83 3.99 13.71
C4 07D PB . -10.09 2.89 -6.85
C5 07D PB . -10.47 2.75 -4.33
C6 07D PB . -11.77 1.98 -4.62
C7 07D PB . -12.59 1.77 -3.38
C8 07D PB . -13.55 2.52 -2.87
C10 07D PB . -14.46 1.99 -1.80
C13 07D PB . -17.27 -0.55 -1.53
C15 07D PB . -18.08 -1.07 -0.36
C17 07D PB . -19.13 -3.12 0.67
C20 07D PB . -19.44 -4.18 2.88
C1 07D PB . -7.11 2.94 -6.25
C11 07D PB . -15.30 0.82 -2.35
C12 07D PB . -16.20 0.21 -1.32
C14 07D PB . -17.78 -0.92 -2.88
C16 07D PB . -18.42 -2.56 -0.53
C18 07D PB . -18.61 -3.66 1.75
C19 07D PB . -17.14 -3.93 1.89
C2 07D PB . -8.18 2.68 -5.25
C3 07D PB . -9.49 2.72 -5.48
C9 07D PB . -13.95 3.87 -3.43
NB 07D PB . 0.32 -2.70 -11.37
ND 07D PB . -2.56 -0.71 -13.52
C1A 07D PB . -2.59 0.31 -10.47
C1B 07D PB . 0.54 -2.59 -10.05
C1C 07D PB . 0.12 -3.66 -14.29
C1D 07D PB . -3.05 -0.89 -14.80
C2A 07D PB . -2.74 0.78 -9.03
C2B 07D PB . 1.45 -3.63 -9.68
C2C 07D PB . 0.25 -4.33 -15.63
C2D 07D PB . -4.18 -0.13 -14.88
C3A 07D PB . -1.39 0.33 -8.44
C3B 07D PB . 1.76 -4.39 -10.83
C3C 07D PB . -0.98 -3.75 -16.38
C3D 07D PB . -4.38 0.47 -13.62
C4A 07D PB . -0.91 -0.59 -9.53
C4B 07D PB . 1.00 -3.76 -11.89
C4C 07D PB . -1.43 -2.65 -15.45
C4D 07D PB . -3.40 0.11 -12.83
CAA 07D PB . -3.96 0.09 -8.35
CAB 07D PB . 2.63 -5.55 -10.99
CAC 07D PB . -2.10 -4.78 -16.62
CAD 07D PB . -5.28 1.38 -12.92
CBA 07D PB . -4.35 0.64 -6.97
CBB 07D PB . 3.26 -6.25 -9.83
CBC 07D PB . -1.87 -5.66 -17.83
CBD 07D PB . -4.77 1.38 -11.47
CED 07D PB . -5.98 4.71 -10.35
CGA 07D PB . -5.12 1.92 -7.03
CGD 07D PB . -4.69 2.84 -11.03
CHA 07D PB . -3.41 0.64 -11.50
CHB 07D PB . 0.02 -1.65 -9.21
CHC 07D PB . 0.97 -4.13 -13.20
CHD 07D PB . -2.37 -1.73 -15.76
CMA 07D PB . -0.38 1.46 -8.23
CMB 07D PB . 1.88 -3.72 -8.23
CMC 07D PB . 1.58 -3.98 -16.31
CMD 07D PB . -5.09 0.04 -16.08
NA 07D PB . -1.52 -0.43 -10.66
NC 07D PB . -0.75 -2.71 -14.23
O1A 07D PB . -5.15 2.64 -7.98
O1D 07D PB . -3.69 3.51 -11.07
O2A 07D PB . -6.05 1.95 -6.06
O2D 07D PB . -5.91 3.34 -10.83
OBB 07D PB . 2.93 -5.95 -12.11
OBD 07D PB . -6.37 1.76 -13.28
MG 07D PB . -0.92 -1.47 -12.45
C4 07D QB . -9.37 -6.31 1.90
C5 07D QB . -11.72 -5.45 2.29
C6 07D QB . -12.96 -4.70 1.76
C7 07D QB . -13.38 -5.06 0.35
C8 07D QB . -13.77 -6.23 -0.13
C10 07D QB . -14.30 -6.34 -1.54
C13 07D QB . -17.47 -5.98 -3.55
C15 07D QB . -17.79 -6.12 -5.02
C17 07D QB . -19.59 -6.95 -6.58
C20 07D QB . -20.37 -7.20 -8.92
C1 07D QB . -9.06 -4.21 -0.26
C11 07D QB . -15.84 -6.30 -1.63
C12 07D QB . -16.33 -6.46 -3.04
C14 07D QB . -18.51 -5.28 -2.74
C16 07D QB . -18.83 -7.21 -5.31
C18 07D QB . -19.54 -7.59 -7.74
C19 07D QB . -18.66 -8.78 -7.97
C2 07D QB . -10.23 -4.34 0.65
C3 07D QB . -10.42 -5.30 1.55
C9 07D QB . -13.89 -7.48 0.69
NB 07D QB . -12.23 -3.08 -7.10
ND 07D QB . -9.03 -5.35 -8.43
C1A 07D QB . -10.65 -6.95 -6.14
C1B 07D QB . -13.11 -3.45 -6.14
C1C 07D QB . -10.55 -1.66 -9.24
C1D 07D QB . -8.01 -5.07 -9.29
C2A 07D QB . -11.27 -7.72 -5.00
C2B 07D QB . -13.94 -2.31 -5.92
C2C 07D QB . -10.01 -0.82 -10.37
C2D 07D QB . -7.19 -6.16 -9.24
C3A 07D QB . -12.69 -7.12 -5.01
C3B 07D QB . -13.52 -1.25 -6.74
C3C 07D QB . -8.58 -1.40 -10.50
C3D 07D QB . -7.74 -7.08 -8.32
C4A 07D QB . -12.43 -5.84 -5.78
C4B 07D QB . -12.41 -1.80 -7.48
C4C 07D QB . -8.74 -2.75 -9.85
C4D 07D QB . -8.85 -6.57 -7.84
CAA 07D QB . -10.53 -7.52 -3.64
CAB 07D QB . -14.04 0.11 -6.88
CAC 07D QB . -7.49 -0.54 -9.84
CAD 07D QB . -7.52 -8.40 -7.72
CBA 07D QB . -10.36 -6.07 -3.20
CBB 07D QB . -15.48 0.43 -6.65
CBC 07D QB . -7.67 -0.36 -8.35
CBD 07D QB . -8.70 -8.60 -6.76
CED 07D QB . -10.97 -10.60 -8.87
CGA 07D QB . -9.71 -5.89 -1.86
CGD 07D QB . -9.49 -9.82 -7.21
CHA 07D QB . -9.57 -7.33 -6.88
CHB 07D QB . -13.22 -4.66 -5.53
CHC 07D QB . -11.65 -1.16 -8.43
CHD 07D QB . -7.96 -3.83 -10.05
CMA 07D QB . -13.73 -7.96 -5.74
CMB 07D QB . -15.06 -2.40 -4.89
CMC 07D QB . -10.85 -0.97 -11.62
CMD 07D QB . -5.92 -6.35 -10.02
NA 07D QB . -11.29 -5.85 -6.39
NC 07D QB . -9.88 -2.75 -9.04
O1A 07D QB . -9.33 -6.80 -1.16
O1D 07D QB . -9.75 -10.76 -6.51
O2A 07D QB . -9.45 -4.61 -1.62
O2D 07D QB . -10.11 -9.57 -8.37
OBB 07D QB . -13.35 0.98 -7.40
OBD 07D QB . -6.82 -9.28 -8.14
MG 07D QB . -10.77 -4.32 -7.83
C1 U10 RB . -23.78 14.02 -19.35
C2 U10 RB . -23.20 14.97 -20.31
C3 U10 RB . -23.85 15.15 -21.63
C4 U10 RB . -24.98 14.47 -21.94
C5 U10 RB . -25.57 13.52 -20.96
C6 U10 RB . -24.91 13.32 -19.66
C1M U10 RB . -23.24 14.10 -17.95
C3M U10 RB . -22.52 16.94 -22.65
C4M U10 RB . -25.41 14.81 -24.30
C7 U10 RB . -25.71 12.79 -18.51
C8 U10 RB . -25.53 11.38 -18.04
C9 U10 RB . -25.39 11.03 -16.76
C10 U10 RB . -25.30 12.05 -15.65
C11 U10 RB . -25.24 9.59 -16.34
C12 U10 RB . -26.53 9.05 -15.68
C13 U10 RB . -26.72 9.59 -14.29
C14 U10 RB . -27.85 10.03 -13.74
C15 U10 RB . -29.17 10.04 -14.47
C16 U10 RB . -27.87 10.59 -12.34
C17 U10 RB . -28.34 12.05 -12.42
C18 U10 RB . -28.03 12.86 -11.19
C19 U10 RB . -26.93 13.55 -10.93
C20 U10 RB . -25.76 13.63 -11.86
C21 U10 RB . -26.79 14.35 -9.64
C22 U10 RB . -26.02 13.64 -8.51
C23 U10 RB . -26.78 12.45 -8.01
C24 U10 RB . -26.32 11.45 -7.26
C25 U10 RB . -24.91 11.36 -6.77
C26 U10 RB . -27.22 10.32 -6.84
C27 U10 RB . -27.73 9.56 -8.08
C28 U10 RB . -29.20 9.29 -8.03
C29 U10 RB . -29.80 8.12 -8.21
C30 U10 RB . -29.07 6.84 -8.49
C31 U10 RB . -31.31 7.98 -8.14
C32 U10 RB . -32.14 9.18 -7.65
C33 U10 RB . -31.96 9.47 -6.18
C34 U10 RB . -32.66 10.31 -5.44
C35 U10 RB . -33.80 11.14 -5.98
C36 U10 RB . -32.39 10.48 -3.97
C37 U10 RB . -32.13 11.92 -3.49
C38 U10 RB . -30.68 12.29 -3.29
C39 U10 RB . -30.16 12.97 -2.26
C40 U10 RB . -30.99 13.48 -1.12
C41 U10 RB . -28.69 13.29 -2.18
C42 U10 RB . -28.05 12.83 -0.85
C43 U10 RB . -26.97 13.77 -0.38
C44 U10 RB . -25.65 13.58 -0.42
C45 U10 RB . -25.00 12.35 -0.99
C46 U10 RB . -24.70 14.64 0.11
C47 U10 RB . -25.35 15.94 0.60
C48 U10 RB . -24.39 16.83 1.34
C49 U10 RB . -24.69 17.77 2.23
C50 U10 RB . -26.09 18.11 2.64
C51 U10 RB . -23.61 18.58 2.92
C52 U10 RB . -23.43 18.15 4.38
C53 U10 RB . -22.65 19.13 5.20
C54 U10 RB . -23.10 20.21 5.84
C55 U10 RB . -24.54 20.62 5.82
C56 U10 RB . -22.21 21.12 6.64
O2 U10 RB . -22.19 15.59 -20.00
O3 U10 RB . -22.99 15.58 -22.62
O4 U10 RB . -25.85 14.81 -22.93
O5 U10 RB . -26.61 12.92 -21.22
FE FE SB . -0.10 1.91 15.73
O1D BPH TB . 15.37 -4.51 7.63
CGD BPH TB . 14.24 -4.69 7.25
O2D BPH TB . 13.35 -3.71 7.26
CED BPH TB . 13.78 -2.42 7.74
CBD BPH TB . 13.71 -5.97 6.75
CHA BPH TB . 13.17 -5.94 5.31
C4D BPH TB . 11.80 -6.25 5.47
C3D BPH TB . 11.37 -6.51 6.77
CAD BPH TB . 12.51 -6.46 7.60
OBD BPH TB . 12.65 -6.73 8.80
C2D BPH TB . 10.00 -6.79 6.71
CMD BPH TB . 9.06 -7.13 7.83
C1D BPH TB . 9.66 -6.69 5.34
ND BPH TB . 10.78 -6.36 4.56
CHD BPH TB . 8.39 -6.88 4.72
C4C BPH TB . 8.02 -6.72 3.41
C3C BPH TB . 6.60 -6.83 2.87
CAC BPH TB . 5.86 -8.19 3.08
CBC BPH TB . 5.61 -8.64 4.50
C2C BPH TB . 6.79 -6.55 1.36
CMC BPH TB . 5.82 -5.51 0.80
C1C BPH TB . 8.21 -6.15 1.26
NC BPH TB . 8.87 -6.19 2.45
CHC BPH TB . 8.81 -5.67 0.09
C4B BPH TB . 10.12 -5.22 -0.21
C3B BPH TB . 10.63 -4.78 -1.50
CAB BPH TB . 9.84 -4.78 -2.73
CBB BPH TB . 10.47 -4.94 -4.10
OBB BPH TB . 8.61 -4.65 -2.72
C2B BPH TB . 11.98 -4.45 -1.25
CMB BPH TB . 13.03 -3.91 -2.19
C1B BPH TB . 12.24 -4.69 0.11
NB BPH TB . 11.09 -5.16 0.75
CHB BPH TB . 13.46 -4.48 0.77
C4A BPH TB . 13.89 -4.76 2.06
C3A BPH TB . 15.20 -4.34 2.64
CMA BPH TB . 15.31 -2.82 2.76
C2A BPH TB . 15.22 -5.03 4.01
C1A BPH TB . 13.79 -5.46 4.19
NA BPH TB . 13.04 -5.26 3.04
CAA BPH TB . 16.23 -6.19 4.07
CBA BPH TB . 17.71 -5.74 3.95
CGA BPH TB . 18.70 -6.83 3.71
O1A BPH TB . 18.46 -7.98 3.70
O2A BPH TB . 19.90 -6.36 3.42
C1 BPH TB . 20.92 -7.38 3.13
C2 BPH TB . 22.21 -6.65 2.78
C3 BPH TB . 22.56 -5.99 1.71
C4 BPH TB . 21.63 -5.70 0.54
C5 BPH TB . 23.98 -5.50 1.47
C6 BPH TB . 24.30 -4.01 1.59
C7 BPH TB . 25.81 -3.78 1.51
C8 BPH TB . 26.36 -2.36 1.69
C9 BPH TB . 26.50 -1.65 0.33
C10 BPH TB . 27.70 -2.40 2.45
C11 BPH TB . 28.42 -1.07 2.63
C12 BPH TB . 29.31 -1.01 3.88
C13 BPH TB . 30.23 -2.23 4.14
C14 BPH TB . 30.97 -2.14 5.48
C15 BPH TB . 31.28 -2.36 3.01
C16 BPH TB . 32.17 -3.60 3.04
C17 BPH TB . 33.12 -3.82 1.86
C18 BPH TB . 34.04 -5.02 2.06
C19 BPH TB . 35.01 -5.05 0.87
C20 BPH TB . 33.27 -6.36 2.15
C1 U10 UB . -8.66 0.73 13.35
C2 U10 UB . -7.80 1.31 14.39
C3 U10 UB . -8.07 1.00 15.81
C4 U10 UB . -9.13 0.22 16.15
C5 U10 UB . -10.01 -0.34 15.10
C6 U10 UB . -9.68 -0.09 13.68
C1M U10 UB . -8.40 1.18 11.94
C3M U10 UB . -6.54 2.37 17.11
C4M U10 UB . -9.01 0.07 18.57
C7 U10 UB . -10.60 -0.68 12.63
C8 U10 UB . -10.02 -1.91 11.96
C9 U10 UB . -10.36 -3.17 12.16
C10 U10 UB . -11.41 -3.61 13.15
C11 U10 UB . -9.68 -4.30 11.41
C12 U10 UB . -10.57 -5.01 10.38
C13 U10 UB . -10.95 -4.12 9.22
C14 U10 UB . -10.61 -4.29 7.95
C15 U10 UB . -9.79 -5.45 7.45
C16 U10 UB . -11.06 -3.32 6.88
C17 U10 UB . -12.10 -3.90 5.91
C18 U10 UB . -13.49 -3.89 6.47
C19 U10 UB . -14.46 -4.76 6.26
C20 U10 UB . -14.31 -5.97 5.39
C21 U10 UB . -15.83 -4.58 6.87
C22 U10 UB . -16.81 -4.00 5.84
C23 U10 UB . -18.11 -3.62 6.46
C24 U10 UB . -18.79 -2.48 6.31
C25 U10 UB . -18.31 -1.36 5.42
C26 U10 UB . -20.09 -2.23 7.02
C27 U10 UB . -21.33 -2.68 6.24
C28 U10 UB . -22.58 -2.26 6.97
C29 U10 UB . -23.56 -1.49 6.51
C30 U10 UB . -23.60 -0.93 5.12
C31 U10 UB . -24.74 -1.12 7.37
C32 U10 UB . -24.57 0.32 7.89
C33 U10 UB . -25.66 0.73 8.83
C34 U10 UB . -26.31 1.88 8.87
C35 U10 UB . -26.02 3.02 7.93
C36 U10 UB . -27.39 2.15 9.89
C37 U10 UB . -27.96 0.95 10.66
C38 U10 UB . -28.53 -0.12 9.76
C39 U10 UB . -28.53 -1.43 9.95
C40 U10 UB . -27.93 -2.09 11.16
C41 U10 UB . -29.14 -2.39 8.95
C42 U10 UB . -30.08 -1.83 7.86
C43 U10 UB . -31.21 -0.99 8.40
C44 U10 UB . -32.27 -1.38 9.09
C45 U10 UB . -32.55 -2.82 9.44
C46 U10 UB . -33.30 -0.40 9.58
C47 U10 UB . -33.06 1.09 9.28
C48 U10 UB . -33.23 1.45 7.84
C49 U10 UB . -33.65 2.62 7.34
C50 U10 UB . -34.01 3.80 8.19
C51 U10 UB . -33.78 2.83 5.85
C52 U10 UB . -34.83 1.94 5.18
C53 U10 UB . -34.76 2.05 3.68
C54 U10 UB . -34.02 1.33 2.85
C55 U10 UB . -33.11 0.23 3.31
C56 U10 UB . -34.03 1.54 1.36
O2 U10 UB . -6.87 2.04 14.08
O3 U10 UB . -6.95 1.09 16.59
O4 U10 UB . -9.75 0.29 17.36
O5 U10 UB . -11.00 -0.99 15.40
C4 07D VB . 9.35 -9.18 -4.47
C5 07D VB . 9.58 -9.84 -2.01
C6 07D VB . 10.31 -9.06 -0.91
C7 07D VB . 11.66 -8.57 -1.37
C8 07D VB . 12.85 -8.93 -0.90
C10 07D VB . 14.12 -8.38 -1.49
C13 07D VB . 17.11 -6.29 -0.90
C15 07D VB . 17.93 -5.38 -1.78
C17 07D VB . 19.55 -5.33 -3.71
C20 07D VB . 20.23 -4.63 -5.99
C1 07D VB . 7.13 -7.29 -3.65
C11 07D VB . 14.92 -7.52 -0.49
C12 07D VB . 15.85 -6.57 -1.20
C14 07D VB . 17.80 -6.81 0.32
C16 07D VB . 18.95 -6.17 -2.63
C18 07D VB . 19.61 -5.58 -5.01
C19 07D VB . 19.09 -6.84 -5.61
C2 07D VB . 7.92 -8.12 -2.70
C3 07D VB . 8.89 -8.97 -3.05
C9 07D VB . 13.04 -9.93 0.20
NB 07D VB . -0.33 -7.18 -9.96
ND 07D VB . 2.42 -10.18 -10.56
C1A 07D VB . 2.32 -9.44 -7.42
C1B 07D VB . -0.55 -6.52 -8.81
C1C 07D VB . -0.22 -8.15 -12.86
C1D 07D VB . 2.95 -10.73 -11.72
C2A 07D VB . 2.32 -9.21 -5.91
C2B 07D VB . -1.43 -5.43 -9.10
C2C 07D VB . -0.38 -8.48 -14.33
C2D 07D VB . 3.98 -11.54 -11.31
C3A 07D VB . 1.33 -8.02 -5.80
C3B 07D VB . -1.74 -5.46 -10.48
C3C 07D VB . 1.01 -9.06 -14.66
C3D 07D VB . 4.03 -11.46 -9.91
C4A 07D VB . 0.88 -7.88 -7.22
C4B 07D VB . -1.01 -6.59 -10.99
C4C 07D VB . 1.49 -9.46 -13.28
C4D 07D VB . 3.10 -10.63 -9.48
CAA 07D VB . 3.71 -8.86 -5.30
CAB 07D VB . -2.59 -4.58 -11.29
CAC 07D VB . 1.97 -8.04 -15.30
CAD 07D VB . 4.79 -11.96 -8.76
CBA 07D VB . 3.72 -8.74 -3.77
CBB 07D VB . -3.40 -3.48 -10.69
CBC 07D VB . 1.82 -7.93 -16.80
CBD 07D VB . 4.05 -11.40 -7.53
CED 07D VB . 1.57 -14.09 -7.12
CGA 07D VB . 4.96 -8.16 -3.16
CGD 07D VB . 3.34 -12.56 -6.84
CHA 07D VB . 3.02 -10.41 -8.08
CHB 07D VB . -0.03 -6.82 -7.58
CHC 07D VB . -0.97 -7.05 -12.28
CHD 07D VB . 2.41 -10.42 -13.03
CMA 07D VB . 0.14 -8.27 -4.88
CMB 07D VB . -1.85 -4.52 -7.96
CMC 07D VB . -1.52 -9.48 -14.54
CMD 07D VB . 4.87 -12.39 -12.16
NA 07D VB . 1.46 -8.69 -8.05
NC 07D VB . 0.74 -8.79 -12.30
O1A 07D VB . 5.02 -7.71 -2.04
O1D 07D VB . 3.32 -12.73 -5.65
O2A 07D VB . 5.93 -8.03 -4.06
O2D 07D VB . 2.56 -13.21 -7.70
OBB 07D VB . -2.74 -4.80 -12.48
OBD 07D VB . 5.65 -12.80 -8.74
MG 07D VB . 0.87 -8.83 -10.13
C4 07D WB . 11.13 1.40 -0.60
C5 07D WB . 12.74 0.00 0.81
C6 07D WB . 14.00 0.56 0.13
C7 07D WB . 14.14 0.12 -1.30
C8 07D WB . 14.92 -0.84 -1.78
C10 07D WB . 14.98 -1.10 -3.27
C13 07D WB . 17.10 -1.56 -5.68
C15 07D WB . 17.30 -1.98 -7.12
C17 07D WB . 18.60 0.06 -7.86
C20 07D WB . 19.51 2.35 -8.10
C1 07D WB . 9.77 -1.23 -1.38
C11 07D WB . 15.90 -0.10 -3.99
C12 07D WB . 16.27 -0.58 -5.37
C14 07D WB . 17.86 -2.36 -4.67
C16 07D WB . 18.60 -1.44 -7.74
C18 07D WB . 19.64 0.86 -7.98
C19 07D WB . 21.05 0.36 -7.96
C2 07D WB . 10.91 -1.08 -0.42
C3 07D WB . 11.51 0.04 -0.07
C9 07D WB . 15.89 -1.64 -0.96
NB 07D WB . 12.17 -5.54 -7.09
ND 07D WB . 9.02 -4.04 -9.31
C1A 07D WB . 10.73 -1.65 -8.04
C1B 07D WB . 13.17 -4.81 -6.55
C1C 07D WB . 10.15 -7.72 -7.95
C1D 07D WB . 7.98 -4.64 -9.96
C2A 07D WB . 11.44 -0.45 -7.41
C2B 07D WB . 13.95 -5.71 -5.78
C2C 07D WB . 9.50 -8.99 -8.42
C2D 07D WB . 7.19 -3.62 -10.42
C3A 07D WB . 12.86 -1.04 -7.29
C3B 07D WB . 13.39 -7.00 -5.87
C3C 07D WB . 8.43 -8.49 -9.42
C3D 07D WB . 7.78 -2.41 -10.01
C4A 07D WB . 12.54 -2.51 -7.36
C4B 07D WB . 12.25 -6.84 -6.74
C4C 07D WB . 8.62 -6.98 -9.37
C4D 07D WB . 8.89 -2.68 -9.36
CAA 07D WB . 10.84 0.01 -6.03
CAB 07D WB . 13.84 -8.25 -5.26
CAC 07D WB . 6.99 -8.88 -9.04
CAD 07D WB . 7.63 -0.96 -10.09
CBA 07D WB . 10.81 -1.05 -4.93
CBB 07D WB . 15.30 -8.53 -5.08
CBC 07D WB . 6.56 -8.41 -7.67
CBD 07D WB . 8.79 -0.37 -9.27
CED 07D WB . 11.06 0.82 -11.93
CGA 07D WB . 10.16 -0.61 -3.65
CGD 07D WB . 9.57 0.62 -10.12
CHA 07D WB . 9.66 -1.59 -8.87
CHB 07D WB . 13.40 -3.48 -6.70
CHC 07D WB . 11.36 -7.82 -7.13
CHD 07D WB . 7.88 -6.09 -10.05
CMA 07D WB . 13.80 -0.67 -8.43
CMB 07D WB . 15.16 -5.17 -5.04
CMC 07D WB . 10.51 -9.92 -9.05
CMD 07D WB . 5.90 -3.76 -11.19
NA 07D WB . 11.35 -2.75 -7.80
NC 07D WB . 9.70 -6.66 -8.55
O1A 07D WB . 9.38 0.30 -3.57
O1D 07D WB . 9.76 1.76 -9.82
O2A 07D WB . 10.32 -1.53 -2.70
O2D 07D WB . 10.19 -0.01 -11.12
OBB 07D WB . 13.07 -9.18 -5.15
OBD 07D WB . 7.03 -0.34 -10.95
MG 07D WB . 10.73 -4.75 -8.33
C1M CRT XB . 30.82 0.16 -5.98
O1 CRT XB . 30.00 1.20 -6.47
C1 CRT XB . 28.66 0.87 -6.85
C2 CRT XB . 27.87 0.38 -5.64
C3 CRT XB . 28.00 2.12 -7.42
C4 CRT XB . 28.75 -0.21 -7.95
C5 CRT XB . 27.50 -0.29 -8.76
C6 CRT XB . 26.40 -0.98 -8.41
C7 CRT XB . 25.16 -1.03 -9.16
C8 CRT XB . 24.88 0.16 -10.02
C9 CRT XB . 24.28 -2.05 -9.01
C10 CRT XB . 23.00 -2.13 -9.66
C11 CRT XB . 22.10 -3.10 -9.39
C12 CRT XB . 20.76 -3.22 -9.93
C13 CRT XB . 20.30 -2.20 -10.90
C14 CRT XB . 19.98 -4.24 -9.46
C15 CRT XB . 18.59 -4.54 -9.75
C16 CRT XB . 18.01 -5.59 -9.15
C17 CRT XB . 16.63 -6.03 -9.24
C18 CRT XB . 15.63 -5.05 -9.73
C19 CRT XB . 16.32 -7.29 -8.86
C20 CRT XB . 15.01 -7.88 -8.81
C21 CRT XB . 14.72 -9.17 -8.52
C22 CRT XB . 15.64 -10.27 -8.38
C23 CRT XB . 15.40 -11.46 -7.79
C24 CRT XB . 14.12 -11.82 -7.13
C25 CRT XB . 16.43 -12.50 -7.82
C26 CRT XB . 16.55 -13.54 -6.97
C27 CRT XB . 17.57 -14.54 -7.14
C28 CRT XB . 17.84 -15.59 -6.32
C29 CRT XB . 17.13 -15.88 -5.05
C30 CRT XB . 18.87 -16.54 -6.72
C31 CRT XB . 19.43 -17.50 -5.96
C32 CRT XB . 20.40 -18.40 -6.51
C33 CRT XB . 21.00 -19.45 -5.89
C34 CRT XB . 20.78 -19.80 -4.47
C35 CRT XB . 21.91 -20.28 -6.68
C36 CRT XB . 22.21 -21.56 -6.43
C37 CRT XB . 23.09 -22.38 -7.30
C38 CRT XB . 24.52 -22.66 -6.81
C39 CRT XB . 25.32 -21.38 -6.62
C40 CRT XB . 24.46 -23.42 -5.49
O2 CRT XB . 25.09 -23.52 -7.81
C2M CRT XB . 25.12 -23.03 -9.14
C1 CD4 YB . -6.00 -25.88 16.43
C2 CD4 YB . -5.36 -24.76 15.62
C3 CD4 YB . -6.13 -24.58 14.31
C4 CD4 YB . -5.59 -23.35 13.58
C5 CD4 YB . -6.43 -23.04 12.33
C6 CD4 YB . -5.85 -21.89 11.50
C7 CD4 YB . -5.71 -20.53 12.23
C8 CD4 YB . -4.32 -20.32 12.82
C9 CD4 YB . -4.20 -18.94 13.45
C10 CD4 YB . -2.80 -18.77 14.04
C11 CD4 YB . -2.71 -17.48 14.88
C12 CD4 YB . -1.34 -17.40 15.55
C13 CD4 YB . -1.35 -16.23 16.53
C14 CD4 YB . 0.02 -15.91 17.07
O1 CD4 YB . 0.48 -14.80 16.95
O2 CD4 YB . 0.69 -16.90 17.69
C15 CD4 YB . 1.95 -16.61 18.36
C16 CD4 YB . 2.55 -17.96 18.77
O3 CD4 YB . 2.44 -18.86 17.64
C17 CD4 YB . 3.08 -20.03 17.68
O4 CD4 YB . 3.77 -20.34 18.63
C18 CD4 YB . 2.93 -20.95 16.48
C19 CD4 YB . 3.89 -22.13 16.48
C20 CD4 YB . 3.62 -22.94 15.22
C21 CD4 YB . 4.88 -23.73 14.82
C22 CD4 YB . 4.60 -24.72 13.68
C23 CD4 YB . 3.77 -24.08 12.56
C24 CD4 YB . 3.83 -24.96 11.30
C25 CD4 YB . 2.84 -24.45 10.26
C26 CD4 YB . 2.99 -25.19 8.91
C27 CD4 YB . 4.22 -24.71 8.14
C28 CD4 YB . 1.71 -15.77 19.61
O5 CD4 YB . 2.25 -14.47 19.39
P1 CD4 YB . 2.28 -13.33 20.52
O6 CD4 YB . 1.14 -13.66 21.62
O7 CD4 YB . 2.03 -12.02 19.91
O8 CD4 YB . 3.72 -13.35 21.22
C29 CD4 YB . 4.15 -14.42 22.07
C30 CD4 YB . 5.23 -13.91 23.03
O9 CD4 YB . 5.57 -14.94 23.95
C31 CD4 YB . 6.48 -13.51 22.23
O10 CD4 YB . 7.22 -14.69 21.94
P2 CD4 YB . 8.03 -14.88 20.56
O11 CD4 YB . 9.04 -16.11 20.69
O12 CD4 YB . 8.79 -13.64 20.27
O13 CD4 YB . 6.94 -15.14 19.41
C32 CD4 YB . 6.53 -14.20 18.42
C33 CD4 YB . 5.94 -14.99 17.27
C34 CD4 YB . 5.84 -14.12 16.01
O14 CD4 YB . 5.12 -14.80 14.94
C35 CD4 YB . 3.79 -14.81 14.96
O15 CD4 YB . 3.19 -14.06 15.67
C36 CD4 YB . 3.02 -15.72 14.02
C37 CD4 YB . 3.97 -16.61 13.21
C38 CD4 YB . 3.26 -17.26 12.02
C39 CD4 YB . 2.02 -18.11 12.34
C40 CD4 YB . 2.35 -19.29 13.27
C41 CD4 YB . 1.10 -20.12 13.54
C42 CD4 YB . 0.58 -20.85 12.29
C43 CD4 YB . -0.28 -22.04 12.74
C44 CD4 YB . -0.97 -22.73 11.55
C45 CD4 YB . -1.53 -24.09 12.00
O16 CD4 YB . 6.83 -16.11 17.04
C46 CD4 YB . 6.30 -17.32 16.77
O17 CD4 YB . 5.11 -17.45 16.70
C47 CD4 YB . 7.24 -18.49 16.66
C48 CD4 YB . 6.82 -19.54 15.62
C49 CD4 YB . 7.10 -19.05 14.21
C50 CD4 YB . 6.45 -19.98 13.18
C51 CD4 YB . 6.64 -19.42 11.77
C52 CD4 YB . 5.88 -20.24 10.73
C53 CD4 YB . 6.38 -21.69 10.64
C54 CD4 YB . 7.87 -21.75 10.28
C55 CD4 YB . 8.34 -23.21 10.14
C56 CD4 YB . 9.84 -23.26 9.85
C57 CD4 YB . 10.30 -24.72 9.72
C58 CD4 YB . 11.80 -24.79 9.42
C59 CD4 YB . 12.06 -24.41 7.96
C60 CD4 YB . 5.01 -25.88 7.56
C61 CD4 YB . 5.81 -26.62 8.63
C62 CD4 YB . 6.71 -27.66 7.96
C63 CD4 YB . -2.50 -24.67 10.96
C64 CD4 YB . -1.84 -24.78 9.59
C65 CD4 YB . -2.82 -25.42 8.60
CL CL ZB . -0.64 20.60 10.45
P PO4 AC . 25.44 -10.75 17.42
O1 PO4 AC . 25.06 -11.91 16.54
O2 PO4 AC . 26.94 -10.64 17.46
O3 PO4 AC . 24.84 -9.49 16.86
O4 PO4 AC . 24.92 -10.99 18.82
C1M CRT BC . -40.78 28.77 8.85
O1 CRT BC . -41.84 29.49 9.44
C1 CRT BC . -42.03 30.88 9.12
C2 CRT BC . -42.95 31.51 10.16
C3 CRT BC . -40.70 31.63 9.08
C4 CRT BC . -42.75 31.03 7.76
C5 CRT BC . -42.04 30.65 6.50
C6 CRT BC . -42.63 29.97 5.50
C7 CRT BC . -42.02 29.56 4.24
C8 CRT BC . -40.91 30.40 3.73
C9 CRT BC . -42.50 28.49 3.57
C10 CRT BC . -42.04 27.93 2.32
C11 CRT BC . -42.59 26.82 1.78
C12 CRT BC . -42.21 26.16 0.54
C13 CRT BC . -41.22 26.86 -0.33
C14 CRT BC . -42.80 24.97 0.22
C15 CRT BC . -42.56 24.14 -0.94
C16 CRT BC . -43.20 22.96 -1.13
C17 CRT BC . -43.01 22.04 -2.24
C18 CRT BC . -42.46 22.59 -3.51
C19 CRT BC . -43.35 20.73 -2.07
C20 CRT BC . -43.20 19.65 -3.00
C21 CRT BC . -43.41 18.34 -2.74
C22 CRT BC . -43.23 17.24 -3.66
C23 CRT BC . -43.19 15.92 -3.34
C24 CRT BC . -43.38 15.38 -1.98
C25 CRT BC . -42.92 14.95 -4.41
C26 CRT BC . -42.81 13.61 -4.30
C27 CRT BC . -42.47 12.82 -5.47
C28 CRT BC . -42.12 11.51 -5.54
C29 CRT BC . -42.07 10.59 -4.38
C30 CRT BC . -41.77 10.96 -6.84
C31 CRT BC . -41.36 9.71 -7.13
C32 CRT BC . -41.03 9.36 -8.50
C33 CRT BC . -40.56 8.18 -9.00
C34 CRT BC . -40.29 6.97 -8.18
C35 CRT BC . -40.32 8.12 -10.43
C36 CRT BC . -39.89 7.07 -11.14
C37 CRT BC . -39.69 7.14 -12.60
C38 CRT BC . -38.25 6.99 -13.12
C39 CRT BC . -38.22 6.92 -14.64
C40 CRT BC . -37.41 8.17 -12.63
O2 CRT BC . -37.79 5.78 -12.50
C2M CRT BC . -36.57 5.26 -12.99
C4 07D CC . -41.39 8.59 -1.41
C5 07D CC . -43.48 8.62 0.04
C6 07D CC . -44.56 7.77 0.74
C7 07D CC . -45.06 8.49 1.95
C8 07D CC . -44.96 8.14 3.22
C10 07D CC . -45.40 9.06 4.33
C13 07D CC . -42.64 11.59 4.86
C15 07D CC . -41.78 12.44 3.96
C17 07D CC . -39.43 12.95 3.21
C20 07D CC . -38.01 14.95 2.84
C1 07D CC . -42.44 6.14 -2.76
C11 07D CC . -44.26 9.67 5.16
C12 07D CC . -43.39 10.60 4.38
C14 07D CC . -42.51 11.89 6.33
C16 07D CC . -40.31 11.98 3.95
C18 07D CC . -38.88 14.06 3.68
C19 07D CC . -39.02 14.51 5.10
C2 07D CC . -43.19 6.92 -1.75
C3 07D CC . -42.73 7.99 -1.12
C9 07D CC . -44.44 6.79 3.68
NB 07D CC . -43.74 7.14 -13.17
ND 07D CC . -46.07 3.97 -11.89
C1A 07D CC . -45.50 5.95 -9.43
C1B 07D CC . -43.36 8.20 -12.44
C1C 07D CC . -44.62 5.30 -15.46
C1D 07D CC . -46.67 2.93 -12.57
C2A 07D CC . -45.33 6.82 -8.20
C2B 07D CC . -42.70 9.11 -13.31
C2C 07D CC . -44.97 4.64 -16.78
C2D 07D CC . -47.45 2.29 -11.65
C3A 07D CC . -44.67 8.07 -8.81
C3B 07D CC . -42.69 8.57 -14.61
C3C 07D CC . -45.73 3.38 -16.32
C3D 07D CC . -47.30 2.96 -10.43
C4A 07D CC . -44.39 7.58 -10.22
C4B 07D CC . -43.38 7.31 -14.47
C4C 07D CC . -45.83 3.57 -14.82
C4D 07D CC . -46.48 3.97 -10.60
CAA 07D CC . -44.45 6.14 -7.14
CAB 07D CC . -42.14 9.09 -15.86
CAC 07D CC . -45.00 2.06 -16.61
CAD 07D CC . -47.75 2.92 -9.05
CBA 07D CC . -44.30 6.92 -5.84
CBB 07D CC . -41.09 10.17 -15.86
CBC 07D CC . -45.27 1.51 -17.99
CBD 07D CC . -47.03 4.09 -8.35
CED 07D CC . -48.97 5.79 -5.71
CGA 07D CC . -43.81 6.08 -4.69
CGD 07D CC . -48.13 4.95 -7.74
CHA 07D CC . -46.20 4.78 -9.47
CHB 07D CC . -43.56 8.38 -11.09
CHC 07D CC . -43.64 6.38 -15.46
CHD 07D CC . -46.42 2.70 -13.98
CMA 07D CC . -45.57 9.31 -8.84
CMB 07D CC . -42.14 10.41 -12.73
CMC 07D CC . -45.78 5.55 -17.69
CMD 07D CC . -48.32 1.07 -11.86
NA 07D CC . -44.87 6.40 -10.48
NC 07D CC . -45.14 4.72 -14.42
O1A 07D CC . -44.31 5.05 -4.34
O1D 07D CC . -49.17 5.20 -8.29
O2A 07D CC . -42.76 6.63 -4.10
O2D 07D CC . -47.93 5.10 -6.43
OBB 07D CC . -42.24 8.45 -16.89
OBD 07D CC . -48.21 1.96 -8.46
MG 07D CC . -44.72 5.50 -12.44
C1M CRT DC . -21.04 -31.23 31.44
O1 CRT DC . -21.89 -32.22 30.89
C1 CRT DC . -23.09 -32.50 31.64
C2 CRT DC . -22.76 -32.94 33.06
C3 CRT DC . -24.00 -31.27 31.68
C4 CRT DC . -23.81 -33.63 30.88
C5 CRT DC . -24.09 -33.37 29.45
C6 CRT DC . -23.74 -34.22 28.47
C7 CRT DC . -24.00 -34.05 27.04
C8 CRT DC . -25.22 -33.30 26.67
C9 CRT DC . -23.17 -34.63 26.13
C10 CRT DC . -23.27 -34.57 24.69
C11 CRT DC . -22.43 -35.28 23.89
C12 CRT DC . -22.42 -35.31 22.43
C13 CRT DC . -23.51 -34.59 21.73
C14 CRT DC . -21.43 -36.00 21.81
C15 CRT DC . -21.18 -36.16 20.40
C16 CRT DC . -20.13 -36.90 19.95
C17 CRT DC . -19.74 -37.12 18.56
C18 CRT DC . -20.76 -36.98 17.51
C19 CRT DC . -18.44 -37.45 18.32
C20 CRT DC . -17.81 -37.68 17.05
C21 CRT DC . -16.47 -37.82 16.85
C22 CRT DC . -15.80 -38.01 15.59
C23 CRT DC . -14.47 -37.92 15.35
C24 CRT DC . -13.48 -37.64 16.42
C25 CRT DC . -13.99 -38.09 13.99
C26 CRT DC . -12.71 -37.99 13.57
C27 CRT DC . -12.37 -38.15 12.17
C28 CRT DC . -11.19 -37.87 11.56
C29 CRT DC . -9.98 -37.37 12.25
C30 CRT DC . -11.10 -38.07 10.12
C31 CRT DC . -10.08 -37.77 9.29
C32 CRT DC . -10.18 -38.03 7.87
C33 CRT DC . -9.26 -37.85 6.90
C34 CRT DC . -7.89 -37.31 7.12
C35 CRT DC . -9.64 -38.20 5.53
C36 CRT DC . -8.99 -37.88 4.40
C37 CRT DC . -9.46 -38.27 3.05
C38 CRT DC . -10.15 -37.17 2.23
C39 CRT DC . -10.66 -37.73 0.90
C40 CRT DC . -11.31 -36.57 3.02
O2 CRT DC . -9.16 -36.14 2.04
C2M CRT DC . -8.27 -36.29 0.95
C4 07D EC . -15.15 -45.05 12.24
C5 07D EC . -13.22 -45.20 10.59
C6 07D EC . -12.43 -46.29 11.32
C7 07D EC . -11.57 -47.10 10.37
C8 07D EC . -10.28 -46.91 10.08
C10 07D EC . -9.57 -47.79 9.08
C13 07D EC . -8.90 -48.96 5.91
C15 07D EC . -7.97 -49.17 4.74
C17 07D EC . -8.86 -50.57 2.85
C20 07D EC . -8.84 -52.45 1.22
C1 07D EC . -14.74 -42.05 12.28
C11 07D EC . -9.84 -47.34 7.63
C12 07D EC . -8.83 -47.87 6.66
C14 07D EC . -10.00 -49.98 6.04
C16 07D EC . -8.66 -49.18 3.38
C18 07D EC . -8.66 -51.01 1.61
C19 07D EC . -8.18 -50.12 0.49
C2 07D EC . -13.88 -43.02 11.56
C3 07D EC . -14.06 -44.34 11.51
C9 07D EC . -9.48 -45.77 10.62
NB 07D EC . -14.88 -43.47 4.73
ND 07D EC . -17.90 -40.76 3.99
C1A 07D EC . -17.02 -40.55 7.06
C1B 07D EC . -14.20 -43.58 5.89
C1C 07D EC . -15.82 -43.51 1.80
C1D 07D EC . -18.52 -40.38 2.82
C2A 07D EC . -16.73 -40.44 8.55
C2B 07D EC . -13.12 -44.49 5.64
C2C 07D EC . -16.00 -43.68 0.31
C2D 07D EC . -19.30 -39.30 3.14
C3A 07D EC . -15.34 -41.10 8.60
C3B 07D EC . -13.18 -44.92 4.30
C3C 07D EC . -17.07 -42.62 -0.01
C3D 07D EC . -19.13 -39.05 4.51
C4A 07D EC . -15.36 -41.85 7.28
C4B 07D EC . -14.32 -44.22 3.75
C4C 07D EC . -17.40 -42.04 1.36
C4D 07D EC . -18.28 -39.94 5.00
CAA 07D EC . -17.79 -41.21 9.35
CAB 07D EC . -12.31 -45.84 3.56
CAC 07D EC . -18.34 -43.18 -0.65
CAD 07D EC . -19.56 -38.16 5.58
CBA 07D EC . -17.91 -40.80 10.81
CBB 07D EC . -10.89 -46.09 3.99
CBC 07D EC . -18.17 -43.54 -2.12
CBD 07D EC . -18.91 -38.71 6.86
CED 07D EC . -17.79 -36.48 9.59
CGA 07D EC . -16.60 -40.76 11.54
CGD 07D EC . -18.16 -37.56 7.54
CHA 07D EC . -17.97 -39.85 6.38
CHB 07D EC . -14.47 -42.97 7.08
CHC 07D EC . -14.79 -44.29 2.47
CHD 07D EC . -18.30 -41.07 1.57
CMA 07D EC . -14.17 -40.11 8.65
CMB 07D EC . -12.18 -44.82 6.79
CMC 07D EC . -14.70 -43.46 -0.46
CMD 07D EC . -20.17 -38.54 2.20
NA 07D EC . -16.31 -41.48 6.49
NC 07D EC . -16.61 -42.65 2.34
O1A 07D EC . -16.06 -39.74 11.91
O1D 07D EC . -17.24 -36.96 7.04
O2A 07D EC . -16.02 -41.97 11.60
O2D 07D EC . -18.55 -37.41 8.80
OBB 07D EC . -12.69 -46.33 2.52
OBD 07D EC . -20.40 -37.29 5.54
MG 07D EC . -16.54 -42.28 4.49
C1M CRT FC . -35.51 -21.56 27.96
O1 CRT FC . -36.59 -22.00 27.16
C1 CRT FC . -37.90 -21.71 27.68
C2 CRT FC . -38.07 -22.25 29.09
C3 CRT FC . -38.16 -20.21 27.64
C4 CRT FC . -38.89 -22.42 26.74
C5 CRT FC . -38.83 -22.02 25.31
C6 CRT FC . -38.79 -22.94 24.32
C7 CRT FC . -38.74 -22.70 22.88
C8 CRT FC . -39.39 -21.47 22.39
C9 CRT FC . -38.17 -23.62 22.07
C10 CRT FC . -38.03 -23.58 20.63
C11 CRT FC . -37.44 -24.59 19.95
C12 CRT FC . -37.23 -24.68 18.50
C13 CRT FC . -37.90 -23.67 17.65
C14 CRT FC . -36.49 -25.70 18.03
C15 CRT FC . -36.12 -26.00 16.66
C16 CRT FC . -35.30 -27.03 16.36
C17 CRT FC . -34.82 -27.42 15.03
C18 CRT FC . -35.61 -26.98 13.86
C19 CRT FC . -33.71 -28.18 14.96
C20 CRT FC . -33.03 -28.67 13.78
C21 CRT FC . -31.85 -29.33 13.78
C22 CRT FC . -31.13 -29.77 12.61
C23 CRT FC . -29.90 -30.34 12.58
C24 CRT FC . -29.09 -30.66 13.78
C25 CRT FC . -29.33 -30.65 11.27
C26 CRT FC . -28.06 -31.02 11.00
C27 CRT FC . -27.63 -31.24 9.64
C28 CRT FC . -26.37 -31.45 9.17
C29 CRT FC . -25.16 -31.51 10.02
C30 CRT FC . -26.21 -31.59 7.73
C31 CRT FC . -25.08 -31.80 7.04
C32 CRT FC . -25.13 -31.89 5.61
C33 CRT FC . -24.13 -32.08 4.70
C34 CRT FC . -22.70 -32.24 5.06
C35 CRT FC . -24.50 -32.13 3.30
C36 CRT FC . -23.72 -32.44 2.25
C37 CRT FC . -24.23 -32.46 0.86
C38 CRT FC . -23.73 -31.35 -0.07
C39 CRT FC . -24.23 -31.58 -1.48
C40 CRT FC . -24.22 -30.00 0.44
O2 CRT FC . -22.31 -31.41 0.03
C2M CRT FC . -21.58 -30.67 -0.93
C4 07D GC . -32.71 -36.64 9.56
C5 07D GC . -31.21 -37.63 7.77
C6 07D GC . -30.13 -38.58 8.33
C7 07D GC . -29.90 -39.77 7.44
C8 07D GC . -28.73 -40.29 7.07
C10 07D GC . -28.68 -41.51 6.17
C13 07D GC . -27.19 -42.70 2.90
C15 07D GC . -27.46 -43.89 2.01
C17 07D GC . -27.27 -43.39 -0.46
C20 07D GC . -26.11 -43.98 -2.56
C1 07D GC . -31.25 -34.02 9.18
C11 07D GC . -27.82 -41.29 4.91
C12 07D GC . -27.98 -42.40 3.91
C14 07D GC . -25.95 -41.92 2.55
C16 07D GC . -28.20 -43.52 0.72
C18 07D GC . -27.00 -44.28 -1.40
C19 07D GC . -27.63 -45.65 -1.43
C2 07D GC . -30.86 -35.31 8.54
C3 07D GC . -31.52 -36.46 8.67
C9 07D GC . -27.40 -39.78 7.53
NB 07D GC . -30.86 -35.27 1.71
ND 07D GC . -32.49 -31.62 0.71
C1A 07D GC . -32.04 -31.76 3.88
C1B 07D GC . -30.40 -35.63 2.92
C1C 07D GC . -31.38 -34.98 -1.32
C1D 07D GC . -32.75 -31.03 -0.50
C2A 07D GC . -31.97 -31.77 5.39
C2B 07D GC . -29.74 -36.88 2.77
C2C 07D GC . -31.44 -35.09 -2.83
C2D 07D GC . -33.08 -29.73 -0.23
C3A 07D GC . -30.94 -32.90 5.59
C3B 07D GC . -29.79 -37.27 1.42
C3C 07D GC . -31.93 -33.68 -3.23
C3D 07D GC . -33.02 -29.56 1.17
C4A 07D GC . -31.00 -33.56 4.24
C4B 07D GC . -30.51 -36.19 0.77
C4C 07D GC . -32.17 -33.01 -1.90
C4D 07D GC . -32.64 -30.71 1.71
CAA 07D GC . -33.34 -32.10 5.99
CAB 07D GC . -29.27 -38.46 0.76
CAC 07D GC . -33.21 -33.69 -4.07
CAD 07D GC . -33.19 -28.56 2.22
CBA 07D GC . -33.54 -31.68 7.44
CBB 07D GC . -28.20 -39.30 1.37
CBC 07D GC . -32.99 -34.12 -5.50
CBD 07D GC . -33.00 -29.33 3.54
CED 07D GC . -31.77 -27.33 6.39
CGA 07D GC . -32.43 -32.12 8.36
CGD 07D GC . -32.01 -28.57 4.41
CHA 07D GC . -32.51 -30.74 3.12
CHB 07D GC . -30.56 -34.94 4.09
CHC 07D GC . -30.84 -36.10 -0.56
CHD 07D GC . -32.65 -31.76 -1.75
CMA 07D GC . -29.53 -32.40 5.89
CMB 07D GC . -29.15 -37.53 4.01
CMC 07D GC . -30.10 -35.44 -3.45
CMD 07D GC . -33.46 -28.67 -1.23
NA 07D GC . -31.67 -32.89 3.36
NC 07D GC . -31.81 -33.86 -0.85
O1A 07D GC . -31.63 -31.39 8.87
O1D 07D GC . -30.91 -28.25 4.06
O2A 07D GC . -32.36 -33.46 8.43
O2D 07D GC . -32.60 -28.13 5.52
OBB 07D GC . -29.62 -38.73 -0.38
OBD 07D GC . -33.54 -27.41 2.10
MG 07D GC . -31.89 -33.55 1.31
C4 07D HC . -23.13 33.52 -10.12
C5 07D HC . -25.43 34.49 -9.67
C6 07D HC . -25.61 35.65 -10.65
C7 07D HC . -26.52 36.73 -10.14
C8 07D HC . -26.19 37.82 -9.46
C10 07D HC . -27.21 38.89 -9.14
C13 07D HC . -27.07 39.54 -12.67
C15 07D HC . -25.67 40.08 -12.76
C17 07D HC . -24.21 38.12 -13.48
C20 07D HC . -23.68 35.71 -13.59
C1 07D HC . -24.45 31.75 -12.18
C11 07D HC . -27.27 40.02 -10.17
C12 07D HC . -27.74 39.54 -11.51
C14 07D HC . -27.70 39.18 -13.99
C16 07D HC . -24.79 39.45 -13.86
C18 07D HC . -24.41 36.94 -14.04
C19 07D HC . -25.34 36.72 -15.19
C2 07D HC . -25.17 32.54 -11.15
C3 07D HC . -24.61 33.39 -10.29
C9 07D HC . -24.79 38.12 -8.99
NB 07D HC . -22.41 31.77 -22.65
ND 07D HC . -26.50 31.43 -22.17
C1A 07D HC . -25.21 32.58 -19.46
C1B 07D HC . -21.54 32.27 -21.74
C1C 07D HC . -23.85 30.95 -25.23
C1D 07D HC . -27.50 31.08 -23.04
C2A 07D HC . -24.71 33.20 -18.16
C2B 07D HC . -20.26 32.33 -22.37
C2C 07D HC . -24.27 30.52 -26.62
C2D 07D HC . -28.68 31.29 -22.36
C3A 07D HC . -23.25 33.53 -18.54
C3B 07D HC . -20.39 31.86 -23.70
C3C 07D HC . -25.80 30.35 -26.46
C3D 07D HC . -28.35 31.80 -21.10
C4A 07D HC . -23.13 32.81 -19.86
C4B 07D HC . -21.79 31.52 -23.83
C4C 07D HC . -26.02 30.68 -25.00
C4D 07D HC . -27.04 31.87 -20.99
CAA 07D HC . -24.79 32.21 -16.99
CAB 07D HC . -19.39 31.71 -24.75
CAC 07D HC . -26.29 28.91 -26.71
CAD 07D HC . -28.96 32.23 -19.84
CBA 07D HC . -24.26 32.78 -15.67
CBB 07D HC . -17.92 31.62 -24.40
CBC 07D HC . -26.40 28.57 -28.18
CBD 07D HC . -27.80 32.72 -18.97
CED 07D HC . -28.26 33.76 -16.52
CGA 07D HC . -24.19 31.80 -14.55
CGD 07D HC . -28.04 34.21 -18.82
CHA 07D HC . -26.51 32.35 -19.76
CHB 07D HC . -21.83 32.65 -20.47
CHC 07D HC . -22.43 31.01 -24.93
CHD 07D HC . -27.21 30.59 -24.37
CMA 07D HC . -22.97 35.03 -18.70
CMB 07D HC . -19.09 32.86 -21.57
CMC 07D HC . -23.90 31.55 -27.69
CMD 07D HC . -30.09 31.07 -22.87
NA 07D HC . -24.25 32.32 -20.31
NC 07D HC . -24.82 31.04 -24.38
O1A 07D HC . -23.39 30.90 -14.50
O1D 07D HC . -28.50 34.91 -19.68
O2A 07D HC . -24.88 32.23 -13.50
O2D 07D HC . -27.79 34.62 -17.58
OBB 07D HC . -19.71 31.30 -25.85
OBD 07D HC . -30.09 32.01 -19.46
MG 07D HC . -24.40 31.45 -22.28
C1B LMT IC . -18.07 19.93 -28.65
C2B LMT IC . -18.05 19.08 -29.94
C3B LMT IC . -16.67 19.12 -30.60
C4B LMT IC . -16.19 20.58 -30.77
C5B LMT IC . -16.32 21.30 -29.42
C6B LMT IC . -15.93 22.77 -29.58
O1B LMT IC . -17.32 19.32 -27.65
O2B LMT IC . -18.40 17.79 -29.59
O3B LMT IC . -16.66 18.43 -31.78
O4' LMT IC . -14.87 20.60 -31.18
O5B LMT IC . -17.63 21.22 -28.89
O6B LMT IC . -16.76 23.39 -30.47
C1' LMT IC . -17.79 18.00 -23.70
C2' LMT IC . -18.78 17.44 -24.75
C3' LMT IC . -18.23 17.66 -26.18
C4' LMT IC . -17.93 19.15 -26.39
C5' LMT IC . -16.93 19.53 -25.27
C6' LMT IC . -16.39 20.92 -25.40
O1' LMT IC . -18.38 17.94 -22.45
O2' LMT IC . -18.93 16.10 -24.54
O3' LMT IC . -19.12 17.22 -27.11
O5' LMT IC . -17.53 19.37 -23.99
O6' LMT IC . -15.32 21.01 -24.55
C1 LMT IC . -17.56 18.25 -21.33
C2 LMT IC . -18.43 18.02 -20.12
C3 LMT IC . -18.06 18.76 -18.86
C4 LMT IC . -19.31 18.94 -18.01
C5 LMT IC . -19.03 19.73 -16.76
C6 LMT IC . -20.30 20.11 -16.05
C7 LMT IC . -20.10 20.54 -14.62
C8 LMT IC . -19.91 19.35 -13.72
C9 LMT IC . -19.54 19.65 -12.28
C10 LMT IC . -18.05 19.60 -12.05
C11 LMT IC . -17.29 20.73 -12.69
C12 LMT IC . -17.72 22.06 -12.17
C1M CRT JC . -44.23 -6.10 22.48
O1 CRT JC . -45.41 -6.29 21.70
C1 CRT JC . -46.59 -5.62 22.18
C2 CRT JC . -46.94 -6.11 23.59
C3 CRT JC . -46.39 -4.11 22.19
C4 CRT JC . -47.71 -5.99 21.21
C5 CRT JC . -47.42 -5.71 19.78
C6 CRT JC . -47.65 -6.62 18.81
C7 CRT JC . -47.40 -6.45 17.38
C8 CRT JC . -47.62 -5.10 16.81
C9 CRT JC . -47.07 -7.54 16.64
C10 CRT JC . -46.81 -7.59 15.21
C11 CRT JC . -46.52 -8.75 14.59
C12 CRT JC . -46.23 -8.93 13.16
C13 CRT JC . -46.52 -7.79 12.26
C14 CRT JC . -45.75 -10.13 12.76
C15 CRT JC . -45.37 -10.56 11.42
C16 CRT JC . -45.00 -11.84 11.18
C17 CRT JC . -44.55 -12.39 9.90
C18 CRT JC . -45.00 -11.74 8.65
C19 CRT JC . -43.76 -13.50 9.95
C20 CRT JC . -43.17 -14.22 8.84
C21 CRT JC . -42.29 -15.23 8.96
C22 CRT JC . -41.64 -15.93 7.88
C23 CRT JC . -40.68 -16.89 7.98
C24 CRT JC . -40.17 -17.42 9.27
C25 CRT JC . -40.11 -17.43 6.76
C26 CRT JC . -39.05 -18.26 6.67
C27 CRT JC . -38.55 -18.68 5.38
C28 CRT JC . -37.44 -19.42 5.10
C29 CRT JC . -36.54 -19.99 6.13
C30 CRT JC . -37.13 -19.66 3.70
C31 CRT JC . -36.12 -20.37 3.17
C32 CRT JC . -35.99 -20.43 1.74
C33 CRT JC . -35.06 -21.08 0.98
C34 CRT JC . -33.94 -21.87 1.53
C35 CRT JC . -35.20 -20.96 -0.47
C36 CRT JC . -34.57 -21.69 -1.40
C37 CRT JC . -34.79 -21.49 -2.85
C38 CRT JC . -33.71 -20.68 -3.59
C39 CRT JC . -33.93 -20.73 -5.10
C40 CRT JC . -33.73 -19.23 -3.12
O2 CRT JC . -32.48 -21.30 -3.19
C2M CRT JC . -31.31 -20.86 -3.85
C4 07D KC . -45.26 -22.28 4.37
C5 07D KC . -43.72 -23.57 2.82
C6 07D KC . -43.88 -24.95 3.47
C7 07D KC . -43.61 -26.04 2.47
C8 07D KC . -42.48 -26.68 2.24
C10 07D KC . -42.21 -27.34 0.91
C13 07D KC . -41.98 -29.89 -1.34
C15 07D KC . -41.19 -30.63 -2.39
C17 07D KC . -42.20 -31.10 -4.64
C20 07D KC . -42.72 -32.71 -6.44
C1 07D KC . -43.11 -20.13 4.49
C11 07D KC . -42.00 -28.86 0.99
C12 07D KC . -41.38 -29.38 -0.27
C14 07D KC . -43.47 -29.96 -1.49
C16 07D KC . -41.41 -30.13 -3.82
C18 07D KC . -41.84 -31.71 -5.76
C19 07D KC . -40.65 -31.29 -6.56
C2 07D KC . -42.95 -21.48 3.87
C3 07D KC . -43.89 -22.41 3.77
C9 07D KC . -41.25 -26.48 3.10
NB 07D KC . -42.02 -21.66 -3.00
ND 07D KC . -42.17 -17.69 -4.15
C1A 07D KC . -42.13 -17.88 -0.94
C1B 07D KC . -41.85 -22.10 -1.75
C1C 07D KC . -42.02 -21.31 -6.06
C1D 07D KC . -42.09 -17.10 -5.37
C2A 07D KC . -42.24 -17.88 0.56
C2B 07D KC . -41.65 -23.51 -1.84
C2C 07D KC . -41.95 -21.43 -7.57
C2D 07D KC . -41.99 -15.76 -5.12
C3A 07D KC . -41.68 -19.29 0.88
C3B 07D KC . -41.70 -23.90 -3.18
C3C 07D KC . -41.92 -19.95 -8.01
C3D 07D KC . -42.01 -15.57 -3.74
C4A 07D KC . -41.84 -19.93 -0.49
C4B 07D KC . -41.92 -22.68 -3.91
C4C 07D KC . -42.05 -19.20 -6.70
C4D 07D KC . -42.11 -16.75 -3.16
CAA 07D KC . -43.71 -17.72 0.97
CAB 07D KC . -41.55 -25.24 -3.80
CAC 07D KC . -43.06 -19.56 -8.96
CAD 07D KC . -41.94 -14.55 -2.70
CBA 07D KC . -43.94 -17.21 2.39
CBB 07D KC . -40.94 -26.39 -3.06
CBC 07D KC . -42.88 -20.12 -10.36
CBD 07D KC . -42.18 -15.29 -1.38
CED 07D KC . -40.69 -14.03 1.77
CGA 07D KC . -43.25 -18.01 3.45
CGD 07D KC . -41.09 -14.88 -0.40
CHA 07D KC . -42.14 -16.79 -1.75
CHB 07D KC . -41.88 -21.37 -0.60
CHC 07D KC . -42.04 -22.52 -5.26
CHD 07D KC . -42.13 -17.86 -6.60
CMA 07D KC . -40.22 -19.30 1.30
CMB 07D KC . -41.46 -24.28 -0.53
CMC 07D KC . -40.74 -22.23 -8.04
CMD 07D KC . -41.88 -14.68 -6.17
NA 07D KC . -42.11 -19.09 -1.43
NC 07D KC . -42.09 -20.09 -5.62
O1A 07D KC . -42.31 -17.62 4.09
O1D 07D KC . -39.91 -15.00 -0.58
O2A 07D KC . -43.74 -19.25 3.53
O2D 07D KC . -41.61 -14.29 0.68
OBB 07D KC . -41.88 -25.41 -4.96
OBD 07D KC . -41.91 -13.35 -2.85
MG 07D KC . -42.33 -19.69 -3.50
C4 07D LC . -7.83 37.04 -13.84
C5 07D LC . -8.47 39.17 -12.62
C6 07D LC . -9.47 40.33 -12.46
C7 07D LC . -9.13 41.20 -11.28
C8 07D LC . -9.68 41.20 -10.07
C10 07D LC . -9.25 42.19 -9.02
C13 07D LC . -6.56 41.02 -7.46
C15 07D LC . -5.52 40.02 -7.02
C17 07D LC . -4.15 39.12 -5.10
C20 07D LC . -1.81 38.53 -4.55
C1 07D LC . -10.15 37.56 -15.74
C11 07D LC . -9.03 41.60 -7.61
C12 07D LC . -7.84 40.69 -7.51
C14 07D LC . -6.06 42.44 -7.58
C16 07D LC . -5.33 39.96 -5.50
C18 07D LC . -2.89 39.48 -5.00
C19 07D LC . -2.41 40.87 -5.27
C2 07D LC . -9.75 38.45 -14.62
C3 07D LC . -8.73 38.24 -13.77
C9 07D LC . -10.81 40.29 -9.67
NB 07D LC . -5.88 36.34 -25.16
ND 07D LC . -9.86 37.43 -25.13
C1A 07D LC . -8.54 38.20 -22.33
C1B 07D LC . -4.98 36.63 -24.20
C1C 07D LC . -7.27 35.85 -27.85
C1D 07D LC . -10.83 37.44 -26.12
C2A 07D LC . -7.99 38.74 -21.01
C2B 07D LC . -3.70 36.23 -24.70
C2C 07D LC . -7.64 35.60 -29.29
C2D 07D LC . -11.91 38.08 -25.58
C3A 07D LC . -6.47 38.55 -21.23
C3B 07D LC . -3.86 35.70 -25.99
C3C 07D LC . -9.16 35.94 -29.30
C3D 07D LC . -11.58 38.45 -24.28
C4A 07D LC . -6.47 37.78 -22.52
C4B 07D LC . -5.28 35.80 -26.25
C4C 07D LC . -9.40 36.42 -27.89
C4D 07D LC . -10.35 38.06 -24.03
CAA 07D LC . -8.52 37.90 -19.85
CAB 07D LC . -2.88 35.14 -26.93
CAC 07D LC . -10.06 34.72 -29.57
CAD 07D LC . -12.13 39.12 -23.10
CBA 07D LC . -7.80 38.16 -18.52
CBB 07D LC . -1.52 34.72 -26.46
CBC 07D LC . -10.15 34.34 -31.03
CBD 07D LC . -11.02 39.05 -22.05
CED 07D LC . -10.71 41.98 -19.81
CGA 07D LC . -8.43 37.43 -17.37
CGD 07D LC . -10.76 40.51 -21.65
CHA 07D LC . -9.83 38.35 -22.74
CHB 07D LC . -5.23 37.20 -22.98
CHC 07D LC . -5.97 35.42 -27.37
CHD 07D LC . -10.60 36.85 -27.42
CMA 07D LC . -5.69 39.85 -21.35
CMB 07D LC . -2.49 36.44 -23.80
CMC 07D LC . -6.84 36.46 -30.25
CMD 07D LC . -13.24 38.35 -26.25
NA 07D LC . -7.64 37.61 -23.06
NC 07D LC . -8.23 36.34 -27.12
O1A 07D LC . -8.07 36.36 -16.97
O1D 07D LC . -10.88 41.44 -22.39
O2A 07D LC . -9.55 38.05 -16.97
O2D 07D LC . -10.72 40.63 -20.33
OBB 07D LC . -3.24 34.72 -28.01
OBD 07D LC . -13.30 39.34 -22.86
MG 07D LC . -7.90 36.70 -25.00
C4 07D MC . -51.33 -4.11 -1.91
C5 07D MC . -50.56 -6.06 -3.34
C6 07D MC . -50.66 -7.43 -2.64
C7 07D MC . -51.07 -8.53 -3.59
C8 07D MC . -50.52 -9.73 -3.74
C10 07D MC . -51.07 -10.72 -4.74
C13 07D MC . -49.69 -13.03 -7.46
C15 07D MC . -50.27 -13.84 -8.59
C17 07D MC . -50.01 -14.42 -11.04
C20 07D MC . -51.31 -15.58 -12.80
C1 07D MC . -48.44 -3.35 -1.57
C11 07D MC . -49.95 -11.40 -5.55
C12 07D MC . -50.43 -12.23 -6.70
C14 07D MC . -48.21 -13.22 -7.25
C16 07D MC . -49.67 -13.45 -9.95
C18 07D MC . -51.13 -14.55 -11.72
C19 07D MC . -52.31 -13.62 -11.54
C2 07D MC . -48.92 -4.60 -2.22
C3 07D MC . -50.19 -4.93 -2.42
C9 07D MC . -49.39 -10.22 -2.90
NB 07D MC . -47.22 -5.17 -8.86
ND 07D MC . -45.69 -1.47 -9.84
C1A 07D MC . -46.24 -1.59 -6.69
C1B 07D MC . -47.44 -5.62 -7.61
C1C 07D MC . -46.62 -4.89 -11.87
C1D 07D MC . -45.20 -0.96 -11.02
C2A 07D MC . -46.52 -1.53 -5.20
C2B 07D MC . -47.76 -7.01 -7.72
C2C 07D MC . -46.38 -5.04 -13.36
C2D 07D MC . -44.63 0.25 -10.69
C3A 07D MC . -46.61 -3.03 -4.88
C3B 07D MC . -47.72 -7.39 -9.08
C3C 07D MC . -45.69 -3.71 -13.72
C3D 07D MC . -44.81 0.44 -9.32
C4A 07D MC . -46.83 -3.58 -6.27
C4B 07D MC . -47.36 -6.16 -9.77
C4C 07D MC . -45.75 -2.94 -12.42
C4D 07D MC . -45.44 -0.60 -8.82
CAA 07D MC . -47.84 -0.79 -4.93
CAB 07D MC . -47.97 -8.68 -9.72
CAC 07D MC . -46.41 -2.93 -14.83
CAD 07D MC . -44.52 1.39 -8.25
CBA 07D MC . -48.00 -0.23 -3.51
CBB 07D MC . -48.08 -9.94 -8.94
CBC 07D MC . -46.24 -3.55 -16.20
CBD 07D MC . -45.21 0.81 -6.99
CED 07D MC . -43.62 1.64 -3.77
CGA 07D MC . -47.75 -1.25 -2.44
CGD 07D MC . -44.19 0.76 -5.86
CHA 07D MC . -45.71 -0.60 -7.43
CHB 07D MC . -47.39 -4.90 -6.45
CHC 07D MC . -47.17 -6.00 -11.12
CHD 07D MC . -45.32 -1.67 -12.27
CMA 07D MC . -45.34 -3.61 -4.26
CMB 07D MC . -48.09 -7.77 -6.44
CMC 07D MC . -45.53 -6.26 -13.68
CMD 07D MC . -43.96 1.18 -11.65
NA 07D MC . -46.63 -2.71 -7.21
NC 07D MC . -46.33 -3.71 -11.40
O1A 07D MC . -46.80 -1.23 -1.68
O1D 07D MC . -43.16 0.14 -5.91
O2A 07D MC . -48.63 -2.24 -2.49
O2D 07D MC . -44.48 1.65 -4.93
OBB 07D MC . -48.06 -8.74 -10.94
OBD 07D MC . -44.09 2.51 -8.34
MG 07D MC . -46.71 -3.23 -9.31
C4 07D NC . 8.48 37.30 -14.72
C5 07D NC . 8.51 39.61 -13.64
C6 07D NC . 7.75 40.94 -13.52
C7 07D NC . 8.16 41.70 -12.29
C8 07D NC . 7.50 41.83 -11.15
C10 07D NC . 7.97 42.79 -10.08
C13 07D NC . 9.93 40.89 -7.49
C15 07D NC . 9.67 39.63 -6.68
C17 07D NC . 10.31 37.23 -6.33
C20 07D NC . 11.01 35.79 -4.43
C1 07D NC . 6.75 38.46 -16.92
C11 07D NC . 9.30 42.40 -9.42
C12 07D NC . 9.15 41.21 -8.51
C14 07D NC . 11.14 41.67 -7.08
C16 07D NC . 10.34 38.39 -7.29
C18 07D NC . 11.15 36.99 -5.34
C19 07D NC . 12.38 37.81 -5.08
C2 07D NC . 7.33 39.23 -15.78
C3 07D NC . 8.08 38.74 -14.80
C9 07D NC . 6.19 41.15 -10.86
NB 07D NC . 11.41 35.46 -25.80
ND 07D NC . 7.99 37.73 -26.26
C1A 07D NC . 9.17 38.19 -23.32
C1B 07D NC . 12.24 35.49 -24.73
C1C 07D NC . 10.22 35.29 -28.62
C1D 07D NC . 7.19 37.98 -27.35
C2A 07D NC . 9.71 38.57 -21.95
C2B 07D NC . 13.36 34.66 -25.06
C2C 07D NC . 9.94 35.09 -30.10
C2D 07D NC . 6.29 38.94 -26.95
C3A 07D NC . 11.10 37.89 -21.95
C3B 07D NC . 13.19 34.14 -26.36
C3C 07D NC . 8.62 35.88 -30.28
C3D 07D NC . 6.58 39.25 -25.61
C4A 07D NC . 11.05 37.18 -23.28
C4B 07D NC . 11.91 34.69 -26.79
C4C 07D NC . 8.42 36.51 -28.92
C4D 07D NC . 7.60 38.53 -25.22
CAA 07D NC . 8.79 38.02 -20.85
CAB 07D NC . 14.02 33.25 -27.15
CAC 07D NC . 7.41 34.99 -30.60
CAD 07D NC . 6.13 40.10 -24.51
CBA 07D NC . 9.40 38.06 -19.45
CBB 07D NC . 15.06 32.39 -26.50
CBC 07D NC . 7.28 34.66 -32.08
CBD 07D NC . 7.07 39.78 -23.34
CED 07D NC . 7.87 42.66 -21.20
CGA 07D NC . 8.44 37.65 -18.38
CGD 07D NC . 7.71 41.11 -22.96
CHA 07D NC . 8.06 38.71 -23.89
CHB 07D NC . 12.06 36.17 -23.56
CHC 07D NC . 11.28 34.49 -27.98
CHD 07D NC . 7.36 37.29 -28.61
CMA 07D NC . 12.26 38.87 -21.89
CMB 07D NC . 14.47 34.50 -24.03
CMC 07D NC . 11.09 35.61 -30.98
CMD 07D NC . 5.18 39.56 -27.76
NA 07D NC . 9.96 37.35 -23.95
NC 07D NC . 9.41 36.08 -28.02
O1A 07D NC . 8.37 36.54 -17.90
O1D 07D NC . 8.00 41.96 -23.75
O2A 07D NC . 7.60 38.64 -18.09
O2D 07D NC . 7.59 41.31 -21.65
OBB 07D NC . 13.67 32.92 -28.27
OBD 07D NC . 5.08 40.69 -24.42
MG 07D NC . 9.62 36.46 -25.88
C4 07D OC . -47.46 12.09 -6.94
C5 07D OC . -49.37 12.67 -8.52
C6 07D OC . -49.44 12.03 -9.92
C7 07D OC . -49.21 10.55 -9.90
C8 07D OC . -49.63 9.64 -10.77
C10 07D OC . -49.16 8.21 -10.69
C13 07D OC . -50.53 6.12 -13.48
C15 07D OC . -49.99 5.19 -14.54
C17 07D OC . -49.73 4.72 -17.00
C20 07D OC . -49.52 3.29 -19.01
C1 07D OC . -46.03 14.56 -7.93
C11 07D OC . -50.17 7.16 -11.18
C12 07D OC . -49.75 6.52 -12.48
C14 07D OC . -52.02 6.29 -13.47
C16 07D OC . -50.36 5.62 -15.98
C18 07D OC . -50.28 4.19 -18.08
C19 07D OC . -51.67 4.53 -18.55
C2 07D OC . -47.33 14.06 -8.47
C3 07D OC . -47.97 12.97 -8.04
C9 07D OC . -50.44 9.98 -11.99
NB 07D OC . -44.66 12.00 -14.83
ND 07D OC . -41.67 14.72 -15.60
C1A 07D OC . -42.54 14.94 -12.53
C1B 07D OC . -45.17 11.72 -13.62
C1C 07D OC . -43.71 11.92 -17.76
C1D 07D OC . -40.89 14.95 -16.71
C2A 07D OC . -42.95 15.20 -11.09
C2B 07D OC . -46.00 10.57 -13.78
C2C 07D OC . -43.37 11.60 -19.19
C2D 07D OC . -39.91 15.83 -16.32
C3A 07D OC . -43.72 13.89 -10.80
C3B 07D OC . -45.98 10.16 -15.12
C3C 07D OC . -42.18 12.53 -19.47
C3D 07D OC . -40.13 16.11 -14.96
C4A 07D OC . -43.97 13.43 -12.21
C4B 07D OC . -45.09 11.10 -15.76
C4C 07D OC . -42.07 13.32 -18.19
C4D 07D OC . -41.17 15.44 -14.54
CAA 07D OC . -43.84 16.45 -11.01
CAB 07D OC . -46.66 9.05 -15.79
CAC 07D OC . -42.37 13.47 -20.67
CAD 07D OC . -39.58 16.89 -13.85
CBA 07D OC . -43.93 17.09 -9.62
CBB 07D OC . -47.15 7.86 -15.02
CBC 07D OC . -42.26 12.78 -22.00
CBD 07D OC . -40.60 16.71 -12.70
CED 07D OC . -39.39 16.93 -9.20
CGA 07D OC . -44.35 16.12 -8.56
CGD 07D OC . -39.82 16.32 -11.44
CHA 07D OC . -41.55 15.60 -13.19
CHB 07D OC . -44.95 12.39 -12.45
CHC 07D OC . -44.71 11.12 -17.08
CHD 07D OC . -41.17 14.32 -17.98
CMA 07D OC . -42.92 12.86 -10.02
CMB 07D OC . -46.73 10.05 -12.54
CMC 07D OC . -43.05 10.13 -19.40
CMD 07D OC . -38.82 16.38 -17.18
NA 07D OC . -43.30 14.07 -13.11
NC 07D OC . -43.00 12.87 -17.24
O1A 07D OC . -43.60 15.66 -7.73
O1D 07D OC . -39.19 15.32 -11.30
O2A 07D OC . -45.59 15.66 -8.77
O2D 07D OC . -39.97 17.24 -10.49
OBB 07D OC . -46.74 9.01 -17.00
OBD 07D OC . -38.69 17.70 -13.87
MG 07D OC . -43.35 13.54 -15.21
C4 07D PC . 24.02 32.53 -13.72
C5 07D PC . 24.52 34.77 -12.61
C6 07D PC . 24.25 36.28 -12.56
C7 07D PC . 24.79 36.88 -11.30
C8 07D PC . 24.12 37.25 -10.20
C10 07D PC . 24.83 37.91 -9.04
C13 07D PC . 25.79 35.42 -6.35
C15 07D PC . 24.98 34.58 -5.38
C17 07D PC . 26.23 32.39 -5.65
C20 07D PC . 28.23 31.33 -4.64
C1 07D PC . 22.94 34.06 -16.09
C11 07D PC . 25.85 37.01 -8.32
C12 07D PC . 25.22 36.01 -7.39
C14 07D PC . 27.22 35.64 -5.95
C16 07D PC . 24.90 33.08 -5.75
C18 07D PC . 26.88 32.00 -4.57
C19 07D PC . 26.29 32.05 -3.19
C2 07D PC . 23.54 34.68 -14.88
C3 07D PC . 24.02 34.03 -13.83
C9 07D PC . 22.64 37.14 -10.06
NB 07D PC . 27.43 29.16 -24.19
ND 07D PC . 24.98 32.34 -25.15
C1A 07D PC . 25.94 32.61 -22.10
C1B 07D PC . 28.08 28.97 -23.02
C1C 07D PC . 26.64 29.22 -27.16
C1D 07D PC . 24.41 32.75 -26.33
C2A 07D PC . 26.40 32.89 -20.68
C2B 07D PC . 28.93 27.84 -23.19
C2C 07D PC . 26.49 29.03 -28.65
C2D 07D PC . 23.83 33.97 -26.08
C3A 07D PC . 27.48 31.81 -20.50
C3B 07D PC . 28.78 27.35 -24.50
C3C 07D PC . 25.48 30.14 -29.02
C3D 07D PC . 24.08 34.27 -24.73
C4A 07D PC . 27.31 31.02 -21.77
C4B 07D PC . 27.82 28.23 -25.11
C4C 07D PC . 25.29 30.87 -27.71
C4D 07D PC . 24.77 33.28 -24.19
CAA 07D PC . 25.24 32.72 -19.69
CAB 07D PC . 29.42 26.21 -25.18
CAC 07D PC . 24.13 29.62 -29.51
CAD 07D PC . 23.81 35.29 -23.72
CBA 07D PC . 25.65 32.74 -18.23
CBB 07D PC . 30.08 25.12 -24.40
CBC 07D PC . 24.14 29.22 -30.97
CBD 07D PC . 24.45 34.75 -22.43
CED 07D PC . 25.83 37.35 -20.22
CGA 07D PC . 24.49 32.70 -17.27
CGD 07D PC . 25.44 35.80 -21.95
CHA 07D PC . 25.11 33.40 -22.83
CHB 07D PC . 27.95 29.72 -21.89
CHC 07D PC . 27.32 28.19 -26.39
CHD 07D PC . 24.49 31.94 -27.54
CMA 07D PC . 28.91 32.37 -20.40
CMB 07D PC . 29.78 27.39 -22.01
CMC 07D PC . 27.82 29.14 -29.38
CMD 07D PC . 23.07 34.84 -27.04
NA 07D PC . 26.43 31.50 -22.59
NC 07D PC . 25.99 30.23 -26.68
O1A 07D PC . 24.01 31.70 -16.82
O1D 07D PC . 26.16 36.43 -22.68
O2A 07D PC . 23.96 33.92 -17.12
O2D 07D PC . 25.21 36.13 -20.68
OBB 07D PC . 29.15 25.98 -26.34
OBD 07D PC . 22.99 36.19 -23.77
MG 07D PC . 26.06 30.64 -24.54
C1M CRT QC . -28.21 39.75 6.12
O1 CRT QC . -28.33 40.65 5.04
C1 CRT QC . -27.56 41.85 5.14
C2 CRT QC . -27.91 42.65 6.38
C3 CRT QC . -26.07 41.52 5.15
C4 CRT QC . -27.90 42.67 3.88
C5 CRT QC . -27.31 42.16 2.61
C6 CRT QC . -28.04 41.69 1.58
C7 CRT QC . -27.50 41.20 0.31
C8 CRT QC . -26.16 41.69 -0.05
C9 CRT QC . -28.24 40.40 -0.50
C10 CRT QC . -27.84 39.86 -1.78
C11 CRT QC . -28.66 39.13 -2.56
C12 CRT QC . -28.36 38.55 -3.87
C13 CRT QC . -27.12 39.02 -4.55
C14 CRT QC . -29.21 37.63 -4.38
C15 CRT QC . -29.13 36.89 -5.63
C16 CRT QC . -30.03 35.93 -5.94
C17 CRT QC . -30.07 35.07 -7.11
C18 CRT QC . -29.05 35.28 -8.16
C19 CRT QC . -31.02 34.09 -7.15
C20 CRT QC . -31.23 33.06 -8.15
C21 CRT QC . -32.12 32.05 -8.03
C22 CRT QC . -32.32 30.95 -8.95
C23 CRT QC . -33.09 29.85 -8.75
C24 CRT QC . -33.90 29.63 -7.54
C25 CRT QC . -33.09 28.80 -9.78
C26 CRT QC . -33.58 27.55 -9.65
C27 CRT QC . -33.45 26.60 -10.74
C28 CRT QC . -33.67 25.25 -10.72
C29 CRT QC . -34.15 24.48 -9.56
C30 CRT QC . -33.42 24.51 -11.96
C31 CRT QC . -33.49 23.19 -12.19
C32 CRT QC . -33.16 22.68 -13.50
C33 CRT QC . -33.19 21.41 -13.98
C34 CRT QC . -33.59 20.21 -13.22
C35 CRT QC . -32.79 21.24 -15.38
C36 CRT QC . -32.87 20.15 -16.13
C37 CRT QC . -32.45 20.13 -17.56
C38 CRT QC . -31.18 19.33 -17.88
C39 CRT QC . -30.97 19.19 -19.38
C40 CRT QC . -29.96 20.01 -17.25
O2 CRT QC . -31.43 18.09 -17.21
C2M CRT QC . -30.53 17.05 -17.53
C4 07D RC . -38.02 27.99 -12.68
C5 07D RC . -39.10 28.85 -14.81
C6 07D RC . -40.34 28.03 -14.38
C7 07D RC . -40.32 26.64 -14.96
C8 07D RC . -40.70 26.27 -16.18
C10 07D RC . -40.65 24.81 -16.59
C13 07D RC . -42.16 23.83 -19.60
C15 07D RC . -41.85 22.95 -20.78
C17 07D RC . -42.65 21.49 -22.66
C20 07D RC . -42.38 20.70 -24.99
C1 07D RC . -35.52 29.53 -13.49
C11 07D RC . -42.01 24.27 -17.10
C12 07D RC . -41.83 23.48 -18.36
C14 07D RC . -42.76 25.17 -19.94
C16 07D RC . -43.07 22.35 -21.50
C18 07D RC . -42.86 21.67 -23.95
C19 07D RC . -43.62 22.84 -24.50
C2 07D RC . -36.76 29.40 -14.30
C3 07D RC . -37.86 28.74 -13.97
C9 07D RC . -41.17 27.22 -17.24
NB 07D RC . -34.54 26.38 -20.20
ND 07D RC . -30.63 27.65 -20.57
C1A 07D RC . -31.71 28.35 -17.63
C1B 07D RC . -35.26 26.39 -19.06
C1C 07D RC . -33.34 25.77 -22.97
C1D 07D RC . -29.70 27.50 -21.56
C2A 07D RC . -32.15 28.80 -16.26
C2B 07D RC . -36.46 25.69 -19.34
C2C 07D RC . -33.01 25.33 -24.38
C2D 07D RC . -28.51 27.93 -21.04
C3A 07D RC . -33.41 27.92 -16.06
C3B 07D RC . -36.46 25.26 -20.68
C3C 07D RC . -31.50 25.68 -24.48
C3D 07D RC . -28.76 28.35 -19.73
C4A 07D RC . -33.65 27.51 -17.50
C4B 07D RC . -35.18 25.72 -21.20
C4C 07D RC . -31.23 26.39 -23.17
C4D 07D RC . -30.02 28.16 -19.45
CAA 07D RC . -32.45 30.30 -16.27
CAB 07D RC . -37.45 24.52 -21.44
CAC 07D RC . -31.17 26.60 -25.66
CAD 07D RC . -28.10 28.90 -18.55
CBA 07D RC . -32.43 30.99 -14.90
CBB 07D RC . -38.41 23.58 -20.77
CBC 07D RC . -31.26 25.91 -27.01
CBD 07D RC . -29.22 29.17 -17.54
CED 07D RC . -28.24 29.09 -13.98
CGA 07D RC . -33.30 30.32 -13.88
CGD 07D RC . -28.82 28.58 -16.20
CHA 07D RC . -30.48 28.51 -18.16
CHB 07D RC . -34.92 26.96 -17.87
CHC 07D RC . -34.68 25.55 -22.45
CHD 07D RC . -30.06 26.96 -22.86
CMA 07D RC . -33.18 26.70 -15.18
CMB 07D RC . -37.50 25.55 -18.23
CMC 07D RC . -33.28 23.85 -24.60
CMD 07D RC . -27.18 27.98 -21.75
NA 07D RC . -32.68 27.81 -18.31
NC 07D RC . -32.36 26.37 -22.36
O1A 07D RC . -32.89 29.70 -12.93
O1D 07D RC . -28.93 27.42 -15.92
O2A 07D RC . -34.58 30.33 -14.26
O2D 07D RC . -28.50 29.53 -15.34
OBB 07D RC . -37.43 24.52 -22.66
OBD 07D RC . -26.95 29.30 -18.45
MG 07D RC . -32.68 27.25 -20.39
C4 07D SC . 36.94 22.16 -9.10
C5 07D SC . 37.83 24.36 -8.18
C6 07D SC . 38.16 25.84 -8.39
C7 07D SC . 38.52 26.50 -7.08
C8 07D SC . 37.72 27.21 -6.29
C10 07D SC . 38.22 27.75 -4.97
C13 07D SC . 38.09 24.60 -3.35
C15 07D SC . 37.21 23.84 -2.37
C17 07D SC . 39.00 22.48 -1.22
C20 07D SC . 41.27 21.51 -1.24
C1 07D SC . 36.66 23.52 -11.79
C11 07D SC . 39.08 26.81 -4.12
C12 07D SC . 38.26 25.91 -3.24
C14 07D SC . 38.65 23.77 -4.46
C16 07D SC . 37.90 23.49 -1.04
C18 07D SC . 40.28 22.60 -0.97
C19 07D SC . 40.86 23.81 -0.30
C2 07D SC . 37.19 24.17 -10.56
C3 07D SC . 37.32 23.59 -9.38
C9 07D SC . 36.30 27.56 -6.63
NB 07D SC . 39.95 17.76 -20.27
ND 07D SC . 39.01 21.56 -21.58
C1A 07D SC . 39.47 21.60 -18.40
C1B 07D SC . 40.31 17.42 -19.02
C1C 07D SC . 39.70 17.96 -23.33
C1D 07D SC . 38.82 22.10 -22.83
C2A 07D SC . 39.74 21.76 -16.92
C2B 07D SC . 40.69 16.05 -19.06
C2C 07D SC . 39.69 17.76 -24.83
C2D 07D SC . 38.68 23.46 -22.65
C3A 07D SC . 40.34 20.38 -16.57
C3B 07D SC . 40.57 15.57 -20.37
C3C 07D SC . 39.25 19.15 -25.34
C3D 07D SC . 38.81 23.71 -21.28
C4A 07D SC . 40.11 19.65 -17.87
C4B 07D SC . 40.10 16.72 -21.13
C4C 07D SC . 39.16 19.96 -24.06
C4D 07D SC . 39.00 22.56 -20.65
CAA 07D SC . 38.46 22.04 -16.11
CAB 07D SC . 40.83 14.25 -20.95
CAC 07D SC . 37.88 19.15 -26.03
CAD 07D SC . 38.78 24.79 -20.31
CBA 07D SC . 38.71 22.61 -14.72
CBB 07D SC . 40.85 13.03 -20.07
CBC 07D SC . 37.94 18.78 -27.50
CBD 07D SC . 38.98 24.13 -18.94
CED 07D SC . 40.93 26.22 -16.61
CGA 07D SC . 37.52 22.64 -13.83
CGD 07D SC . 40.22 24.78 -18.33
CHA 07D SC . 39.14 22.62 -19.24
CHB 07D SC . 40.30 18.22 -17.92
CHC 07D SC . 39.81 16.79 -22.47
CHD 07D SC . 38.78 21.26 -24.01
CMA 07D SC . 41.82 20.40 -16.21
CMB 07D SC . 41.15 15.39 -17.76
CMC 07D SC . 41.05 17.31 -25.36
CMD 07D SC . 38.45 24.50 -23.72
NA 07D SC . 39.62 20.38 -18.82
NC 07D SC . 39.44 19.17 -22.95
O1A 07D SC . 36.52 21.98 -13.99
O1D 07D SC . 41.24 24.97 -18.92
O2A 07D SC . 37.77 23.34 -12.72
O2D 07D SC . 39.91 25.39 -17.19
OBB 07D SC . 40.69 14.06 -22.15
OBD 07D SC . 38.34 25.91 -20.47
MG 07D SC . 39.28 19.62 -20.82
C1M CRT TC . -11.05 50.54 1.42
O1 CRT TC . -9.80 49.91 1.63
C1 CRT TC . -9.91 48.58 2.17
C2 CRT TC . -8.53 47.99 2.40
C3 CRT TC . -10.71 48.56 3.47
C4 CRT TC . -10.66 47.75 1.11
C5 CRT TC . -10.11 47.63 -0.27
C6 CRT TC . -10.80 47.85 -1.41
C7 CRT TC . -10.26 47.64 -2.75
C8 CRT TC . -8.86 48.04 -3.02
C9 CRT TC . -11.08 47.08 -3.68
C10 CRT TC . -10.77 46.69 -5.04
C11 CRT TC . -11.68 46.04 -5.82
C12 CRT TC . -11.50 45.52 -7.17
C13 CRT TC . -10.20 45.80 -7.83
C14 CRT TC . -12.53 44.86 -7.75
C15 CRT TC . -12.60 44.20 -9.04
C16 CRT TC . -13.72 43.53 -9.43
C17 CRT TC . -13.93 42.77 -10.66
C18 CRT TC . -12.97 42.98 -11.78
C19 CRT TC . -15.02 41.96 -10.73
C20 CRT TC . -15.45 41.05 -11.77
C21 CRT TC . -16.51 40.21 -11.67
C22 CRT TC . -16.98 39.24 -12.63
C23 CRT TC . -17.99 38.35 -12.47
C24 CRT TC . -18.85 38.30 -11.25
C25 CRT TC . -18.29 37.40 -13.53
C26 CRT TC . -19.11 36.32 -13.47
C27 CRT TC . -19.24 35.41 -14.59
C28 CRT TC . -19.82 34.18 -14.63
C29 CRT TC . -20.53 33.53 -13.49
C30 CRT TC . -19.74 33.42 -15.87
C31 CRT TC . -20.23 32.19 -16.16
C32 CRT TC . -19.97 31.59 -17.46
C33 CRT TC . -20.40 30.43 -17.99
C34 CRT TC . -21.32 29.47 -17.31
C35 CRT TC . -19.94 30.09 -19.33
C36 CRT TC . -20.36 29.10 -20.13
C37 CRT TC . -19.80 28.89 -21.49
C38 CRT TC . -18.84 27.70 -21.68
C39 CRT TC . -18.41 27.56 -23.13
C40 CRT TC . -17.61 27.88 -20.81
O2 CRT TC . -19.58 26.55 -21.21
C2M CRT TC . -19.03 25.29 -21.50
C4 07D UC . -23.02 38.90 -17.06
C5 07D UC . -23.63 39.73 -19.38
C6 07D UC . -23.56 38.82 -20.62
C7 07D UC . -24.85 38.79 -21.39
C8 07D UC . -25.88 37.96 -21.22
C10 07D UC . -26.97 37.84 -22.26
C13 07D UC . -27.35 35.52 -24.52
C15 07D UC . -27.96 34.73 -25.64
C17 07D UC . -27.60 34.03 -28.03
C20 07D UC . -28.00 32.81 -30.15
C1 07D UC . -20.14 39.35 -17.74
C11 07D UC . -26.44 37.78 -23.71
C12 07D UC . -27.21 36.84 -24.61
C14 07D UC . -26.79 34.70 -23.39
C16 07D UC . -27.53 35.17 -27.05
C18 07D UC . -27.98 34.04 -29.30
C19 07D UC . -28.54 35.25 -29.97
C2 07D UC . -21.26 39.64 -18.66
C3 07D UC . -22.55 39.45 -18.38
C9 07D UC . -25.96 36.98 -20.09
NB 07D UC . -19.24 35.62 -24.11
ND 07D UC . -15.12 35.45 -23.95
C1A 07D UC . -16.25 36.56 -21.16
C1B 07D UC . -20.06 35.90 -23.07
C1C 07D UC . -17.98 34.55 -26.71
C1D 07D UC . -14.18 34.95 -24.82
C2A 07D UC . -16.70 37.20 -19.87
C2B 07D UC . -21.38 35.64 -23.53
C2C 07D UC . -17.65 33.99 -28.07
C2D 07D UC . -13.00 34.97 -24.15
C3A 07D UC . -18.17 36.74 -19.83
C3B 07D UC . -21.34 35.19 -24.85
C3C 07D UC . -16.12 33.79 -27.98
C3D 07D UC . -13.24 35.48 -22.86
C4A 07D UC . -18.36 36.40 -21.29
C4B 07D UC . -19.94 35.17 -25.19
C4C 07D UC . -15.78 34.41 -26.64
C4D 07D UC . -14.53 35.76 -22.76
CAA 07D UC . -16.53 38.72 -19.96
CAB 07D UC . -22.42 34.78 -25.77
CAC 07D UC . -15.34 34.50 -29.10
CAD 07D UC . -12.58 35.82 -21.60
CBA 07D UC . -16.55 39.47 -18.64
CBB 07D UC . -23.82 34.57 -25.30
CBC 07D UC . -15.50 33.86 -30.45
CBD 07D UC . -13.67 36.46 -20.73
CED 07D UC . -13.31 35.97 -17.08
CGA 07D UC . -17.77 39.20 -17.81
CGD 07D UC . -13.70 35.74 -19.39
CHA 07D UC . -14.98 36.29 -21.53
CHB 07D UC . -19.69 36.36 -21.85
CHC 07D UC . -19.37 34.80 -26.37
CHD 07D UC . -14.53 34.53 -26.15
CMA 07D UC . -18.41 35.51 -18.95
CMB 07D UC . -22.54 35.90 -22.55
CMC 07D UC . -18.41 32.69 -28.35
CMD 07D UC . -11.67 34.52 -24.70
NA 07D UC . -17.26 36.37 -21.96
NC 07D UC . -16.94 34.82 -25.98
O1A 07D UC . -17.79 38.57 -16.79
O1D 07D UC . -13.96 34.58 -19.24
O2A 07D UC . -18.88 39.64 -18.42
O2D 07D UC . -13.29 36.54 -18.41
OBB 07D UC . -22.17 34.57 -26.94
OBD 07D UC . -11.41 35.74 -21.33
MG 07D UC . -17.19 35.79 -24.04
C1M CRT VC . 6.32 48.44 1.17
O1 CRT VC . 6.68 49.22 0.04
C1 CRT VC . 7.61 50.28 0.28
C2 CRT VC . 7.07 51.28 1.30
C3 CRT VC . 8.94 49.72 0.76
C4 CRT VC . 7.80 50.97 -1.08
C5 CRT VC . 8.23 50.05 -2.16
C6 CRT VC . 7.90 50.21 -3.45
C7 CRT VC . 8.29 49.33 -4.55
C8 CRT VC . 9.73 48.98 -4.61
C9 CRT VC . 7.38 48.93 -5.47
C10 CRT VC . 7.62 48.07 -6.61
C11 CRT VC . 6.66 47.74 -7.50
C12 CRT VC . 6.80 46.88 -8.67
C13 CRT VC . 8.18 46.50 -9.08
C14 CRT VC . 5.69 46.53 -9.37
C15 CRT VC . 5.57 45.69 -10.54
C16 CRT VC . 4.37 45.48 -11.14
C17 CRT VC . 4.09 44.66 -12.31
C18 CRT VC . 5.21 44.33 -13.22
C19 CRT VC . 2.80 44.28 -12.52
C20 CRT VC . 2.26 43.45 -13.58
C21 CRT VC . 0.99 43.01 -13.63
C22 CRT VC . 0.41 42.15 -14.64
C23 CRT VC . -0.84 41.64 -14.65
C24 CRT VC . -1.86 41.93 -13.61
C25 CRT VC . -1.23 40.74 -15.73
C26 CRT VC . -2.33 39.96 -15.75
C27 CRT VC . -2.61 39.07 -16.86
C28 CRT VC . -3.61 38.16 -16.98
C29 CRT VC . -4.66 37.92 -15.97
C30 CRT VC . -3.64 37.35 -18.20
C31 CRT VC . -4.48 36.34 -18.52
C32 CRT VC . -4.31 35.66 -19.78
C33 CRT VC . -5.04 34.66 -20.33
C34 CRT VC . -6.24 34.04 -19.72
C35 CRT VC . -4.60 34.15 -21.63
C36 CRT VC . -5.14 33.16 -22.35
C37 CRT VC . -4.58 32.76 -23.66
C38 CRT VC . -4.07 31.31 -23.75
C39 CRT VC . -3.63 30.97 -25.17
C40 CRT VC . -2.90 31.13 -22.78
O2 CRT VC . -5.18 30.51 -23.32
C2M CRT VC . -5.06 29.13 -23.56
C4 07D WC . -2.48 45.03 -21.35
C5 07D WC . -4.26 43.61 -22.47
C6 07D WC . -5.53 44.44 -22.33
C7 07D WC . -6.42 44.32 -23.53
C8 07D WC . -7.44 43.49 -23.70
C10 07D WC . -8.22 43.45 -24.99
C13 07D WC . -9.11 41.63 -27.88
C15 07D WC . -9.63 41.74 -29.29
C17 07D WC . -9.28 41.09 -31.69
C20 07D WC . -10.03 40.66 -34.01
C1 07D WC . -1.99 42.70 -19.46
C11 07D WC . -7.59 42.55 -26.06
C12 07D WC . -8.36 42.60 -27.35
C14 07D WC . -9.42 40.35 -27.18
C16 07D WC . -8.90 40.80 -30.26
C18 07D WC . -9.63 40.23 -32.63
C19 07D WC . -9.53 38.75 -32.45
C2 07D WC . -3.11 42.80 -20.44
C3 07D WC . -3.29 43.78 -21.31
C9 07D WC . -7.87 42.49 -22.67
NB 07D WC . -1.51 38.98 -26.27
ND 07D WC . 2.27 37.46 -25.65
C1A 07D WC . 1.31 39.00 -23.00
C1B 07D WC . -2.29 39.57 -25.34
C1C 07D WC . -0.44 37.41 -28.69
C1D 07D WC . 3.07 36.65 -26.41
C2A 07D WC . 0.94 39.64 -21.68
C2B 07D WC . -3.57 39.77 -25.93
C2C 07D WC . -0.22 36.69 -29.99
C2D 07D WC . 4.13 36.30 -25.62
C3A 07D WC . -0.53 40.03 -21.94
C3B 07D WC . -3.56 39.26 -27.24
C3C 07D WC . 1.18 36.06 -29.76
C3D 07D WC . 3.95 36.93 -24.39
C4A 07D WC . -0.67 39.66 -23.40
C4B 07D WC . -2.22 38.75 -27.41
C4C 07D WC . 1.56 36.56 -28.39
C4D 07D WC . 2.83 37.61 -24.41
CAA 07D WC . 1.93 40.84 -21.41
CAB 07D WC . -4.61 39.20 -28.26
CAC 07D WC . 2.23 36.50 -30.80
CAD 07D WC . 4.56 37.08 -23.07
CBA 07D WC . 1.35 42.17 -20.93
CBB 07D WC . -6.06 39.29 -27.90
CBC 07D WC . 2.06 35.82 -32.13
CBD 07D WC . 3.67 38.08 -22.31
CED 07D WC . 3.31 37.77 -18.64
CGA 07D WC . 0.30 42.09 -19.86
CGD 07D WC . 3.30 37.45 -20.97
CHA 07D WC . 2.46 38.32 -23.24
CHB 07D WC . -1.92 39.94 -24.08
CHC 07D WC . -1.69 38.15 -28.52
CHD 07D WC . 2.72 36.30 -27.78
CMA 07D WC . -1.51 39.21 -21.10
CMB 07D WC . -4.67 40.43 -25.11
CMC 07D WC . -1.29 35.65 -30.29
CMD 07D WC . 5.28 35.43 -26.02
NA 07D WC . 0.39 39.14 -23.92
NC 07D WC . 0.53 37.36 -27.86
O1A 07D WC . 0.29 41.29 -18.96
O1D 07D WC . 2.63 36.46 -20.84
O2A 07D WC . -0.75 42.82 -20.21
O2D 07D WC . 3.71 38.21 -19.96
OBB 07D WC . -4.32 38.96 -29.42
OBD 07D WC . 5.65 36.67 -22.69
MG 07D WC . 0.45 38.46 -25.97
C1M CRT XC . 23.86 45.16 1.48
O1 CRT XC . 24.69 45.42 0.37
C1 CRT XC . 25.98 45.98 0.69
C2 CRT XC . 25.85 47.26 1.50
C3 CRT XC . 26.83 44.97 1.46
C4 CRT XC . 26.66 46.29 -0.66
C5 CRT XC . 26.89 45.15 -1.59
C6 CRT XC . 26.44 45.15 -2.85
C7 CRT XC . 26.63 44.10 -3.86
C8 CRT XC . 27.85 43.28 -3.74
C9 CRT XC . 25.75 43.99 -4.90
C10 CRT XC . 25.82 43.05 -5.99
C11 CRT XC . 24.91 43.04 -6.98
C12 CRT XC . 24.88 42.15 -8.15
C13 CRT XC . 26.11 41.35 -8.41
C14 CRT XC . 23.77 42.14 -8.92
C15 CRT XC . 23.52 41.35 -10.11
C16 CRT XC . 22.39 41.54 -10.84
C17 CRT XC . 21.99 40.81 -12.04
C18 CRT XC . 23.02 40.11 -12.83
C19 CRT XC . 20.66 40.86 -12.37
C20 CRT XC . 19.98 40.22 -13.47
C21 CRT XC . 18.65 40.29 -13.70
C22 CRT XC . 17.93 39.62 -14.75
C23 CRT XC . 16.57 39.55 -14.86
C24 CRT XC . 15.62 40.19 -13.93
C25 CRT XC . 16.02 38.77 -15.96
C26 CRT XC . 14.74 38.36 -16.09
C27 CRT XC . 14.33 37.53 -17.20
C28 CRT XC . 13.13 36.94 -17.44
C29 CRT XC . 11.94 37.09 -16.57
C30 CRT XC . 13.03 36.10 -18.62
C31 CRT XC . 11.96 35.37 -19.03
C32 CRT XC . 12.08 34.58 -20.23
C33 CRT XC . 11.16 33.85 -20.90
C34 CRT XC . 9.74 33.72 -20.51
C35 CRT XC . 11.60 33.14 -22.10
C36 CRT XC . 10.85 32.47 -22.98
C37 CRT XC . 11.42 31.81 -24.17
C38 CRT XC . 11.44 30.28 -24.14
C39 CRT XC . 11.93 29.71 -25.47
C40 CRT XC . 12.34 29.79 -23.01
O2 CRT XC . 10.09 29.93 -23.86
C2M CRT XC . 9.76 28.56 -23.94
C4 07D YC . 16.74 42.79 -21.47
C5 07D YC . 14.32 42.37 -22.14
C6 07D YC . 14.34 42.06 -23.65
C7 07D YC . 12.96 42.00 -24.24
C8 07D YC . 12.33 42.93 -24.96
C10 07D YC . 11.05 42.61 -25.69
C13 07D YC . 10.59 41.71 -28.81
C15 07D YC . 9.86 41.30 -30.07
C17 07D YC . 10.12 39.74 -32.03
C20 07D YC . 9.30 38.65 -34.10
C1 07D YC . 16.50 40.33 -19.66
C11 07D YC . 11.06 41.20 -26.33
C12 07D YC . 10.33 41.11 -27.65
C14 07D YC . 11.70 42.70 -29.00
C16 07D YC . 10.80 40.75 -31.16
C18 07D YC . 9.94 39.78 -33.35
C19 07D YC . 10.43 40.90 -34.20
C2 07D YC . 15.48 40.78 -20.66
C3 07D YC . 15.54 41.86 -21.42
C9 07D YC . 12.90 44.28 -25.24
NB 07D YC . 16.40 36.50 -26.45
ND 07D YC . 19.44 33.96 -25.32
C1A 07D YC . 18.70 35.90 -22.87
C1B 07D YC . 15.75 37.36 -25.64
C1C 07D YC . 17.26 34.60 -28.71
C1D 07D YC . 20.01 32.89 -25.95
C2A 07D YC . 18.49 36.84 -21.71
C2B 07D YC . 14.66 37.89 -26.39
C2C 07D YC . 17.41 33.75 -29.95
C2D 07D YC . 20.83 32.30 -25.02
C3A 07D YC . 17.04 37.28 -22.01
C3B 07D YC . 14.67 37.34 -27.68
C3C 07D YC . 18.46 32.71 -29.51
C3D 07D YC . 20.73 33.04 -23.84
C4A 07D YC . 16.97 36.94 -23.48
C4B 07D YC . 15.81 36.45 -27.67
C4C 07D YC . 18.83 33.17 -28.12
C4D 07D YC . 19.88 34.03 -24.04
CAA 07D YC . 19.48 38.00 -21.80
CAB 07D YC . 13.78 37.55 -28.82
CAC 07D YC . 19.71 32.69 -30.41
CAD 07D YC . 21.21 33.10 -22.46
CBA 07D YC . 19.74 38.74 -20.48
CBB 07D YC . 12.40 38.12 -28.65
CBC 07D YC . 19.46 32.02 -31.75
CBD 07D YC . 20.59 34.36 -21.85
CED 07D YC . 19.75 34.27 -18.25
CGA 07D YC . 18.50 39.07 -19.70
CGD 07D YC . 19.84 33.96 -20.58
CHA 07D YC . 19.62 34.90 -22.94
CHB 07D YC . 16.06 37.67 -24.34
CHC 07D YC . 16.25 35.65 -28.70
CHD 07D YC . 19.73 32.56 -27.33
CMA 07D YC . 15.98 36.51 -21.23
CMB 07D YC . 13.75 38.91 -25.71
CMC 07D YC . 16.09 33.11 -30.37
CMD 07D YC . 21.67 31.08 -25.23
NA 07D YC . 17.94 36.20 -23.88
NC 07D YC . 18.08 34.30 -27.76
O1A 07D YC . 18.20 38.55 -18.66
O1D 07D YC . 18.90 33.23 -20.53
O2A 07D YC . 17.71 39.93 -20.36
O2D 07D YC . 20.43 34.49 -19.50
OBB 07D YC . 14.11 37.19 -29.94
OBD 07D YC . 22.02 32.38 -21.93
MG 07D YC . 18.06 35.44 -25.90
#